data_1JH4
#
_entry.id   1JH4
#
_cell.length_a   ?
_cell.length_b   ?
_cell.length_c   ?
_cell.angle_alpha   ?
_cell.angle_beta   ?
_cell.angle_gamma   ?
#
loop_
_entity.id
_entity.type
_entity.pdbx_description
1 polymer 'polyadenylate-binding protein 1'
2 polymer 'polyadenylate-binding protein-interacting protein-1'
#
loop_
_entity_poly.entity_id
_entity_poly.type
_entity_poly.pdbx_seq_one_letter_code
_entity_poly.pdbx_strand_id
1 'polypeptide(L)'
;GPLGSPLTASMLASAPPQEQKQMLGERLFPLIQAMHPTLAGKITGMLLEIDNSELLHMLESPESLRSKVDEAVAVLQAHQ
AKEAAQKAVNSATGVPTV
;
A
2 'polypeptide(L)' VLMSKLSVNAPEFYPSGYSSSY B
#
# COMPACT_ATOMS: atom_id res chain seq x y z
N GLY A 1 -4.94 -15.89 20.58
CA GLY A 1 -3.60 -15.26 20.60
C GLY A 1 -3.16 -14.78 19.22
N PRO A 2 -2.21 -15.49 18.58
CA PRO A 2 -1.72 -15.11 17.24
C PRO A 2 -2.77 -15.31 16.15
N LEU A 3 -2.74 -14.43 15.16
CA LEU A 3 -3.68 -14.50 14.04
C LEU A 3 -3.30 -15.61 13.07
N GLY A 4 -4.26 -16.50 12.77
CA GLY A 4 -4.00 -17.59 11.87
C GLY A 4 -4.10 -17.16 10.42
N SER A 5 -5.31 -17.14 9.88
CA SER A 5 -5.55 -16.75 8.49
C SER A 5 -6.08 -15.32 8.39
N PRO A 6 -5.18 -14.32 8.28
CA PRO A 6 -5.59 -12.91 8.18
C PRO A 6 -6.61 -12.68 7.07
N LEU A 7 -7.90 -12.76 7.41
CA LEU A 7 -8.95 -12.54 6.44
C LEU A 7 -9.24 -11.05 6.28
N THR A 8 -9.52 -10.62 5.05
CA THR A 8 -9.75 -9.21 4.76
C THR A 8 -11.22 -8.86 4.97
N ALA A 9 -12.11 -9.78 4.61
CA ALA A 9 -13.52 -9.54 4.80
C ALA A 9 -13.79 -9.28 6.28
N SER A 10 -13.64 -10.33 7.09
CA SER A 10 -13.87 -10.23 8.54
C SER A 10 -12.99 -9.17 9.19
N MET A 11 -11.85 -8.86 8.58
CA MET A 11 -10.95 -7.86 9.15
C MET A 11 -11.67 -6.52 9.19
N LEU A 12 -12.40 -6.24 8.12
CA LEU A 12 -13.15 -4.99 8.03
C LEU A 12 -14.18 -4.91 9.15
N ALA A 13 -15.04 -5.92 9.23
CA ALA A 13 -16.05 -5.98 10.28
C ALA A 13 -15.43 -6.26 11.64
N SER A 14 -14.10 -6.26 11.70
CA SER A 14 -13.38 -6.50 12.93
C SER A 14 -12.89 -5.19 13.56
N ALA A 15 -13.31 -4.05 13.02
CA ALA A 15 -12.90 -2.76 13.54
C ALA A 15 -14.10 -1.80 13.67
N PRO A 16 -14.06 -0.90 14.67
CA PRO A 16 -15.14 0.07 14.91
C PRO A 16 -15.65 0.74 13.63
N PRO A 17 -16.65 1.64 13.77
CA PRO A 17 -17.24 2.35 12.63
C PRO A 17 -16.21 2.97 11.69
N GLN A 18 -15.67 4.14 12.06
CA GLN A 18 -14.69 4.83 11.22
C GLN A 18 -13.47 3.96 10.94
N GLU A 19 -13.27 2.92 11.73
CA GLU A 19 -12.15 2.02 11.51
C GLU A 19 -12.50 0.97 10.46
N GLN A 20 -13.27 1.40 9.44
CA GLN A 20 -13.64 0.51 8.35
C GLN A 20 -12.40 0.21 7.50
N LYS A 21 -12.19 1.06 6.50
CA LYS A 21 -11.04 0.94 5.60
C LYS A 21 -9.77 1.48 6.24
N GLN A 22 -9.79 1.65 7.55
CA GLN A 22 -8.64 2.15 8.29
C GLN A 22 -7.44 1.22 8.20
N MET A 23 -7.60 0.01 8.73
CA MET A 23 -6.51 -0.96 8.70
C MET A 23 -6.05 -1.21 7.27
N LEU A 24 -6.64 -2.20 6.62
CA LEU A 24 -6.29 -2.55 5.25
C LEU A 24 -6.57 -1.43 4.25
N GLY A 25 -6.01 -0.22 4.46
CA GLY A 25 -6.25 0.89 3.55
C GLY A 25 -7.60 0.79 2.86
N GLU A 26 -7.66 1.19 1.60
CA GLU A 26 -8.89 1.09 0.83
C GLU A 26 -9.16 -0.36 0.47
N ARG A 27 -8.54 -0.80 -0.63
CA ARG A 27 -8.72 -2.18 -1.11
C ARG A 27 -7.42 -2.74 -1.70
N LEU A 28 -6.30 -2.06 -1.50
CA LEU A 28 -5.03 -2.52 -2.05
C LEU A 28 -4.40 -3.61 -1.20
N PHE A 29 -4.42 -3.44 0.12
CA PHE A 29 -3.85 -4.45 1.02
C PHE A 29 -4.34 -5.85 0.63
N PRO A 30 -5.66 -6.01 0.40
CA PRO A 30 -6.23 -7.29 -0.01
C PRO A 30 -5.62 -7.77 -1.32
N LEU A 31 -5.49 -6.85 -2.28
CA LEU A 31 -4.93 -7.17 -3.58
C LEU A 31 -3.44 -7.49 -3.49
N ILE A 32 -2.72 -6.65 -2.77
CA ILE A 32 -1.29 -6.87 -2.59
C ILE A 32 -1.09 -8.12 -1.76
N GLN A 33 -1.92 -8.30 -0.73
CA GLN A 33 -1.83 -9.49 0.11
C GLN A 33 -1.69 -10.73 -0.79
N ALA A 34 -2.48 -10.73 -1.87
CA ALA A 34 -2.48 -11.82 -2.83
C ALA A 34 -1.09 -12.06 -3.41
N MET A 35 -0.37 -10.98 -3.62
CA MET A 35 0.98 -11.07 -4.19
C MET A 35 2.06 -11.00 -3.12
N HIS A 36 1.99 -10.00 -2.26
CA HIS A 36 2.95 -9.85 -1.17
C HIS A 36 4.38 -9.73 -1.68
N PRO A 37 4.62 -8.84 -2.64
CA PRO A 37 5.97 -8.64 -3.16
C PRO A 37 6.88 -8.02 -2.11
N THR A 38 6.69 -6.73 -1.86
CA THR A 38 7.50 -6.00 -0.89
C THR A 38 6.85 -5.99 0.49
N LEU A 39 5.65 -5.43 0.56
CA LEU A 39 4.92 -5.36 1.83
C LEU A 39 3.49 -4.88 1.60
N ALA A 40 2.53 -5.78 1.78
CA ALA A 40 1.11 -5.46 1.62
C ALA A 40 0.71 -4.18 2.35
N GLY A 41 0.95 -4.14 3.66
CA GLY A 41 0.58 -2.97 4.43
C GLY A 41 1.15 -1.68 3.86
N LYS A 42 2.46 -1.67 3.62
CA LYS A 42 3.13 -0.49 3.09
C LYS A 42 2.79 -0.23 1.62
N ILE A 43 2.69 -1.30 0.81
CA ILE A 43 2.37 -1.14 -0.60
C ILE A 43 1.09 -0.32 -0.75
N THR A 44 0.13 -0.64 0.09
CA THR A 44 -1.17 0.03 0.09
C THR A 44 -1.02 1.55 0.18
N GLY A 45 -0.22 2.01 1.13
CA GLY A 45 -0.01 3.43 1.31
C GLY A 45 0.45 4.13 0.05
N MET A 46 1.22 3.41 -0.75
CA MET A 46 1.74 3.95 -1.99
C MET A 46 0.66 3.99 -3.07
N LEU A 47 0.03 2.86 -3.33
CA LEU A 47 -1.01 2.80 -4.35
C LEU A 47 -2.12 3.79 -4.02
N LEU A 48 -2.24 4.15 -2.73
CA LEU A 48 -3.29 5.07 -2.28
C LEU A 48 -3.25 6.44 -2.98
N GLU A 49 -2.56 6.53 -4.10
CA GLU A 49 -2.47 7.78 -4.86
C GLU A 49 -3.78 8.02 -5.61
N ILE A 50 -4.65 7.00 -5.64
CA ILE A 50 -5.92 7.10 -6.35
C ILE A 50 -7.12 7.21 -5.38
N ASP A 51 -8.31 7.43 -5.94
CA ASP A 51 -9.55 7.52 -5.17
C ASP A 51 -10.00 6.15 -4.68
N ASN A 52 -10.56 6.08 -3.46
CA ASN A 52 -11.06 4.82 -2.92
C ASN A 52 -11.93 4.09 -3.95
N SER A 53 -12.54 4.87 -4.85
CA SER A 53 -13.45 4.32 -5.86
C SER A 53 -12.71 3.58 -6.98
N GLU A 54 -11.47 3.97 -7.26
CA GLU A 54 -10.71 3.32 -8.33
C GLU A 54 -10.19 1.96 -7.87
N LEU A 55 -9.70 1.90 -6.64
CA LEU A 55 -9.18 0.67 -6.08
C LEU A 55 -10.27 -0.39 -5.98
N LEU A 56 -11.51 0.05 -5.82
CA LEU A 56 -12.62 -0.89 -5.75
C LEU A 56 -12.82 -1.55 -7.11
N HIS A 57 -12.73 -0.74 -8.16
CA HIS A 57 -12.89 -1.22 -9.52
C HIS A 57 -11.85 -2.27 -9.87
N MET A 58 -10.60 -2.02 -9.52
CA MET A 58 -9.51 -2.95 -9.80
C MET A 58 -9.69 -4.25 -9.02
N LEU A 59 -10.10 -4.12 -7.76
CA LEU A 59 -10.29 -5.29 -6.91
C LEU A 59 -11.33 -6.24 -7.49
N GLU A 60 -12.24 -5.70 -8.29
CA GLU A 60 -13.27 -6.52 -8.92
C GLU A 60 -12.89 -6.87 -10.37
N SER A 61 -11.72 -6.40 -10.80
CA SER A 61 -11.25 -6.66 -12.15
C SER A 61 -9.73 -6.86 -12.17
N PRO A 62 -9.27 -8.12 -12.36
CA PRO A 62 -7.84 -8.43 -12.41
C PRO A 62 -7.06 -7.53 -13.37
N GLU A 63 -7.71 -7.15 -14.46
CA GLU A 63 -7.09 -6.30 -15.48
C GLU A 63 -6.48 -5.03 -14.86
N SER A 64 -7.33 -4.25 -14.20
CA SER A 64 -6.88 -3.01 -13.57
C SER A 64 -6.21 -3.31 -12.25
N LEU A 65 -6.62 -4.43 -11.66
CA LEU A 65 -6.08 -4.87 -10.39
C LEU A 65 -4.57 -5.02 -10.47
N ARG A 66 -4.12 -5.94 -11.29
CA ARG A 66 -2.69 -6.17 -11.43
C ARG A 66 -2.00 -4.94 -11.99
N SER A 67 -2.71 -4.19 -12.82
CA SER A 67 -2.16 -2.97 -13.43
C SER A 67 -1.56 -2.04 -12.39
N LYS A 68 -2.30 -1.79 -11.33
CA LYS A 68 -1.86 -0.87 -10.27
C LYS A 68 -0.91 -1.58 -9.30
N VAL A 69 -1.32 -2.74 -8.81
CA VAL A 69 -0.49 -3.52 -7.89
C VAL A 69 0.86 -3.83 -8.51
N ASP A 70 0.85 -4.38 -9.72
CA ASP A 70 2.10 -4.72 -10.41
C ASP A 70 3.04 -3.53 -10.34
N GLU A 71 2.57 -2.40 -10.84
CA GLU A 71 3.36 -1.18 -10.84
C GLU A 71 3.96 -0.95 -9.45
N ALA A 72 3.12 -1.09 -8.43
CA ALA A 72 3.55 -0.92 -7.05
C ALA A 72 4.87 -1.65 -6.80
N VAL A 73 4.91 -2.92 -7.19
CA VAL A 73 6.10 -3.73 -6.98
C VAL A 73 7.34 -3.08 -7.60
N ALA A 74 7.19 -2.50 -8.78
CA ALA A 74 8.30 -1.85 -9.46
C ALA A 74 8.65 -0.53 -8.80
N VAL A 75 7.67 0.37 -8.74
CA VAL A 75 7.86 1.69 -8.15
C VAL A 75 8.35 1.60 -6.71
N LEU A 76 7.50 1.07 -5.86
CA LEU A 76 7.80 0.95 -4.44
C LEU A 76 9.15 0.30 -4.20
N GLN A 77 9.44 -0.77 -4.92
CA GLN A 77 10.72 -1.44 -4.76
C GLN A 77 11.84 -0.43 -4.99
N ALA A 78 11.60 0.50 -5.92
CA ALA A 78 12.56 1.53 -6.25
C ALA A 78 12.48 2.70 -5.25
N HIS A 79 11.33 3.38 -5.24
CA HIS A 79 11.12 4.51 -4.34
C HIS A 79 11.06 4.05 -2.88
N GLN A 80 10.11 3.16 -2.59
CA GLN A 80 9.95 2.64 -1.24
C GLN A 80 10.99 1.57 -0.95
N ALA A 81 12.23 1.98 -0.71
CA ALA A 81 13.31 1.05 -0.43
C ALA A 81 13.92 1.32 0.94
N LYS A 82 15.05 0.67 1.21
CA LYS A 82 15.73 0.84 2.49
C LYS A 82 16.25 2.26 2.65
N GLU A 83 16.01 2.85 3.82
CA GLU A 83 16.46 4.20 4.10
C GLU A 83 17.97 4.22 4.32
N ALA A 84 18.71 4.56 3.28
CA ALA A 84 20.17 4.60 3.36
C ALA A 84 20.66 5.78 4.22
N ALA A 85 19.72 6.51 4.83
CA ALA A 85 20.08 7.65 5.67
C ALA A 85 20.65 7.20 7.02
N GLN A 86 21.63 6.31 6.98
CA GLN A 86 22.26 5.82 8.20
C GLN A 86 23.50 6.63 8.52
N LYS A 87 24.23 6.24 9.55
CA LYS A 87 25.45 6.94 9.96
C LYS A 87 26.60 6.59 9.02
N ALA A 88 27.60 7.44 8.98
CA ALA A 88 28.77 7.21 8.13
C ALA A 88 29.69 6.16 8.74
N VAL A 89 30.39 5.42 7.88
CA VAL A 89 31.30 4.39 8.32
C VAL A 89 32.59 4.99 8.89
N ASN A 90 32.80 6.28 8.63
CA ASN A 90 34.00 6.97 9.12
C ASN A 90 33.70 7.73 10.41
N SER A 91 33.13 7.03 11.38
CA SER A 91 32.79 7.65 12.66
C SER A 91 33.86 7.33 13.71
N ALA A 92 34.49 8.37 14.24
CA ALA A 92 35.53 8.20 15.25
C ALA A 92 34.95 7.59 16.52
N THR A 93 35.51 6.45 16.92
CA THR A 93 35.05 5.76 18.12
C THR A 93 36.07 5.91 19.26
N GLY A 94 37.34 5.72 18.93
CA GLY A 94 38.39 5.84 19.93
C GLY A 94 38.85 7.27 20.12
N VAL A 95 38.72 7.78 21.34
CA VAL A 95 39.12 9.14 21.64
C VAL A 95 40.61 9.20 22.01
N PRO A 96 41.41 9.97 21.25
CA PRO A 96 42.84 10.10 21.50
C PRO A 96 43.13 10.88 22.77
N THR A 97 42.99 10.22 23.92
CA THR A 97 43.24 10.86 25.21
C THR A 97 44.60 10.45 25.75
N VAL A 98 44.82 10.72 27.03
CA VAL A 98 46.09 10.38 27.68
C VAL A 98 45.92 9.25 28.68
N VAL B 1 14.69 4.33 -19.57
CA VAL B 1 14.01 3.10 -19.06
C VAL B 1 13.56 3.27 -17.61
N LEU B 2 14.05 4.32 -16.95
CA LEU B 2 13.70 4.58 -15.56
C LEU B 2 12.38 5.34 -15.48
N MET B 3 11.35 4.78 -16.11
CA MET B 3 10.02 5.40 -16.12
C MET B 3 9.27 5.08 -14.83
N SER B 4 8.44 6.02 -14.39
CA SER B 4 7.65 5.84 -13.19
C SER B 4 6.51 4.87 -13.45
N LYS B 5 5.92 4.33 -12.39
CA LYS B 5 4.83 3.39 -12.53
C LYS B 5 3.47 4.07 -12.37
N LEU B 6 2.41 3.27 -12.47
CA LEU B 6 1.04 3.79 -12.34
C LEU B 6 0.75 4.23 -10.91
N SER B 7 1.23 3.45 -9.95
CA SER B 7 1.02 3.75 -8.55
C SER B 7 2.32 4.17 -7.88
N VAL B 8 2.68 5.44 -8.03
CA VAL B 8 3.90 5.96 -7.44
C VAL B 8 3.94 5.68 -5.93
N ASN B 9 5.04 6.06 -5.29
CA ASN B 9 5.20 5.83 -3.86
C ASN B 9 4.46 6.90 -3.04
N ALA B 10 3.17 7.07 -3.30
CA ALA B 10 2.37 8.07 -2.58
C ALA B 10 2.52 7.94 -1.07
N PRO B 11 1.83 8.80 -0.28
CA PRO B 11 1.91 8.79 1.19
C PRO B 11 1.68 7.39 1.77
N GLU B 12 1.26 7.35 3.04
CA GLU B 12 0.97 6.09 3.70
C GLU B 12 -0.44 5.60 3.37
N PHE B 13 -0.84 4.50 4.00
CA PHE B 13 -2.17 3.94 3.78
C PHE B 13 -3.07 4.29 4.98
N TYR B 14 -4.10 5.09 4.69
CA TYR B 14 -5.06 5.50 5.70
C TYR B 14 -6.48 5.01 5.35
N PRO B 15 -7.47 5.24 6.23
CA PRO B 15 -8.86 4.82 5.97
C PRO B 15 -9.48 5.53 4.77
N SER B 16 -9.40 4.88 3.62
CA SER B 16 -9.96 5.42 2.39
C SER B 16 -11.42 5.80 2.57
N GLY B 17 -12.23 4.81 2.91
CA GLY B 17 -13.64 5.05 3.13
C GLY B 17 -13.92 5.54 4.53
N TYR B 18 -13.27 6.64 4.92
CA TYR B 18 -13.47 7.22 6.23
C TYR B 18 -14.84 7.88 6.34
N SER B 19 -15.90 7.09 6.21
CA SER B 19 -17.26 7.60 6.29
C SER B 19 -17.71 7.72 7.73
N SER B 20 -17.19 8.72 8.43
CA SER B 20 -17.54 8.96 9.83
C SER B 20 -18.48 10.16 9.97
N SER B 21 -19.27 10.41 8.93
CA SER B 21 -20.21 11.53 8.94
C SER B 21 -21.55 11.11 9.53
N TYR B 22 -21.90 11.68 10.67
CA TYR B 22 -23.15 11.38 11.34
C TYR B 22 -24.20 12.46 11.06
N GLY A 1 -11.12 -24.23 7.58
CA GLY A 1 -10.10 -23.15 7.70
C GLY A 1 -9.42 -22.85 6.37
N PRO A 2 -9.27 -21.55 6.02
CA PRO A 2 -8.62 -21.16 4.76
C PRO A 2 -7.12 -21.39 4.78
N LEU A 3 -6.44 -20.98 3.70
CA LEU A 3 -4.99 -21.15 3.59
C LEU A 3 -4.27 -20.11 4.43
N GLY A 4 -4.63 -18.84 4.25
CA GLY A 4 -3.99 -17.77 5.00
C GLY A 4 -4.76 -17.41 6.26
N SER A 5 -4.08 -16.78 7.22
CA SER A 5 -4.72 -16.40 8.47
C SER A 5 -5.33 -14.99 8.38
N PRO A 6 -4.52 -13.99 7.99
CA PRO A 6 -5.01 -12.61 7.87
C PRO A 6 -6.23 -12.51 6.97
N LEU A 7 -7.40 -12.28 7.57
CA LEU A 7 -8.63 -12.16 6.82
C LEU A 7 -9.03 -10.69 6.64
N THR A 8 -9.39 -10.33 5.41
CA THR A 8 -9.74 -8.95 5.09
C THR A 8 -11.22 -8.71 5.34
N ALA A 9 -12.04 -9.70 5.07
CA ALA A 9 -13.48 -9.57 5.30
C ALA A 9 -13.70 -9.28 6.77
N SER A 10 -13.46 -10.29 7.60
CA SER A 10 -13.66 -10.17 9.04
C SER A 10 -12.84 -9.03 9.64
N MET A 11 -11.75 -8.65 8.97
CA MET A 11 -10.93 -7.57 9.47
C MET A 11 -11.73 -6.28 9.47
N LEU A 12 -12.52 -6.09 8.42
CA LEU A 12 -13.36 -4.92 8.30
C LEU A 12 -14.34 -4.84 9.45
N ALA A 13 -15.14 -5.88 9.60
CA ALA A 13 -16.13 -5.96 10.68
C ALA A 13 -15.45 -6.18 12.03
N SER A 14 -14.13 -6.12 12.05
CA SER A 14 -13.35 -6.30 13.27
C SER A 14 -12.86 -4.95 13.82
N ALA A 15 -13.31 -3.85 13.21
CA ALA A 15 -12.93 -2.52 13.65
C ALA A 15 -14.13 -1.58 13.71
N PRO A 16 -14.11 -0.62 14.65
CA PRO A 16 -15.20 0.35 14.83
C PRO A 16 -15.75 0.91 13.51
N PRO A 17 -16.82 1.71 13.58
CA PRO A 17 -17.46 2.31 12.40
C PRO A 17 -16.47 2.96 11.45
N GLN A 18 -15.96 4.15 11.82
CA GLN A 18 -15.01 4.86 10.96
C GLN A 18 -13.75 4.04 10.71
N GLU A 19 -13.52 3.03 11.55
CA GLU A 19 -12.35 2.18 11.40
C GLU A 19 -12.63 1.07 10.40
N GLN A 20 -13.38 1.39 9.35
CA GLN A 20 -13.68 0.43 8.30
C GLN A 20 -12.41 0.17 7.48
N LYS A 21 -12.20 1.03 6.49
CA LYS A 21 -11.04 0.95 5.60
C LYS A 21 -9.78 1.50 6.25
N GLN A 22 -9.82 1.66 7.57
CA GLN A 22 -8.68 2.17 8.32
C GLN A 22 -7.47 1.26 8.23
N MET A 23 -7.61 0.03 8.74
CA MET A 23 -6.52 -0.91 8.72
C MET A 23 -6.07 -1.19 7.29
N LEU A 24 -6.63 -2.22 6.67
CA LEU A 24 -6.28 -2.59 5.31
C LEU A 24 -6.62 -1.49 4.29
N GLY A 25 -6.06 -0.28 4.47
CA GLY A 25 -6.34 0.82 3.56
C GLY A 25 -7.71 0.73 2.93
N GLU A 26 -7.83 1.16 1.69
CA GLU A 26 -9.10 1.09 0.98
C GLU A 26 -9.38 -0.36 0.59
N ARG A 27 -8.82 -0.77 -0.55
CA ARG A 27 -8.99 -2.12 -1.07
C ARG A 27 -7.67 -2.66 -1.65
N LEU A 28 -6.57 -1.94 -1.43
CA LEU A 28 -5.28 -2.36 -1.95
C LEU A 28 -4.68 -3.52 -1.17
N PHE A 29 -4.67 -3.42 0.16
CA PHE A 29 -4.10 -4.48 1.00
C PHE A 29 -4.62 -5.85 0.56
N PRO A 30 -5.94 -5.99 0.34
CA PRO A 30 -6.54 -7.25 -0.09
C PRO A 30 -5.95 -7.74 -1.41
N LEU A 31 -5.81 -6.83 -2.37
CA LEU A 31 -5.26 -7.16 -3.69
C LEU A 31 -3.78 -7.53 -3.58
N ILE A 32 -3.05 -6.73 -2.83
CA ILE A 32 -1.63 -7.00 -2.64
C ILE A 32 -1.45 -8.27 -1.85
N GLN A 33 -2.29 -8.45 -0.83
CA GLN A 33 -2.20 -9.65 -0.01
C GLN A 33 -2.08 -10.88 -0.92
N ALA A 34 -2.88 -10.86 -2.00
CA ALA A 34 -2.90 -11.94 -2.97
C ALA A 34 -1.54 -12.14 -3.62
N MET A 35 -0.81 -11.06 -3.79
CA MET A 35 0.53 -11.12 -4.41
C MET A 35 1.64 -11.11 -3.36
N HIS A 36 1.63 -10.11 -2.49
CA HIS A 36 2.61 -9.99 -1.42
C HIS A 36 4.05 -9.92 -1.93
N PRO A 37 4.33 -9.04 -2.90
CA PRO A 37 5.67 -8.86 -3.42
C PRO A 37 6.61 -8.33 -2.35
N THR A 38 6.48 -7.04 -2.03
CA THR A 38 7.34 -6.40 -1.03
C THR A 38 6.69 -6.35 0.35
N LEU A 39 5.52 -5.73 0.43
CA LEU A 39 4.79 -5.61 1.70
C LEU A 39 3.38 -5.07 1.45
N ALA A 40 2.39 -5.92 1.64
CA ALA A 40 0.99 -5.52 1.44
C ALA A 40 0.59 -4.34 2.32
N GLY A 41 0.91 -4.39 3.61
CA GLY A 41 0.54 -3.29 4.47
C GLY A 41 1.10 -1.96 3.98
N LYS A 42 2.41 -1.93 3.75
CA LYS A 42 3.09 -0.71 3.30
C LYS A 42 2.78 -0.38 1.84
N ILE A 43 2.68 -1.41 0.99
CA ILE A 43 2.38 -1.19 -0.42
C ILE A 43 1.10 -0.38 -0.58
N THR A 44 0.07 -0.79 0.16
CA THR A 44 -1.23 -0.13 0.11
C THR A 44 -1.09 1.38 0.25
N GLY A 45 -0.28 1.82 1.21
CA GLY A 45 -0.09 3.25 1.40
C GLY A 45 0.40 3.94 0.14
N MET A 46 1.26 3.26 -0.61
CA MET A 46 1.79 3.80 -1.84
C MET A 46 0.75 3.79 -2.94
N LEU A 47 0.18 2.63 -3.21
CA LEU A 47 -0.81 2.52 -4.26
C LEU A 47 -1.98 3.45 -3.98
N LEU A 48 -2.15 3.87 -2.72
CA LEU A 48 -3.25 4.75 -2.35
C LEU A 48 -3.20 6.11 -3.05
N GLU A 49 -2.53 6.18 -4.19
CA GLU A 49 -2.41 7.42 -4.95
C GLU A 49 -3.73 7.73 -5.67
N ILE A 50 -4.63 6.75 -5.73
CA ILE A 50 -5.91 6.91 -6.41
C ILE A 50 -7.08 6.97 -5.40
N ASP A 51 -8.29 7.26 -5.90
CA ASP A 51 -9.49 7.31 -5.06
C ASP A 51 -9.97 5.91 -4.65
N ASN A 52 -10.51 5.80 -3.44
CA ASN A 52 -11.03 4.51 -2.94
C ASN A 52 -11.95 3.85 -3.99
N SER A 53 -12.52 4.65 -4.89
CA SER A 53 -13.43 4.14 -5.91
C SER A 53 -12.70 3.38 -7.01
N GLU A 54 -11.49 3.80 -7.33
CA GLU A 54 -10.71 3.14 -8.39
C GLU A 54 -10.15 1.81 -7.89
N LEU A 55 -9.61 1.84 -6.69
CA LEU A 55 -9.03 0.64 -6.10
C LEU A 55 -10.09 -0.44 -5.93
N LEU A 56 -11.34 -0.02 -5.80
CA LEU A 56 -12.43 -0.98 -5.69
C LEU A 56 -12.60 -1.72 -7.01
N HIS A 57 -12.48 -0.96 -8.11
CA HIS A 57 -12.61 -1.52 -9.45
C HIS A 57 -11.59 -2.63 -9.67
N MET A 58 -10.37 -2.44 -9.17
CA MET A 58 -9.32 -3.43 -9.30
C MET A 58 -9.76 -4.78 -8.72
N LEU A 59 -10.32 -4.72 -7.53
CA LEU A 59 -10.78 -5.92 -6.84
C LEU A 59 -11.86 -6.64 -7.67
N GLU A 60 -12.54 -5.90 -8.53
CA GLU A 60 -13.57 -6.47 -9.37
C GLU A 60 -13.02 -6.88 -10.73
N SER A 61 -11.81 -6.39 -11.04
CA SER A 61 -11.17 -6.71 -12.32
C SER A 61 -9.66 -6.87 -12.17
N PRO A 62 -9.18 -8.12 -12.04
CA PRO A 62 -7.74 -8.40 -11.89
C PRO A 62 -6.89 -7.73 -12.97
N GLU A 63 -7.48 -7.52 -14.14
CA GLU A 63 -6.77 -6.89 -15.26
C GLU A 63 -6.21 -5.53 -14.86
N SER A 64 -7.08 -4.63 -14.45
CA SER A 64 -6.67 -3.29 -14.04
C SER A 64 -5.96 -3.35 -12.69
N LEU A 65 -6.39 -4.31 -11.87
CA LEU A 65 -5.81 -4.49 -10.55
C LEU A 65 -4.31 -4.70 -10.65
N ARG A 66 -3.89 -5.73 -11.36
CA ARG A 66 -2.47 -6.02 -11.51
C ARG A 66 -1.74 -4.84 -12.13
N SER A 67 -2.43 -4.11 -12.98
CA SER A 67 -1.86 -2.95 -13.65
C SER A 67 -1.25 -1.97 -12.64
N LYS A 68 -1.99 -1.69 -11.58
CA LYS A 68 -1.55 -0.75 -10.55
C LYS A 68 -0.53 -1.39 -9.61
N VAL A 69 -0.84 -2.57 -9.10
CA VAL A 69 0.07 -3.28 -8.18
C VAL A 69 1.43 -3.48 -8.82
N ASP A 70 1.44 -4.07 -10.00
CA ASP A 70 2.69 -4.33 -10.72
C ASP A 70 3.52 -3.06 -10.81
N GLU A 71 2.92 -2.00 -11.31
CA GLU A 71 3.60 -0.72 -11.45
C GLU A 71 4.24 -0.31 -10.12
N ALA A 72 3.44 -0.22 -9.08
CA ALA A 72 3.95 0.17 -7.77
C ALA A 72 5.15 -0.68 -7.39
N VAL A 73 5.07 -1.99 -7.64
CA VAL A 73 6.18 -2.87 -7.32
C VAL A 73 7.46 -2.32 -7.90
N ALA A 74 7.35 -1.71 -9.08
CA ALA A 74 8.50 -1.11 -9.73
C ALA A 74 8.92 0.18 -9.04
N VAL A 75 7.99 1.13 -8.92
CA VAL A 75 8.28 2.41 -8.27
C VAL A 75 8.55 2.24 -6.77
N LEU A 76 7.56 1.77 -6.03
CA LEU A 76 7.70 1.60 -4.57
C LEU A 76 8.95 0.80 -4.22
N GLN A 77 9.05 -0.42 -4.74
CA GLN A 77 10.20 -1.26 -4.44
C GLN A 77 11.50 -0.50 -4.68
N ALA A 78 11.46 0.41 -5.66
CA ALA A 78 12.61 1.23 -5.99
C ALA A 78 12.73 2.43 -5.05
N HIS A 79 11.67 3.23 -5.00
CA HIS A 79 11.63 4.43 -4.15
C HIS A 79 11.84 4.07 -2.69
N GLN A 80 11.37 2.89 -2.30
CA GLN A 80 11.52 2.42 -0.92
C GLN A 80 12.88 1.78 -0.70
N ALA A 81 13.89 2.26 -1.42
CA ALA A 81 15.24 1.72 -1.31
C ALA A 81 15.79 1.88 0.11
N LYS A 82 16.83 1.12 0.43
CA LYS A 82 17.44 1.18 1.75
C LYS A 82 18.28 2.45 1.89
N GLU A 83 18.20 3.08 3.06
CA GLU A 83 18.95 4.30 3.33
C GLU A 83 20.43 3.99 3.57
N ALA A 84 21.19 3.93 2.48
CA ALA A 84 22.62 3.63 2.57
C ALA A 84 23.35 4.67 3.42
N ALA A 85 23.12 5.94 3.13
CA ALA A 85 23.76 7.02 3.87
C ALA A 85 23.32 7.03 5.33
N GLN A 86 22.08 7.45 5.57
CA GLN A 86 21.54 7.51 6.93
C GLN A 86 21.17 6.11 7.41
N LYS A 87 21.62 5.77 8.61
CA LYS A 87 21.31 4.45 9.17
C LYS A 87 19.97 4.47 9.89
N ALA A 88 19.00 3.75 9.34
CA ALA A 88 17.67 3.69 9.92
C ALA A 88 17.62 2.71 11.08
N VAL A 89 17.87 3.20 12.28
CA VAL A 89 17.84 2.37 13.48
C VAL A 89 16.49 2.43 14.18
N ASN A 90 15.51 3.02 13.51
CA ASN A 90 14.16 3.14 14.08
C ASN A 90 13.20 2.15 13.43
N SER A 91 13.76 1.12 12.79
CA SER A 91 12.94 0.09 12.14
C SER A 91 12.26 -0.79 13.16
N ALA A 92 13.04 -1.70 13.77
CA ALA A 92 12.51 -2.61 14.76
C ALA A 92 12.53 -2.00 16.15
N THR A 93 13.72 -1.98 16.77
CA THR A 93 13.86 -1.41 18.10
C THR A 93 14.85 -0.24 18.09
N GLY A 94 14.34 0.96 18.32
CA GLY A 94 15.18 2.14 18.33
C GLY A 94 15.47 2.64 19.74
N VAL A 95 15.36 1.75 20.72
CA VAL A 95 15.62 2.10 22.10
C VAL A 95 17.08 1.89 22.46
N PRO A 96 17.76 2.92 23.01
CA PRO A 96 19.17 2.83 23.39
C PRO A 96 19.38 1.90 24.59
N THR A 97 19.18 0.61 24.36
CA THR A 97 19.36 -0.38 25.41
C THR A 97 20.77 -0.97 25.40
N VAL A 98 21.69 -0.27 24.74
CA VAL A 98 23.07 -0.73 24.65
C VAL A 98 24.05 0.41 24.93
N VAL B 1 6.33 5.47 -18.36
CA VAL B 1 6.12 4.00 -18.35
C VAL B 1 7.43 3.23 -18.27
N LEU B 2 8.56 3.92 -18.43
CA LEU B 2 9.86 3.27 -18.37
C LEU B 2 10.46 3.40 -16.97
N MET B 3 10.43 4.60 -16.41
CA MET B 3 10.97 4.83 -15.07
C MET B 3 9.86 4.85 -14.03
N SER B 4 9.03 5.90 -14.07
CA SER B 4 7.92 6.04 -13.12
C SER B 4 6.74 5.19 -13.57
N LYS B 5 6.21 4.37 -12.65
CA LYS B 5 5.08 3.52 -12.97
C LYS B 5 3.75 4.19 -12.62
N LEU B 6 2.66 3.45 -12.76
CA LEU B 6 1.31 3.98 -12.50
C LEU B 6 1.09 4.31 -11.03
N SER B 7 1.54 3.44 -10.12
CA SER B 7 1.35 3.68 -8.70
C SER B 7 2.69 3.96 -8.02
N VAL B 8 3.09 5.23 -7.97
CA VAL B 8 4.35 5.61 -7.35
C VAL B 8 4.27 5.41 -5.83
N ASN B 9 5.34 5.80 -5.13
CA ASN B 9 5.39 5.65 -3.68
C ASN B 9 4.55 6.72 -2.97
N ALA B 10 3.27 6.85 -3.35
CA ALA B 10 2.39 7.85 -2.74
C ALA B 10 2.43 7.79 -1.21
N PRO B 11 1.65 8.67 -0.55
CA PRO B 11 1.61 8.75 0.92
C PRO B 11 1.35 7.39 1.58
N GLU B 12 0.92 7.40 2.83
CA GLU B 12 0.60 6.18 3.56
C GLU B 12 -0.81 5.68 3.23
N PHE B 13 -1.19 4.59 3.88
CA PHE B 13 -2.54 4.04 3.70
C PHE B 13 -3.40 4.40 4.90
N TYR B 14 -4.43 5.18 4.65
CA TYR B 14 -5.37 5.60 5.69
C TYR B 14 -6.77 5.10 5.38
N PRO B 15 -7.73 5.28 6.32
CA PRO B 15 -9.11 4.85 6.11
C PRO B 15 -9.75 5.55 4.91
N SER B 16 -9.68 4.91 3.76
CA SER B 16 -10.26 5.47 2.54
C SER B 16 -11.74 5.78 2.74
N GLY B 17 -12.52 4.74 3.03
CA GLY B 17 -13.95 4.94 3.26
C GLY B 17 -14.24 5.32 4.69
N TYR B 18 -13.59 6.37 5.16
CA TYR B 18 -13.80 6.85 6.53
C TYR B 18 -15.24 7.30 6.71
N SER B 19 -15.96 6.63 7.62
CA SER B 19 -17.35 6.97 7.88
C SER B 19 -17.47 8.20 8.79
N SER B 20 -16.33 8.77 9.18
CA SER B 20 -16.33 9.95 10.03
C SER B 20 -16.72 11.20 9.24
N SER B 21 -17.85 11.79 9.61
CA SER B 21 -18.33 12.99 8.93
C SER B 21 -18.36 14.18 9.88
N TYR B 22 -17.29 14.97 9.86
CA TYR B 22 -17.18 16.14 10.73
C TYR B 22 -17.56 17.41 9.97
N GLY A 1 -4.09 -15.03 14.95
CA GLY A 1 -2.98 -14.08 15.23
C GLY A 1 -1.75 -14.35 14.39
N PRO A 2 -0.74 -15.05 14.94
CA PRO A 2 0.49 -15.36 14.22
C PRO A 2 0.27 -16.38 13.10
N LEU A 3 -0.27 -17.53 13.46
CA LEU A 3 -0.53 -18.60 12.49
C LEU A 3 -1.98 -18.57 12.03
N GLY A 4 -2.64 -17.43 12.21
CA GLY A 4 -4.03 -17.30 11.79
C GLY A 4 -4.15 -16.95 10.32
N SER A 5 -5.31 -17.27 9.75
CA SER A 5 -5.55 -16.99 8.33
C SER A 5 -5.94 -15.52 8.12
N PRO A 6 -5.06 -14.71 7.49
CA PRO A 6 -5.34 -13.30 7.24
C PRO A 6 -6.65 -13.09 6.49
N LEU A 7 -7.69 -12.72 7.21
CA LEU A 7 -9.00 -12.51 6.61
C LEU A 7 -9.29 -11.01 6.46
N THR A 8 -9.61 -10.60 5.23
CA THR A 8 -9.87 -9.20 4.94
C THR A 8 -11.33 -8.85 5.21
N ALA A 9 -12.21 -9.82 4.99
CA ALA A 9 -13.62 -9.61 5.26
C ALA A 9 -13.78 -9.26 6.74
N SER A 10 -13.50 -10.24 7.60
CA SER A 10 -13.63 -10.06 9.04
C SER A 10 -12.78 -8.89 9.55
N MET A 11 -11.73 -8.53 8.82
CA MET A 11 -10.88 -7.42 9.25
C MET A 11 -11.70 -6.15 9.29
N LEU A 12 -12.48 -5.95 8.23
CA LEU A 12 -13.35 -4.78 8.13
C LEU A 12 -14.27 -4.70 9.33
N ALA A 13 -15.07 -5.75 9.52
CA ALA A 13 -15.99 -5.82 10.65
C ALA A 13 -15.26 -6.02 11.98
N SER A 14 -13.94 -5.93 11.96
CA SER A 14 -13.13 -6.08 13.17
C SER A 14 -12.67 -4.72 13.70
N ALA A 15 -13.18 -3.64 13.11
CA ALA A 15 -12.82 -2.29 13.54
C ALA A 15 -14.04 -1.39 13.63
N PRO A 16 -14.01 -0.38 14.51
CA PRO A 16 -15.12 0.55 14.70
C PRO A 16 -15.78 0.96 13.38
N PRO A 17 -16.91 1.67 13.45
CA PRO A 17 -17.64 2.10 12.26
C PRO A 17 -16.75 2.77 11.22
N GLN A 18 -16.24 3.96 11.54
CA GLN A 18 -15.39 4.70 10.61
C GLN A 18 -14.04 4.04 10.43
N GLU A 19 -13.75 3.04 11.26
CA GLU A 19 -12.49 2.33 11.15
C GLU A 19 -12.64 1.13 10.22
N GLN A 20 -13.37 1.35 9.12
CA GLN A 20 -13.55 0.31 8.11
C GLN A 20 -12.24 0.08 7.37
N LYS A 21 -11.98 0.96 6.40
CA LYS A 21 -10.76 0.90 5.60
C LYS A 21 -9.56 1.50 6.36
N GLN A 22 -9.70 1.63 7.67
CA GLN A 22 -8.64 2.20 8.50
C GLN A 22 -7.41 1.33 8.50
N MET A 23 -7.54 0.11 9.01
CA MET A 23 -6.41 -0.80 9.05
C MET A 23 -5.89 -1.06 7.63
N LEU A 24 -6.43 -2.09 6.97
CA LEU A 24 -6.02 -2.43 5.61
C LEU A 24 -6.35 -1.33 4.60
N GLY A 25 -5.83 -0.12 4.81
CA GLY A 25 -6.08 0.99 3.89
C GLY A 25 -7.41 0.88 3.18
N GLU A 26 -7.46 1.33 1.93
CA GLU A 26 -8.69 1.24 1.16
C GLU A 26 -8.92 -0.21 0.72
N ARG A 27 -8.26 -0.62 -0.36
CA ARG A 27 -8.42 -1.98 -0.88
C ARG A 27 -7.15 -2.53 -1.53
N LEU A 28 -6.00 -1.89 -1.32
CA LEU A 28 -4.74 -2.36 -1.92
C LEU A 28 -4.13 -3.50 -1.10
N PHE A 29 -4.22 -3.39 0.21
CA PHE A 29 -3.66 -4.41 1.09
C PHE A 29 -4.25 -5.79 0.77
N PRO A 30 -5.58 -5.86 0.58
CA PRO A 30 -6.23 -7.12 0.23
C PRO A 30 -5.69 -7.67 -1.09
N LEU A 31 -5.60 -6.80 -2.10
CA LEU A 31 -5.10 -7.19 -3.41
C LEU A 31 -3.60 -7.50 -3.38
N ILE A 32 -2.84 -6.68 -2.65
CA ILE A 32 -1.41 -6.90 -2.54
C ILE A 32 -1.15 -8.17 -1.75
N GLN A 33 -1.83 -8.33 -0.62
CA GLN A 33 -1.68 -9.53 0.19
C GLN A 33 -1.69 -10.76 -0.70
N ALA A 34 -2.59 -10.76 -1.68
CA ALA A 34 -2.74 -11.86 -2.63
C ALA A 34 -1.46 -12.08 -3.43
N MET A 35 -0.74 -11.00 -3.68
CA MET A 35 0.51 -11.07 -4.44
C MET A 35 1.72 -11.08 -3.51
N HIS A 36 1.80 -10.10 -2.62
CA HIS A 36 2.89 -10.03 -1.66
C HIS A 36 4.25 -9.91 -2.33
N PRO A 37 4.38 -9.04 -3.33
CA PRO A 37 5.67 -8.86 -3.99
C PRO A 37 6.69 -8.31 -3.01
N THR A 38 6.58 -7.03 -2.68
CA THR A 38 7.51 -6.38 -1.77
C THR A 38 7.08 -6.57 -0.33
N LEU A 39 5.97 -5.92 0.04
CA LEU A 39 5.48 -6.02 1.41
C LEU A 39 4.09 -5.40 1.56
N ALA A 40 3.08 -6.24 1.73
CA ALA A 40 1.69 -5.78 1.94
C ALA A 40 1.63 -4.74 3.07
N GLY A 41 0.41 -4.34 3.41
CA GLY A 41 0.19 -3.37 4.46
C GLY A 41 0.76 -2.01 4.12
N LYS A 42 2.08 -1.90 4.17
CA LYS A 42 2.75 -0.63 3.87
C LYS A 42 2.63 -0.30 2.39
N ILE A 43 2.74 -1.33 1.55
CA ILE A 43 2.62 -1.15 0.11
C ILE A 43 1.32 -0.45 -0.22
N THR A 44 0.28 -0.80 0.53
CA THR A 44 -1.03 -0.22 0.36
C THR A 44 -1.00 1.30 0.47
N GLY A 45 -0.28 1.80 1.48
CA GLY A 45 -0.17 3.23 1.66
C GLY A 45 0.36 3.93 0.43
N MET A 46 1.24 3.24 -0.27
CA MET A 46 1.84 3.79 -1.48
C MET A 46 0.83 3.82 -2.62
N LEU A 47 0.28 2.66 -2.96
CA LEU A 47 -0.68 2.59 -4.04
C LEU A 47 -1.86 3.50 -3.76
N LEU A 48 -2.03 3.91 -2.50
CA LEU A 48 -3.15 4.78 -2.11
C LEU A 48 -3.14 6.13 -2.85
N GLU A 49 -2.39 6.21 -3.95
CA GLU A 49 -2.32 7.43 -4.74
C GLU A 49 -3.60 7.63 -5.54
N ILE A 50 -4.46 6.62 -5.56
CA ILE A 50 -5.72 6.68 -6.30
C ILE A 50 -6.93 6.79 -5.36
N ASP A 51 -8.09 7.07 -5.94
CA ASP A 51 -9.34 7.18 -5.17
C ASP A 51 -9.87 5.80 -4.75
N ASN A 52 -10.39 5.70 -3.53
CA ASN A 52 -10.95 4.44 -3.05
C ASN A 52 -11.86 3.79 -4.10
N SER A 53 -12.39 4.59 -5.02
CA SER A 53 -13.30 4.07 -6.05
C SER A 53 -12.58 3.23 -7.10
N GLU A 54 -11.30 3.50 -7.32
CA GLU A 54 -10.53 2.76 -8.30
C GLU A 54 -10.14 1.38 -7.76
N LEU A 55 -9.82 1.34 -6.48
CA LEU A 55 -9.43 0.11 -5.83
C LEU A 55 -10.56 -0.92 -5.88
N LEU A 56 -11.78 -0.45 -5.73
CA LEU A 56 -12.94 -1.32 -5.79
C LEU A 56 -13.03 -1.92 -7.19
N HIS A 57 -12.70 -1.10 -8.18
CA HIS A 57 -12.71 -1.54 -9.58
C HIS A 57 -11.71 -2.67 -9.76
N MET A 58 -10.56 -2.54 -9.11
CA MET A 58 -9.51 -3.55 -9.19
C MET A 58 -10.00 -4.89 -8.67
N LEU A 59 -10.69 -4.85 -7.53
CA LEU A 59 -11.22 -6.06 -6.90
C LEU A 59 -12.17 -6.79 -7.83
N GLU A 60 -12.85 -6.04 -8.70
CA GLU A 60 -13.78 -6.65 -9.66
C GLU A 60 -13.21 -6.66 -11.07
N SER A 61 -11.99 -6.13 -11.23
CA SER A 61 -11.34 -6.11 -12.53
C SER A 61 -9.83 -6.34 -12.38
N PRO A 62 -9.39 -7.61 -12.37
CA PRO A 62 -7.98 -7.96 -12.22
C PRO A 62 -7.09 -7.20 -13.19
N GLU A 63 -7.65 -6.88 -14.36
CA GLU A 63 -6.91 -6.15 -15.40
C GLU A 63 -6.29 -4.88 -14.85
N SER A 64 -7.11 -4.06 -14.18
CA SER A 64 -6.64 -2.82 -13.60
C SER A 64 -5.98 -3.08 -12.26
N LEU A 65 -6.45 -4.14 -11.59
CA LEU A 65 -5.92 -4.52 -10.30
C LEU A 65 -4.42 -4.74 -10.38
N ARG A 66 -4.03 -5.74 -11.15
CA ARG A 66 -2.61 -6.04 -11.31
C ARG A 66 -1.87 -4.89 -11.98
N SER A 67 -2.56 -4.14 -12.82
CA SER A 67 -1.98 -3.02 -13.53
C SER A 67 -1.36 -2.00 -12.57
N LYS A 68 -2.09 -1.67 -11.52
CA LYS A 68 -1.63 -0.69 -10.54
C LYS A 68 -0.62 -1.32 -9.57
N VAL A 69 -1.00 -2.45 -8.99
CA VAL A 69 -0.13 -3.16 -8.04
C VAL A 69 1.22 -3.49 -8.67
N ASP A 70 1.16 -4.15 -9.81
CA ASP A 70 2.38 -4.54 -10.53
C ASP A 70 3.28 -3.33 -10.73
N GLU A 71 2.72 -2.28 -11.31
CA GLU A 71 3.44 -1.05 -11.56
C GLU A 71 4.06 -0.50 -10.29
N ALA A 72 3.21 -0.22 -9.30
CA ALA A 72 3.68 0.29 -8.03
C ALA A 72 4.83 -0.54 -7.50
N VAL A 73 4.64 -1.85 -7.49
CA VAL A 73 5.65 -2.78 -7.00
C VAL A 73 6.99 -2.51 -7.66
N ALA A 74 6.96 -2.15 -8.94
CA ALA A 74 8.17 -1.85 -9.67
C ALA A 74 8.72 -0.49 -9.23
N VAL A 75 7.91 0.55 -9.44
CA VAL A 75 8.29 1.91 -9.08
C VAL A 75 8.56 2.06 -7.59
N LEU A 76 7.54 1.84 -6.79
CA LEU A 76 7.65 1.99 -5.33
C LEU A 76 8.84 1.22 -4.78
N GLN A 77 8.86 -0.09 -5.02
CA GLN A 77 9.96 -0.92 -4.53
C GLN A 77 11.30 -0.28 -4.91
N ALA A 78 11.27 0.51 -5.98
CA ALA A 78 12.46 1.21 -6.44
C ALA A 78 12.69 2.49 -5.64
N HIS A 79 11.59 3.17 -5.29
CA HIS A 79 11.67 4.41 -4.51
C HIS A 79 12.22 4.16 -3.12
N GLN A 80 11.50 3.37 -2.32
CA GLN A 80 11.95 3.06 -0.97
C GLN A 80 13.02 1.97 -0.97
N ALA A 81 14.13 2.25 -1.65
CA ALA A 81 15.23 1.30 -1.74
C ALA A 81 16.00 1.22 -0.41
N LYS A 82 15.74 2.17 0.47
CA LYS A 82 16.41 2.21 1.77
C LYS A 82 15.82 1.16 2.70
N GLU A 83 16.28 -0.08 2.56
CA GLU A 83 15.78 -1.17 3.40
C GLU A 83 16.37 -1.07 4.80
N ALA A 84 17.66 -1.35 4.93
CA ALA A 84 18.34 -1.29 6.21
C ALA A 84 18.27 0.10 6.81
N ALA A 85 18.04 1.10 5.97
CA ALA A 85 17.95 2.49 6.42
C ALA A 85 16.77 2.69 7.37
N GLN A 86 17.06 2.69 8.67
CA GLN A 86 16.03 2.87 9.68
C GLN A 86 15.68 4.36 9.85
N LYS A 87 15.17 4.95 8.78
CA LYS A 87 14.79 6.37 8.80
C LYS A 87 13.30 6.54 9.11
N ALA A 88 12.52 5.50 8.82
CA ALA A 88 11.08 5.55 9.07
C ALA A 88 10.77 5.52 10.56
N VAL A 89 11.11 6.62 11.25
CA VAL A 89 10.86 6.71 12.68
C VAL A 89 9.42 7.10 12.98
N ASN A 90 8.66 7.45 11.95
CA ASN A 90 7.27 7.83 12.12
C ASN A 90 6.34 6.62 11.98
N SER A 91 6.85 5.45 12.36
CA SER A 91 6.07 4.22 12.29
C SER A 91 5.03 4.16 13.42
N ALA A 92 5.41 4.71 14.57
CA ALA A 92 4.52 4.72 15.73
C ALA A 92 3.35 5.68 15.50
N THR A 93 2.15 5.25 15.90
CA THR A 93 0.96 6.07 15.73
C THR A 93 0.57 6.76 17.04
N GLY A 94 1.13 7.94 17.27
CA GLY A 94 0.84 8.67 18.49
C GLY A 94 -0.30 9.65 18.29
N VAL A 95 -1.48 9.14 17.92
CA VAL A 95 -2.64 9.97 17.71
C VAL A 95 -3.54 9.99 18.95
N PRO A 96 -3.43 11.05 19.78
CA PRO A 96 -4.22 11.17 21.01
C PRO A 96 -5.70 11.42 20.72
N THR A 97 -6.54 10.48 21.14
CA THR A 97 -7.98 10.60 20.93
C THR A 97 -8.62 11.37 22.08
N VAL A 98 -8.02 11.28 23.26
CA VAL A 98 -8.53 11.95 24.44
C VAL A 98 -7.51 12.96 24.97
N VAL B 1 6.31 6.24 -23.12
CA VAL B 1 7.75 6.02 -22.80
C VAL B 1 8.12 6.63 -21.46
N LEU B 2 7.24 6.48 -20.48
CA LEU B 2 7.49 7.02 -19.14
C LEU B 2 8.28 6.04 -18.30
N MET B 3 9.10 6.56 -17.39
CA MET B 3 9.92 5.72 -16.53
C MET B 3 9.13 5.33 -15.27
N SER B 4 8.35 6.27 -14.76
CA SER B 4 7.54 6.01 -13.57
C SER B 4 6.36 5.11 -13.92
N LYS B 5 5.93 4.30 -12.95
CA LYS B 5 4.83 3.38 -13.17
C LYS B 5 3.48 4.04 -12.88
N LEU B 6 2.43 3.23 -12.81
CA LEU B 6 1.07 3.74 -12.55
C LEU B 6 0.96 4.30 -11.14
N SER B 7 1.58 3.62 -10.18
CA SER B 7 1.56 4.09 -8.80
C SER B 7 2.93 4.60 -8.41
N VAL B 8 3.07 5.00 -7.15
CA VAL B 8 4.34 5.52 -6.64
C VAL B 8 4.42 5.33 -5.13
N ASN B 9 5.48 5.83 -4.51
CA ASN B 9 5.66 5.72 -3.07
C ASN B 9 4.78 6.72 -2.31
N ALA B 10 3.51 6.83 -2.71
CA ALA B 10 2.58 7.78 -2.08
C ALA B 10 2.60 7.65 -0.55
N PRO B 11 1.82 8.50 0.15
CA PRO B 11 1.75 8.50 1.61
C PRO B 11 1.48 7.11 2.18
N GLU B 12 1.04 7.04 3.43
CA GLU B 12 0.71 5.76 4.06
C GLU B 12 -0.70 5.30 3.68
N PHE B 13 -1.11 4.20 4.29
CA PHE B 13 -2.44 3.65 4.05
C PHE B 13 -3.38 4.00 5.20
N TYR B 14 -4.35 4.86 4.88
CA TYR B 14 -5.35 5.31 5.82
C TYR B 14 -6.76 4.90 5.37
N PRO B 15 -7.78 5.11 6.22
CA PRO B 15 -9.16 4.76 5.88
C PRO B 15 -9.75 5.64 4.77
N SER B 16 -9.59 5.18 3.54
CA SER B 16 -10.11 5.88 2.38
C SER B 16 -11.61 6.09 2.49
N GLY B 17 -12.35 4.99 2.69
CA GLY B 17 -13.78 5.09 2.83
C GLY B 17 -14.20 5.38 4.25
N TYR B 18 -13.62 6.41 4.85
CA TYR B 18 -13.95 6.78 6.22
C TYR B 18 -15.43 7.18 6.32
N SER B 19 -16.12 6.68 7.33
CA SER B 19 -17.52 6.99 7.53
C SER B 19 -17.67 8.27 8.34
N SER B 20 -17.78 9.39 7.64
CA SER B 20 -17.91 10.70 8.29
C SER B 20 -19.31 10.91 8.86
N SER B 21 -20.28 10.12 8.37
CA SER B 21 -21.66 10.24 8.84
C SER B 21 -21.91 9.35 10.06
N TYR B 22 -21.10 8.30 10.19
CA TYR B 22 -21.24 7.37 11.30
C TYR B 22 -20.03 7.44 12.23
N GLY A 1 -6.63 -7.79 21.22
CA GLY A 1 -7.07 -6.73 20.25
C GLY A 1 -7.62 -7.32 18.97
N PRO A 2 -8.24 -6.49 18.11
CA PRO A 2 -8.81 -6.94 16.84
C PRO A 2 -7.73 -7.31 15.83
N LEU A 3 -7.43 -8.59 15.73
CA LEU A 3 -6.41 -9.07 14.80
C LEU A 3 -7.00 -9.28 13.40
N GLY A 4 -7.35 -8.18 12.75
CA GLY A 4 -7.93 -8.27 11.41
C GLY A 4 -6.88 -8.21 10.32
N SER A 5 -5.86 -9.05 10.43
CA SER A 5 -4.80 -9.07 9.44
C SER A 5 -4.98 -10.23 8.45
N PRO A 6 -5.18 -11.46 8.94
CA PRO A 6 -5.36 -12.65 8.07
C PRO A 6 -6.48 -12.47 7.05
N LEU A 7 -7.74 -12.49 7.52
CA LEU A 7 -8.89 -12.34 6.63
C LEU A 7 -9.23 -10.86 6.46
N THR A 8 -9.53 -10.48 5.22
CA THR A 8 -9.85 -9.09 4.89
C THR A 8 -11.32 -8.81 5.12
N ALA A 9 -12.18 -9.78 4.81
CA ALA A 9 -13.60 -9.60 5.01
C ALA A 9 -13.87 -9.32 6.49
N SER A 10 -13.69 -10.34 7.33
CA SER A 10 -13.95 -10.20 8.76
C SER A 10 -13.12 -9.08 9.39
N MET A 11 -11.99 -8.73 8.78
CA MET A 11 -11.17 -7.67 9.31
C MET A 11 -11.93 -6.34 9.28
N LEU A 12 -12.57 -6.09 8.16
CA LEU A 12 -13.36 -4.87 7.99
C LEU A 12 -14.40 -4.75 9.11
N ALA A 13 -15.28 -5.74 9.19
CA ALA A 13 -16.31 -5.78 10.23
C ALA A 13 -15.71 -6.07 11.60
N SER A 14 -14.38 -6.10 11.67
CA SER A 14 -13.68 -6.35 12.93
C SER A 14 -13.17 -5.06 13.55
N ALA A 15 -13.59 -3.92 13.01
CA ALA A 15 -13.17 -2.62 13.54
C ALA A 15 -14.36 -1.67 13.65
N PRO A 16 -14.35 -0.77 14.66
CA PRO A 16 -15.43 0.19 14.88
C PRO A 16 -15.92 0.86 13.60
N PRO A 17 -16.95 1.72 13.70
CA PRO A 17 -17.53 2.41 12.55
C PRO A 17 -16.46 3.04 11.65
N GLN A 18 -15.97 4.22 12.02
CA GLN A 18 -14.96 4.93 11.22
C GLN A 18 -13.72 4.06 10.99
N GLU A 19 -13.52 3.06 11.84
CA GLU A 19 -12.37 2.19 11.68
C GLU A 19 -12.68 1.08 10.67
N GLN A 20 -13.41 1.44 9.62
CA GLN A 20 -13.72 0.49 8.56
C GLN A 20 -12.46 0.17 7.77
N LYS A 21 -12.22 1.02 6.77
CA LYS A 21 -11.06 0.91 5.89
C LYS A 21 -9.79 1.44 6.55
N GLN A 22 -9.84 1.60 7.87
CA GLN A 22 -8.70 2.12 8.62
C GLN A 22 -7.50 1.19 8.51
N MET A 23 -7.70 -0.07 8.85
CA MET A 23 -6.62 -1.04 8.80
C MET A 23 -6.12 -1.22 7.37
N LEU A 24 -6.63 -2.22 6.65
CA LEU A 24 -6.20 -2.47 5.27
C LEU A 24 -6.54 -1.33 4.32
N GLY A 25 -6.06 -0.12 4.62
CA GLY A 25 -6.36 0.99 3.73
C GLY A 25 -7.72 0.84 3.08
N GLU A 26 -7.81 1.21 1.80
CA GLU A 26 -9.05 1.07 1.05
C GLU A 26 -9.30 -0.39 0.68
N ARG A 27 -8.72 -0.79 -0.46
CA ARG A 27 -8.85 -2.15 -0.98
C ARG A 27 -7.53 -2.67 -1.55
N LEU A 28 -6.43 -1.99 -1.24
CA LEU A 28 -5.12 -2.38 -1.73
C LEU A 28 -4.58 -3.60 -1.01
N PHE A 29 -4.65 -3.57 0.33
CA PHE A 29 -4.15 -4.68 1.15
C PHE A 29 -4.66 -6.03 0.63
N PRO A 30 -5.96 -6.14 0.30
CA PRO A 30 -6.55 -7.38 -0.21
C PRO A 30 -5.91 -7.81 -1.52
N LEU A 31 -5.72 -6.85 -2.41
CA LEU A 31 -5.12 -7.11 -3.72
C LEU A 31 -3.64 -7.44 -3.60
N ILE A 32 -2.93 -6.62 -2.83
CA ILE A 32 -1.52 -6.82 -2.63
C ILE A 32 -1.31 -8.11 -1.83
N GLN A 33 -2.12 -8.30 -0.78
CA GLN A 33 -2.03 -9.51 0.01
C GLN A 33 -1.90 -10.72 -0.90
N ALA A 34 -2.71 -10.73 -1.96
CA ALA A 34 -2.70 -11.83 -2.92
C ALA A 34 -1.33 -12.05 -3.51
N MET A 35 -0.61 -10.96 -3.69
CA MET A 35 0.75 -11.03 -4.27
C MET A 35 1.83 -10.94 -3.18
N HIS A 36 1.74 -9.93 -2.31
CA HIS A 36 2.70 -9.76 -1.22
C HIS A 36 4.13 -9.65 -1.72
N PRO A 37 4.36 -8.81 -2.73
CA PRO A 37 5.71 -8.61 -3.26
C PRO A 37 6.62 -8.03 -2.18
N THR A 38 6.45 -6.75 -1.90
CA THR A 38 7.29 -6.06 -0.91
C THR A 38 6.61 -5.98 0.46
N LEU A 39 5.41 -5.40 0.50
CA LEU A 39 4.69 -5.25 1.76
C LEU A 39 3.25 -4.79 1.52
N ALA A 40 2.31 -5.70 1.74
CA ALA A 40 0.89 -5.40 1.56
C ALA A 40 0.49 -4.09 2.27
N GLY A 41 0.82 -3.97 3.54
CA GLY A 41 0.47 -2.77 4.29
C GLY A 41 1.11 -1.51 3.74
N LYS A 42 2.41 -1.58 3.44
CA LYS A 42 3.15 -0.44 2.93
C LYS A 42 2.84 -0.16 1.45
N ILE A 43 2.77 -1.20 0.63
CA ILE A 43 2.48 -1.02 -0.80
C ILE A 43 1.19 -0.23 -0.97
N THR A 44 0.21 -0.58 -0.16
CA THR A 44 -1.09 0.06 -0.20
C THR A 44 -0.99 1.57 -0.02
N GLY A 45 -0.25 1.99 1.00
CA GLY A 45 -0.09 3.40 1.25
C GLY A 45 0.40 4.16 0.03
N MET A 46 1.17 3.49 -0.79
CA MET A 46 1.73 4.09 -1.99
C MET A 46 0.67 4.20 -3.09
N LEU A 47 0.11 3.06 -3.49
CA LEU A 47 -0.89 3.06 -4.54
C LEU A 47 -2.06 3.95 -4.17
N LEU A 48 -2.25 4.18 -2.86
CA LEU A 48 -3.36 5.01 -2.38
C LEU A 48 -3.39 6.42 -3.01
N GLU A 49 -2.67 6.60 -4.13
CA GLU A 49 -2.63 7.89 -4.80
C GLU A 49 -3.93 8.17 -5.54
N ILE A 50 -4.81 7.17 -5.62
CA ILE A 50 -6.09 7.33 -6.30
C ILE A 50 -7.24 7.35 -5.29
N ASP A 51 -8.46 7.60 -5.75
CA ASP A 51 -9.63 7.62 -4.89
C ASP A 51 -10.02 6.20 -4.47
N ASN A 52 -10.50 6.05 -3.24
CA ASN A 52 -10.93 4.73 -2.74
C ASN A 52 -11.85 4.05 -3.75
N SER A 53 -12.51 4.84 -4.59
CA SER A 53 -13.45 4.30 -5.58
C SER A 53 -12.73 3.63 -6.75
N GLU A 54 -11.53 4.10 -7.08
CA GLU A 54 -10.76 3.54 -8.17
C GLU A 54 -10.16 2.20 -7.80
N LEU A 55 -9.56 2.14 -6.62
CA LEU A 55 -8.95 0.91 -6.14
C LEU A 55 -9.98 -0.20 -6.01
N LEU A 56 -11.24 0.20 -5.80
CA LEU A 56 -12.33 -0.77 -5.69
C LEU A 56 -12.55 -1.46 -7.03
N HIS A 57 -12.54 -0.66 -8.10
CA HIS A 57 -12.74 -1.19 -9.45
C HIS A 57 -11.70 -2.26 -9.77
N MET A 58 -10.52 -2.09 -9.21
CA MET A 58 -9.42 -3.03 -9.42
C MET A 58 -9.77 -4.39 -8.83
N LEU A 59 -10.30 -4.36 -7.61
CA LEU A 59 -10.66 -5.57 -6.90
C LEU A 59 -11.71 -6.38 -7.67
N GLU A 60 -12.46 -5.70 -8.54
CA GLU A 60 -13.47 -6.37 -9.34
C GLU A 60 -12.91 -6.75 -10.72
N SER A 61 -11.70 -6.29 -11.01
CA SER A 61 -11.06 -6.60 -12.30
C SER A 61 -9.56 -6.82 -12.12
N PRO A 62 -9.13 -8.10 -12.00
CA PRO A 62 -7.71 -8.44 -11.84
C PRO A 62 -6.82 -7.78 -12.89
N GLU A 63 -7.37 -7.60 -14.08
CA GLU A 63 -6.63 -6.99 -15.19
C GLU A 63 -6.08 -5.62 -14.83
N SER A 64 -6.96 -4.72 -14.41
CA SER A 64 -6.56 -3.37 -14.02
C SER A 64 -5.89 -3.41 -12.66
N LEU A 65 -6.32 -4.36 -11.85
CA LEU A 65 -5.78 -4.51 -10.51
C LEU A 65 -4.28 -4.71 -10.55
N ARG A 66 -3.85 -5.80 -11.16
CA ARG A 66 -2.42 -6.09 -11.23
C ARG A 66 -1.67 -4.94 -11.87
N SER A 67 -2.32 -4.28 -12.82
CA SER A 67 -1.71 -3.15 -13.51
C SER A 67 -1.12 -2.13 -12.52
N LYS A 68 -1.91 -1.78 -11.52
CA LYS A 68 -1.47 -0.80 -10.52
C LYS A 68 -0.57 -1.42 -9.46
N VAL A 69 -1.00 -2.56 -8.92
CA VAL A 69 -0.21 -3.25 -7.89
C VAL A 69 1.15 -3.67 -8.42
N ASP A 70 1.16 -4.37 -9.56
CA ASP A 70 2.41 -4.81 -10.17
C ASP A 70 3.37 -3.64 -10.21
N GLU A 71 2.90 -2.56 -10.81
CA GLU A 71 3.68 -1.33 -10.91
C GLU A 71 4.26 -0.96 -9.55
N ALA A 72 3.41 -0.95 -8.52
CA ALA A 72 3.86 -0.62 -7.16
C ALA A 72 5.16 -1.35 -6.85
N VAL A 73 5.13 -2.66 -7.06
CA VAL A 73 6.28 -3.50 -6.79
C VAL A 73 7.54 -2.98 -7.48
N ALA A 74 7.42 -2.63 -8.76
CA ALA A 74 8.56 -2.13 -9.52
C ALA A 74 8.94 -0.71 -9.11
N VAL A 75 7.96 0.20 -9.12
CA VAL A 75 8.20 1.59 -8.77
C VAL A 75 8.57 1.75 -7.30
N LEU A 76 7.67 1.31 -6.44
CA LEU A 76 7.89 1.40 -4.99
C LEU A 76 9.24 0.84 -4.62
N GLN A 77 9.51 -0.38 -5.10
CA GLN A 77 10.76 -1.04 -4.81
C GLN A 77 11.94 -0.11 -5.12
N ALA A 78 11.78 0.69 -6.17
CA ALA A 78 12.81 1.62 -6.60
C ALA A 78 12.78 2.91 -5.76
N HIS A 79 11.58 3.49 -5.60
CA HIS A 79 11.43 4.71 -4.81
C HIS A 79 11.47 4.41 -3.30
N GLN A 80 11.91 3.21 -2.94
CA GLN A 80 12.00 2.81 -1.54
C GLN A 80 13.16 3.53 -0.86
N ALA A 81 14.28 3.65 -1.57
CA ALA A 81 15.46 4.30 -1.03
C ALA A 81 15.43 5.81 -1.30
N LYS A 82 16.47 6.50 -0.83
CA LYS A 82 16.57 7.94 -1.02
C LYS A 82 16.92 8.28 -2.46
N GLU A 83 16.04 9.01 -3.13
CA GLU A 83 16.25 9.41 -4.52
C GLU A 83 17.29 10.51 -4.60
N ALA A 84 18.23 10.36 -5.52
CA ALA A 84 19.29 11.35 -5.71
C ALA A 84 18.71 12.66 -6.24
N ALA A 85 19.36 13.77 -5.90
CA ALA A 85 18.91 15.08 -6.35
C ALA A 85 19.44 15.39 -7.75
N GLN A 86 19.20 14.48 -8.68
CA GLN A 86 19.65 14.65 -10.06
C GLN A 86 18.69 15.56 -10.83
N LYS A 87 18.46 16.76 -10.29
CA LYS A 87 17.56 17.71 -10.91
C LYS A 87 18.23 18.38 -12.12
N ALA A 88 17.66 19.48 -12.57
CA ALA A 88 18.22 20.21 -13.71
C ALA A 88 19.47 20.97 -13.31
N VAL A 89 20.12 21.59 -14.29
CA VAL A 89 21.35 22.36 -14.03
C VAL A 89 21.01 23.81 -13.67
N ASN A 90 20.02 23.98 -12.80
CA ASN A 90 19.61 25.31 -12.37
C ASN A 90 20.59 25.87 -11.34
N SER A 91 20.85 27.17 -11.43
CA SER A 91 21.77 27.82 -10.51
C SER A 91 21.04 28.47 -9.34
N ALA A 92 20.15 29.42 -9.66
CA ALA A 92 19.39 30.12 -8.63
C ALA A 92 18.25 29.26 -8.10
N THR A 93 17.81 28.29 -8.90
CA THR A 93 16.72 27.40 -8.49
C THR A 93 17.25 26.17 -7.77
N GLY A 94 17.96 25.33 -8.52
CA GLY A 94 18.53 24.12 -7.97
C GLY A 94 19.91 24.33 -7.41
N VAL A 95 20.25 23.61 -6.35
CA VAL A 95 21.55 23.73 -5.72
C VAL A 95 22.57 22.80 -6.37
N PRO A 96 23.56 23.36 -7.09
CA PRO A 96 24.60 22.56 -7.77
C PRO A 96 25.52 21.88 -6.77
N THR A 97 25.76 22.54 -5.64
CA THR A 97 26.63 22.01 -4.59
C THR A 97 25.81 21.55 -3.38
N VAL A 98 25.99 20.29 -3.00
CA VAL A 98 25.26 19.74 -1.86
C VAL A 98 26.21 19.39 -0.73
N VAL B 1 13.27 10.07 -20.46
CA VAL B 1 11.91 10.18 -19.90
C VAL B 1 11.73 9.27 -18.69
N LEU B 2 11.26 9.84 -17.59
CA LEU B 2 11.04 9.06 -16.37
C LEU B 2 9.79 8.21 -16.51
N MET B 3 9.88 7.16 -17.32
CA MET B 3 8.76 6.27 -17.54
C MET B 3 8.62 5.32 -16.36
N SER B 4 8.25 5.87 -15.22
CA SER B 4 8.08 5.07 -14.02
C SER B 4 6.84 4.19 -14.15
N LYS B 5 6.24 3.82 -13.04
CA LYS B 5 5.06 2.98 -13.06
C LYS B 5 3.78 3.79 -13.12
N LEU B 6 2.64 3.10 -13.14
CA LEU B 6 1.34 3.73 -13.20
C LEU B 6 0.97 4.30 -11.83
N SER B 7 1.44 3.65 -10.78
CA SER B 7 1.17 4.09 -9.41
C SER B 7 2.26 5.07 -8.95
N VAL B 8 2.69 4.95 -7.69
CA VAL B 8 3.71 5.83 -7.14
C VAL B 8 3.91 5.58 -5.64
N ASN B 9 5.08 5.92 -5.12
CA ASN B 9 5.36 5.74 -3.71
C ASN B 9 4.71 6.84 -2.86
N ALA B 10 3.41 7.07 -3.06
CA ALA B 10 2.69 8.09 -2.31
C ALA B 10 2.80 7.86 -0.80
N PRO B 11 2.12 8.70 0.01
CA PRO B 11 2.14 8.60 1.48
C PRO B 11 1.84 7.18 1.96
N GLU B 12 1.44 7.03 3.22
CA GLU B 12 1.09 5.74 3.77
C GLU B 12 -0.35 5.35 3.43
N PHE B 13 -0.80 4.26 4.05
CA PHE B 13 -2.16 3.78 3.84
C PHE B 13 -3.04 4.15 5.03
N TYR B 14 -4.07 4.95 4.74
CA TYR B 14 -5.01 5.40 5.76
C TYR B 14 -6.43 4.92 5.46
N PRO B 15 -7.38 5.13 6.39
CA PRO B 15 -8.79 4.73 6.20
C PRO B 15 -9.42 5.41 5.00
N SER B 16 -9.34 4.77 3.85
CA SER B 16 -9.91 5.32 2.64
C SER B 16 -11.38 5.66 2.83
N GLY B 17 -12.18 4.64 3.11
CA GLY B 17 -13.59 4.84 3.33
C GLY B 17 -13.91 5.22 4.75
N TYR B 18 -13.26 6.27 5.26
CA TYR B 18 -13.48 6.74 6.62
C TYR B 18 -14.91 7.25 6.80
N SER B 19 -15.85 6.33 7.00
CA SER B 19 -17.24 6.70 7.19
C SER B 19 -17.49 7.21 8.61
N SER B 20 -17.87 8.47 8.72
CA SER B 20 -18.14 9.08 10.03
C SER B 20 -19.64 9.22 10.27
N SER B 21 -20.25 10.21 9.64
CA SER B 21 -21.68 10.45 9.80
C SER B 21 -22.44 10.08 8.53
N TYR B 22 -21.98 9.02 7.87
CA TYR B 22 -22.62 8.55 6.64
C TYR B 22 -23.71 7.52 6.95
N GLY A 1 -0.26 -16.25 -2.00
CA GLY A 1 -0.26 -17.60 -1.35
C GLY A 1 -1.62 -17.98 -0.79
N PRO A 2 -2.11 -19.20 -1.10
CA PRO A 2 -3.42 -19.65 -0.62
C PRO A 2 -3.41 -19.95 0.88
N LEU A 3 -2.25 -20.39 1.38
CA LEU A 3 -2.11 -20.70 2.80
C LEU A 3 -2.02 -19.43 3.63
N GLY A 4 -3.06 -18.60 3.55
CA GLY A 4 -3.07 -17.36 4.30
C GLY A 4 -4.04 -17.39 5.47
N SER A 5 -3.60 -16.87 6.61
CA SER A 5 -4.43 -16.86 7.81
C SER A 5 -5.23 -15.55 7.91
N PRO A 6 -4.55 -14.40 7.80
CA PRO A 6 -5.19 -13.08 7.88
C PRO A 6 -6.40 -12.95 6.95
N LEU A 7 -7.58 -12.83 7.53
CA LEU A 7 -8.81 -12.70 6.76
C LEU A 7 -9.17 -11.24 6.56
N THR A 8 -9.53 -10.88 5.33
CA THR A 8 -9.86 -9.50 4.99
C THR A 8 -11.32 -9.20 5.26
N ALA A 9 -12.19 -10.18 5.01
CA ALA A 9 -13.60 -9.99 5.27
C ALA A 9 -13.79 -9.65 6.73
N SER A 10 -13.54 -10.63 7.60
CA SER A 10 -13.69 -10.45 9.03
C SER A 10 -12.84 -9.29 9.57
N MET A 11 -11.74 -8.98 8.88
CA MET A 11 -10.88 -7.90 9.34
C MET A 11 -11.65 -6.59 9.29
N LEU A 12 -12.37 -6.38 8.21
CA LEU A 12 -13.17 -5.17 8.05
C LEU A 12 -14.16 -5.04 9.20
N ALA A 13 -14.99 -6.06 9.38
CA ALA A 13 -15.96 -6.08 10.47
C ALA A 13 -15.29 -6.27 11.84
N SER A 14 -13.96 -6.22 11.84
CA SER A 14 -13.20 -6.36 13.08
C SER A 14 -12.80 -5.00 13.64
N ALA A 15 -13.32 -3.92 13.04
CA ALA A 15 -12.99 -2.58 13.50
C ALA A 15 -14.23 -1.68 13.55
N PRO A 16 -14.24 -0.70 14.47
CA PRO A 16 -15.37 0.23 14.64
C PRO A 16 -15.95 0.74 13.32
N PRO A 17 -17.05 1.52 13.39
CA PRO A 17 -17.72 2.07 12.21
C PRO A 17 -16.76 2.73 11.22
N GLN A 18 -16.28 3.93 11.55
CA GLN A 18 -15.37 4.66 10.67
C GLN A 18 -14.06 3.91 10.47
N GLU A 19 -13.82 2.91 11.29
CA GLU A 19 -12.61 2.11 11.17
C GLU A 19 -12.84 1.00 10.15
N GLN A 20 -13.55 1.33 9.07
CA GLN A 20 -13.80 0.37 8.00
C GLN A 20 -12.49 0.11 7.26
N LYS A 21 -12.23 0.99 6.30
CA LYS A 21 -11.02 0.91 5.48
C LYS A 21 -9.81 1.47 6.23
N GLN A 22 -9.94 1.59 7.55
CA GLN A 22 -8.87 2.13 8.39
C GLN A 22 -7.62 1.25 8.31
N MET A 23 -7.73 0.04 8.80
CA MET A 23 -6.62 -0.89 8.79
C MET A 23 -6.15 -1.16 7.37
N LEU A 24 -6.71 -2.19 6.73
CA LEU A 24 -6.33 -2.55 5.37
C LEU A 24 -6.61 -1.46 4.33
N GLY A 25 -6.06 -0.24 4.52
CA GLY A 25 -6.30 0.83 3.56
C GLY A 25 -7.70 0.76 2.95
N GLU A 26 -7.83 1.21 1.72
CA GLU A 26 -9.11 1.15 1.03
C GLU A 26 -9.39 -0.31 0.63
N ARG A 27 -8.85 -0.70 -0.53
CA ARG A 27 -9.01 -2.06 -1.06
C ARG A 27 -7.69 -2.59 -1.65
N LEU A 28 -6.61 -1.85 -1.45
CA LEU A 28 -5.31 -2.26 -1.98
C LEU A 28 -4.70 -3.41 -1.20
N PHE A 29 -4.65 -3.29 0.12
CA PHE A 29 -4.06 -4.34 0.96
C PHE A 29 -4.57 -5.72 0.56
N PRO A 30 -5.89 -5.87 0.34
CA PRO A 30 -6.47 -7.15 -0.07
C PRO A 30 -5.87 -7.64 -1.38
N LEU A 31 -5.74 -6.72 -2.33
CA LEU A 31 -5.18 -7.05 -3.64
C LEU A 31 -3.69 -7.37 -3.54
N ILE A 32 -2.96 -6.56 -2.80
CA ILE A 32 -1.54 -6.80 -2.62
C ILE A 32 -1.34 -8.06 -1.83
N GLN A 33 -2.21 -8.28 -0.84
CA GLN A 33 -2.12 -9.48 -0.03
C GLN A 33 -1.98 -10.70 -0.95
N ALA A 34 -2.78 -10.69 -2.01
CA ALA A 34 -2.80 -11.77 -3.00
C ALA A 34 -1.42 -12.00 -3.62
N MET A 35 -0.69 -10.92 -3.79
CA MET A 35 0.65 -11.00 -4.39
C MET A 35 1.76 -10.98 -3.34
N HIS A 36 1.75 -9.99 -2.47
CA HIS A 36 2.73 -9.88 -1.39
C HIS A 36 4.17 -9.77 -1.88
N PRO A 37 4.42 -8.96 -2.92
CA PRO A 37 5.77 -8.75 -3.43
C PRO A 37 6.69 -8.19 -2.34
N THR A 38 6.51 -6.91 -2.04
CA THR A 38 7.34 -6.23 -1.04
C THR A 38 6.69 -6.26 0.35
N LEU A 39 5.55 -5.59 0.47
CA LEU A 39 4.83 -5.52 1.75
C LEU A 39 3.42 -4.98 1.54
N ALA A 40 2.42 -5.84 1.66
CA ALA A 40 1.03 -5.43 1.49
C ALA A 40 0.64 -4.27 2.39
N GLY A 41 0.95 -4.37 3.68
CA GLY A 41 0.60 -3.29 4.58
C GLY A 41 1.15 -1.96 4.12
N LYS A 42 2.43 -1.95 3.77
CA LYS A 42 3.11 -0.74 3.32
C LYS A 42 2.78 -0.38 1.86
N ILE A 43 2.71 -1.38 0.99
CA ILE A 43 2.40 -1.14 -0.42
C ILE A 43 1.07 -0.42 -0.57
N THR A 44 0.09 -0.88 0.21
CA THR A 44 -1.25 -0.33 0.19
C THR A 44 -1.21 1.19 0.26
N GLY A 45 -0.50 1.73 1.23
CA GLY A 45 -0.42 3.17 1.37
C GLY A 45 0.14 3.84 0.13
N MET A 46 1.13 3.23 -0.48
CA MET A 46 1.76 3.79 -1.66
C MET A 46 0.77 3.83 -2.82
N LEU A 47 0.23 2.68 -3.20
CA LEU A 47 -0.70 2.62 -4.31
C LEU A 47 -1.90 3.54 -4.02
N LEU A 48 -2.10 3.89 -2.75
CA LEU A 48 -3.23 4.75 -2.36
C LEU A 48 -3.18 6.13 -3.02
N GLU A 49 -2.50 6.26 -4.17
CA GLU A 49 -2.41 7.53 -4.87
C GLU A 49 -3.71 7.86 -5.60
N ILE A 50 -4.61 6.88 -5.67
CA ILE A 50 -5.88 7.05 -6.36
C ILE A 50 -7.04 7.12 -5.35
N ASP A 51 -8.24 7.43 -5.85
CA ASP A 51 -9.43 7.50 -5.01
C ASP A 51 -9.92 6.11 -4.60
N ASN A 52 -10.49 6.01 -3.40
CA ASN A 52 -11.03 4.74 -2.91
C ASN A 52 -11.94 4.09 -3.97
N SER A 53 -12.48 4.91 -4.87
CA SER A 53 -13.39 4.43 -5.91
C SER A 53 -12.64 3.66 -7.01
N GLU A 54 -11.42 4.09 -7.33
CA GLU A 54 -10.63 3.43 -8.36
C GLU A 54 -10.05 2.13 -7.83
N LEU A 55 -9.54 2.16 -6.61
CA LEU A 55 -8.95 0.98 -6.00
C LEU A 55 -9.98 -0.11 -5.82
N LEU A 56 -11.24 0.29 -5.68
CA LEU A 56 -12.34 -0.67 -5.54
C LEU A 56 -12.53 -1.42 -6.84
N HIS A 57 -12.46 -0.69 -7.95
CA HIS A 57 -12.63 -1.27 -9.28
C HIS A 57 -11.61 -2.38 -9.51
N MET A 58 -10.40 -2.18 -8.98
CA MET A 58 -9.34 -3.17 -9.13
C MET A 58 -9.72 -4.47 -8.41
N LEU A 59 -10.32 -4.34 -7.22
CA LEU A 59 -10.74 -5.50 -6.45
C LEU A 59 -11.78 -6.31 -7.22
N GLU A 60 -12.56 -5.64 -8.05
CA GLU A 60 -13.57 -6.31 -8.85
C GLU A 60 -13.03 -6.67 -10.23
N SER A 61 -11.83 -6.18 -10.56
CA SER A 61 -11.23 -6.46 -11.85
C SER A 61 -9.71 -6.67 -11.71
N PRO A 62 -9.26 -7.90 -11.47
CA PRO A 62 -7.85 -8.23 -11.32
C PRO A 62 -7.00 -7.68 -12.46
N GLU A 63 -7.60 -7.57 -13.63
CA GLU A 63 -6.91 -7.06 -14.82
C GLU A 63 -6.30 -5.68 -14.57
N SER A 64 -7.14 -4.74 -14.15
CA SER A 64 -6.69 -3.40 -13.87
C SER A 64 -5.91 -3.39 -12.56
N LEU A 65 -6.33 -4.25 -11.64
CA LEU A 65 -5.69 -4.36 -10.35
C LEU A 65 -4.21 -4.67 -10.52
N ARG A 66 -3.90 -5.81 -11.10
CA ARG A 66 -2.50 -6.19 -11.30
C ARG A 66 -1.73 -5.09 -12.01
N SER A 67 -2.45 -4.33 -12.84
CA SER A 67 -1.84 -3.24 -13.59
C SER A 67 -1.21 -2.20 -12.67
N LYS A 68 -1.90 -1.84 -11.60
CA LYS A 68 -1.40 -0.83 -10.66
C LYS A 68 -0.39 -1.42 -9.69
N VAL A 69 -0.74 -2.55 -9.09
CA VAL A 69 0.13 -3.23 -8.13
C VAL A 69 1.48 -3.54 -8.75
N ASP A 70 1.46 -4.22 -9.89
CA ASP A 70 2.67 -4.59 -10.59
C ASP A 70 3.57 -3.36 -10.77
N GLU A 71 3.01 -2.30 -11.34
CA GLU A 71 3.74 -1.07 -11.56
C GLU A 71 4.42 -0.58 -10.29
N ALA A 72 3.64 -0.45 -9.23
CA ALA A 72 4.17 0.02 -7.94
C ALA A 72 5.38 -0.79 -7.52
N VAL A 73 5.29 -2.10 -7.71
CA VAL A 73 6.39 -2.98 -7.35
C VAL A 73 7.68 -2.46 -7.97
N ALA A 74 7.55 -1.90 -9.17
CA ALA A 74 8.70 -1.34 -9.87
C ALA A 74 9.11 -0.02 -9.23
N VAL A 75 8.21 0.96 -9.26
CA VAL A 75 8.47 2.27 -8.70
C VAL A 75 8.77 2.19 -7.20
N LEU A 76 7.79 1.73 -6.43
CA LEU A 76 7.91 1.62 -4.97
C LEU A 76 9.17 0.90 -4.54
N GLN A 77 9.29 -0.37 -4.93
CA GLN A 77 10.45 -1.16 -4.55
C GLN A 77 11.73 -0.39 -4.87
N ALA A 78 11.65 0.49 -5.86
CA ALA A 78 12.77 1.33 -6.25
C ALA A 78 12.87 2.56 -5.35
N HIS A 79 11.72 3.20 -5.10
CA HIS A 79 11.68 4.41 -4.27
C HIS A 79 11.93 4.08 -2.80
N GLN A 80 11.53 2.89 -2.38
CA GLN A 80 11.72 2.47 -0.99
C GLN A 80 13.13 1.89 -0.79
N ALA A 81 14.11 2.53 -1.42
CA ALA A 81 15.49 2.09 -1.32
C ALA A 81 16.34 3.12 -0.58
N LYS A 82 17.65 3.03 -0.74
CA LYS A 82 18.56 3.96 -0.08
C LYS A 82 18.62 5.29 -0.83
N GLU A 83 18.43 6.38 -0.10
CA GLU A 83 18.47 7.71 -0.69
C GLU A 83 19.90 8.19 -0.88
N ALA A 84 20.48 7.84 -2.02
CA ALA A 84 21.86 8.23 -2.33
C ALA A 84 21.94 9.67 -2.80
N ALA A 85 22.92 10.40 -2.29
CA ALA A 85 23.10 11.80 -2.66
C ALA A 85 23.85 11.93 -3.99
N GLN A 86 23.20 11.51 -5.07
CA GLN A 86 23.80 11.57 -6.39
C GLN A 86 23.51 12.91 -7.07
N LYS A 87 24.25 13.94 -6.65
CA LYS A 87 24.08 15.28 -7.21
C LYS A 87 24.84 15.42 -8.53
N ALA A 88 24.74 16.60 -9.13
CA ALA A 88 25.43 16.87 -10.39
C ALA A 88 26.92 17.10 -10.17
N VAL A 89 27.68 17.04 -11.26
CA VAL A 89 29.12 17.24 -11.20
C VAL A 89 29.46 18.72 -11.06
N ASN A 90 29.40 19.23 -9.84
CA ASN A 90 29.71 20.63 -9.57
C ASN A 90 31.17 20.81 -9.15
N SER A 91 31.46 20.48 -7.89
CA SER A 91 32.81 20.60 -7.37
C SER A 91 33.60 19.31 -7.59
N ALA A 92 34.80 19.26 -7.02
CA ALA A 92 35.65 18.07 -7.16
C ALA A 92 35.34 17.06 -6.07
N THR A 93 34.67 15.98 -6.46
CA THR A 93 34.31 14.92 -5.52
C THR A 93 35.25 13.72 -5.66
N GLY A 94 35.74 13.21 -4.54
CA GLY A 94 36.63 12.08 -4.56
C GLY A 94 35.89 10.76 -4.51
N VAL A 95 36.38 9.78 -5.27
CA VAL A 95 35.75 8.46 -5.30
C VAL A 95 36.47 7.50 -4.36
N PRO A 96 35.78 7.00 -3.32
CA PRO A 96 36.37 6.06 -2.37
C PRO A 96 36.67 4.71 -3.00
N THR A 97 37.74 4.07 -2.54
CA THR A 97 38.13 2.77 -3.07
C THR A 97 37.46 1.63 -2.29
N VAL A 98 36.21 1.85 -1.90
CA VAL A 98 35.46 0.85 -1.14
C VAL A 98 34.05 0.69 -1.69
N VAL B 1 8.12 15.14 -15.33
CA VAL B 1 6.96 14.49 -16.00
C VAL B 1 7.24 13.01 -16.33
N LEU B 2 8.50 12.63 -16.35
CA LEU B 2 8.89 11.25 -16.64
C LEU B 2 8.63 10.35 -15.44
N MET B 3 7.44 9.76 -15.38
CA MET B 3 7.09 8.86 -14.29
C MET B 3 7.53 7.43 -14.60
N SER B 4 7.91 6.69 -13.56
CA SER B 4 8.37 5.32 -13.74
C SER B 4 7.20 4.42 -14.14
N LYS B 5 6.43 3.96 -13.15
CA LYS B 5 5.28 3.10 -13.43
C LYS B 5 3.97 3.81 -13.11
N LEU B 6 2.85 3.08 -13.17
CA LEU B 6 1.54 3.65 -12.89
C LEU B 6 1.35 4.03 -11.44
N SER B 7 1.86 3.21 -10.51
CA SER B 7 1.75 3.49 -9.09
C SER B 7 3.10 3.83 -8.48
N VAL B 8 3.23 5.04 -7.94
CA VAL B 8 4.48 5.47 -7.33
C VAL B 8 4.41 5.33 -5.81
N ASN B 9 5.44 5.79 -5.12
CA ASN B 9 5.50 5.71 -3.65
C ASN B 9 4.60 6.76 -2.98
N ALA B 10 3.33 6.80 -3.37
CA ALA B 10 2.38 7.77 -2.83
C ALA B 10 2.32 7.73 -1.30
N PRO B 11 1.45 8.58 -0.69
CA PRO B 11 1.29 8.63 0.77
C PRO B 11 1.07 7.25 1.39
N GLU B 12 0.70 7.21 2.66
CA GLU B 12 0.43 5.95 3.35
C GLU B 12 -1.00 5.49 3.08
N PHE B 13 -1.40 4.41 3.77
CA PHE B 13 -2.75 3.88 3.63
C PHE B 13 -3.60 4.30 4.83
N TYR B 14 -4.63 5.10 4.55
CA TYR B 14 -5.55 5.58 5.57
C TYR B 14 -6.98 5.11 5.30
N PRO B 15 -7.91 5.30 6.25
CA PRO B 15 -9.31 4.89 6.07
C PRO B 15 -9.99 5.65 4.95
N SER B 16 -9.99 5.05 3.78
CA SER B 16 -10.61 5.65 2.62
C SER B 16 -12.07 5.96 2.89
N GLY B 17 -12.84 4.93 3.25
CA GLY B 17 -14.24 5.11 3.55
C GLY B 17 -14.47 5.52 4.99
N TYR B 18 -13.79 6.57 5.42
CA TYR B 18 -13.93 7.07 6.78
C TYR B 18 -15.35 7.57 7.01
N SER B 19 -16.06 6.92 7.93
CA SER B 19 -17.43 7.29 8.25
C SER B 19 -17.47 8.19 9.48
N SER B 20 -16.76 9.31 9.41
CA SER B 20 -16.71 10.25 10.52
C SER B 20 -17.72 11.37 10.32
N SER B 21 -18.87 11.04 9.74
CA SER B 21 -19.92 12.03 9.50
C SER B 21 -21.03 11.91 10.54
N TYR B 22 -20.64 11.67 11.79
CA TYR B 22 -21.59 11.53 12.88
C TYR B 22 -21.48 12.69 13.86
N GLY A 1 2.73 -25.33 4.86
CA GLY A 1 2.52 -24.16 3.97
C GLY A 1 1.71 -23.06 4.63
N PRO A 2 2.11 -21.78 4.46
CA PRO A 2 1.40 -20.64 5.05
C PRO A 2 0.04 -20.40 4.40
N LEU A 3 -1.01 -20.83 5.07
CA LEU A 3 -2.37 -20.65 4.57
C LEU A 3 -2.84 -19.22 4.77
N GLY A 4 -3.97 -18.87 4.14
CA GLY A 4 -4.50 -17.53 4.26
C GLY A 4 -5.25 -17.30 5.55
N SER A 5 -4.64 -16.57 6.49
CA SER A 5 -5.27 -16.28 7.77
C SER A 5 -5.86 -14.87 7.80
N PRO A 6 -5.01 -13.83 7.62
CA PRO A 6 -5.47 -12.44 7.64
C PRO A 6 -6.61 -12.19 6.64
N LEU A 7 -7.84 -12.39 7.12
CA LEU A 7 -9.02 -12.19 6.28
C LEU A 7 -9.36 -10.71 6.17
N THR A 8 -9.69 -10.28 4.96
CA THR A 8 -10.01 -8.88 4.70
C THR A 8 -11.48 -8.61 4.98
N ALA A 9 -12.34 -9.56 4.66
CA ALA A 9 -13.76 -9.41 4.93
C ALA A 9 -13.97 -9.19 6.43
N SER A 10 -13.73 -10.24 7.20
CA SER A 10 -13.93 -10.20 8.65
C SER A 10 -13.12 -9.08 9.30
N MET A 11 -12.03 -8.66 8.66
CA MET A 11 -11.22 -7.59 9.23
C MET A 11 -12.03 -6.31 9.29
N LEU A 12 -12.78 -6.05 8.24
CA LEU A 12 -13.62 -4.86 8.17
C LEU A 12 -14.58 -4.83 9.35
N ALA A 13 -15.35 -5.90 9.49
CA ALA A 13 -16.30 -6.02 10.60
C ALA A 13 -15.56 -6.24 11.93
N SER A 14 -14.23 -6.20 11.90
CA SER A 14 -13.43 -6.39 13.09
C SER A 14 -12.95 -5.05 13.66
N ALA A 15 -13.41 -3.94 13.07
CA ALA A 15 -13.03 -2.62 13.54
C ALA A 15 -14.26 -1.70 13.60
N PRO A 16 -14.28 -0.75 14.55
CA PRO A 16 -15.40 0.18 14.74
C PRO A 16 -15.95 0.73 13.42
N PRO A 17 -17.03 1.53 13.49
CA PRO A 17 -17.66 2.10 12.29
C PRO A 17 -16.67 2.78 11.35
N GLN A 18 -16.17 3.96 11.72
CA GLN A 18 -15.23 4.70 10.89
C GLN A 18 -13.93 3.92 10.71
N GLU A 19 -13.71 2.90 11.53
CA GLU A 19 -12.51 2.09 11.41
C GLU A 19 -12.74 0.95 10.43
N GLN A 20 -13.46 1.25 9.35
CA GLN A 20 -13.70 0.26 8.31
C GLN A 20 -12.41 0.00 7.53
N LYS A 21 -12.19 0.83 6.52
CA LYS A 21 -11.01 0.74 5.66
C LYS A 21 -9.77 1.35 6.32
N GLN A 22 -9.80 1.52 7.62
CA GLN A 22 -8.66 2.10 8.34
C GLN A 22 -7.45 1.18 8.31
N MET A 23 -7.61 -0.07 8.73
CA MET A 23 -6.50 -1.00 8.73
C MET A 23 -5.97 -1.18 7.31
N LEU A 24 -6.47 -2.19 6.60
CA LEU A 24 -6.04 -2.46 5.22
C LEU A 24 -6.36 -1.31 4.27
N GLY A 25 -5.88 -0.11 4.55
CA GLY A 25 -6.16 1.01 3.67
C GLY A 25 -7.51 0.89 2.99
N GLU A 26 -7.58 1.28 1.73
CA GLU A 26 -8.82 1.17 0.97
C GLU A 26 -9.08 -0.28 0.61
N ARG A 27 -8.49 -0.71 -0.51
CA ARG A 27 -8.65 -2.06 -1.00
C ARG A 27 -7.35 -2.62 -1.57
N LEU A 28 -6.24 -1.94 -1.32
CA LEU A 28 -4.96 -2.39 -1.83
C LEU A 28 -4.42 -3.60 -1.07
N PHE A 29 -4.49 -3.54 0.26
CA PHE A 29 -4.00 -4.64 1.10
C PHE A 29 -4.54 -5.98 0.59
N PRO A 30 -5.85 -6.08 0.35
CA PRO A 30 -6.46 -7.32 -0.15
C PRO A 30 -5.84 -7.78 -1.46
N LEU A 31 -5.66 -6.84 -2.38
CA LEU A 31 -5.09 -7.13 -3.70
C LEU A 31 -3.60 -7.45 -3.59
N ILE A 32 -2.87 -6.60 -2.91
CA ILE A 32 -1.45 -6.81 -2.73
C ILE A 32 -1.22 -8.03 -1.86
N GLN A 33 -1.99 -8.17 -0.79
CA GLN A 33 -1.87 -9.33 0.10
C GLN A 33 -1.73 -10.59 -0.74
N ALA A 34 -2.57 -10.66 -1.78
CA ALA A 34 -2.59 -11.81 -2.70
C ALA A 34 -1.22 -12.03 -3.33
N MET A 35 -0.51 -10.95 -3.57
CA MET A 35 0.82 -11.03 -4.18
C MET A 35 1.92 -10.94 -3.13
N HIS A 36 1.83 -9.93 -2.27
CA HIS A 36 2.80 -9.73 -1.20
C HIS A 36 4.23 -9.64 -1.72
N PRO A 37 4.49 -8.77 -2.71
CA PRO A 37 5.83 -8.59 -3.24
C PRO A 37 6.76 -8.04 -2.16
N THR A 38 6.60 -6.77 -1.85
CA THR A 38 7.45 -6.12 -0.85
C THR A 38 6.77 -6.07 0.52
N LEU A 39 5.62 -5.41 0.60
CA LEU A 39 4.90 -5.29 1.86
C LEU A 39 3.48 -4.77 1.64
N ALA A 40 2.48 -5.64 1.81
CA ALA A 40 1.07 -5.27 1.64
C ALA A 40 0.70 -4.01 2.42
N GLY A 41 1.05 -3.97 3.70
CA GLY A 41 0.71 -2.81 4.50
C GLY A 41 1.23 -1.51 3.93
N LYS A 42 2.55 -1.43 3.75
CA LYS A 42 3.19 -0.24 3.22
C LYS A 42 2.88 -0.03 1.73
N ILE A 43 2.86 -1.12 0.97
CA ILE A 43 2.58 -1.03 -0.47
C ILE A 43 1.29 -0.27 -0.76
N THR A 44 0.30 -0.51 0.09
CA THR A 44 -1.01 0.09 -0.07
C THR A 44 -0.94 1.61 0.01
N GLY A 45 -0.21 2.12 0.99
CA GLY A 45 -0.09 3.55 1.13
C GLY A 45 0.44 4.20 -0.12
N MET A 46 1.29 3.47 -0.84
CA MET A 46 1.88 3.96 -2.07
C MET A 46 0.84 4.02 -3.18
N LEU A 47 0.30 2.86 -3.53
CA LEU A 47 -0.69 2.79 -4.59
C LEU A 47 -1.88 3.68 -4.27
N LEU A 48 -2.07 4.00 -2.98
CA LEU A 48 -3.20 4.83 -2.54
C LEU A 48 -3.20 6.21 -3.23
N GLU A 49 -2.55 6.31 -4.39
CA GLU A 49 -2.49 7.54 -5.14
C GLU A 49 -3.82 7.82 -5.83
N ILE A 50 -4.71 6.82 -5.84
CA ILE A 50 -6.01 6.95 -6.48
C ILE A 50 -7.13 7.02 -5.44
N ASP A 51 -8.35 7.33 -5.89
CA ASP A 51 -9.53 7.41 -5.03
C ASP A 51 -10.02 6.02 -4.60
N ASN A 52 -10.62 5.93 -3.41
CA ASN A 52 -11.16 4.65 -2.94
C ASN A 52 -12.04 4.00 -4.01
N SER A 53 -12.61 4.83 -4.88
CA SER A 53 -13.50 4.34 -5.94
C SER A 53 -12.76 3.49 -6.96
N GLU A 54 -11.49 3.79 -7.20
CA GLU A 54 -10.71 3.04 -8.17
C GLU A 54 -10.32 1.68 -7.63
N LEU A 55 -9.95 1.65 -6.35
CA LEU A 55 -9.54 0.40 -5.72
C LEU A 55 -10.68 -0.62 -5.75
N LEU A 56 -11.92 -0.12 -5.72
CA LEU A 56 -13.08 -0.99 -5.79
C LEU A 56 -13.16 -1.64 -7.16
N HIS A 57 -12.84 -0.84 -8.18
CA HIS A 57 -12.86 -1.31 -9.56
C HIS A 57 -11.86 -2.44 -9.78
N MET A 58 -10.63 -2.24 -9.33
CA MET A 58 -9.58 -3.26 -9.49
C MET A 58 -9.94 -4.53 -8.74
N LEU A 59 -10.52 -4.39 -7.56
CA LEU A 59 -10.90 -5.54 -6.75
C LEU A 59 -11.88 -6.43 -7.50
N GLU A 60 -12.64 -5.84 -8.43
CA GLU A 60 -13.61 -6.59 -9.21
C GLU A 60 -13.07 -6.88 -10.62
N SER A 61 -11.87 -6.41 -10.91
CA SER A 61 -11.26 -6.61 -12.23
C SER A 61 -9.75 -6.82 -12.09
N PRO A 62 -9.31 -8.09 -11.99
CA PRO A 62 -7.88 -8.43 -11.86
C PRO A 62 -7.03 -7.73 -12.92
N GLU A 63 -7.61 -7.50 -14.09
CA GLU A 63 -6.91 -6.87 -15.20
C GLU A 63 -6.34 -5.51 -14.80
N SER A 64 -7.19 -4.63 -14.27
CA SER A 64 -6.77 -3.30 -13.84
C SER A 64 -6.05 -3.40 -12.51
N LEU A 65 -6.47 -4.39 -11.73
CA LEU A 65 -5.89 -4.63 -10.44
C LEU A 65 -4.39 -4.84 -10.55
N ARG A 66 -4.00 -5.93 -11.19
CA ARG A 66 -2.58 -6.24 -11.35
C ARG A 66 -1.83 -5.10 -12.01
N SER A 67 -2.53 -4.37 -12.88
CA SER A 67 -1.94 -3.24 -13.59
C SER A 67 -1.34 -2.23 -12.61
N LYS A 68 -2.09 -1.89 -11.58
CA LYS A 68 -1.64 -0.92 -10.59
C LYS A 68 -0.61 -1.54 -9.65
N VAL A 69 -0.95 -2.70 -9.10
CA VAL A 69 -0.05 -3.39 -8.18
C VAL A 69 1.30 -3.68 -8.83
N ASP A 70 1.27 -4.22 -10.04
CA ASP A 70 2.50 -4.53 -10.77
C ASP A 70 3.44 -3.35 -10.71
N GLU A 71 2.93 -2.20 -11.15
CA GLU A 71 3.69 -0.97 -11.16
C GLU A 71 4.35 -0.74 -9.81
N ALA A 72 3.56 -0.86 -8.74
CA ALA A 72 4.08 -0.68 -7.40
C ALA A 72 5.40 -1.41 -7.22
N VAL A 73 5.38 -2.70 -7.50
CA VAL A 73 6.58 -3.52 -7.36
C VAL A 73 7.77 -2.90 -8.08
N ALA A 74 7.54 -2.37 -9.27
CA ALA A 74 8.61 -1.75 -10.03
C ALA A 74 9.02 -0.42 -9.39
N VAL A 75 8.05 0.48 -9.21
CA VAL A 75 8.30 1.79 -8.63
C VAL A 75 8.65 1.73 -7.15
N LEU A 76 7.70 1.24 -6.36
CA LEU A 76 7.88 1.14 -4.91
C LEU A 76 9.17 0.43 -4.54
N GLN A 77 9.34 -0.80 -5.04
CA GLN A 77 10.55 -1.55 -4.74
C GLN A 77 11.79 -0.70 -5.05
N ALA A 78 11.65 0.17 -6.05
CA ALA A 78 12.74 1.07 -6.43
C ALA A 78 12.80 2.28 -5.50
N HIS A 79 11.66 2.95 -5.32
CA HIS A 79 11.57 4.13 -4.46
C HIS A 79 11.71 3.76 -2.99
N GLN A 80 11.68 2.47 -2.69
CA GLN A 80 11.83 1.99 -1.32
C GLN A 80 13.23 2.27 -0.78
N ALA A 81 14.22 1.65 -1.40
CA ALA A 81 15.62 1.83 -0.99
C ALA A 81 15.84 1.28 0.41
N LYS A 82 17.04 0.77 0.65
CA LYS A 82 17.40 0.21 1.95
C LYS A 82 17.49 1.30 3.01
N GLU A 83 17.34 0.91 4.27
CA GLU A 83 17.40 1.86 5.39
C GLU A 83 18.84 2.04 5.86
N ALA A 84 19.73 2.34 4.93
CA ALA A 84 21.14 2.53 5.26
C ALA A 84 21.32 3.70 6.22
N ALA A 85 20.85 4.88 5.81
CA ALA A 85 20.96 6.07 6.64
C ALA A 85 20.15 5.93 7.93
N GLN A 86 20.82 6.03 9.07
CA GLN A 86 20.17 5.91 10.36
C GLN A 86 19.36 7.15 10.68
N LYS A 87 18.92 7.28 11.93
CA LYS A 87 18.13 8.42 12.36
C LYS A 87 19.03 9.56 12.84
N ALA A 88 20.11 9.81 12.10
CA ALA A 88 21.05 10.87 12.46
C ALA A 88 20.58 12.22 11.91
N VAL A 89 19.88 12.98 12.73
CA VAL A 89 19.40 14.29 12.32
C VAL A 89 20.46 15.37 12.54
N ASN A 90 21.65 15.12 12.00
CA ASN A 90 22.76 16.07 12.14
C ASN A 90 22.94 16.86 10.85
N SER A 91 21.88 17.57 10.45
CA SER A 91 21.93 18.38 9.23
C SER A 91 22.51 19.76 9.52
N ALA A 92 23.83 19.83 9.64
CA ALA A 92 24.51 21.09 9.91
C ALA A 92 24.67 21.91 8.65
N THR A 93 24.64 21.24 7.49
CA THR A 93 24.78 21.92 6.21
C THR A 93 23.42 22.06 5.53
N GLY A 94 22.88 23.28 5.57
CA GLY A 94 21.59 23.54 4.94
C GLY A 94 21.71 23.86 3.47
N VAL A 95 22.33 25.01 3.17
CA VAL A 95 22.50 25.43 1.78
C VAL A 95 23.72 24.75 1.15
N PRO A 96 23.69 24.52 -0.18
CA PRO A 96 24.79 23.88 -0.89
C PRO A 96 26.03 24.76 -0.95
N THR A 97 27.14 24.25 -0.44
CA THR A 97 28.39 25.00 -0.44
C THR A 97 29.09 24.90 -1.79
N VAL A 98 28.40 25.35 -2.84
CA VAL A 98 28.95 25.32 -4.20
C VAL A 98 29.17 26.72 -4.73
N VAL B 1 10.38 7.36 -22.69
CA VAL B 1 10.01 8.03 -21.42
C VAL B 1 10.43 7.21 -20.21
N LEU B 2 11.41 7.70 -19.47
CA LEU B 2 11.89 7.00 -18.29
C LEU B 2 11.21 7.51 -17.03
N MET B 3 9.89 7.62 -17.11
CA MET B 3 9.09 8.10 -15.98
C MET B 3 8.92 6.99 -14.94
N SER B 4 8.15 7.29 -13.90
CA SER B 4 7.90 6.32 -12.84
C SER B 4 6.73 5.43 -13.22
N LYS B 5 6.24 4.66 -12.26
CA LYS B 5 5.12 3.77 -12.51
C LYS B 5 3.78 4.46 -12.27
N LEU B 6 2.70 3.73 -12.51
CA LEU B 6 1.35 4.26 -12.32
C LEU B 6 1.08 4.49 -10.83
N SER B 7 1.54 3.57 -10.00
CA SER B 7 1.34 3.66 -8.56
C SER B 7 2.65 4.00 -7.85
N VAL B 8 3.08 5.25 -8.02
CA VAL B 8 4.31 5.72 -7.39
C VAL B 8 4.31 5.48 -5.89
N ASN B 9 5.40 5.86 -5.22
CA ASN B 9 5.50 5.68 -3.78
C ASN B 9 4.72 6.75 -3.01
N ALA B 10 3.44 6.93 -3.35
CA ALA B 10 2.62 7.95 -2.69
C ALA B 10 2.67 7.84 -1.16
N PRO B 11 1.91 8.70 -0.45
CA PRO B 11 1.88 8.71 1.03
C PRO B 11 1.63 7.33 1.61
N GLU B 12 1.23 7.26 2.87
CA GLU B 12 0.93 6.00 3.52
C GLU B 12 -0.50 5.54 3.22
N PHE B 13 -0.92 4.49 3.90
CA PHE B 13 -2.26 3.93 3.74
C PHE B 13 -3.15 4.34 4.91
N TYR B 14 -4.20 5.09 4.61
CA TYR B 14 -5.17 5.56 5.60
C TYR B 14 -6.57 5.00 5.33
N PRO B 15 -7.53 5.20 6.26
CA PRO B 15 -8.92 4.74 6.10
C PRO B 15 -9.62 5.43 4.93
N SER B 16 -9.56 4.79 3.79
CA SER B 16 -10.19 5.31 2.59
C SER B 16 -11.67 5.61 2.83
N GLY B 17 -12.43 4.59 3.17
CA GLY B 17 -13.84 4.76 3.43
C GLY B 17 -14.10 5.18 4.87
N TYR B 18 -13.45 6.25 5.30
CA TYR B 18 -13.62 6.75 6.66
C TYR B 18 -15.02 7.32 6.85
N SER B 19 -15.72 6.85 7.89
CA SER B 19 -17.08 7.33 8.17
C SER B 19 -17.03 8.49 9.16
N SER B 20 -18.04 9.36 9.08
CA SER B 20 -18.12 10.51 9.96
C SER B 20 -19.07 10.26 11.13
N SER B 21 -18.53 10.29 12.35
CA SER B 21 -19.33 10.06 13.54
C SER B 21 -19.32 11.30 14.44
N TYR B 22 -20.42 12.06 14.43
CA TYR B 22 -20.54 13.26 15.23
C TYR B 22 -21.46 13.02 16.43
N GLY A 1 1.33 -19.92 12.63
CA GLY A 1 0.57 -20.63 11.57
C GLY A 1 1.07 -20.30 10.17
N PRO A 2 0.18 -20.37 9.16
CA PRO A 2 0.56 -20.06 7.78
C PRO A 2 0.84 -18.58 7.56
N LEU A 3 0.92 -18.18 6.29
CA LEU A 3 1.19 -16.79 5.95
C LEU A 3 -0.10 -16.04 5.65
N GLY A 4 -1.07 -16.74 5.06
CA GLY A 4 -2.34 -16.12 4.73
C GLY A 4 -3.37 -16.29 5.82
N SER A 5 -2.95 -16.12 7.08
CA SER A 5 -3.86 -16.26 8.21
C SER A 5 -4.74 -15.01 8.37
N PRO A 6 -4.14 -13.81 8.33
CA PRO A 6 -4.89 -12.56 8.47
C PRO A 6 -6.03 -12.45 7.46
N LEU A 7 -7.26 -12.59 7.95
CA LEU A 7 -8.44 -12.50 7.10
C LEU A 7 -8.85 -11.05 6.89
N THR A 8 -9.19 -10.71 5.65
CA THR A 8 -9.55 -9.34 5.30
C THR A 8 -11.03 -9.10 5.54
N ALA A 9 -11.86 -10.10 5.29
CA ALA A 9 -13.29 -9.95 5.52
C ALA A 9 -13.52 -9.64 6.99
N SER A 10 -13.29 -10.62 7.85
CA SER A 10 -13.50 -10.45 9.28
C SER A 10 -12.69 -9.29 9.84
N MET A 11 -11.60 -8.91 9.17
CA MET A 11 -10.78 -7.81 9.65
C MET A 11 -11.60 -6.53 9.63
N LEU A 12 -12.37 -6.36 8.57
CA LEU A 12 -13.23 -5.19 8.42
C LEU A 12 -14.20 -5.11 9.60
N ALA A 13 -14.96 -6.18 9.79
CA ALA A 13 -15.92 -6.26 10.90
C ALA A 13 -15.21 -6.38 12.25
N SER A 14 -13.88 -6.28 12.24
CA SER A 14 -13.10 -6.37 13.46
C SER A 14 -12.68 -4.99 13.95
N ALA A 15 -13.22 -3.94 13.33
CA ALA A 15 -12.89 -2.57 13.73
C ALA A 15 -14.15 -1.69 13.78
N PRO A 16 -14.19 -0.74 14.73
CA PRO A 16 -15.32 0.18 14.90
C PRO A 16 -15.83 0.74 13.58
N PRO A 17 -16.90 1.56 13.63
CA PRO A 17 -17.50 2.17 12.44
C PRO A 17 -16.48 2.82 11.51
N GLN A 18 -15.99 4.01 11.89
CA GLN A 18 -15.01 4.73 11.07
C GLN A 18 -13.77 3.90 10.81
N GLU A 19 -13.55 2.88 11.61
CA GLU A 19 -12.38 2.02 11.43
C GLU A 19 -12.69 0.94 10.38
N GLN A 20 -13.44 1.32 9.36
CA GLN A 20 -13.75 0.40 8.26
C GLN A 20 -12.50 0.13 7.43
N LYS A 21 -12.26 1.02 6.49
CA LYS A 21 -11.10 0.94 5.59
C LYS A 21 -9.82 1.46 6.28
N GLN A 22 -9.86 1.57 7.59
CA GLN A 22 -8.72 2.05 8.36
C GLN A 22 -7.52 1.13 8.22
N MET A 23 -7.66 -0.10 8.70
CA MET A 23 -6.57 -1.06 8.63
C MET A 23 -6.15 -1.29 7.17
N LEU A 24 -6.76 -2.27 6.50
CA LEU A 24 -6.43 -2.58 5.10
C LEU A 24 -6.73 -1.42 4.15
N GLY A 25 -6.19 -0.22 4.43
CA GLY A 25 -6.45 0.91 3.56
C GLY A 25 -7.80 0.82 2.87
N GLU A 26 -7.85 1.21 1.60
CA GLU A 26 -9.08 1.13 0.84
C GLU A 26 -9.35 -0.33 0.45
N ARG A 27 -8.76 -0.74 -0.67
CA ARG A 27 -8.92 -2.10 -1.19
C ARG A 27 -7.61 -2.67 -1.72
N LEU A 28 -6.50 -2.01 -1.40
CA LEU A 28 -5.18 -2.45 -1.87
C LEU A 28 -4.66 -3.65 -1.10
N PHE A 29 -4.75 -3.61 0.22
CA PHE A 29 -4.27 -4.69 1.06
C PHE A 29 -4.80 -6.04 0.55
N PRO A 30 -6.10 -6.14 0.27
CA PRO A 30 -6.72 -7.37 -0.24
C PRO A 30 -6.08 -7.83 -1.55
N LEU A 31 -5.90 -6.88 -2.47
CA LEU A 31 -5.32 -7.18 -3.77
C LEU A 31 -3.83 -7.50 -3.66
N ILE A 32 -3.14 -6.70 -2.89
CA ILE A 32 -1.72 -6.90 -2.68
C ILE A 32 -1.51 -8.20 -1.91
N GLN A 33 -2.35 -8.42 -0.89
CA GLN A 33 -2.27 -9.64 -0.11
C GLN A 33 -2.14 -10.85 -1.03
N ALA A 34 -2.95 -10.83 -2.10
CA ALA A 34 -2.96 -11.91 -3.08
C ALA A 34 -1.58 -12.10 -3.72
N MET A 35 -0.86 -11.01 -3.86
CA MET A 35 0.48 -11.05 -4.46
C MET A 35 1.57 -11.05 -3.38
N HIS A 36 1.52 -10.08 -2.48
CA HIS A 36 2.49 -9.99 -1.39
C HIS A 36 3.93 -9.92 -1.90
N PRO A 37 4.23 -9.03 -2.86
CA PRO A 37 5.60 -8.91 -3.34
C PRO A 37 6.51 -8.39 -2.25
N THR A 38 6.37 -7.11 -1.93
CA THR A 38 7.21 -6.48 -0.91
C THR A 38 6.50 -6.43 0.44
N LEU A 39 5.33 -5.79 0.47
CA LEU A 39 4.57 -5.66 1.71
C LEU A 39 3.15 -5.15 1.44
N ALA A 40 2.18 -6.02 1.63
CA ALA A 40 0.76 -5.68 1.45
C ALA A 40 0.37 -4.39 2.17
N GLY A 41 0.72 -4.31 3.45
CA GLY A 41 0.37 -3.12 4.23
C GLY A 41 1.00 -1.84 3.70
N LYS A 42 2.28 -1.90 3.40
CA LYS A 42 3.00 -0.72 2.91
C LYS A 42 2.71 -0.42 1.44
N ILE A 43 2.66 -1.46 0.60
CA ILE A 43 2.39 -1.28 -0.82
C ILE A 43 1.11 -0.47 -1.01
N THR A 44 0.13 -0.75 -0.16
CA THR A 44 -1.16 -0.08 -0.22
C THR A 44 -1.02 1.43 -0.05
N GLY A 45 -0.24 1.87 0.94
CA GLY A 45 -0.05 3.29 1.17
C GLY A 45 0.45 4.01 -0.05
N MET A 46 1.20 3.30 -0.86
CA MET A 46 1.77 3.87 -2.07
C MET A 46 0.70 4.00 -3.17
N LEU A 47 0.11 2.86 -3.56
CA LEU A 47 -0.88 2.88 -4.62
C LEU A 47 -2.04 3.80 -4.24
N LEU A 48 -2.21 4.06 -2.93
CA LEU A 48 -3.29 4.90 -2.44
C LEU A 48 -3.30 6.31 -3.08
N GLU A 49 -2.56 6.47 -4.17
CA GLU A 49 -2.50 7.76 -4.87
C GLU A 49 -3.80 8.02 -5.63
N ILE A 50 -4.67 7.02 -5.69
CA ILE A 50 -5.95 7.15 -6.38
C ILE A 50 -7.12 7.22 -5.41
N ASP A 51 -8.32 7.45 -5.94
CA ASP A 51 -9.55 7.52 -5.13
C ASP A 51 -10.00 6.13 -4.67
N ASN A 52 -10.58 6.05 -3.48
CA ASN A 52 -11.08 4.78 -2.96
C ASN A 52 -11.93 4.05 -4.01
N SER A 53 -12.51 4.81 -4.93
CA SER A 53 -13.38 4.26 -5.97
C SER A 53 -12.59 3.48 -7.03
N GLU A 54 -11.32 3.82 -7.20
CA GLU A 54 -10.50 3.14 -8.21
C GLU A 54 -10.10 1.75 -7.74
N LEU A 55 -9.75 1.63 -6.48
CA LEU A 55 -9.35 0.35 -5.90
C LEU A 55 -10.51 -0.64 -5.95
N LEU A 56 -11.73 -0.13 -5.83
CA LEU A 56 -12.91 -0.98 -5.89
C LEU A 56 -13.05 -1.59 -7.28
N HIS A 57 -12.71 -0.79 -8.29
CA HIS A 57 -12.78 -1.23 -9.69
C HIS A 57 -11.78 -2.33 -9.97
N MET A 58 -10.53 -2.12 -9.57
CA MET A 58 -9.48 -3.11 -9.79
C MET A 58 -9.76 -4.37 -8.97
N LEU A 59 -10.30 -4.17 -7.77
CA LEU A 59 -10.59 -5.29 -6.89
C LEU A 59 -11.59 -6.25 -7.52
N GLU A 60 -12.40 -5.74 -8.44
CA GLU A 60 -13.37 -6.58 -9.13
C GLU A 60 -12.85 -7.00 -10.51
N SER A 61 -11.65 -6.52 -10.86
CA SER A 61 -11.05 -6.83 -12.15
C SER A 61 -9.52 -6.98 -12.01
N PRO A 62 -9.02 -8.23 -11.88
CA PRO A 62 -7.59 -8.50 -11.74
C PRO A 62 -6.76 -7.85 -12.84
N GLU A 63 -7.37 -7.66 -14.00
CA GLU A 63 -6.70 -7.06 -15.14
C GLU A 63 -6.17 -5.67 -14.81
N SER A 64 -7.07 -4.78 -14.39
CA SER A 64 -6.68 -3.42 -14.03
C SER A 64 -5.92 -3.44 -12.72
N LEU A 65 -6.31 -4.34 -11.83
CA LEU A 65 -5.69 -4.44 -10.54
C LEU A 65 -4.20 -4.69 -10.67
N ARG A 66 -3.82 -5.80 -11.30
CA ARG A 66 -2.42 -6.13 -11.46
C ARG A 66 -1.66 -4.99 -12.14
N SER A 67 -2.36 -4.25 -12.99
CA SER A 67 -1.75 -3.13 -13.70
C SER A 67 -1.16 -2.12 -12.72
N LYS A 68 -1.93 -1.77 -11.69
CA LYS A 68 -1.47 -0.81 -10.69
C LYS A 68 -0.52 -1.46 -9.69
N VAL A 69 -0.92 -2.61 -9.15
CA VAL A 69 -0.09 -3.33 -8.20
C VAL A 69 1.27 -3.65 -8.79
N ASP A 70 1.25 -4.25 -9.98
CA ASP A 70 2.49 -4.61 -10.68
C ASP A 70 3.46 -3.45 -10.64
N GLU A 71 3.01 -2.32 -11.17
CA GLU A 71 3.84 -1.13 -11.19
C GLU A 71 4.38 -0.85 -9.79
N ALA A 72 3.50 -0.96 -8.80
CA ALA A 72 3.86 -0.74 -7.40
C ALA A 72 5.16 -1.45 -7.06
N VAL A 73 5.17 -2.76 -7.23
CA VAL A 73 6.35 -3.54 -6.92
C VAL A 73 7.58 -2.94 -7.58
N ALA A 74 7.41 -2.45 -8.81
CA ALA A 74 8.52 -1.83 -9.52
C ALA A 74 8.86 -0.46 -8.91
N VAL A 75 7.88 0.43 -8.90
CA VAL A 75 8.08 1.78 -8.37
C VAL A 75 8.39 1.80 -6.89
N LEU A 76 7.44 1.34 -6.10
CA LEU A 76 7.58 1.36 -4.64
C LEU A 76 8.89 0.75 -4.21
N GLN A 77 9.14 -0.49 -4.63
CA GLN A 77 10.38 -1.15 -4.27
C GLN A 77 11.57 -0.23 -4.59
N ALA A 78 11.41 0.58 -5.63
CA ALA A 78 12.44 1.53 -6.06
C ALA A 78 12.41 2.82 -5.24
N HIS A 79 11.28 3.54 -5.28
CA HIS A 79 11.13 4.80 -4.57
C HIS A 79 11.35 4.60 -3.07
N GLN A 80 10.80 3.52 -2.53
CA GLN A 80 10.96 3.21 -1.11
C GLN A 80 12.40 2.79 -0.82
N ALA A 81 12.87 1.79 -1.54
CA ALA A 81 14.23 1.28 -1.37
C ALA A 81 14.46 0.78 0.05
N LYS A 82 15.35 -0.19 0.20
CA LYS A 82 15.65 -0.77 1.51
C LYS A 82 16.45 0.22 2.35
N GLU A 83 15.76 0.90 3.26
CA GLU A 83 16.40 1.88 4.14
C GLU A 83 16.94 1.20 5.40
N ALA A 84 18.20 0.79 5.32
CA ALA A 84 18.85 0.13 6.46
C ALA A 84 19.20 1.14 7.55
N ALA A 85 18.93 0.77 8.79
CA ALA A 85 19.23 1.65 9.92
C ALA A 85 20.72 1.63 10.24
N GLN A 86 21.23 2.74 10.76
CA GLN A 86 22.64 2.84 11.11
C GLN A 86 22.89 2.28 12.51
N LYS A 87 21.98 1.44 12.99
CA LYS A 87 22.11 0.83 14.31
C LYS A 87 22.90 -0.47 14.23
N ALA A 88 24.02 -0.44 13.51
CA ALA A 88 24.85 -1.62 13.35
C ALA A 88 25.81 -1.76 14.53
N VAL A 89 25.88 -2.96 15.10
CA VAL A 89 26.76 -3.22 16.23
C VAL A 89 28.11 -3.75 15.77
N ASN A 90 28.58 -3.26 14.63
CA ASN A 90 29.86 -3.67 14.08
C ASN A 90 30.99 -2.89 14.74
N SER A 91 32.18 -3.47 14.74
CA SER A 91 33.35 -2.81 15.34
C SER A 91 34.06 -1.93 14.32
N ALA A 92 33.27 -1.25 13.47
CA ALA A 92 33.83 -0.38 12.46
C ALA A 92 34.30 0.93 13.07
N THR A 93 33.52 1.46 14.01
CA THR A 93 33.85 2.70 14.68
C THR A 93 34.18 2.45 16.15
N GLY A 94 35.46 2.32 16.46
CA GLY A 94 35.89 2.08 17.83
C GLY A 94 36.12 3.37 18.60
N VAL A 95 35.43 3.51 19.73
CA VAL A 95 35.58 4.71 20.55
C VAL A 95 36.60 4.51 21.68
N PRO A 96 36.41 3.50 22.55
CA PRO A 96 37.35 3.24 23.66
C PRO A 96 38.66 2.65 23.16
N THR A 97 39.66 2.62 24.04
CA THR A 97 40.97 2.07 23.70
C THR A 97 41.19 0.74 24.39
N VAL A 98 40.99 0.71 25.70
CA VAL A 98 41.16 -0.51 26.48
C VAL A 98 39.99 -0.74 27.42
N VAL B 1 14.31 11.55 -17.70
CA VAL B 1 14.43 10.15 -17.18
C VAL B 1 13.51 9.89 -15.99
N LEU B 2 12.36 10.54 -15.97
CA LEU B 2 11.41 10.35 -14.89
C LEU B 2 10.36 9.30 -15.29
N MET B 3 10.84 8.16 -15.73
CA MET B 3 9.96 7.08 -16.18
C MET B 3 9.49 6.25 -14.98
N SER B 4 8.80 6.90 -14.05
CA SER B 4 8.27 6.21 -12.88
C SER B 4 7.12 5.30 -13.30
N LYS B 5 6.53 4.61 -12.33
CA LYS B 5 5.42 3.72 -12.61
C LYS B 5 4.08 4.45 -12.49
N LEU B 6 2.99 3.69 -12.56
CA LEU B 6 1.66 4.27 -12.47
C LEU B 6 1.28 4.56 -11.01
N SER B 7 1.67 3.65 -10.12
CA SER B 7 1.37 3.81 -8.70
C SER B 7 2.52 4.45 -7.96
N VAL B 8 2.62 5.77 -8.05
CA VAL B 8 3.68 6.52 -7.38
C VAL B 8 3.75 6.15 -5.89
N ASN B 9 4.91 6.37 -5.28
CA ASN B 9 5.10 6.06 -3.87
C ASN B 9 4.44 7.12 -2.97
N ALA B 10 3.13 7.34 -3.16
CA ALA B 10 2.40 8.33 -2.39
C ALA B 10 2.61 8.11 -0.88
N PRO B 11 2.05 9.00 -0.03
CA PRO B 11 2.20 8.89 1.43
C PRO B 11 1.86 7.48 1.95
N GLU B 12 1.43 7.39 3.20
CA GLU B 12 1.06 6.11 3.78
C GLU B 12 -0.37 5.72 3.42
N PHE B 13 -0.83 4.61 4.00
CA PHE B 13 -2.19 4.13 3.76
C PHE B 13 -3.08 4.47 4.94
N TYR B 14 -4.15 5.24 4.66
CA TYR B 14 -5.12 5.64 5.67
C TYR B 14 -6.51 5.12 5.31
N PRO B 15 -7.49 5.24 6.23
CA PRO B 15 -8.87 4.79 5.99
C PRO B 15 -9.54 5.49 4.81
N SER B 16 -9.52 4.85 3.66
CA SER B 16 -10.13 5.40 2.45
C SER B 16 -11.57 5.82 2.72
N GLY B 17 -12.45 4.84 2.90
CA GLY B 17 -13.84 5.13 3.16
C GLY B 17 -14.10 5.37 4.65
N TYR B 18 -13.38 6.32 5.23
CA TYR B 18 -13.53 6.66 6.63
C TYR B 18 -14.90 7.29 6.88
N SER B 19 -15.57 6.85 7.94
CA SER B 19 -16.89 7.40 8.28
C SER B 19 -16.76 8.81 8.83
N SER B 20 -17.14 9.80 8.02
CA SER B 20 -17.06 11.19 8.43
C SER B 20 -18.35 11.66 9.09
N SER B 21 -19.39 11.88 8.30
CA SER B 21 -20.67 12.32 8.81
C SER B 21 -21.75 11.27 8.57
N TYR B 22 -22.94 11.51 9.10
CA TYR B 22 -24.05 10.58 8.96
C TYR B 22 -24.88 10.92 7.72
N GLY A 1 3.62 -15.92 -5.12
CA GLY A 1 3.78 -15.39 -3.74
C GLY A 1 3.07 -16.24 -2.70
N PRO A 2 3.31 -15.99 -1.40
CA PRO A 2 2.68 -16.75 -0.32
C PRO A 2 1.19 -16.46 -0.19
N LEU A 3 0.50 -17.29 0.59
CA LEU A 3 -0.94 -17.12 0.79
C LEU A 3 -1.19 -16.09 1.90
N GLY A 4 -2.44 -15.62 1.98
CA GLY A 4 -2.80 -14.65 2.99
C GLY A 4 -3.65 -15.25 4.10
N SER A 5 -3.12 -15.30 5.31
CA SER A 5 -3.84 -15.86 6.45
C SER A 5 -4.86 -14.87 6.99
N PRO A 6 -4.44 -13.62 7.25
CA PRO A 6 -5.34 -12.57 7.78
C PRO A 6 -6.56 -12.38 6.88
N LEU A 7 -7.74 -12.52 7.48
CA LEU A 7 -8.99 -12.37 6.75
C LEU A 7 -9.32 -10.89 6.54
N THR A 8 -9.69 -10.52 5.32
CA THR A 8 -9.99 -9.14 5.00
C THR A 8 -11.45 -8.83 5.29
N ALA A 9 -12.32 -9.79 5.02
CA ALA A 9 -13.74 -9.60 5.31
C ALA A 9 -13.94 -9.32 6.80
N SER A 10 -13.69 -10.33 7.62
CA SER A 10 -13.87 -10.21 9.06
C SER A 10 -13.03 -9.07 9.64
N MET A 11 -11.93 -8.72 8.98
CA MET A 11 -11.08 -7.65 9.48
C MET A 11 -11.85 -6.34 9.48
N LEU A 12 -12.59 -6.09 8.41
CA LEU A 12 -13.40 -4.88 8.31
C LEU A 12 -14.35 -4.78 9.49
N ALA A 13 -15.18 -5.81 9.66
CA ALA A 13 -16.14 -5.86 10.76
C ALA A 13 -15.45 -6.09 12.10
N SER A 14 -14.12 -6.07 12.10
CA SER A 14 -13.35 -6.26 13.33
C SER A 14 -12.83 -4.93 13.86
N ALA A 15 -13.26 -3.82 13.25
CA ALA A 15 -12.83 -2.51 13.68
C ALA A 15 -14.01 -1.56 13.82
N PRO A 16 -13.97 -0.64 14.81
CA PRO A 16 -15.04 0.32 15.06
C PRO A 16 -15.62 0.92 13.78
N PRO A 17 -16.65 1.77 13.91
CA PRO A 17 -17.29 2.42 12.76
C PRO A 17 -16.29 3.05 11.78
N GLN A 18 -15.77 4.23 12.14
CA GLN A 18 -14.82 4.93 11.29
C GLN A 18 -13.58 4.10 10.99
N GLU A 19 -13.35 3.07 11.81
CA GLU A 19 -12.20 2.21 11.59
C GLU A 19 -12.55 1.10 10.61
N GLN A 20 -13.32 1.45 9.59
CA GLN A 20 -13.67 0.50 8.54
C GLN A 20 -12.44 0.20 7.70
N LYS A 21 -12.20 1.07 6.73
CA LYS A 21 -11.07 0.96 5.81
C LYS A 21 -9.78 1.48 6.44
N GLN A 22 -9.78 1.58 7.78
CA GLN A 22 -8.60 2.07 8.50
C GLN A 22 -7.41 1.14 8.31
N MET A 23 -7.55 -0.08 8.78
CA MET A 23 -6.48 -1.05 8.66
C MET A 23 -6.08 -1.25 7.19
N LEU A 24 -6.72 -2.21 6.51
CA LEU A 24 -6.42 -2.47 5.10
C LEU A 24 -6.73 -1.27 4.21
N GLY A 25 -6.20 -0.08 4.52
CA GLY A 25 -6.48 1.07 3.69
C GLY A 25 -7.84 0.96 3.00
N GLU A 26 -7.91 1.38 1.75
CA GLU A 26 -9.15 1.29 0.98
C GLU A 26 -9.42 -0.16 0.55
N ARG A 27 -8.81 -0.53 -0.58
CA ARG A 27 -8.97 -1.88 -1.15
C ARG A 27 -7.65 -2.40 -1.70
N LEU A 28 -6.55 -1.77 -1.30
CA LEU A 28 -5.24 -2.17 -1.76
C LEU A 28 -4.72 -3.42 -1.07
N PHE A 29 -4.77 -3.42 0.26
CA PHE A 29 -4.33 -4.56 1.06
C PHE A 29 -4.85 -5.87 0.47
N PRO A 30 -6.15 -5.94 0.15
CA PRO A 30 -6.76 -7.14 -0.44
C PRO A 30 -6.10 -7.53 -1.76
N LEU A 31 -5.89 -6.53 -2.60
CA LEU A 31 -5.29 -6.74 -3.91
C LEU A 31 -3.83 -7.15 -3.79
N ILE A 32 -3.08 -6.37 -3.02
CA ILE A 32 -1.69 -6.66 -2.83
C ILE A 32 -1.52 -7.94 -2.03
N GLN A 33 -2.34 -8.10 -0.98
CA GLN A 33 -2.28 -9.33 -0.19
C GLN A 33 -2.20 -10.52 -1.12
N ALA A 34 -3.01 -10.49 -2.18
CA ALA A 34 -3.04 -11.56 -3.17
C ALA A 34 -1.67 -11.81 -3.78
N MET A 35 -0.91 -10.74 -3.94
CA MET A 35 0.44 -10.84 -4.53
C MET A 35 1.52 -10.84 -3.45
N HIS A 36 1.45 -9.89 -2.52
CA HIS A 36 2.41 -9.80 -1.43
C HIS A 36 3.86 -9.69 -1.94
N PRO A 37 4.15 -8.77 -2.86
CA PRO A 37 5.50 -8.59 -3.36
C PRO A 37 6.42 -8.09 -2.25
N THR A 38 6.25 -6.83 -1.89
CA THR A 38 7.08 -6.22 -0.85
C THR A 38 6.41 -6.26 0.52
N LEU A 39 5.26 -5.61 0.63
CA LEU A 39 4.52 -5.57 1.89
C LEU A 39 3.11 -5.00 1.69
N ALA A 40 2.11 -5.86 1.83
CA ALA A 40 0.71 -5.47 1.66
C ALA A 40 0.35 -4.23 2.48
N GLY A 41 0.75 -4.21 3.75
CA GLY A 41 0.42 -3.08 4.60
C GLY A 41 0.96 -1.76 4.06
N LYS A 42 2.29 -1.63 4.03
CA LYS A 42 2.95 -0.40 3.56
C LYS A 42 2.68 -0.11 2.09
N ILE A 43 2.70 -1.16 1.28
CA ILE A 43 2.47 -1.02 -0.16
C ILE A 43 1.17 -0.26 -0.43
N THR A 44 0.14 -0.59 0.35
CA THR A 44 -1.17 0.04 0.21
C THR A 44 -1.06 1.56 0.26
N GLY A 45 -0.28 2.07 1.21
CA GLY A 45 -0.11 3.52 1.31
C GLY A 45 0.42 4.11 0.03
N MET A 46 1.26 3.36 -0.65
CA MET A 46 1.86 3.81 -1.90
C MET A 46 0.84 3.84 -3.03
N LEU A 47 0.27 2.68 -3.37
CA LEU A 47 -0.70 2.63 -4.46
C LEU A 47 -1.88 3.55 -4.13
N LEU A 48 -2.06 3.87 -2.84
CA LEU A 48 -3.16 4.74 -2.40
C LEU A 48 -3.11 6.13 -3.02
N GLU A 49 -2.43 6.25 -4.16
CA GLU A 49 -2.34 7.52 -4.86
C GLU A 49 -3.66 7.83 -5.57
N ILE A 50 -4.54 6.83 -5.66
CA ILE A 50 -5.82 6.98 -6.32
C ILE A 50 -6.99 7.04 -5.31
N ASP A 51 -8.20 7.27 -5.82
CA ASP A 51 -9.40 7.33 -5.00
C ASP A 51 -9.86 5.94 -4.54
N ASN A 52 -10.42 5.84 -3.33
CA ASN A 52 -10.92 4.55 -2.81
C ASN A 52 -11.76 3.84 -3.86
N SER A 53 -12.35 4.61 -4.77
CA SER A 53 -13.22 4.06 -5.81
C SER A 53 -12.45 3.28 -6.88
N GLU A 54 -11.21 3.65 -7.12
CA GLU A 54 -10.40 2.97 -8.13
C GLU A 54 -9.89 1.62 -7.63
N LEU A 55 -9.45 1.60 -6.38
CA LEU A 55 -8.94 0.38 -5.77
C LEU A 55 -10.02 -0.70 -5.76
N LEU A 56 -11.26 -0.26 -5.62
CA LEU A 56 -12.39 -1.18 -5.62
C LEU A 56 -12.54 -1.83 -6.98
N HIS A 57 -12.45 -1.01 -8.02
CA HIS A 57 -12.56 -1.47 -9.41
C HIS A 57 -11.52 -2.55 -9.69
N MET A 58 -10.31 -2.34 -9.17
CA MET A 58 -9.22 -3.28 -9.36
C MET A 58 -9.58 -4.65 -8.78
N LEU A 59 -10.09 -4.62 -7.55
CA LEU A 59 -10.47 -5.86 -6.88
C LEU A 59 -11.54 -6.61 -7.68
N GLU A 60 -12.25 -5.90 -8.53
CA GLU A 60 -13.30 -6.50 -9.34
C GLU A 60 -12.75 -6.91 -10.71
N SER A 61 -11.55 -6.44 -11.05
CA SER A 61 -10.94 -6.78 -12.33
C SER A 61 -9.43 -6.96 -12.19
N PRO A 62 -8.96 -8.21 -12.03
CA PRO A 62 -7.53 -8.51 -11.89
C PRO A 62 -6.68 -7.88 -13.00
N GLU A 63 -7.31 -7.69 -14.15
CA GLU A 63 -6.64 -7.12 -15.32
C GLU A 63 -6.08 -5.74 -15.01
N SER A 64 -6.96 -4.80 -14.72
CA SER A 64 -6.55 -3.45 -14.39
C SER A 64 -5.86 -3.43 -13.04
N LEU A 65 -6.34 -4.31 -12.17
CA LEU A 65 -5.80 -4.41 -10.82
C LEU A 65 -4.31 -4.69 -10.87
N ARG A 66 -3.93 -5.81 -11.47
CA ARG A 66 -2.51 -6.16 -11.54
C ARG A 66 -1.71 -5.07 -12.23
N SER A 67 -2.37 -4.35 -13.13
CA SER A 67 -1.72 -3.27 -13.86
C SER A 67 -1.14 -2.23 -12.91
N LYS A 68 -1.92 -1.82 -11.93
CA LYS A 68 -1.50 -0.82 -10.96
C LYS A 68 -0.53 -1.41 -9.94
N VAL A 69 -0.92 -2.53 -9.34
CA VAL A 69 -0.09 -3.20 -8.33
C VAL A 69 1.29 -3.54 -8.90
N ASP A 70 1.31 -4.19 -10.05
CA ASP A 70 2.57 -4.57 -10.71
C ASP A 70 3.47 -3.34 -10.84
N GLU A 71 2.92 -2.30 -11.45
CA GLU A 71 3.64 -1.04 -11.65
C GLU A 71 4.29 -0.56 -10.37
N ALA A 72 3.48 -0.33 -9.35
CA ALA A 72 3.99 0.14 -8.07
C ALA A 72 5.16 -0.71 -7.59
N VAL A 73 5.04 -2.03 -7.74
CA VAL A 73 6.11 -2.92 -7.32
C VAL A 73 7.43 -2.47 -7.93
N ALA A 74 7.35 -1.90 -9.13
CA ALA A 74 8.53 -1.40 -9.82
C ALA A 74 9.01 -0.11 -9.17
N VAL A 75 8.15 0.90 -9.15
CA VAL A 75 8.49 2.20 -8.56
C VAL A 75 8.72 2.08 -7.06
N LEU A 76 7.70 1.58 -6.35
CA LEU A 76 7.75 1.44 -4.89
C LEU A 76 9.01 0.71 -4.45
N GLN A 77 9.11 -0.55 -4.86
CA GLN A 77 10.26 -1.37 -4.48
C GLN A 77 11.56 -0.60 -4.75
N ALA A 78 11.52 0.28 -5.74
CA ALA A 78 12.67 1.10 -6.10
C ALA A 78 12.80 2.31 -5.17
N HIS A 79 11.71 3.06 -5.01
CA HIS A 79 11.70 4.25 -4.16
C HIS A 79 11.93 3.89 -2.70
N GLN A 80 11.33 2.79 -2.27
CA GLN A 80 11.46 2.33 -0.89
C GLN A 80 12.88 1.83 -0.62
N ALA A 81 13.51 1.29 -1.65
CA ALA A 81 14.87 0.78 -1.53
C ALA A 81 15.90 1.89 -1.68
N LYS A 82 15.80 2.90 -0.83
CA LYS A 82 16.73 4.02 -0.86
C LYS A 82 18.13 3.58 -0.46
N GLU A 83 18.22 2.79 0.60
CA GLU A 83 19.51 2.29 1.06
C GLU A 83 20.05 1.20 0.15
N ALA A 84 20.49 1.60 -1.04
CA ALA A 84 21.03 0.68 -2.02
C ALA A 84 22.31 0.03 -1.51
N ALA A 85 22.95 -0.77 -2.36
CA ALA A 85 24.19 -1.44 -2.00
C ALA A 85 25.38 -0.50 -2.13
N GLN A 86 26.56 -0.99 -1.76
CA GLN A 86 27.78 -0.19 -1.83
C GLN A 86 28.38 -0.24 -3.23
N LYS A 87 28.11 0.78 -4.03
CA LYS A 87 28.62 0.87 -5.39
C LYS A 87 30.08 1.33 -5.41
N ALA A 88 30.57 1.79 -4.26
CA ALA A 88 31.94 2.26 -4.15
C ALA A 88 32.93 1.11 -4.24
N VAL A 89 34.22 1.44 -4.19
CA VAL A 89 35.27 0.43 -4.26
C VAL A 89 35.86 0.17 -2.88
N ASN A 90 35.92 -1.10 -2.50
CA ASN A 90 36.47 -1.48 -1.20
C ASN A 90 37.99 -1.58 -1.26
N SER A 91 38.62 -0.53 -1.74
CA SER A 91 40.08 -0.49 -1.86
C SER A 91 40.69 0.33 -0.72
N ALA A 92 40.23 1.56 -0.58
CA ALA A 92 40.73 2.45 0.48
C ALA A 92 39.92 2.30 1.75
N THR A 93 40.52 1.66 2.76
CA THR A 93 39.85 1.45 4.04
C THR A 93 40.40 2.40 5.10
N GLY A 94 41.64 2.84 4.91
CA GLY A 94 42.26 3.74 5.87
C GLY A 94 41.92 5.19 5.58
N VAL A 95 41.19 5.81 6.50
CA VAL A 95 40.80 7.21 6.35
C VAL A 95 41.85 8.14 6.95
N PRO A 96 41.93 9.38 6.46
CA PRO A 96 42.90 10.36 6.96
C PRO A 96 42.57 10.80 8.39
N THR A 97 43.12 10.09 9.37
CA THR A 97 42.88 10.42 10.77
C THR A 97 43.84 11.51 11.25
N VAL A 98 44.03 12.53 10.42
CA VAL A 98 44.93 13.63 10.75
C VAL A 98 44.27 14.97 10.45
N VAL B 1 14.87 9.27 -19.09
CA VAL B 1 15.79 8.14 -18.81
C VAL B 1 15.17 7.13 -17.83
N LEU B 2 14.69 7.64 -16.70
CA LEU B 2 14.07 6.78 -15.70
C LEU B 2 12.57 6.68 -15.91
N MET B 3 12.12 5.53 -16.37
CA MET B 3 10.70 5.30 -16.62
C MET B 3 9.98 4.86 -15.35
N SER B 4 9.09 5.72 -14.87
CA SER B 4 8.32 5.41 -13.67
C SER B 4 7.05 4.65 -14.03
N LYS B 5 6.47 3.96 -13.07
CA LYS B 5 5.26 3.20 -13.31
C LYS B 5 4.01 4.02 -12.98
N LEU B 6 2.85 3.36 -12.97
CA LEU B 6 1.58 4.04 -12.70
C LEU B 6 1.38 4.32 -11.21
N SER B 7 1.84 3.43 -10.35
CA SER B 7 1.69 3.63 -8.92
C SER B 7 3.06 3.87 -8.26
N VAL B 8 3.29 5.11 -7.84
CA VAL B 8 4.55 5.46 -7.20
C VAL B 8 4.45 5.33 -5.69
N ASN B 9 5.48 5.77 -4.98
CA ASN B 9 5.50 5.68 -3.53
C ASN B 9 4.63 6.77 -2.87
N ALA B 10 3.37 6.86 -3.29
CA ALA B 10 2.45 7.87 -2.75
C ALA B 10 2.45 7.89 -1.21
N PRO B 11 1.60 8.75 -0.60
CA PRO B 11 1.51 8.88 0.86
C PRO B 11 1.31 7.53 1.55
N GLU B 12 0.87 7.56 2.81
CA GLU B 12 0.60 6.34 3.55
C GLU B 12 -0.80 5.78 3.23
N PHE B 13 -1.13 4.68 3.90
CA PHE B 13 -2.43 4.05 3.74
C PHE B 13 -3.31 4.36 4.95
N TYR B 14 -4.34 5.16 4.69
CA TYR B 14 -5.28 5.55 5.74
C TYR B 14 -6.70 5.05 5.41
N PRO B 15 -7.64 5.19 6.36
CA PRO B 15 -9.04 4.77 6.15
C PRO B 15 -9.71 5.54 5.02
N SER B 16 -9.65 4.99 3.83
CA SER B 16 -10.26 5.61 2.65
C SER B 16 -11.71 5.97 2.93
N GLY B 17 -12.53 4.96 3.15
CA GLY B 17 -13.93 5.20 3.45
C GLY B 17 -14.15 5.59 4.89
N TYR B 18 -13.48 6.65 5.33
CA TYR B 18 -13.60 7.13 6.70
C TYR B 18 -15.00 7.70 6.95
N SER B 19 -15.97 6.83 7.19
CA SER B 19 -17.34 7.26 7.45
C SER B 19 -17.46 7.86 8.84
N SER B 20 -18.70 8.16 9.25
CA SER B 20 -18.95 8.74 10.56
C SER B 20 -19.24 7.65 11.59
N SER B 21 -18.79 7.88 12.83
CA SER B 21 -19.00 6.92 13.90
C SER B 21 -20.24 7.29 14.73
N TYR B 22 -21.25 7.82 14.04
CA TYR B 22 -22.49 8.22 14.71
C TYR B 22 -23.58 7.18 14.48
N GLY A 1 -4.81 -25.47 -2.86
CA GLY A 1 -3.40 -25.17 -2.48
C GLY A 1 -3.29 -24.48 -1.14
N PRO A 2 -2.10 -23.95 -0.79
CA PRO A 2 -1.90 -23.27 0.50
C PRO A 2 -2.61 -21.93 0.58
N LEU A 3 -3.46 -21.77 1.60
CA LEU A 3 -4.22 -20.54 1.79
C LEU A 3 -3.53 -19.66 2.83
N GLY A 4 -3.97 -18.41 2.93
CA GLY A 4 -3.38 -17.49 3.88
C GLY A 4 -4.07 -17.54 5.23
N SER A 5 -3.49 -16.90 6.24
CA SER A 5 -4.07 -16.90 7.58
C SER A 5 -4.89 -15.63 7.82
N PRO A 6 -4.30 -14.44 7.63
CA PRO A 6 -5.02 -13.18 7.84
C PRO A 6 -6.27 -13.07 6.97
N LEU A 7 -7.39 -12.69 7.59
CA LEU A 7 -8.65 -12.56 6.88
C LEU A 7 -8.99 -11.08 6.65
N THR A 8 -9.28 -10.74 5.41
CA THR A 8 -9.59 -9.36 5.06
C THR A 8 -11.06 -9.05 5.24
N ALA A 9 -11.92 -10.00 4.90
CA ALA A 9 -13.34 -9.81 5.08
C ALA A 9 -13.65 -9.55 6.56
N SER A 10 -13.47 -10.58 7.38
CA SER A 10 -13.74 -10.46 8.81
C SER A 10 -12.93 -9.33 9.46
N MET A 11 -11.79 -8.98 8.87
CA MET A 11 -10.95 -7.93 9.43
C MET A 11 -11.72 -6.60 9.42
N LEU A 12 -12.43 -6.37 8.33
CA LEU A 12 -13.22 -5.15 8.21
C LEU A 12 -14.27 -5.08 9.31
N ALA A 13 -15.08 -6.12 9.42
CA ALA A 13 -16.11 -6.17 10.45
C ALA A 13 -15.49 -6.39 11.84
N SER A 14 -14.15 -6.36 11.89
CA SER A 14 -13.43 -6.52 13.15
C SER A 14 -12.93 -5.18 13.69
N ALA A 15 -13.38 -4.09 13.08
CA ALA A 15 -12.97 -2.75 13.52
C ALA A 15 -14.17 -1.81 13.63
N PRO A 16 -14.13 -0.88 14.61
CA PRO A 16 -15.21 0.09 14.85
C PRO A 16 -15.76 0.71 13.56
N PRO A 17 -16.80 1.56 13.69
CA PRO A 17 -17.43 2.22 12.55
C PRO A 17 -16.41 2.88 11.61
N GLN A 18 -15.94 4.07 11.97
CA GLN A 18 -14.96 4.78 11.14
C GLN A 18 -13.72 3.94 10.90
N GLU A 19 -13.53 2.91 11.72
CA GLU A 19 -12.38 2.03 11.58
C GLU A 19 -12.67 0.94 10.54
N GLN A 20 -13.41 1.31 9.49
CA GLN A 20 -13.71 0.38 8.41
C GLN A 20 -12.44 0.10 7.60
N LYS A 21 -12.23 0.97 6.61
CA LYS A 21 -11.07 0.87 5.72
C LYS A 21 -9.81 1.42 6.38
N GLN A 22 -9.84 1.56 7.70
CA GLN A 22 -8.69 2.09 8.43
C GLN A 22 -7.50 1.15 8.36
N MET A 23 -7.68 -0.08 8.84
CA MET A 23 -6.60 -1.05 8.81
C MET A 23 -6.11 -1.27 7.39
N LEU A 24 -6.63 -2.30 6.73
CA LEU A 24 -6.24 -2.64 5.37
C LEU A 24 -6.58 -1.54 4.35
N GLY A 25 -6.10 -0.32 4.55
CA GLY A 25 -6.38 0.75 3.61
C GLY A 25 -7.76 0.64 3.00
N GLU A 26 -7.89 1.09 1.76
CA GLU A 26 -9.17 1.01 1.06
C GLU A 26 -9.45 -0.45 0.66
N ARG A 27 -8.87 -0.85 -0.47
CA ARG A 27 -9.03 -2.20 -1.00
C ARG A 27 -7.70 -2.75 -1.56
N LEU A 28 -6.61 -2.06 -1.24
CA LEU A 28 -5.28 -2.45 -1.74
C LEU A 28 -4.74 -3.69 -1.04
N PHE A 29 -4.78 -3.70 0.29
CA PHE A 29 -4.27 -4.83 1.07
C PHE A 29 -4.76 -6.15 0.50
N PRO A 30 -6.08 -6.27 0.22
CA PRO A 30 -6.66 -7.49 -0.34
C PRO A 30 -6.03 -7.86 -1.68
N LEU A 31 -5.83 -6.86 -2.52
CA LEU A 31 -5.25 -7.07 -3.85
C LEU A 31 -3.76 -7.40 -3.73
N ILE A 32 -3.04 -6.57 -3.00
CA ILE A 32 -1.63 -6.80 -2.83
C ILE A 32 -1.40 -8.05 -2.02
N GLN A 33 -2.21 -8.26 -0.98
CA GLN A 33 -2.09 -9.46 -0.18
C GLN A 33 -1.94 -10.67 -1.09
N ALA A 34 -2.74 -10.67 -2.16
CA ALA A 34 -2.73 -11.73 -3.15
C ALA A 34 -1.34 -11.92 -3.75
N MET A 35 -0.63 -10.82 -3.90
CA MET A 35 0.72 -10.86 -4.47
C MET A 35 1.80 -10.83 -3.39
N HIS A 36 1.71 -9.86 -2.49
CA HIS A 36 2.65 -9.73 -1.38
C HIS A 36 4.09 -9.52 -1.84
N PRO A 37 4.33 -8.65 -2.84
CA PRO A 37 5.69 -8.37 -3.30
C PRO A 37 6.55 -7.87 -2.14
N THR A 38 6.35 -6.60 -1.78
CA THR A 38 7.12 -5.98 -0.71
C THR A 38 6.44 -6.13 0.64
N LEU A 39 5.30 -5.46 0.80
CA LEU A 39 4.55 -5.50 2.04
C LEU A 39 3.14 -4.98 1.83
N ALA A 40 2.16 -5.89 1.89
CA ALA A 40 0.76 -5.53 1.72
C ALA A 40 0.36 -4.29 2.52
N GLY A 41 0.68 -4.27 3.80
CA GLY A 41 0.32 -3.14 4.63
C GLY A 41 0.87 -1.81 4.12
N LYS A 42 2.19 -1.69 4.14
CA LYS A 42 2.87 -0.47 3.70
C LYS A 42 2.64 -0.17 2.21
N ILE A 43 2.64 -1.20 1.38
CA ILE A 43 2.44 -1.03 -0.06
C ILE A 43 1.14 -0.27 -0.34
N THR A 44 0.12 -0.60 0.43
CA THR A 44 -1.19 0.01 0.29
C THR A 44 -1.10 1.53 0.30
N GLY A 45 -0.35 2.05 1.26
CA GLY A 45 -0.21 3.50 1.36
C GLY A 45 0.33 4.10 0.09
N MET A 46 1.26 3.40 -0.54
CA MET A 46 1.86 3.89 -1.77
C MET A 46 0.86 3.86 -2.92
N LEU A 47 0.34 2.69 -3.23
CA LEU A 47 -0.61 2.56 -4.31
C LEU A 47 -1.82 3.46 -4.04
N LEU A 48 -2.05 3.79 -2.77
CA LEU A 48 -3.21 4.63 -2.39
C LEU A 48 -3.19 6.02 -3.04
N GLU A 49 -2.51 6.15 -4.18
CA GLU A 49 -2.45 7.41 -4.89
C GLU A 49 -3.76 7.70 -5.61
N ILE A 50 -4.64 6.70 -5.67
CA ILE A 50 -5.92 6.84 -6.34
C ILE A 50 -7.07 6.90 -5.33
N ASP A 51 -8.28 7.21 -5.80
CA ASP A 51 -9.46 7.27 -4.93
C ASP A 51 -9.95 5.87 -4.53
N ASN A 52 -10.57 5.78 -3.35
CA ASN A 52 -11.11 4.51 -2.88
C ASN A 52 -11.96 3.84 -3.96
N SER A 53 -12.53 4.65 -4.85
CA SER A 53 -13.39 4.16 -5.91
C SER A 53 -12.61 3.38 -6.96
N GLU A 54 -11.36 3.77 -7.21
CA GLU A 54 -10.56 3.08 -8.21
C GLU A 54 -10.07 1.74 -7.66
N LEU A 55 -9.71 1.72 -6.39
CA LEU A 55 -9.25 0.50 -5.75
C LEU A 55 -10.32 -0.59 -5.81
N LEU A 56 -11.57 -0.16 -5.80
CA LEU A 56 -12.69 -1.09 -5.87
C LEU A 56 -12.74 -1.76 -7.24
N HIS A 57 -12.57 -0.95 -8.29
CA HIS A 57 -12.58 -1.45 -9.66
C HIS A 57 -11.53 -2.53 -9.83
N MET A 58 -10.39 -2.33 -9.19
CA MET A 58 -9.30 -3.29 -9.28
C MET A 58 -9.68 -4.61 -8.61
N LEU A 59 -10.31 -4.51 -7.45
CA LEU A 59 -10.74 -5.70 -6.70
C LEU A 59 -11.72 -6.54 -7.52
N GLU A 60 -12.52 -5.88 -8.35
CA GLU A 60 -13.50 -6.57 -9.18
C GLU A 60 -12.96 -6.83 -10.59
N SER A 61 -11.80 -6.24 -10.88
CA SER A 61 -11.18 -6.41 -12.19
C SER A 61 -9.69 -6.66 -12.06
N PRO A 62 -9.27 -7.93 -11.95
CA PRO A 62 -7.85 -8.30 -11.82
C PRO A 62 -6.98 -7.66 -12.89
N GLU A 63 -7.54 -7.51 -14.08
CA GLU A 63 -6.83 -6.91 -15.20
C GLU A 63 -6.28 -5.53 -14.85
N SER A 64 -7.16 -4.65 -14.39
CA SER A 64 -6.76 -3.30 -14.00
C SER A 64 -6.05 -3.33 -12.66
N LEU A 65 -6.43 -4.30 -11.85
CA LEU A 65 -5.85 -4.46 -10.53
C LEU A 65 -4.34 -4.61 -10.63
N ARG A 66 -3.91 -5.67 -11.29
CA ARG A 66 -2.49 -5.92 -11.46
C ARG A 66 -1.78 -4.75 -12.12
N SER A 67 -2.49 -4.08 -13.01
CA SER A 67 -1.92 -2.93 -13.71
C SER A 67 -1.31 -1.93 -12.74
N LYS A 68 -2.03 -1.64 -11.66
CA LYS A 68 -1.55 -0.68 -10.67
C LYS A 68 -0.57 -1.32 -9.69
N VAL A 69 -0.94 -2.47 -9.14
CA VAL A 69 -0.09 -3.17 -8.20
C VAL A 69 1.27 -3.48 -8.82
N ASP A 70 1.25 -4.16 -9.95
CA ASP A 70 2.48 -4.53 -10.66
C ASP A 70 3.38 -3.31 -10.82
N GLU A 71 2.85 -2.27 -11.45
CA GLU A 71 3.60 -1.05 -11.68
C GLU A 71 4.25 -0.55 -10.40
N ALA A 72 3.45 -0.40 -9.35
CA ALA A 72 3.96 0.06 -8.08
C ALA A 72 5.13 -0.78 -7.58
N VAL A 73 5.04 -2.10 -7.74
CA VAL A 73 6.12 -2.97 -7.29
C VAL A 73 7.44 -2.46 -7.87
N ALA A 74 7.36 -1.91 -9.07
CA ALA A 74 8.52 -1.36 -9.73
C ALA A 74 8.94 -0.04 -9.09
N VAL A 75 8.04 0.95 -9.12
CA VAL A 75 8.32 2.25 -8.53
C VAL A 75 8.58 2.15 -7.03
N LEU A 76 7.61 1.64 -6.29
CA LEU A 76 7.72 1.50 -4.84
C LEU A 76 9.02 0.82 -4.43
N GLN A 77 9.24 -0.38 -4.95
CA GLN A 77 10.45 -1.13 -4.62
C GLN A 77 11.69 -0.25 -4.83
N ALA A 78 11.61 0.62 -5.84
CA ALA A 78 12.71 1.51 -6.16
C ALA A 78 12.70 2.75 -5.27
N HIS A 79 11.53 3.36 -5.12
CA HIS A 79 11.37 4.56 -4.30
C HIS A 79 11.60 4.25 -2.81
N GLN A 80 11.72 2.97 -2.48
CA GLN A 80 11.94 2.56 -1.09
C GLN A 80 13.42 2.70 -0.70
N ALA A 81 14.18 3.45 -1.49
CA ALA A 81 15.60 3.65 -1.23
C ALA A 81 15.95 5.13 -1.25
N LYS A 82 14.92 5.99 -1.25
CA LYS A 82 15.14 7.43 -1.27
C LYS A 82 15.49 7.96 0.11
N GLU A 83 15.64 9.28 0.21
CA GLU A 83 15.99 9.92 1.48
C GLU A 83 14.76 10.08 2.37
N ALA A 84 14.98 9.98 3.68
CA ALA A 84 13.90 10.12 4.65
C ALA A 84 13.42 11.57 4.73
N ALA A 85 14.27 12.50 4.30
CA ALA A 85 13.92 13.90 4.32
C ALA A 85 12.74 14.20 3.40
N GLN A 86 11.56 14.32 3.99
CA GLN A 86 10.35 14.59 3.22
C GLN A 86 10.15 16.10 3.01
N LYS A 87 10.47 16.88 4.04
CA LYS A 87 10.32 18.33 3.97
C LYS A 87 11.63 18.99 3.56
N ALA A 88 12.72 18.23 3.59
CA ALA A 88 14.03 18.75 3.22
C ALA A 88 14.31 18.57 1.73
N VAL A 89 13.26 18.33 0.95
CA VAL A 89 13.41 18.15 -0.49
C VAL A 89 13.29 19.48 -1.21
N ASN A 90 14.22 19.75 -2.12
CA ASN A 90 14.21 21.00 -2.87
C ASN A 90 13.60 20.80 -4.25
N SER A 91 12.42 21.40 -4.46
CA SER A 91 11.73 21.31 -5.73
C SER A 91 12.07 22.51 -6.61
N ALA A 92 12.63 22.24 -7.78
CA ALA A 92 13.00 23.31 -8.71
C ALA A 92 11.81 23.74 -9.57
N THR A 93 10.62 23.28 -9.19
CA THR A 93 9.40 23.63 -9.93
C THR A 93 8.51 24.56 -9.12
N GLY A 94 8.65 24.51 -7.80
CA GLY A 94 7.84 25.35 -6.94
C GLY A 94 8.58 26.61 -6.50
N VAL A 95 8.77 26.77 -5.20
CA VAL A 95 9.46 27.93 -4.66
C VAL A 95 10.95 27.65 -4.47
N PRO A 96 11.82 28.53 -5.01
CA PRO A 96 13.28 28.36 -4.89
C PRO A 96 13.76 28.57 -3.47
N THR A 97 13.62 27.53 -2.65
CA THR A 97 14.05 27.59 -1.25
C THR A 97 15.41 26.95 -1.08
N VAL A 98 16.16 27.40 -0.07
CA VAL A 98 17.49 26.86 0.20
C VAL A 98 17.60 26.40 1.64
N VAL B 1 13.44 -1.59 -13.60
CA VAL B 1 12.99 -1.72 -12.19
C VAL B 1 12.93 -0.37 -11.49
N LEU B 2 13.86 0.52 -11.84
CA LEU B 2 13.91 1.85 -11.25
C LEU B 2 13.17 2.87 -12.12
N MET B 3 12.28 2.37 -12.99
CA MET B 3 11.52 3.24 -13.88
C MET B 3 10.21 3.67 -13.24
N SER B 4 9.67 4.79 -13.70
CA SER B 4 8.41 5.32 -13.19
C SER B 4 7.22 4.54 -13.73
N LYS B 5 6.37 4.03 -12.84
CA LYS B 5 5.21 3.26 -13.25
C LYS B 5 3.91 3.99 -12.93
N LEU B 6 2.79 3.27 -13.04
CA LEU B 6 1.46 3.83 -12.80
C LEU B 6 1.23 4.18 -11.33
N SER B 7 1.71 3.34 -10.40
CA SER B 7 1.55 3.60 -8.98
C SER B 7 2.88 3.96 -8.33
N VAL B 8 3.06 5.23 -8.00
CA VAL B 8 4.29 5.69 -7.38
C VAL B 8 4.25 5.51 -5.87
N ASN B 9 5.30 5.97 -5.18
CA ASN B 9 5.39 5.85 -3.74
C ASN B 9 4.52 6.89 -3.01
N ALA B 10 3.23 6.94 -3.36
CA ALA B 10 2.30 7.90 -2.76
C ALA B 10 2.37 7.88 -1.23
N PRO B 11 1.56 8.74 -0.58
CA PRO B 11 1.52 8.83 0.89
C PRO B 11 1.32 7.46 1.56
N GLU B 12 0.91 7.46 2.82
CA GLU B 12 0.65 6.22 3.54
C GLU B 12 -0.76 5.69 3.24
N PHE B 13 -1.13 4.61 3.92
CA PHE B 13 -2.47 4.04 3.76
C PHE B 13 -3.33 4.39 4.96
N TYR B 14 -4.39 5.16 4.70
CA TYR B 14 -5.33 5.58 5.72
C TYR B 14 -6.74 5.05 5.44
N PRO B 15 -7.68 5.21 6.39
CA PRO B 15 -9.06 4.76 6.21
C PRO B 15 -9.74 5.46 5.04
N SER B 16 -9.71 4.81 3.89
CA SER B 16 -10.32 5.34 2.68
C SER B 16 -11.77 5.70 2.93
N GLY B 17 -12.58 4.69 3.22
CA GLY B 17 -13.99 4.91 3.49
C GLY B 17 -14.23 5.33 4.93
N TYR B 18 -13.55 6.39 5.35
CA TYR B 18 -13.71 6.90 6.71
C TYR B 18 -15.11 7.45 6.90
N SER B 19 -15.70 7.20 8.07
CA SER B 19 -17.05 7.69 8.36
C SER B 19 -17.01 9.11 8.92
N SER B 20 -16.21 9.97 8.30
CA SER B 20 -16.09 11.36 8.73
C SER B 20 -16.82 12.28 7.76
N SER B 21 -16.66 12.01 6.46
CA SER B 21 -17.30 12.80 5.43
C SER B 21 -18.32 11.98 4.65
N TYR B 22 -17.94 10.74 4.32
CA TYR B 22 -18.82 9.84 3.58
C TYR B 22 -19.43 8.81 4.52
N GLY A 1 -3.70 -22.56 6.30
CA GLY A 1 -2.79 -23.68 6.74
C GLY A 1 -1.33 -23.37 6.50
N PRO A 2 -0.87 -23.47 5.24
CA PRO A 2 0.54 -23.20 4.89
C PRO A 2 0.88 -21.72 5.00
N LEU A 3 -0.07 -20.86 4.65
CA LEU A 3 0.13 -19.42 4.73
C LEU A 3 -0.50 -18.84 5.99
N GLY A 4 0.31 -18.15 6.79
CA GLY A 4 -0.19 -17.57 8.02
C GLY A 4 -0.46 -16.08 7.88
N SER A 5 -1.36 -15.73 6.95
CA SER A 5 -1.71 -14.33 6.73
C SER A 5 -3.03 -13.99 7.41
N PRO A 6 -3.14 -12.79 8.00
CA PRO A 6 -4.36 -12.36 8.68
C PRO A 6 -5.61 -12.52 7.82
N LEU A 7 -6.78 -12.32 8.42
CA LEU A 7 -8.05 -12.45 7.72
C LEU A 7 -8.55 -11.10 7.24
N THR A 8 -8.88 -11.01 5.96
CA THR A 8 -9.33 -9.75 5.36
C THR A 8 -10.81 -9.58 5.55
N ALA A 9 -11.57 -10.66 5.50
CA ALA A 9 -13.00 -10.59 5.71
C ALA A 9 -13.27 -10.01 7.10
N SER A 10 -12.92 -10.79 8.13
CA SER A 10 -13.15 -10.38 9.50
C SER A 10 -12.50 -9.03 9.81
N MET A 11 -11.45 -8.67 9.07
CA MET A 11 -10.78 -7.40 9.31
C MET A 11 -11.75 -6.26 9.04
N LEU A 12 -12.46 -6.37 7.93
CA LEU A 12 -13.44 -5.36 7.55
C LEU A 12 -14.59 -5.32 8.55
N ALA A 13 -15.27 -6.44 8.73
CA ALA A 13 -16.39 -6.53 9.67
C ALA A 13 -15.92 -6.48 11.13
N SER A 14 -14.66 -6.12 11.33
CA SER A 14 -14.11 -6.01 12.68
C SER A 14 -14.35 -4.60 13.24
N ALA A 15 -14.14 -3.60 12.39
CA ALA A 15 -14.30 -2.21 12.79
C ALA A 15 -15.19 -1.43 11.81
N PRO A 16 -16.47 -1.85 11.67
CA PRO A 16 -17.43 -1.20 10.78
C PRO A 16 -17.34 0.32 10.79
N PRO A 17 -17.30 0.95 12.00
CA PRO A 17 -17.23 2.41 12.13
C PRO A 17 -16.12 3.03 11.29
N GLN A 18 -15.67 4.22 11.68
CA GLN A 18 -14.62 4.93 10.96
C GLN A 18 -13.39 4.06 10.75
N GLU A 19 -13.26 2.99 11.54
CA GLU A 19 -12.13 2.08 11.41
C GLU A 19 -12.44 0.98 10.39
N GLN A 20 -13.18 1.34 9.35
CA GLN A 20 -13.51 0.41 8.29
C GLN A 20 -12.25 0.09 7.48
N LYS A 21 -11.98 0.95 6.50
CA LYS A 21 -10.83 0.84 5.62
C LYS A 21 -9.56 1.35 6.31
N GLN A 22 -9.60 1.46 7.63
CA GLN A 22 -8.44 1.94 8.39
C GLN A 22 -7.25 1.01 8.26
N MET A 23 -7.37 -0.19 8.83
CA MET A 23 -6.30 -1.16 8.77
C MET A 23 -5.88 -1.43 7.33
N LEU A 24 -6.52 -2.38 6.67
CA LEU A 24 -6.19 -2.73 5.28
C LEU A 24 -6.38 -1.57 4.30
N GLY A 25 -5.78 -0.41 4.58
CA GLY A 25 -5.94 0.73 3.67
C GLY A 25 -7.29 0.73 2.96
N GLU A 26 -7.30 1.19 1.71
CA GLU A 26 -8.53 1.19 0.95
C GLU A 26 -8.87 -0.24 0.51
N ARG A 27 -8.28 -0.66 -0.60
CA ARG A 27 -8.49 -2.01 -1.13
C ARG A 27 -7.17 -2.61 -1.66
N LEU A 28 -6.07 -1.98 -1.29
CA LEU A 28 -4.74 -2.42 -1.72
C LEU A 28 -4.26 -3.66 -0.95
N PHE A 29 -4.42 -3.63 0.37
CA PHE A 29 -3.98 -4.74 1.22
C PHE A 29 -4.50 -6.08 0.71
N PRO A 30 -5.79 -6.15 0.36
CA PRO A 30 -6.40 -7.39 -0.16
C PRO A 30 -5.72 -7.83 -1.46
N LEU A 31 -5.53 -6.86 -2.36
CA LEU A 31 -4.90 -7.13 -3.65
C LEU A 31 -3.41 -7.48 -3.50
N ILE A 32 -2.73 -6.67 -2.72
CA ILE A 32 -1.32 -6.89 -2.47
C ILE A 32 -1.15 -8.17 -1.69
N GLN A 33 -2.01 -8.37 -0.69
CA GLN A 33 -1.99 -9.59 0.11
C GLN A 33 -1.81 -10.79 -0.80
N ALA A 34 -2.57 -10.79 -1.90
CA ALA A 34 -2.54 -11.87 -2.88
C ALA A 34 -1.15 -12.06 -3.48
N MET A 35 -0.42 -10.96 -3.62
CA MET A 35 0.93 -11.00 -4.20
C MET A 35 2.01 -10.99 -3.12
N HIS A 36 1.93 -10.02 -2.22
CA HIS A 36 2.89 -9.90 -1.12
C HIS A 36 4.33 -9.76 -1.62
N PRO A 37 4.59 -8.87 -2.58
CA PRO A 37 5.94 -8.67 -3.07
C PRO A 37 6.85 -8.14 -1.95
N THR A 38 6.70 -6.86 -1.62
CA THR A 38 7.52 -6.24 -0.57
C THR A 38 6.80 -6.24 0.77
N LEU A 39 5.63 -5.61 0.80
CA LEU A 39 4.86 -5.52 2.03
C LEU A 39 3.43 -5.03 1.75
N ALA A 40 2.46 -5.92 1.93
CA ALA A 40 1.06 -5.59 1.72
C ALA A 40 0.67 -4.29 2.41
N GLY A 41 1.00 -4.18 3.69
CA GLY A 41 0.65 -2.99 4.45
C GLY A 41 1.28 -1.72 3.90
N LYS A 42 2.55 -1.80 3.53
CA LYS A 42 3.28 -0.63 3.01
C LYS A 42 2.95 -0.34 1.54
N ILE A 43 2.88 -1.40 0.72
CA ILE A 43 2.57 -1.21 -0.69
C ILE A 43 1.29 -0.40 -0.84
N THR A 44 0.29 -0.80 -0.07
CA THR A 44 -1.01 -0.15 -0.09
C THR A 44 -0.88 1.37 0.07
N GLY A 45 -0.14 1.80 1.09
CA GLY A 45 0.04 3.22 1.28
C GLY A 45 0.56 3.89 0.03
N MET A 46 1.18 3.08 -0.83
CA MET A 46 1.75 3.57 -2.07
C MET A 46 0.67 3.84 -3.12
N LEU A 47 0.01 2.78 -3.61
CA LEU A 47 -1.02 2.96 -4.64
C LEU A 47 -2.10 3.89 -4.15
N LEU A 48 -2.26 4.00 -2.83
CA LEU A 48 -3.29 4.85 -2.24
C LEU A 48 -3.24 6.30 -2.75
N GLU A 49 -2.47 6.55 -3.81
CA GLU A 49 -2.37 7.89 -4.40
C GLU A 49 -3.64 8.22 -5.18
N ILE A 50 -4.51 7.24 -5.35
CA ILE A 50 -5.75 7.43 -6.09
C ILE A 50 -6.96 7.45 -5.15
N ASP A 51 -8.17 7.61 -5.72
CA ASP A 51 -9.40 7.64 -4.94
C ASP A 51 -9.79 6.24 -4.45
N ASN A 52 -10.39 6.16 -3.27
CA ASN A 52 -10.83 4.89 -2.72
C ASN A 52 -11.71 4.14 -3.72
N SER A 53 -12.31 4.87 -4.66
CA SER A 53 -13.17 4.27 -5.66
C SER A 53 -12.39 3.49 -6.71
N GLU A 54 -11.13 3.87 -6.91
CA GLU A 54 -10.29 3.20 -7.89
C GLU A 54 -9.80 1.85 -7.36
N LEU A 55 -9.39 1.84 -6.09
CA LEU A 55 -8.90 0.63 -5.45
C LEU A 55 -9.98 -0.45 -5.45
N LEU A 56 -11.21 -0.05 -5.21
CA LEU A 56 -12.33 -0.99 -5.19
C LEU A 56 -12.57 -1.54 -6.59
N HIS A 57 -12.29 -0.70 -7.59
CA HIS A 57 -12.46 -1.10 -8.98
C HIS A 57 -11.49 -2.21 -9.35
N MET A 58 -10.28 -2.11 -8.83
CA MET A 58 -9.23 -3.11 -9.09
C MET A 58 -9.67 -4.48 -8.57
N LEU A 59 -10.17 -4.50 -7.35
CA LEU A 59 -10.61 -5.74 -6.72
C LEU A 59 -11.71 -6.42 -7.51
N GLU A 60 -12.48 -5.65 -8.27
CA GLU A 60 -13.55 -6.21 -9.09
C GLU A 60 -13.07 -6.46 -10.52
N SER A 61 -11.90 -5.91 -10.87
CA SER A 61 -11.35 -6.08 -12.20
C SER A 61 -9.88 -6.50 -12.13
N PRO A 62 -9.61 -7.82 -12.17
CA PRO A 62 -8.23 -8.35 -12.11
C PRO A 62 -7.31 -7.69 -13.12
N GLU A 63 -7.80 -7.49 -14.33
CA GLU A 63 -7.02 -6.87 -15.40
C GLU A 63 -6.42 -5.55 -14.97
N SER A 64 -7.28 -4.68 -14.43
CA SER A 64 -6.85 -3.37 -13.96
C SER A 64 -6.16 -3.52 -12.62
N LEU A 65 -6.59 -4.53 -11.88
CA LEU A 65 -6.05 -4.82 -10.57
C LEU A 65 -4.55 -5.02 -10.63
N ARG A 66 -4.14 -6.08 -11.31
CA ARG A 66 -2.72 -6.38 -11.41
C ARG A 66 -1.97 -5.20 -12.01
N SER A 67 -2.62 -4.51 -12.93
CA SER A 67 -2.02 -3.35 -13.59
C SER A 67 -1.45 -2.36 -12.57
N LYS A 68 -2.25 -2.02 -11.57
CA LYS A 68 -1.83 -1.06 -10.55
C LYS A 68 -0.89 -1.69 -9.52
N VAL A 69 -1.29 -2.82 -8.96
CA VAL A 69 -0.47 -3.51 -7.96
C VAL A 69 0.90 -3.86 -8.54
N ASP A 70 0.91 -4.51 -9.71
CA ASP A 70 2.17 -4.89 -10.34
C ASP A 70 3.11 -3.70 -10.33
N GLU A 71 2.65 -2.61 -10.91
CA GLU A 71 3.42 -1.38 -10.95
C GLU A 71 3.99 -1.06 -9.58
N ALA A 72 3.12 -1.12 -8.58
CA ALA A 72 3.53 -0.84 -7.21
C ALA A 72 4.84 -1.53 -6.87
N VAL A 73 4.91 -2.80 -7.21
CA VAL A 73 6.10 -3.60 -6.95
C VAL A 73 7.33 -2.97 -7.56
N ALA A 74 7.22 -2.52 -8.80
CA ALA A 74 8.35 -1.91 -9.49
C ALA A 74 8.63 -0.50 -8.96
N VAL A 75 7.60 0.34 -8.90
CA VAL A 75 7.76 1.70 -8.42
C VAL A 75 8.18 1.76 -6.97
N LEU A 76 7.31 1.30 -6.09
CA LEU A 76 7.59 1.34 -4.66
C LEU A 76 8.96 0.78 -4.36
N GLN A 77 9.31 -0.29 -5.06
CA GLN A 77 10.61 -0.92 -4.88
C GLN A 77 11.71 0.09 -5.20
N ALA A 78 11.48 0.89 -6.25
CA ALA A 78 12.43 1.91 -6.68
C ALA A 78 12.31 3.18 -5.84
N HIS A 79 11.11 3.75 -5.78
CA HIS A 79 10.85 4.97 -5.02
C HIS A 79 11.03 4.73 -3.52
N GLN A 80 11.29 3.48 -3.13
CA GLN A 80 11.49 3.16 -1.72
C GLN A 80 12.78 3.75 -1.19
N ALA A 81 13.90 3.27 -1.73
CA ALA A 81 15.22 3.74 -1.32
C ALA A 81 16.01 4.27 -2.51
N LYS A 82 16.13 5.58 -2.60
CA LYS A 82 16.86 6.21 -3.69
C LYS A 82 18.37 6.08 -3.45
N GLU A 83 18.94 4.97 -3.91
CA GLU A 83 20.37 4.72 -3.74
C GLU A 83 21.15 5.23 -4.96
N ALA A 84 22.43 5.50 -4.75
CA ALA A 84 23.28 5.98 -5.84
C ALA A 84 23.35 4.95 -6.97
N ALA A 85 22.52 5.13 -7.98
CA ALA A 85 22.51 4.22 -9.12
C ALA A 85 23.72 4.45 -10.01
N GLN A 86 24.91 4.34 -9.43
CA GLN A 86 26.15 4.52 -10.17
C GLN A 86 26.53 3.27 -10.94
N LYS A 87 25.86 3.05 -12.08
CA LYS A 87 26.13 1.89 -12.90
C LYS A 87 27.27 2.15 -13.88
N ALA A 88 27.68 3.42 -13.99
CA ALA A 88 28.77 3.79 -14.89
C ALA A 88 30.11 3.34 -14.36
N VAL A 89 30.65 2.28 -14.95
CA VAL A 89 31.94 1.74 -14.53
C VAL A 89 33.09 2.42 -15.27
N ASN A 90 33.95 3.10 -14.53
CA ASN A 90 35.09 3.80 -15.11
C ASN A 90 36.32 2.90 -15.13
N SER A 91 36.27 1.85 -15.94
CA SER A 91 37.39 0.93 -16.06
C SER A 91 38.48 1.48 -16.96
N ALA A 92 38.10 1.84 -18.19
CA ALA A 92 39.05 2.39 -19.15
C ALA A 92 39.50 3.79 -18.72
N THR A 93 40.41 3.84 -17.76
CA THR A 93 40.93 5.11 -17.26
C THR A 93 42.20 5.52 -18.00
N GLY A 94 42.37 5.02 -19.22
CA GLY A 94 43.55 5.35 -20.00
C GLY A 94 43.28 6.43 -21.03
N VAL A 95 42.08 7.01 -21.00
CA VAL A 95 41.72 8.06 -21.94
C VAL A 95 42.32 9.40 -21.56
N PRO A 96 42.11 9.88 -20.31
CA PRO A 96 42.65 11.16 -19.86
C PRO A 96 44.16 11.13 -19.71
N THR A 97 44.80 12.28 -19.92
CA THR A 97 46.25 12.38 -19.80
C THR A 97 46.67 12.55 -18.34
N VAL A 98 46.00 13.45 -17.64
CA VAL A 98 46.30 13.70 -16.24
C VAL A 98 45.03 13.78 -15.40
N VAL B 1 11.56 8.83 -21.55
CA VAL B 1 10.65 7.71 -21.17
C VAL B 1 10.33 7.75 -19.68
N LEU B 2 9.05 7.68 -19.35
CA LEU B 2 8.61 7.70 -17.97
C LEU B 2 8.89 6.38 -17.28
N MET B 3 9.79 6.41 -16.29
CA MET B 3 10.12 5.20 -15.54
C MET B 3 9.23 5.08 -14.30
N SER B 4 8.22 5.94 -14.21
CA SER B 4 7.29 5.91 -13.10
C SER B 4 6.16 4.94 -13.40
N LYS B 5 5.60 4.35 -12.35
CA LYS B 5 4.53 3.40 -12.50
C LYS B 5 3.17 4.08 -12.49
N LEU B 6 2.09 3.30 -12.63
CA LEU B 6 0.74 3.86 -12.63
C LEU B 6 0.41 4.43 -11.26
N SER B 7 0.93 3.78 -10.23
CA SER B 7 0.69 4.21 -8.86
C SER B 7 1.97 4.73 -8.21
N VAL B 8 2.09 6.04 -8.10
CA VAL B 8 3.27 6.68 -7.50
C VAL B 8 3.39 6.32 -6.01
N ASN B 9 4.59 6.52 -5.45
CA ASN B 9 4.82 6.20 -4.05
C ASN B 9 4.20 7.23 -3.12
N ALA B 10 2.87 7.42 -3.21
CA ALA B 10 2.17 8.36 -2.37
C ALA B 10 2.44 8.12 -0.89
N PRO B 11 1.84 8.94 0.01
CA PRO B 11 2.04 8.80 1.45
C PRO B 11 1.82 7.37 1.95
N GLU B 12 1.45 7.21 3.21
CA GLU B 12 1.18 5.90 3.79
C GLU B 12 -0.23 5.43 3.45
N PHE B 13 -0.64 4.35 4.10
CA PHE B 13 -1.98 3.78 3.90
C PHE B 13 -2.89 4.15 5.08
N TYR B 14 -3.92 4.95 4.80
CA TYR B 14 -4.89 5.37 5.80
C TYR B 14 -6.29 4.87 5.45
N PRO B 15 -7.29 5.09 6.34
CA PRO B 15 -8.69 4.66 6.09
C PRO B 15 -9.33 5.38 4.91
N SER B 16 -9.29 4.72 3.76
CA SER B 16 -9.87 5.27 2.54
C SER B 16 -11.31 5.71 2.76
N GLY B 17 -12.18 4.73 3.02
CA GLY B 17 -13.57 5.03 3.25
C GLY B 17 -13.82 5.44 4.69
N TYR B 18 -13.12 6.48 5.13
CA TYR B 18 -13.28 7.00 6.49
C TYR B 18 -14.63 7.71 6.62
N SER B 19 -15.26 7.56 7.78
CA SER B 19 -16.56 8.19 8.02
C SER B 19 -16.38 9.47 8.83
N SER B 20 -17.11 10.51 8.45
CA SER B 20 -17.03 11.80 9.13
C SER B 20 -18.13 11.93 10.18
N SER B 21 -17.81 11.57 11.42
CA SER B 21 -18.77 11.65 12.51
C SER B 21 -18.36 12.71 13.53
N TYR B 22 -17.14 12.57 14.05
CA TYR B 22 -16.61 13.51 15.03
C TYR B 22 -15.69 14.53 14.38
N GLY A 1 -7.75 -22.61 11.26
CA GLY A 1 -7.44 -23.30 12.55
C GLY A 1 -6.82 -22.37 13.58
N PRO A 2 -5.77 -22.82 14.30
CA PRO A 2 -5.11 -22.00 15.31
C PRO A 2 -4.30 -20.86 14.69
N LEU A 3 -3.98 -20.99 13.40
CA LEU A 3 -3.22 -19.97 12.70
C LEU A 3 -4.12 -18.83 12.24
N GLY A 4 -3.59 -17.62 12.25
CA GLY A 4 -4.36 -16.46 11.84
C GLY A 4 -4.18 -16.13 10.36
N SER A 5 -5.17 -16.51 9.55
CA SER A 5 -5.10 -16.25 8.12
C SER A 5 -5.61 -14.84 7.80
N PRO A 6 -4.75 -13.99 7.22
CA PRO A 6 -5.13 -12.62 6.88
C PRO A 6 -6.41 -12.56 6.06
N LEU A 7 -7.51 -12.21 6.71
CA LEU A 7 -8.80 -12.13 6.03
C LEU A 7 -9.20 -10.67 5.81
N THR A 8 -9.63 -10.36 4.60
CA THR A 8 -10.00 -9.00 4.24
C THR A 8 -11.46 -8.73 4.58
N ALA A 9 -12.32 -9.71 4.38
CA ALA A 9 -13.72 -9.55 4.71
C ALA A 9 -13.85 -9.23 6.19
N SER A 10 -13.55 -10.21 7.03
CA SER A 10 -13.67 -10.05 8.47
C SER A 10 -12.83 -8.89 9.00
N MET A 11 -11.76 -8.53 8.29
CA MET A 11 -10.93 -7.42 8.72
C MET A 11 -11.72 -6.13 8.73
N LEU A 12 -12.49 -5.93 7.68
CA LEU A 12 -13.32 -4.74 7.56
C LEU A 12 -14.27 -4.65 8.75
N ALA A 13 -15.13 -5.65 8.90
CA ALA A 13 -16.08 -5.71 10.01
C ALA A 13 -15.37 -6.00 11.34
N SER A 14 -14.05 -5.95 11.34
CA SER A 14 -13.26 -6.18 12.55
C SER A 14 -12.87 -4.87 13.22
N ALA A 15 -13.41 -3.75 12.73
CA ALA A 15 -13.11 -2.45 13.31
C ALA A 15 -14.37 -1.58 13.37
N PRO A 16 -14.41 -0.62 14.32
CA PRO A 16 -15.55 0.28 14.50
C PRO A 16 -16.19 0.73 13.18
N PRO A 17 -17.34 1.42 13.26
CA PRO A 17 -18.04 1.90 12.06
C PRO A 17 -17.14 2.59 11.06
N GLN A 18 -16.61 3.76 11.43
CA GLN A 18 -15.73 4.53 10.55
C GLN A 18 -14.35 3.90 10.43
N GLU A 19 -14.07 2.92 11.27
CA GLU A 19 -12.78 2.24 11.21
C GLU A 19 -12.87 1.06 10.25
N GLN A 20 -13.53 1.30 9.12
CA GLN A 20 -13.65 0.28 8.09
C GLN A 20 -12.29 0.08 7.43
N LYS A 21 -11.97 0.97 6.50
CA LYS A 21 -10.71 0.96 5.78
C LYS A 21 -9.57 1.56 6.60
N GLN A 22 -9.78 1.69 7.90
CA GLN A 22 -8.77 2.27 8.77
C GLN A 22 -7.50 1.42 8.78
N MET A 23 -7.64 0.18 9.17
CA MET A 23 -6.50 -0.72 9.22
C MET A 23 -5.94 -0.95 7.81
N LEU A 24 -6.35 -2.04 7.17
CA LEU A 24 -5.89 -2.37 5.83
C LEU A 24 -6.29 -1.35 4.78
N GLY A 25 -5.80 -0.12 4.91
CA GLY A 25 -6.11 0.91 3.93
C GLY A 25 -7.49 0.76 3.31
N GLU A 26 -7.61 1.14 2.03
CA GLU A 26 -8.88 1.01 1.32
C GLU A 26 -9.14 -0.46 0.96
N ARG A 27 -8.60 -0.86 -0.18
CA ARG A 27 -8.76 -2.22 -0.69
C ARG A 27 -7.47 -2.75 -1.32
N LEU A 28 -6.36 -2.05 -1.10
CA LEU A 28 -5.08 -2.46 -1.66
C LEU A 28 -4.46 -3.64 -0.91
N PHE A 29 -4.43 -3.55 0.41
CA PHE A 29 -3.87 -4.62 1.23
C PHE A 29 -4.39 -5.97 0.76
N PRO A 30 -5.71 -6.09 0.54
CA PRO A 30 -6.33 -7.33 0.08
C PRO A 30 -5.76 -7.81 -1.25
N LEU A 31 -5.63 -6.88 -2.20
CA LEU A 31 -5.12 -7.18 -3.53
C LEU A 31 -3.64 -7.53 -3.49
N ILE A 32 -2.89 -6.70 -2.81
CA ILE A 32 -1.46 -6.94 -2.71
C ILE A 32 -1.22 -8.19 -1.88
N GLN A 33 -2.01 -8.39 -0.84
CA GLN A 33 -1.88 -9.60 -0.03
C GLN A 33 -1.74 -10.80 -0.97
N ALA A 34 -2.56 -10.80 -2.01
CA ALA A 34 -2.58 -11.88 -3.01
C ALA A 34 -1.22 -12.06 -3.65
N MET A 35 -0.52 -10.96 -3.84
CA MET A 35 0.82 -11.00 -4.47
C MET A 35 1.94 -10.97 -3.43
N HIS A 36 1.86 -10.02 -2.51
CA HIS A 36 2.86 -9.90 -1.45
C HIS A 36 4.28 -9.76 -1.99
N PRO A 37 4.51 -8.86 -2.95
CA PRO A 37 5.85 -8.66 -3.50
C PRO A 37 6.79 -8.11 -2.43
N THR A 38 6.60 -6.85 -2.07
CA THR A 38 7.46 -6.20 -1.08
C THR A 38 6.84 -6.25 0.32
N LEU A 39 5.67 -5.64 0.47
CA LEU A 39 4.98 -5.60 1.76
C LEU A 39 3.55 -5.11 1.58
N ALA A 40 2.58 -6.02 1.74
CA ALA A 40 1.17 -5.66 1.60
C ALA A 40 0.78 -4.45 2.44
N GLY A 41 1.19 -4.42 3.70
CA GLY A 41 0.84 -3.30 4.56
C GLY A 41 1.31 -1.96 4.02
N LYS A 42 2.62 -1.79 3.96
CA LYS A 42 3.23 -0.54 3.49
C LYS A 42 2.92 -0.24 2.02
N ILE A 43 2.93 -1.28 1.19
CA ILE A 43 2.65 -1.12 -0.24
C ILE A 43 1.32 -0.40 -0.47
N THR A 44 0.32 -0.81 0.31
CA THR A 44 -1.01 -0.24 0.21
C THR A 44 -0.98 1.29 0.25
N GLY A 45 -0.19 1.85 1.18
CA GLY A 45 -0.09 3.28 1.28
C GLY A 45 0.41 3.91 -0.01
N MET A 46 1.33 3.23 -0.67
CA MET A 46 1.88 3.72 -1.92
C MET A 46 0.82 3.73 -3.00
N LEU A 47 0.27 2.57 -3.29
CA LEU A 47 -0.75 2.46 -4.32
C LEU A 47 -1.92 3.37 -3.98
N LEU A 48 -2.04 3.75 -2.70
CA LEU A 48 -3.14 4.62 -2.25
C LEU A 48 -3.11 5.99 -2.94
N GLU A 49 -2.41 6.09 -4.06
CA GLU A 49 -2.32 7.33 -4.81
C GLU A 49 -3.62 7.61 -5.56
N ILE A 50 -4.51 6.62 -5.60
CA ILE A 50 -5.77 6.78 -6.30
C ILE A 50 -6.96 6.89 -5.33
N ASP A 51 -8.14 7.16 -5.86
CA ASP A 51 -9.36 7.27 -5.07
C ASP A 51 -9.87 5.90 -4.61
N ASN A 52 -10.38 5.82 -3.38
CA ASN A 52 -10.91 4.58 -2.85
C ASN A 52 -11.84 3.90 -3.87
N SER A 53 -12.43 4.71 -4.74
CA SER A 53 -13.36 4.19 -5.74
C SER A 53 -12.64 3.44 -6.86
N GLU A 54 -11.41 3.84 -7.15
CA GLU A 54 -10.63 3.19 -8.20
C GLU A 54 -10.09 1.84 -7.73
N LEU A 55 -9.48 1.83 -6.56
CA LEU A 55 -8.93 0.60 -6.01
C LEU A 55 -10.01 -0.47 -5.86
N LEU A 56 -11.25 -0.01 -5.71
CA LEU A 56 -12.39 -0.93 -5.58
C LEU A 56 -12.61 -1.67 -6.89
N HIS A 57 -12.60 -0.93 -7.99
CA HIS A 57 -12.82 -1.51 -9.31
C HIS A 57 -11.79 -2.61 -9.58
N MET A 58 -10.61 -2.45 -9.02
CA MET A 58 -9.54 -3.42 -9.19
C MET A 58 -9.82 -4.69 -8.37
N LEU A 59 -10.33 -4.50 -7.16
CA LEU A 59 -10.64 -5.64 -6.29
C LEU A 59 -11.69 -6.55 -6.92
N GLU A 60 -12.55 -5.97 -7.74
CA GLU A 60 -13.59 -6.76 -8.41
C GLU A 60 -13.13 -7.19 -9.80
N SER A 61 -11.97 -6.68 -10.23
CA SER A 61 -11.43 -7.00 -11.54
C SER A 61 -9.89 -7.09 -11.49
N PRO A 62 -9.34 -8.32 -11.35
CA PRO A 62 -7.89 -8.52 -11.28
C PRO A 62 -7.14 -7.85 -12.45
N GLU A 63 -7.85 -7.61 -13.54
CA GLU A 63 -7.25 -6.97 -14.71
C GLU A 63 -6.69 -5.60 -14.37
N SER A 64 -7.55 -4.70 -13.90
CA SER A 64 -7.14 -3.36 -13.54
C SER A 64 -6.26 -3.40 -12.30
N LEU A 65 -6.59 -4.33 -11.41
CA LEU A 65 -5.86 -4.48 -10.17
C LEU A 65 -4.38 -4.70 -10.44
N ARG A 66 -4.06 -5.76 -11.17
CA ARG A 66 -2.67 -6.04 -11.49
C ARG A 66 -1.99 -4.83 -12.12
N SER A 67 -2.79 -4.04 -12.82
CA SER A 67 -2.27 -2.83 -13.48
C SER A 67 -1.59 -1.89 -12.49
N LYS A 68 -2.26 -1.65 -11.36
CA LYS A 68 -1.73 -0.74 -10.34
C LYS A 68 -0.63 -1.42 -9.52
N VAL A 69 -0.90 -2.64 -9.07
CA VAL A 69 0.09 -3.39 -8.28
C VAL A 69 1.40 -3.54 -9.03
N ASP A 70 1.30 -4.06 -10.25
CA ASP A 70 2.48 -4.27 -11.09
C ASP A 70 3.32 -3.01 -11.15
N GLU A 71 2.70 -1.92 -11.58
CA GLU A 71 3.38 -0.63 -11.69
C GLU A 71 4.06 -0.25 -10.39
N ALA A 72 3.27 -0.15 -9.34
CA ALA A 72 3.80 0.20 -8.03
C ALA A 72 5.00 -0.66 -7.66
N VAL A 73 4.90 -1.95 -7.91
CA VAL A 73 6.00 -2.86 -7.60
C VAL A 73 7.28 -2.33 -8.20
N ALA A 74 7.16 -1.66 -9.35
CA ALA A 74 8.31 -1.08 -10.01
C ALA A 74 8.76 0.19 -9.28
N VAL A 75 7.87 1.18 -9.19
CA VAL A 75 8.18 2.44 -8.51
C VAL A 75 8.51 2.21 -7.03
N LEU A 76 7.54 1.68 -6.28
CA LEU A 76 7.72 1.44 -4.85
C LEU A 76 9.01 0.68 -4.57
N GLN A 77 9.11 -0.52 -5.13
CA GLN A 77 10.28 -1.35 -4.93
C GLN A 77 11.55 -0.55 -5.21
N ALA A 78 11.43 0.41 -6.14
CA ALA A 78 12.55 1.26 -6.51
C ALA A 78 12.75 2.40 -5.51
N HIS A 79 11.68 3.16 -5.27
CA HIS A 79 11.74 4.28 -4.34
C HIS A 79 11.90 3.80 -2.90
N GLN A 80 11.74 2.51 -2.68
CA GLN A 80 11.88 1.92 -1.34
C GLN A 80 13.35 1.65 -1.01
N ALA A 81 14.26 2.13 -1.85
CA ALA A 81 15.68 1.93 -1.63
C ALA A 81 16.31 3.14 -0.93
N LYS A 82 15.51 3.84 -0.13
CA LYS A 82 16.00 5.00 0.60
C LYS A 82 16.96 4.57 1.69
N GLU A 83 18.13 5.21 1.73
CA GLU A 83 19.13 4.89 2.74
C GLU A 83 18.84 5.60 4.06
N ALA A 84 17.57 5.66 4.43
CA ALA A 84 17.16 6.31 5.67
C ALA A 84 17.39 5.41 6.87
N ALA A 85 18.49 5.63 7.58
CA ALA A 85 18.82 4.83 8.76
C ALA A 85 17.82 5.08 9.89
N GLN A 86 16.79 4.25 9.95
CA GLN A 86 15.76 4.37 10.97
C GLN A 86 16.26 3.83 12.30
N LYS A 87 17.17 2.86 12.25
CA LYS A 87 17.72 2.26 13.45
C LYS A 87 19.02 2.94 13.86
N ALA A 88 18.93 4.22 14.21
CA ALA A 88 20.10 4.99 14.63
C ALA A 88 20.45 4.71 16.09
N VAL A 89 19.59 3.96 16.77
CA VAL A 89 19.80 3.62 18.17
C VAL A 89 20.68 2.37 18.31
N ASN A 90 20.89 1.94 19.55
CA ASN A 90 21.72 0.77 19.81
C ASN A 90 20.86 -0.48 19.99
N SER A 91 19.72 -0.52 19.30
CA SER A 91 18.81 -1.65 19.39
C SER A 91 19.20 -2.74 18.38
N ALA A 92 19.84 -2.33 17.30
CA ALA A 92 20.27 -3.26 16.26
C ALA A 92 21.59 -3.93 16.63
N THR A 93 22.23 -3.43 17.69
CA THR A 93 23.51 -3.98 18.14
C THR A 93 23.39 -4.60 19.52
N GLY A 94 22.48 -5.56 19.66
CA GLY A 94 22.28 -6.20 20.95
C GLY A 94 23.18 -7.41 21.13
N VAL A 95 23.72 -7.57 22.34
CA VAL A 95 24.61 -8.68 22.63
C VAL A 95 23.85 -9.81 23.35
N PRO A 96 24.00 -11.07 22.87
CA PRO A 96 23.30 -12.22 23.47
C PRO A 96 23.77 -12.49 24.90
N THR A 97 23.30 -13.59 25.47
CA THR A 97 23.68 -13.95 26.83
C THR A 97 24.82 -14.97 26.82
N VAL A 98 26.04 -14.48 26.63
CA VAL A 98 27.22 -15.34 26.61
C VAL A 98 28.32 -14.78 27.50
N VAL B 1 15.79 9.95 -14.38
CA VAL B 1 16.22 8.85 -15.28
C VAL B 1 15.47 7.55 -14.98
N LEU B 2 14.81 7.50 -13.83
CA LEU B 2 14.04 6.32 -13.44
C LEU B 2 12.72 6.25 -14.21
N MET B 3 12.12 5.05 -14.23
CA MET B 3 10.85 4.85 -14.92
C MET B 3 9.68 4.98 -13.95
N SER B 4 8.86 6.01 -14.15
CA SER B 4 7.70 6.23 -13.30
C SER B 4 6.53 5.37 -13.74
N LYS B 5 6.00 4.58 -12.81
CA LYS B 5 4.88 3.70 -13.11
C LYS B 5 3.55 4.34 -12.70
N LEU B 6 2.48 3.55 -12.75
CA LEU B 6 1.14 4.02 -12.41
C LEU B 6 1.01 4.34 -10.92
N SER B 7 1.54 3.47 -10.05
CA SER B 7 1.46 3.69 -8.62
C SER B 7 2.85 3.97 -8.05
N VAL B 8 3.08 5.22 -7.63
CA VAL B 8 4.36 5.61 -7.06
C VAL B 8 4.37 5.41 -5.55
N ASN B 9 5.46 5.83 -4.90
CA ASN B 9 5.58 5.70 -3.46
C ASN B 9 4.69 6.71 -2.72
N ALA B 10 3.41 6.76 -3.10
CA ALA B 10 2.45 7.70 -2.49
C ALA B 10 2.49 7.63 -0.96
N PRO B 11 1.66 8.45 -0.28
CA PRO B 11 1.59 8.47 1.19
C PRO B 11 1.39 7.08 1.77
N GLU B 12 1.04 7.00 3.05
CA GLU B 12 0.78 5.73 3.70
C GLU B 12 -0.64 5.24 3.41
N PHE B 13 -1.01 4.15 4.09
CA PHE B 13 -2.35 3.57 3.92
C PHE B 13 -3.24 3.95 5.11
N TYR B 14 -4.21 4.81 4.80
CA TYR B 14 -5.18 5.29 5.79
C TYR B 14 -6.61 4.89 5.42
N PRO B 15 -7.58 5.13 6.32
CA PRO B 15 -8.99 4.79 6.06
C PRO B 15 -9.59 5.58 4.91
N SER B 16 -9.41 5.05 3.71
CA SER B 16 -9.95 5.68 2.52
C SER B 16 -11.43 5.98 2.68
N GLY B 17 -12.20 4.93 2.91
CA GLY B 17 -13.63 5.07 3.09
C GLY B 17 -14.03 5.39 4.52
N TYR B 18 -13.46 6.46 5.08
CA TYR B 18 -13.79 6.86 6.45
C TYR B 18 -15.26 7.27 6.54
N SER B 19 -15.89 6.97 7.68
CA SER B 19 -17.29 7.32 7.88
C SER B 19 -17.39 8.57 8.75
N SER B 20 -17.26 9.73 8.12
CA SER B 20 -17.33 11.00 8.81
C SER B 20 -18.77 11.49 8.96
N SER B 21 -19.08 12.08 10.11
CA SER B 21 -20.41 12.59 10.38
C SER B 21 -20.47 14.10 10.17
N TYR B 22 -21.67 14.61 9.89
CA TYR B 22 -21.85 16.05 9.66
C TYR B 22 -22.64 16.67 10.81
N GLY A 1 -5.22 -24.18 11.95
CA GLY A 1 -6.00 -24.20 10.69
C GLY A 1 -5.14 -23.93 9.46
N PRO A 2 -5.43 -24.60 8.34
CA PRO A 2 -4.66 -24.41 7.10
C PRO A 2 -4.86 -23.03 6.49
N LEU A 3 -6.07 -22.77 5.98
CA LEU A 3 -6.37 -21.48 5.36
C LEU A 3 -6.66 -20.42 6.42
N GLY A 4 -5.74 -20.27 7.36
CA GLY A 4 -5.92 -19.29 8.41
C GLY A 4 -5.03 -18.08 8.23
N SER A 5 -5.08 -17.49 7.04
CA SER A 5 -4.28 -16.33 6.71
C SER A 5 -5.08 -15.05 6.89
N PRO A 6 -4.44 -13.87 6.76
CA PRO A 6 -5.11 -12.58 6.92
C PRO A 6 -6.43 -12.52 6.15
N LEU A 7 -7.50 -12.13 6.83
CA LEU A 7 -8.82 -12.03 6.21
C LEU A 7 -9.21 -10.57 5.98
N THR A 8 -9.63 -10.26 4.76
CA THR A 8 -9.99 -8.89 4.40
C THR A 8 -11.44 -8.59 4.75
N ALA A 9 -12.33 -9.56 4.55
CA ALA A 9 -13.72 -9.34 4.89
C ALA A 9 -13.84 -9.03 6.37
N SER A 10 -13.54 -10.02 7.20
CA SER A 10 -13.64 -9.85 8.65
C SER A 10 -12.77 -8.69 9.16
N MET A 11 -11.72 -8.34 8.42
CA MET A 11 -10.86 -7.25 8.86
C MET A 11 -11.66 -5.96 8.89
N LEU A 12 -12.48 -5.76 7.86
CA LEU A 12 -13.33 -4.59 7.79
C LEU A 12 -14.24 -4.53 9.01
N ALA A 13 -15.01 -5.59 9.23
CA ALA A 13 -15.90 -5.67 10.38
C ALA A 13 -15.11 -5.87 11.69
N SER A 14 -13.80 -5.72 11.60
CA SER A 14 -12.93 -5.86 12.76
C SER A 14 -12.50 -4.49 13.32
N ALA A 15 -13.11 -3.42 12.81
CA ALA A 15 -12.78 -2.07 13.27
C ALA A 15 -14.04 -1.20 13.34
N PRO A 16 -14.05 -0.19 14.23
CA PRO A 16 -15.18 0.71 14.40
C PRO A 16 -15.88 1.07 13.08
N PRO A 17 -17.02 1.77 13.16
CA PRO A 17 -17.79 2.16 11.97
C PRO A 17 -16.92 2.81 10.90
N GLN A 18 -16.44 4.01 11.18
CA GLN A 18 -15.62 4.75 10.24
C GLN A 18 -14.22 4.17 10.14
N GLU A 19 -13.90 3.20 10.99
CA GLU A 19 -12.61 2.56 10.95
C GLU A 19 -12.67 1.34 10.04
N GLN A 20 -13.35 1.51 8.90
CA GLN A 20 -13.45 0.44 7.93
C GLN A 20 -12.10 0.22 7.26
N LYS A 21 -11.77 1.13 6.35
CA LYS A 21 -10.51 1.09 5.61
C LYS A 21 -9.35 1.64 6.45
N GLN A 22 -9.50 1.68 7.77
CA GLN A 22 -8.45 2.21 8.64
C GLN A 22 -7.22 1.31 8.64
N MET A 23 -7.39 0.04 8.97
CA MET A 23 -6.27 -0.89 8.99
C MET A 23 -5.76 -1.12 7.57
N LEU A 24 -6.27 -2.15 6.91
CA LEU A 24 -5.84 -2.46 5.53
C LEU A 24 -6.19 -1.32 4.56
N GLY A 25 -5.66 -0.11 4.79
CA GLY A 25 -5.97 0.99 3.88
C GLY A 25 -7.33 0.82 3.22
N GLU A 26 -7.42 1.19 1.95
CA GLU A 26 -8.66 1.02 1.21
C GLU A 26 -8.88 -0.46 0.87
N ARG A 27 -8.27 -0.89 -0.24
CA ARG A 27 -8.43 -2.27 -0.71
C ARG A 27 -7.15 -2.84 -1.35
N LEU A 28 -6.01 -2.19 -1.16
CA LEU A 28 -4.78 -2.70 -1.74
C LEU A 28 -4.18 -3.82 -0.92
N PHE A 29 -4.17 -3.66 0.40
CA PHE A 29 -3.64 -4.69 1.29
C PHE A 29 -4.19 -6.06 0.88
N PRO A 30 -5.51 -6.16 0.69
CA PRO A 30 -6.16 -7.41 0.28
C PRO A 30 -5.62 -7.94 -1.05
N LEU A 31 -5.51 -7.02 -2.01
CA LEU A 31 -5.04 -7.36 -3.35
C LEU A 31 -3.55 -7.69 -3.35
N ILE A 32 -2.79 -6.84 -2.68
CA ILE A 32 -1.36 -7.06 -2.60
C ILE A 32 -1.09 -8.30 -1.78
N GLN A 33 -1.85 -8.48 -0.69
CA GLN A 33 -1.70 -9.67 0.14
C GLN A 33 -1.60 -10.90 -0.77
N ALA A 34 -2.49 -10.93 -1.77
CA ALA A 34 -2.52 -12.02 -2.74
C ALA A 34 -1.19 -12.21 -3.45
N MET A 35 -0.49 -11.11 -3.67
CA MET A 35 0.80 -11.17 -4.36
C MET A 35 1.97 -11.14 -3.37
N HIS A 36 1.96 -10.16 -2.46
CA HIS A 36 3.02 -10.02 -1.47
C HIS A 36 4.40 -9.90 -2.09
N PRO A 37 4.61 -8.92 -2.98
CA PRO A 37 5.91 -8.72 -3.58
C PRO A 37 6.89 -8.18 -2.55
N THR A 38 6.70 -6.92 -2.17
CA THR A 38 7.57 -6.27 -1.21
C THR A 38 6.99 -6.31 0.20
N LEU A 39 5.82 -5.69 0.38
CA LEU A 39 5.17 -5.65 1.69
C LEU A 39 3.73 -5.16 1.57
N ALA A 40 2.78 -6.07 1.77
CA ALA A 40 1.36 -5.73 1.70
C ALA A 40 1.01 -4.52 2.56
N GLY A 41 1.49 -4.48 3.79
CA GLY A 41 1.18 -3.36 4.66
C GLY A 41 1.65 -2.02 4.11
N LYS A 42 2.95 -1.85 3.99
CA LYS A 42 3.54 -0.61 3.49
C LYS A 42 3.15 -0.30 2.05
N ILE A 43 3.09 -1.34 1.22
CA ILE A 43 2.72 -1.19 -0.18
C ILE A 43 1.37 -0.50 -0.32
N THR A 44 0.43 -0.87 0.56
CA THR A 44 -0.92 -0.29 0.54
C THR A 44 -0.87 1.24 0.56
N GLY A 45 -0.05 1.79 1.44
CA GLY A 45 0.05 3.23 1.56
C GLY A 45 0.56 3.89 0.29
N MET A 46 1.44 3.20 -0.41
CA MET A 46 2.00 3.72 -1.65
C MET A 46 0.93 3.71 -2.73
N LEU A 47 0.33 2.56 -2.96
CA LEU A 47 -0.70 2.43 -3.98
C LEU A 47 -1.85 3.39 -3.69
N LEU A 48 -1.94 3.88 -2.44
CA LEU A 48 -3.00 4.81 -2.05
C LEU A 48 -2.99 6.10 -2.86
N GLU A 49 -2.24 6.13 -3.96
CA GLU A 49 -2.17 7.32 -4.80
C GLU A 49 -3.44 7.47 -5.63
N ILE A 50 -4.27 6.42 -5.63
CA ILE A 50 -5.52 6.43 -6.40
C ILE A 50 -6.73 6.63 -5.47
N ASP A 51 -7.85 7.02 -6.07
CA ASP A 51 -9.11 7.22 -5.33
C ASP A 51 -9.72 5.89 -4.91
N ASN A 52 -10.31 5.83 -3.71
CA ASN A 52 -10.94 4.61 -3.23
C ASN A 52 -11.86 4.00 -4.30
N SER A 53 -12.31 4.84 -5.25
CA SER A 53 -13.20 4.40 -6.31
C SER A 53 -12.54 3.40 -7.26
N GLU A 54 -11.24 3.54 -7.48
CA GLU A 54 -10.51 2.64 -8.37
C GLU A 54 -10.27 1.29 -7.71
N LEU A 55 -10.10 1.32 -6.40
CA LEU A 55 -9.85 0.11 -5.64
C LEU A 55 -11.02 -0.86 -5.70
N LEU A 56 -12.24 -0.34 -5.64
CA LEU A 56 -13.42 -1.19 -5.72
C LEU A 56 -13.51 -1.78 -7.12
N HIS A 57 -13.11 -0.99 -8.11
CA HIS A 57 -13.11 -1.43 -9.50
C HIS A 57 -12.12 -2.56 -9.73
N MET A 58 -10.89 -2.35 -9.26
CA MET A 58 -9.83 -3.34 -9.42
C MET A 58 -10.07 -4.56 -8.54
N LEU A 59 -10.63 -4.33 -7.36
CA LEU A 59 -10.89 -5.41 -6.43
C LEU A 59 -11.83 -6.43 -7.05
N GLU A 60 -12.66 -5.96 -7.98
CA GLU A 60 -13.60 -6.82 -8.70
C GLU A 60 -13.16 -7.03 -10.15
N SER A 61 -12.03 -6.43 -10.52
CA SER A 61 -11.51 -6.55 -11.88
C SER A 61 -9.99 -6.72 -11.86
N PRO A 62 -9.50 -7.96 -11.99
CA PRO A 62 -8.06 -8.25 -11.98
C PRO A 62 -7.29 -7.38 -12.97
N GLU A 63 -7.98 -6.93 -14.02
CA GLU A 63 -7.36 -6.10 -15.06
C GLU A 63 -6.76 -4.82 -14.46
N SER A 64 -7.60 -4.01 -13.82
CA SER A 64 -7.15 -2.76 -13.21
C SER A 64 -6.35 -3.05 -11.96
N LEU A 65 -6.71 -4.14 -11.31
CA LEU A 65 -6.05 -4.56 -10.10
C LEU A 65 -4.57 -4.75 -10.33
N ARG A 66 -4.23 -5.70 -11.16
CA ARG A 66 -2.82 -5.97 -11.44
C ARG A 66 -2.14 -4.73 -12.01
N SER A 67 -2.94 -3.85 -12.59
CA SER A 67 -2.41 -2.62 -13.18
C SER A 67 -1.78 -1.73 -12.11
N LYS A 68 -2.48 -1.52 -11.01
CA LYS A 68 -1.99 -0.67 -9.93
C LYS A 68 -0.89 -1.36 -9.14
N VAL A 69 -1.15 -2.58 -8.70
CA VAL A 69 -0.18 -3.36 -7.93
C VAL A 69 1.12 -3.51 -8.69
N ASP A 70 1.02 -4.06 -9.89
CA ASP A 70 2.19 -4.27 -10.74
C ASP A 70 3.02 -2.99 -10.86
N GLU A 71 2.35 -1.91 -11.23
CA GLU A 71 2.99 -0.61 -11.38
C GLU A 71 3.79 -0.25 -10.13
N ALA A 72 3.11 -0.19 -9.00
CA ALA A 72 3.77 0.13 -7.74
C ALA A 72 5.01 -0.72 -7.53
N VAL A 73 4.90 -2.01 -7.84
CA VAL A 73 6.04 -2.91 -7.68
C VAL A 73 7.26 -2.31 -8.37
N ALA A 74 7.02 -1.62 -9.49
CA ALA A 74 8.08 -0.99 -10.23
C ALA A 74 8.62 0.24 -9.49
N VAL A 75 7.74 1.21 -9.24
CA VAL A 75 8.14 2.43 -8.55
C VAL A 75 8.48 2.16 -7.09
N LEU A 76 7.51 1.66 -6.32
CA LEU A 76 7.71 1.40 -4.90
C LEU A 76 8.97 0.57 -4.65
N GLN A 77 9.00 -0.65 -5.19
CA GLN A 77 10.16 -1.51 -4.99
C GLN A 77 11.44 -0.75 -5.34
N ALA A 78 11.32 0.22 -6.24
CA ALA A 78 12.45 1.04 -6.64
C ALA A 78 12.69 2.17 -5.64
N HIS A 79 11.61 2.85 -5.25
CA HIS A 79 11.70 3.96 -4.30
C HIS A 79 11.80 3.45 -2.85
N GLN A 80 11.84 2.13 -2.68
CA GLN A 80 11.94 1.54 -1.36
C GLN A 80 13.37 1.58 -0.84
N ALA A 81 14.32 1.49 -1.77
CA ALA A 81 15.74 1.53 -1.41
C ALA A 81 16.21 2.95 -1.09
N LYS A 82 15.28 3.90 -1.13
CA LYS A 82 15.60 5.29 -0.85
C LYS A 82 16.02 5.46 0.61
N GLU A 83 16.75 6.55 0.89
CA GLU A 83 17.21 6.83 2.24
C GLU A 83 16.22 7.76 2.94
N ALA A 84 15.86 7.39 4.18
CA ALA A 84 14.93 8.20 4.96
C ALA A 84 15.57 9.51 5.39
N ALA A 85 14.97 10.62 4.97
CA ALA A 85 15.48 11.94 5.32
C ALA A 85 15.38 12.19 6.83
N GLN A 86 14.67 11.31 7.53
CA GLN A 86 14.51 11.44 8.97
C GLN A 86 15.71 10.85 9.72
N LYS A 87 16.92 11.07 9.19
CA LYS A 87 18.13 10.56 9.82
C LYS A 87 18.58 11.47 10.96
N ALA A 88 17.62 12.00 11.71
CA ALA A 88 17.93 12.87 12.85
C ALA A 88 18.47 12.07 14.01
N VAL A 89 19.41 12.65 14.75
CA VAL A 89 20.01 11.97 15.89
C VAL A 89 19.21 12.28 17.16
N ASN A 90 17.90 12.13 17.08
CA ASN A 90 17.02 12.39 18.22
C ASN A 90 16.79 11.12 19.02
N SER A 91 16.60 11.28 20.33
CA SER A 91 16.36 10.14 21.20
C SER A 91 14.88 9.80 21.28
N ALA A 92 14.23 9.75 20.12
CA ALA A 92 12.81 9.43 20.05
C ALA A 92 12.55 7.99 20.50
N THR A 93 13.06 7.04 19.72
CA THR A 93 12.89 5.62 20.04
C THR A 93 14.24 4.95 20.25
N GLY A 94 14.21 3.73 20.78
CA GLY A 94 15.44 3.00 21.01
C GLY A 94 15.91 2.24 19.79
N VAL A 95 16.89 1.35 19.98
CA VAL A 95 17.42 0.56 18.87
C VAL A 95 16.56 -0.67 18.61
N PRO A 96 15.85 -0.70 17.46
CA PRO A 96 14.98 -1.83 17.11
C PRO A 96 15.77 -3.09 16.78
N THR A 97 15.30 -4.23 17.28
CA THR A 97 15.96 -5.51 17.04
C THR A 97 15.39 -6.19 15.81
N VAL A 98 14.06 -6.18 15.69
CA VAL A 98 13.40 -6.81 14.56
C VAL A 98 12.66 -5.77 13.71
N VAL B 1 9.18 7.25 -22.10
CA VAL B 1 8.55 8.35 -21.33
C VAL B 1 7.86 7.84 -20.08
N LEU B 2 7.18 6.70 -20.19
CA LEU B 2 6.48 6.12 -19.04
C LEU B 2 7.45 5.50 -18.06
N MET B 3 8.16 6.35 -17.33
CA MET B 3 9.14 5.91 -16.34
C MET B 3 8.45 5.50 -15.04
N SER B 4 7.91 6.49 -14.34
CA SER B 4 7.22 6.23 -13.08
C SER B 4 5.90 5.52 -13.37
N LYS B 5 5.49 4.65 -12.45
CA LYS B 5 4.26 3.90 -12.63
C LYS B 5 3.05 4.63 -12.05
N LEU B 6 1.88 3.99 -12.14
CA LEU B 6 0.63 4.59 -11.66
C LEU B 6 0.61 4.72 -10.13
N SER B 7 1.16 3.73 -9.42
CA SER B 7 1.18 3.76 -7.96
C SER B 7 2.59 3.94 -7.43
N VAL B 8 3.00 5.19 -7.23
CA VAL B 8 4.33 5.49 -6.73
C VAL B 8 4.40 5.31 -5.21
N ASN B 9 5.50 5.74 -4.60
CA ASN B 9 5.68 5.62 -3.16
C ASN B 9 4.84 6.65 -2.38
N ALA B 10 3.56 6.80 -2.77
CA ALA B 10 2.66 7.74 -2.13
C ALA B 10 2.67 7.61 -0.61
N PRO B 11 1.91 8.47 0.12
CA PRO B 11 1.85 8.44 1.58
C PRO B 11 1.58 7.04 2.13
N GLU B 12 1.16 6.95 3.40
CA GLU B 12 0.86 5.66 4.00
C GLU B 12 -0.55 5.19 3.65
N PHE B 13 -0.96 4.09 4.26
CA PHE B 13 -2.27 3.53 3.99
C PHE B 13 -3.25 3.86 5.12
N TYR B 14 -4.17 4.73 4.76
CA TYR B 14 -5.23 5.21 5.65
C TYR B 14 -6.60 4.82 5.14
N PRO B 15 -7.66 5.06 5.94
CA PRO B 15 -9.03 4.73 5.55
C PRO B 15 -9.59 5.64 4.47
N SER B 16 -9.39 5.23 3.23
CA SER B 16 -9.86 5.99 2.06
C SER B 16 -11.36 6.20 2.14
N GLY B 17 -12.12 5.11 2.20
CA GLY B 17 -13.56 5.22 2.28
C GLY B 17 -14.04 5.38 3.70
N TYR B 18 -13.50 6.37 4.41
CA TYR B 18 -13.89 6.64 5.79
C TYR B 18 -15.40 6.89 5.86
N SER B 19 -16.11 5.99 6.55
CA SER B 19 -17.56 6.12 6.68
C SER B 19 -17.91 7.10 7.81
N SER B 20 -17.54 8.36 7.62
CA SER B 20 -17.81 9.39 8.62
C SER B 20 -18.97 10.27 8.19
N SER B 21 -19.12 11.41 8.88
CA SER B 21 -20.18 12.35 8.58
C SER B 21 -19.60 13.69 8.12
N TYR B 22 -18.32 13.69 7.76
CA TYR B 22 -17.66 14.90 7.30
C TYR B 22 -17.82 15.07 5.79
N GLY A 1 -2.66 -16.40 18.29
CA GLY A 1 -2.92 -14.98 17.93
C GLY A 1 -4.10 -14.84 16.98
N PRO A 2 -4.36 -13.61 16.49
CA PRO A 2 -5.47 -13.34 15.56
C PRO A 2 -5.26 -14.00 14.20
N LEU A 3 -6.13 -14.94 13.85
CA LEU A 3 -6.03 -15.64 12.58
C LEU A 3 -7.00 -15.09 11.54
N GLY A 4 -7.80 -14.09 11.91
CA GLY A 4 -8.75 -13.51 10.98
C GLY A 4 -8.18 -12.31 10.24
N SER A 5 -6.86 -12.24 10.14
CA SER A 5 -6.20 -11.13 9.46
C SER A 5 -6.22 -11.32 7.94
N PRO A 6 -5.82 -12.51 7.46
CA PRO A 6 -5.80 -12.79 6.02
C PRO A 6 -7.13 -12.50 5.34
N LEU A 7 -8.20 -12.53 6.12
CA LEU A 7 -9.53 -12.26 5.57
C LEU A 7 -9.79 -10.75 5.51
N THR A 8 -10.13 -10.28 4.33
CA THR A 8 -10.35 -8.86 4.11
C THR A 8 -11.78 -8.47 4.43
N ALA A 9 -12.73 -9.36 4.13
CA ALA A 9 -14.13 -9.08 4.44
C ALA A 9 -14.26 -8.86 5.94
N SER A 10 -14.04 -9.93 6.70
CA SER A 10 -14.16 -9.89 8.15
C SER A 10 -13.25 -8.82 8.76
N MET A 11 -12.16 -8.47 8.10
CA MET A 11 -11.26 -7.46 8.64
C MET A 11 -11.98 -6.13 8.74
N LEU A 12 -12.77 -5.81 7.72
CA LEU A 12 -13.53 -4.57 7.71
C LEU A 12 -14.45 -4.54 8.92
N ALA A 13 -15.28 -5.56 9.05
CA ALA A 13 -16.20 -5.68 10.18
C ALA A 13 -15.46 -6.01 11.48
N SER A 14 -14.13 -6.00 11.41
CA SER A 14 -13.31 -6.30 12.58
C SER A 14 -12.84 -5.01 13.27
N ALA A 15 -13.34 -3.86 12.81
CA ALA A 15 -12.97 -2.59 13.41
C ALA A 15 -14.19 -1.66 13.51
N PRO A 16 -14.18 -0.72 14.48
CA PRO A 16 -15.27 0.22 14.70
C PRO A 16 -15.81 0.81 13.40
N PRO A 17 -16.89 1.61 13.49
CA PRO A 17 -17.51 2.24 12.32
C PRO A 17 -16.49 2.96 11.44
N GLN A 18 -15.92 4.05 11.94
CA GLN A 18 -14.94 4.81 11.17
C GLN A 18 -13.64 4.05 10.99
N GLU A 19 -13.50 2.91 11.66
CA GLU A 19 -12.29 2.11 11.51
C GLU A 19 -12.54 1.03 10.46
N GLN A 20 -13.24 1.42 9.40
CA GLN A 20 -13.51 0.52 8.29
C GLN A 20 -12.21 0.25 7.52
N LYS A 21 -11.94 1.15 6.58
CA LYS A 21 -10.76 1.08 5.73
C LYS A 21 -9.52 1.61 6.46
N GLN A 22 -9.62 1.72 7.77
CA GLN A 22 -8.50 2.23 8.58
C GLN A 22 -7.30 1.30 8.52
N MET A 23 -7.48 0.06 8.96
CA MET A 23 -6.39 -0.90 8.94
C MET A 23 -5.92 -1.16 7.50
N LEU A 24 -6.47 -2.17 6.85
CA LEU A 24 -6.10 -2.50 5.47
C LEU A 24 -6.47 -1.37 4.50
N GLY A 25 -5.91 -0.16 4.68
CA GLY A 25 -6.22 0.95 3.80
C GLY A 25 -7.56 0.81 3.11
N GLU A 26 -7.64 1.16 1.84
CA GLU A 26 -8.87 1.04 1.08
C GLU A 26 -9.13 -0.42 0.73
N ARG A 27 -8.54 -0.85 -0.38
CA ARG A 27 -8.70 -2.21 -0.88
C ARG A 27 -7.40 -2.77 -1.43
N LEU A 28 -6.29 -2.05 -1.25
CA LEU A 28 -5.01 -2.50 -1.76
C LEU A 28 -4.42 -3.63 -0.93
N PHE A 29 -4.39 -3.47 0.39
CA PHE A 29 -3.85 -4.51 1.26
C PHE A 29 -4.40 -5.88 0.85
N PRO A 30 -5.72 -5.98 0.66
CA PRO A 30 -6.38 -7.23 0.23
C PRO A 30 -5.76 -7.78 -1.06
N LEU A 31 -5.59 -6.89 -2.05
CA LEU A 31 -5.03 -7.28 -3.35
C LEU A 31 -3.56 -7.64 -3.25
N ILE A 32 -2.81 -6.81 -2.53
CA ILE A 32 -1.39 -7.07 -2.37
C ILE A 32 -1.19 -8.32 -1.54
N GLN A 33 -2.01 -8.49 -0.50
CA GLN A 33 -1.92 -9.67 0.33
C GLN A 33 -1.81 -10.91 -0.55
N ALA A 34 -2.64 -10.92 -1.60
CA ALA A 34 -2.66 -12.01 -2.56
C ALA A 34 -1.32 -12.20 -3.26
N MET A 35 -0.62 -11.10 -3.45
CA MET A 35 0.69 -11.13 -4.11
C MET A 35 1.84 -11.08 -3.11
N HIS A 36 1.84 -10.05 -2.27
CA HIS A 36 2.86 -9.90 -1.23
C HIS A 36 4.28 -9.78 -1.80
N PRO A 37 4.47 -9.01 -2.87
CA PRO A 37 5.81 -8.83 -3.43
C PRO A 37 6.77 -8.26 -2.40
N THR A 38 6.65 -6.97 -2.12
CA THR A 38 7.53 -6.31 -1.17
C THR A 38 6.93 -6.23 0.25
N LEU A 39 5.77 -5.59 0.37
CA LEU A 39 5.11 -5.47 1.66
C LEU A 39 3.70 -4.94 1.49
N ALA A 40 2.71 -5.80 1.70
CA ALA A 40 1.31 -5.42 1.57
C ALA A 40 0.94 -4.24 2.46
N GLY A 41 1.31 -4.26 3.73
CA GLY A 41 0.97 -3.15 4.60
C GLY A 41 1.48 -1.83 4.05
N LYS A 42 2.78 -1.78 3.79
CA LYS A 42 3.42 -0.57 3.27
C LYS A 42 3.01 -0.28 1.83
N ILE A 43 2.85 -1.32 1.01
CA ILE A 43 2.47 -1.14 -0.39
C ILE A 43 1.17 -0.34 -0.49
N THR A 44 0.19 -0.72 0.32
CA THR A 44 -1.10 -0.07 0.33
C THR A 44 -0.97 1.44 0.35
N GLY A 45 -0.17 1.95 1.27
CA GLY A 45 0.01 3.39 1.35
C GLY A 45 0.49 4.00 0.06
N MET A 46 1.42 3.33 -0.60
CA MET A 46 1.95 3.82 -1.87
C MET A 46 0.91 3.70 -2.97
N LEU A 47 0.37 2.50 -3.17
CA LEU A 47 -0.63 2.31 -4.21
C LEU A 47 -1.81 3.25 -3.97
N LEU A 48 -1.97 3.72 -2.72
CA LEU A 48 -3.06 4.61 -2.36
C LEU A 48 -3.04 5.94 -3.13
N GLU A 49 -2.36 5.98 -4.27
CA GLU A 49 -2.28 7.18 -5.08
C GLU A 49 -3.59 7.44 -5.82
N ILE A 50 -4.51 6.48 -5.78
CA ILE A 50 -5.80 6.60 -6.47
C ILE A 50 -6.98 6.77 -5.49
N ASP A 51 -8.16 7.09 -6.04
CA ASP A 51 -9.40 7.27 -5.26
C ASP A 51 -9.97 5.92 -4.80
N ASN A 52 -10.55 5.91 -3.58
CA ASN A 52 -11.18 4.68 -3.06
C ASN A 52 -12.02 3.97 -4.12
N SER A 53 -12.54 4.75 -5.07
CA SER A 53 -13.41 4.20 -6.12
C SER A 53 -12.63 3.33 -7.12
N GLU A 54 -11.35 3.62 -7.28
CA GLU A 54 -10.53 2.86 -8.23
C GLU A 54 -10.01 1.57 -7.60
N LEU A 55 -9.57 1.65 -6.35
CA LEU A 55 -9.06 0.48 -5.65
C LEU A 55 -10.14 -0.58 -5.54
N LEU A 56 -11.39 -0.13 -5.49
CA LEU A 56 -12.53 -1.05 -5.43
C LEU A 56 -12.64 -1.81 -6.74
N HIS A 57 -12.51 -1.07 -7.84
CA HIS A 57 -12.59 -1.66 -9.19
C HIS A 57 -11.55 -2.76 -9.35
N MET A 58 -10.38 -2.55 -8.75
CA MET A 58 -9.30 -3.54 -8.83
C MET A 58 -9.76 -4.87 -8.25
N LEU A 59 -10.33 -4.80 -7.06
CA LEU A 59 -10.81 -5.99 -6.37
C LEU A 59 -11.90 -6.70 -7.17
N GLU A 60 -12.60 -5.95 -8.03
CA GLU A 60 -13.65 -6.54 -8.87
C GLU A 60 -13.15 -6.80 -10.29
N SER A 61 -11.97 -6.27 -10.61
CA SER A 61 -11.39 -6.45 -11.94
C SER A 61 -9.89 -6.74 -11.84
N PRO A 62 -9.50 -8.01 -11.89
CA PRO A 62 -8.08 -8.41 -11.81
C PRO A 62 -7.22 -7.67 -12.82
N GLU A 63 -7.81 -7.30 -13.95
CA GLU A 63 -7.07 -6.59 -14.99
C GLU A 63 -6.50 -5.26 -14.47
N SER A 64 -7.39 -4.40 -13.96
CA SER A 64 -6.96 -3.11 -13.42
C SER A 64 -6.18 -3.33 -12.14
N LEU A 65 -6.54 -4.37 -11.42
CA LEU A 65 -5.90 -4.72 -10.17
C LEU A 65 -4.40 -4.89 -10.37
N ARG A 66 -4.03 -5.83 -11.22
CA ARG A 66 -2.62 -6.10 -11.49
C ARG A 66 -1.94 -4.87 -12.10
N SER A 67 -2.70 -4.06 -12.82
CA SER A 67 -2.15 -2.86 -13.44
C SER A 67 -1.48 -1.94 -12.42
N LYS A 68 -2.18 -1.66 -11.34
CA LYS A 68 -1.66 -0.77 -10.30
C LYS A 68 -0.57 -1.46 -9.48
N VAL A 69 -0.87 -2.68 -9.01
CA VAL A 69 0.08 -3.43 -8.21
C VAL A 69 1.40 -3.61 -8.94
N ASP A 70 1.33 -4.13 -10.16
CA ASP A 70 2.52 -4.34 -10.98
C ASP A 70 3.35 -3.07 -11.07
N GLU A 71 2.69 -1.99 -11.48
CA GLU A 71 3.33 -0.69 -11.61
C GLU A 71 4.03 -0.29 -10.31
N ALA A 72 3.26 -0.15 -9.25
CA ALA A 72 3.81 0.22 -7.95
C ALA A 72 5.02 -0.64 -7.61
N VAL A 73 4.92 -1.94 -7.86
CA VAL A 73 6.02 -2.85 -7.60
C VAL A 73 7.29 -2.32 -8.24
N ALA A 74 7.15 -1.66 -9.38
CA ALA A 74 8.29 -1.09 -10.08
C ALA A 74 8.78 0.15 -9.36
N VAL A 75 7.88 1.13 -9.18
CA VAL A 75 8.22 2.38 -8.51
C VAL A 75 8.57 2.16 -7.04
N LEU A 76 7.60 1.67 -6.26
CA LEU A 76 7.80 1.44 -4.84
C LEU A 76 9.06 0.65 -4.55
N GLN A 77 9.14 -0.56 -5.09
CA GLN A 77 10.32 -1.40 -4.87
C GLN A 77 11.58 -0.59 -5.18
N ALA A 78 11.44 0.37 -6.10
CA ALA A 78 12.55 1.25 -6.49
C ALA A 78 12.74 2.41 -5.50
N HIS A 79 11.71 3.27 -5.38
CA HIS A 79 11.77 4.42 -4.50
C HIS A 79 12.02 3.99 -3.05
N GLN A 80 11.07 3.25 -2.50
CA GLN A 80 11.19 2.76 -1.13
C GLN A 80 12.08 1.52 -1.08
N ALA A 81 13.24 1.60 -1.73
CA ALA A 81 14.17 0.48 -1.76
C ALA A 81 15.20 0.59 -0.64
N LYS A 82 14.76 0.29 0.57
CA LYS A 82 15.64 0.35 1.74
C LYS A 82 16.77 -0.66 1.62
N GLU A 83 17.96 -0.17 1.25
CA GLU A 83 19.12 -1.05 1.10
C GLU A 83 19.78 -1.31 2.44
N ALA A 84 19.71 -2.57 2.88
CA ALA A 84 20.29 -2.97 4.16
C ALA A 84 21.81 -3.08 4.05
N ALA A 85 22.48 -3.00 5.20
CA ALA A 85 23.93 -3.09 5.24
C ALA A 85 24.40 -4.51 4.92
N GLN A 86 24.25 -4.90 3.66
CA GLN A 86 24.66 -6.22 3.22
C GLN A 86 26.17 -6.28 2.97
N LYS A 87 26.76 -5.12 2.67
CA LYS A 87 28.19 -5.04 2.41
C LYS A 87 28.96 -4.72 3.70
N ALA A 88 30.27 -4.56 3.57
CA ALA A 88 31.12 -4.26 4.71
C ALA A 88 31.14 -2.76 5.00
N VAL A 89 30.49 -2.36 6.09
CA VAL A 89 30.44 -0.96 6.47
C VAL A 89 31.58 -0.60 7.42
N ASN A 90 31.72 0.68 7.72
CA ASN A 90 32.78 1.15 8.61
C ASN A 90 32.45 0.81 10.06
N SER A 91 33.42 0.23 10.76
CA SER A 91 33.24 -0.14 12.16
C SER A 91 33.43 1.07 13.07
N ALA A 92 32.64 1.13 14.14
CA ALA A 92 32.72 2.24 15.09
C ALA A 92 33.74 1.94 16.18
N THR A 93 33.35 1.10 17.14
CA THR A 93 34.24 0.74 18.24
C THR A 93 34.79 -0.66 18.06
N GLY A 94 35.48 -0.87 16.95
CA GLY A 94 36.06 -2.17 16.67
C GLY A 94 37.37 -2.40 17.39
N VAL A 95 37.35 -3.24 18.42
CA VAL A 95 38.54 -3.54 19.19
C VAL A 95 39.17 -4.85 18.73
N PRO A 96 40.51 -4.91 18.67
CA PRO A 96 41.24 -6.12 18.25
C PRO A 96 41.13 -7.24 19.27
N THR A 97 40.65 -8.40 18.83
CA THR A 97 40.50 -9.55 19.70
C THR A 97 41.80 -10.35 19.80
N VAL A 98 42.78 -9.78 20.51
CA VAL A 98 44.07 -10.43 20.69
C VAL A 98 44.54 -10.34 22.14
N VAL B 1 12.73 7.95 -16.99
CA VAL B 1 11.26 8.16 -17.02
C VAL B 1 10.50 6.84 -17.10
N LEU B 2 11.16 5.79 -17.57
CA LEU B 2 10.52 4.49 -17.69
C LEU B 2 10.47 3.77 -16.34
N MET B 3 11.02 4.39 -15.30
CA MET B 3 11.02 3.79 -13.97
C MET B 3 9.76 4.18 -13.20
N SER B 4 9.19 5.34 -13.54
CA SER B 4 7.98 5.81 -12.89
C SER B 4 6.76 5.08 -13.41
N LYS B 5 5.95 4.56 -12.51
CA LYS B 5 4.75 3.82 -12.87
C LYS B 5 3.47 4.57 -12.48
N LEU B 6 2.33 3.86 -12.47
CA LEU B 6 1.05 4.49 -12.13
C LEU B 6 0.87 4.69 -10.62
N SER B 7 1.29 3.71 -9.82
CA SER B 7 1.15 3.82 -8.37
C SER B 7 2.53 3.99 -7.70
N VAL B 8 3.11 5.17 -7.86
CA VAL B 8 4.42 5.47 -7.28
C VAL B 8 4.38 5.29 -5.76
N ASN B 9 5.43 5.75 -5.09
CA ASN B 9 5.52 5.63 -3.63
C ASN B 9 4.63 6.65 -2.91
N ALA B 10 3.35 6.72 -3.33
CA ALA B 10 2.39 7.67 -2.75
C ALA B 10 2.44 7.68 -1.22
N PRO B 11 1.62 8.55 -0.58
CA PRO B 11 1.56 8.67 0.89
C PRO B 11 1.39 7.33 1.58
N GLU B 12 0.99 7.36 2.85
CA GLU B 12 0.75 6.13 3.61
C GLU B 12 -0.65 5.59 3.32
N PHE B 13 -0.99 4.50 4.00
CA PHE B 13 -2.31 3.89 3.83
C PHE B 13 -3.21 4.25 5.01
N TYR B 14 -4.24 5.04 4.70
CA TYR B 14 -5.22 5.50 5.67
C TYR B 14 -6.63 5.01 5.30
N PRO B 15 -7.64 5.25 6.16
CA PRO B 15 -9.01 4.81 5.88
C PRO B 15 -9.62 5.57 4.70
N SER B 16 -9.47 4.99 3.53
CA SER B 16 -9.99 5.56 2.29
C SER B 16 -11.47 5.93 2.42
N GLY B 17 -12.31 4.91 2.59
CA GLY B 17 -13.73 5.15 2.72
C GLY B 17 -14.15 5.48 4.14
N TYR B 18 -13.49 6.48 4.73
CA TYR B 18 -13.81 6.89 6.09
C TYR B 18 -15.27 7.31 6.23
N SER B 19 -15.94 6.77 7.25
CA SER B 19 -17.34 7.11 7.49
C SER B 19 -17.44 8.20 8.55
N SER B 20 -18.66 8.55 8.94
CA SER B 20 -18.87 9.58 9.95
C SER B 20 -18.62 9.03 11.35
N SER B 21 -18.90 9.85 12.36
CA SER B 21 -18.71 9.45 13.75
C SER B 21 -20.03 9.05 14.40
N TYR B 22 -20.86 10.03 14.71
CA TYR B 22 -22.14 9.78 15.34
C TYR B 22 -23.24 9.63 14.29
N GLY A 1 5.72 -10.55 3.61
CA GLY A 1 4.96 -11.80 3.30
C GLY A 1 5.17 -12.88 4.34
N PRO A 2 4.55 -12.74 5.53
CA PRO A 2 4.68 -13.72 6.61
C PRO A 2 3.96 -15.03 6.29
N LEU A 3 3.90 -15.92 7.28
CA LEU A 3 3.25 -17.21 7.10
C LEU A 3 1.80 -17.16 7.60
N GLY A 4 1.57 -16.34 8.64
CA GLY A 4 0.24 -16.21 9.19
C GLY A 4 -0.41 -14.89 8.85
N SER A 5 -1.02 -14.82 7.67
CA SER A 5 -1.69 -13.60 7.23
C SER A 5 -3.10 -13.51 7.79
N PRO A 6 -3.44 -12.39 8.46
CA PRO A 6 -4.77 -12.18 9.05
C PRO A 6 -5.90 -12.43 8.06
N LEU A 7 -7.13 -12.23 8.51
CA LEU A 7 -8.31 -12.43 7.67
C LEU A 7 -8.83 -11.10 7.15
N THR A 8 -9.20 -11.06 5.87
CA THR A 8 -9.67 -9.83 5.24
C THR A 8 -11.16 -9.63 5.46
N ALA A 9 -11.93 -10.70 5.34
CA ALA A 9 -13.37 -10.59 5.56
C ALA A 9 -13.62 -10.09 6.97
N SER A 10 -13.34 -10.94 7.96
CA SER A 10 -13.56 -10.59 9.36
C SER A 10 -12.84 -9.30 9.74
N MET A 11 -11.79 -8.96 9.00
CA MET A 11 -11.05 -7.75 9.27
C MET A 11 -11.96 -6.54 9.09
N LEU A 12 -12.74 -6.57 8.03
CA LEU A 12 -13.67 -5.49 7.74
C LEU A 12 -14.76 -5.43 8.80
N ALA A 13 -15.49 -6.53 8.98
CA ALA A 13 -16.55 -6.61 9.98
C ALA A 13 -16.01 -6.65 11.41
N SER A 14 -14.74 -6.35 11.56
CA SER A 14 -14.11 -6.33 12.88
C SER A 14 -14.16 -4.92 13.46
N ALA A 15 -14.04 -3.92 12.59
CA ALA A 15 -14.05 -2.52 13.00
C ALA A 15 -15.05 -1.70 12.17
N PRO A 16 -16.35 -2.06 12.22
CA PRO A 16 -17.40 -1.36 11.48
C PRO A 16 -17.25 0.16 11.51
N PRO A 17 -17.06 0.75 12.72
CA PRO A 17 -16.92 2.21 12.87
C PRO A 17 -15.90 2.82 11.93
N GLN A 18 -15.41 4.01 12.27
CA GLN A 18 -14.43 4.71 11.45
C GLN A 18 -13.22 3.82 11.16
N GLU A 19 -13.04 2.75 11.93
CA GLU A 19 -11.93 1.84 11.70
C GLU A 19 -12.28 0.81 10.63
N GLN A 20 -13.05 1.25 9.63
CA GLN A 20 -13.39 0.39 8.51
C GLN A 20 -12.17 0.14 7.66
N LYS A 21 -11.98 1.03 6.69
CA LYS A 21 -10.85 0.98 5.76
C LYS A 21 -9.58 1.54 6.40
N GLN A 22 -9.58 1.69 7.72
CA GLN A 22 -8.41 2.22 8.42
C GLN A 22 -7.20 1.33 8.24
N MET A 23 -7.24 0.17 8.87
CA MET A 23 -6.14 -0.80 8.78
C MET A 23 -5.76 -1.03 7.33
N LEU A 24 -6.39 -2.00 6.69
CA LEU A 24 -6.11 -2.31 5.29
C LEU A 24 -6.43 -1.18 4.34
N GLY A 25 -5.87 0.01 4.57
CA GLY A 25 -6.12 1.15 3.69
C GLY A 25 -7.47 1.06 2.99
N GLU A 26 -7.52 1.51 1.74
CA GLU A 26 -8.76 1.44 0.97
C GLU A 26 -9.02 0.00 0.54
N ARG A 27 -8.38 -0.41 -0.56
CA ARG A 27 -8.58 -1.77 -1.08
C ARG A 27 -7.30 -2.37 -1.67
N LEU A 28 -6.14 -1.78 -1.41
CA LEU A 28 -4.87 -2.31 -1.93
C LEU A 28 -4.39 -3.50 -1.13
N PHE A 29 -4.48 -3.42 0.19
CA PHE A 29 -4.05 -4.50 1.06
C PHE A 29 -4.63 -5.84 0.62
N PRO A 30 -5.94 -5.89 0.33
CA PRO A 30 -6.60 -7.12 -0.14
C PRO A 30 -6.01 -7.60 -1.46
N LEU A 31 -5.83 -6.67 -2.38
CA LEU A 31 -5.29 -6.96 -3.70
C LEU A 31 -3.81 -7.34 -3.62
N ILE A 32 -3.05 -6.52 -2.93
CA ILE A 32 -1.65 -6.77 -2.76
C ILE A 32 -1.45 -8.02 -1.91
N GLN A 33 -2.26 -8.17 -0.86
CA GLN A 33 -2.18 -9.36 -0.02
C GLN A 33 -2.06 -10.59 -0.93
N ALA A 34 -2.89 -10.60 -1.98
CA ALA A 34 -2.91 -11.70 -2.95
C ALA A 34 -1.56 -11.92 -3.58
N MET A 35 -0.81 -10.84 -3.77
CA MET A 35 0.51 -10.92 -4.38
C MET A 35 1.63 -10.91 -3.33
N HIS A 36 1.59 -9.93 -2.44
CA HIS A 36 2.57 -9.80 -1.36
C HIS A 36 4.00 -9.68 -1.87
N PRO A 37 4.26 -8.82 -2.85
CA PRO A 37 5.60 -8.61 -3.37
C PRO A 37 6.53 -8.09 -2.27
N THR A 38 6.36 -6.82 -1.91
CA THR A 38 7.21 -6.19 -0.90
C THR A 38 6.56 -6.20 0.48
N LEU A 39 5.40 -5.58 0.61
CA LEU A 39 4.70 -5.50 1.89
C LEU A 39 3.28 -4.95 1.70
N ALA A 40 2.29 -5.82 1.83
CA ALA A 40 0.88 -5.41 1.69
C ALA A 40 0.52 -4.20 2.54
N GLY A 41 0.87 -4.24 3.82
CA GLY A 41 0.55 -3.13 4.70
C GLY A 41 1.09 -1.79 4.18
N LYS A 42 2.41 -1.71 4.06
CA LYS A 42 3.08 -0.49 3.60
C LYS A 42 2.78 -0.18 2.12
N ILE A 43 2.74 -1.20 1.30
CA ILE A 43 2.47 -1.02 -0.13
C ILE A 43 1.18 -0.26 -0.35
N THR A 44 0.18 -0.55 0.48
CA THR A 44 -1.11 0.10 0.39
C THR A 44 -0.98 1.62 0.41
N GLY A 45 -0.15 2.13 1.31
CA GLY A 45 0.02 3.56 1.41
C GLY A 45 0.51 4.17 0.11
N MET A 46 1.42 3.47 -0.54
CA MET A 46 1.97 3.93 -1.80
C MET A 46 0.92 3.87 -2.89
N LEU A 47 0.36 2.69 -3.13
CA LEU A 47 -0.65 2.55 -4.17
C LEU A 47 -1.83 3.47 -3.89
N LEU A 48 -1.97 3.92 -2.63
CA LEU A 48 -3.08 4.79 -2.23
C LEU A 48 -3.13 6.11 -3.01
N GLU A 49 -2.45 6.17 -4.15
CA GLU A 49 -2.45 7.37 -4.97
C GLU A 49 -3.78 7.51 -5.71
N ILE A 50 -4.64 6.50 -5.61
CA ILE A 50 -5.93 6.52 -6.29
C ILE A 50 -7.10 6.67 -5.30
N ASP A 51 -8.27 7.02 -5.84
CA ASP A 51 -9.49 7.18 -5.03
C ASP A 51 -10.07 5.84 -4.60
N ASN A 52 -10.63 5.77 -3.39
CA ASN A 52 -11.24 4.52 -2.90
C ASN A 52 -12.15 3.87 -3.95
N SER A 53 -12.66 4.67 -4.88
CA SER A 53 -13.55 4.17 -5.92
C SER A 53 -12.80 3.36 -6.99
N GLU A 54 -11.54 3.70 -7.22
CA GLU A 54 -10.74 3.00 -8.22
C GLU A 54 -10.31 1.63 -7.71
N LEU A 55 -9.92 1.57 -6.45
CA LEU A 55 -9.47 0.33 -5.83
C LEU A 55 -10.59 -0.70 -5.83
N LEU A 56 -11.83 -0.25 -5.69
CA LEU A 56 -12.97 -1.16 -5.70
C LEU A 56 -13.07 -1.84 -7.05
N HIS A 57 -12.90 -1.05 -8.12
CA HIS A 57 -12.96 -1.58 -9.47
C HIS A 57 -11.87 -2.64 -9.67
N MET A 58 -10.70 -2.36 -9.12
CA MET A 58 -9.56 -3.27 -9.22
C MET A 58 -9.85 -4.59 -8.50
N LEU A 59 -10.39 -4.47 -7.29
CA LEU A 59 -10.70 -5.64 -6.48
C LEU A 59 -11.71 -6.56 -7.19
N GLU A 60 -12.46 -6.02 -8.12
CA GLU A 60 -13.42 -6.80 -8.87
C GLU A 60 -12.89 -7.11 -10.28
N SER A 61 -11.71 -6.58 -10.59
CA SER A 61 -11.09 -6.80 -11.90
C SER A 61 -9.57 -6.93 -11.77
N PRO A 62 -9.06 -8.17 -11.59
CA PRO A 62 -7.62 -8.42 -11.47
C PRO A 62 -6.81 -7.79 -12.60
N GLU A 63 -7.46 -7.57 -13.73
CA GLU A 63 -6.80 -6.98 -14.90
C GLU A 63 -6.26 -5.59 -14.60
N SER A 64 -7.15 -4.67 -14.27
CA SER A 64 -6.77 -3.30 -13.96
C SER A 64 -6.00 -3.28 -12.64
N LEU A 65 -6.42 -4.16 -11.75
CA LEU A 65 -5.81 -4.27 -10.44
C LEU A 65 -4.31 -4.54 -10.57
N ARG A 66 -3.95 -5.64 -11.23
CA ARG A 66 -2.54 -5.98 -11.39
C ARG A 66 -1.77 -4.84 -12.06
N SER A 67 -2.48 -4.04 -12.84
CA SER A 67 -1.88 -2.90 -13.52
C SER A 67 -1.25 -1.93 -12.53
N LYS A 68 -2.01 -1.58 -11.50
CA LYS A 68 -1.53 -0.65 -10.48
C LYS A 68 -0.53 -1.31 -9.53
N VAL A 69 -0.89 -2.48 -9.00
CA VAL A 69 -0.01 -3.21 -8.09
C VAL A 69 1.34 -3.48 -8.73
N ASP A 70 1.31 -4.13 -9.89
CA ASP A 70 2.54 -4.44 -10.63
C ASP A 70 3.43 -3.21 -10.73
N GLU A 71 2.87 -2.13 -11.27
CA GLU A 71 3.58 -0.88 -11.42
C GLU A 71 4.22 -0.45 -10.11
N ALA A 72 3.40 -0.26 -9.10
CA ALA A 72 3.89 0.14 -7.79
C ALA A 72 5.05 -0.75 -7.35
N VAL A 73 4.88 -2.06 -7.48
CA VAL A 73 5.93 -3.01 -7.11
C VAL A 73 7.25 -2.62 -7.77
N ALA A 74 7.18 -2.19 -9.03
CA ALA A 74 8.37 -1.79 -9.75
C ALA A 74 8.89 -0.45 -9.26
N VAL A 75 8.01 0.55 -9.27
CA VAL A 75 8.37 1.90 -8.83
C VAL A 75 8.64 1.98 -7.33
N LEU A 76 7.63 1.67 -6.54
CA LEU A 76 7.74 1.73 -5.07
C LEU A 76 8.99 0.99 -4.60
N GLN A 77 9.07 -0.30 -4.93
CA GLN A 77 10.21 -1.10 -4.53
C GLN A 77 11.52 -0.39 -4.93
N ALA A 78 11.45 0.40 -5.99
CA ALA A 78 12.60 1.16 -6.46
C ALA A 78 12.80 2.44 -5.65
N HIS A 79 11.72 3.19 -5.46
CA HIS A 79 11.76 4.43 -4.71
C HIS A 79 11.78 4.16 -3.21
N GLN A 80 11.92 2.90 -2.82
CA GLN A 80 11.95 2.51 -1.42
C GLN A 80 13.25 2.97 -0.76
N ALA A 81 14.38 2.57 -1.34
CA ALA A 81 15.68 2.96 -0.81
C ALA A 81 16.07 4.35 -1.27
N LYS A 82 15.12 5.27 -1.23
CA LYS A 82 15.36 6.66 -1.64
C LYS A 82 16.03 7.44 -0.51
N GLU A 83 16.95 6.80 0.19
CA GLU A 83 17.66 7.44 1.29
C GLU A 83 18.92 8.15 0.79
N ALA A 84 18.75 9.36 0.30
CA ALA A 84 19.86 10.14 -0.21
C ALA A 84 20.75 10.64 0.92
N ALA A 85 21.97 10.12 1.01
CA ALA A 85 22.90 10.52 2.04
C ALA A 85 23.31 11.98 1.88
N GLN A 86 23.04 12.55 0.71
CA GLN A 86 23.39 13.94 0.42
C GLN A 86 22.46 14.89 1.16
N LYS A 87 21.21 14.94 0.74
CA LYS A 87 20.22 15.82 1.35
C LYS A 87 19.71 15.23 2.67
N ALA A 88 20.61 15.09 3.63
CA ALA A 88 20.26 14.54 4.93
C ALA A 88 19.77 15.64 5.88
N VAL A 89 20.26 16.85 5.66
CA VAL A 89 19.87 17.99 6.49
C VAL A 89 18.52 18.55 6.07
N ASN A 90 18.32 18.70 4.77
CA ASN A 90 17.07 19.22 4.24
C ASN A 90 16.04 18.10 4.05
N SER A 91 15.58 17.54 5.16
CA SER A 91 14.60 16.46 5.12
C SER A 91 13.17 17.03 5.17
N ALA A 92 12.20 16.13 5.12
CA ALA A 92 10.79 16.53 5.15
C ALA A 92 10.43 17.15 6.50
N THR A 93 10.84 18.39 6.70
CA THR A 93 10.57 19.10 7.95
C THR A 93 9.39 20.06 7.78
N GLY A 94 8.21 19.51 7.51
CA GLY A 94 7.04 20.34 7.33
C GLY A 94 6.30 20.59 8.63
N VAL A 95 7.00 21.16 9.61
CA VAL A 95 6.39 21.45 10.90
C VAL A 95 5.59 22.74 10.87
N PRO A 96 6.20 23.87 10.47
CA PRO A 96 5.51 25.16 10.40
C PRO A 96 4.49 25.21 9.26
N THR A 97 3.26 24.81 9.55
CA THR A 97 2.21 24.81 8.55
C THR A 97 1.31 26.04 8.69
N VAL A 98 0.62 26.39 7.61
CA VAL A 98 -0.27 27.54 7.62
C VAL A 98 -1.72 27.11 7.40
N VAL B 1 16.62 7.05 -16.83
CA VAL B 1 15.38 7.29 -17.62
C VAL B 1 14.19 7.57 -16.72
N LEU B 2 13.39 8.56 -17.09
CA LEU B 2 12.20 8.92 -16.32
C LEU B 2 11.06 7.93 -16.59
N MET B 3 11.29 6.67 -16.27
CA MET B 3 10.29 5.64 -16.48
C MET B 3 9.52 5.35 -15.18
N SER B 4 8.59 6.22 -14.85
CA SER B 4 7.79 6.08 -13.64
C SER B 4 6.60 5.14 -13.88
N LYS B 5 6.22 4.39 -12.86
CA LYS B 5 5.10 3.46 -12.97
C LYS B 5 3.78 4.16 -12.65
N LEU B 6 2.68 3.40 -12.73
CA LEU B 6 1.34 3.92 -12.48
C LEU B 6 1.11 4.27 -11.00
N SER B 7 1.55 3.39 -10.10
CA SER B 7 1.37 3.62 -8.67
C SER B 7 2.70 3.92 -7.97
N VAL B 8 3.15 5.18 -8.07
CA VAL B 8 4.40 5.60 -7.44
C VAL B 8 4.35 5.41 -5.93
N ASN B 9 5.41 5.85 -5.25
CA ASN B 9 5.50 5.73 -3.79
C ASN B 9 4.66 6.80 -3.08
N ALA B 10 3.39 6.91 -3.45
CA ALA B 10 2.50 7.91 -2.85
C ALA B 10 2.56 7.90 -1.32
N PRO B 11 1.79 8.78 -0.66
CA PRO B 11 1.75 8.89 0.81
C PRO B 11 1.53 7.53 1.50
N GLU B 12 1.14 7.56 2.77
CA GLU B 12 0.86 6.34 3.52
C GLU B 12 -0.55 5.83 3.26
N PHE B 13 -0.91 4.74 3.92
CA PHE B 13 -2.25 4.17 3.79
C PHE B 13 -3.10 4.52 4.99
N TYR B 14 -4.14 5.31 4.73
CA TYR B 14 -5.08 5.76 5.75
C TYR B 14 -6.49 5.23 5.44
N PRO B 15 -7.45 5.38 6.38
CA PRO B 15 -8.83 4.93 6.17
C PRO B 15 -9.54 5.62 5.01
N SER B 16 -9.55 4.96 3.85
CA SER B 16 -10.20 5.52 2.65
C SER B 16 -11.63 5.92 2.97
N GLY B 17 -12.47 4.91 3.21
CA GLY B 17 -13.85 5.17 3.51
C GLY B 17 -14.05 5.51 4.98
N TYR B 18 -13.34 6.51 5.45
CA TYR B 18 -13.44 6.95 6.84
C TYR B 18 -14.82 7.53 7.11
N SER B 19 -15.39 7.20 8.27
CA SER B 19 -16.70 7.71 8.64
C SER B 19 -16.60 9.09 9.28
N SER B 20 -16.37 10.09 8.44
CA SER B 20 -16.23 11.46 8.92
C SER B 20 -17.54 12.23 8.75
N SER B 21 -18.20 12.52 9.87
CA SER B 21 -19.46 13.24 9.85
C SER B 21 -19.33 14.56 10.60
N TYR B 22 -19.14 14.46 11.91
CA TYR B 22 -19.00 15.64 12.76
C TYR B 22 -17.53 16.07 12.86
N GLY A 1 5.34 -4.95 11.73
CA GLY A 1 6.07 -5.36 10.50
C GLY A 1 5.46 -6.58 9.84
N PRO A 2 5.88 -7.79 10.23
CA PRO A 2 5.36 -9.04 9.67
C PRO A 2 3.93 -9.35 10.11
N LEU A 3 3.35 -8.48 10.94
CA LEU A 3 2.00 -8.67 11.45
C LEU A 3 0.96 -8.22 10.41
N GLY A 4 0.80 -9.01 9.35
CA GLY A 4 -0.16 -8.67 8.32
C GLY A 4 -1.56 -9.11 8.65
N SER A 5 -2.53 -8.57 7.94
CA SER A 5 -3.94 -8.91 8.16
C SER A 5 -4.24 -10.34 7.72
N PRO A 6 -4.54 -11.25 8.67
CA PRO A 6 -4.84 -12.65 8.37
C PRO A 6 -6.04 -12.79 7.43
N LEU A 7 -7.22 -12.45 7.93
CA LEU A 7 -8.44 -12.54 7.12
C LEU A 7 -8.92 -11.16 6.68
N THR A 8 -9.30 -11.04 5.41
CA THR A 8 -9.74 -9.75 4.88
C THR A 8 -11.21 -9.52 5.14
N ALA A 9 -11.98 -10.59 5.18
CA ALA A 9 -13.41 -10.45 5.46
C ALA A 9 -13.57 -9.80 6.82
N SER A 10 -13.11 -10.49 7.86
CA SER A 10 -13.22 -10.02 9.22
C SER A 10 -12.57 -8.65 9.42
N MET A 11 -11.59 -8.32 8.59
CA MET A 11 -10.94 -7.01 8.71
C MET A 11 -11.94 -5.92 8.47
N LEU A 12 -12.78 -6.12 7.46
CA LEU A 12 -13.82 -5.15 7.15
C LEU A 12 -14.80 -5.07 8.31
N ALA A 13 -15.47 -6.18 8.61
CA ALA A 13 -16.43 -6.25 9.70
C ALA A 13 -15.76 -6.20 11.07
N SER A 14 -14.52 -5.75 11.11
CA SER A 14 -13.78 -5.62 12.36
C SER A 14 -14.02 -4.25 12.98
N ALA A 15 -14.14 -3.24 12.14
CA ALA A 15 -14.35 -1.87 12.61
C ALA A 15 -15.52 -1.20 11.88
N PRO A 16 -16.78 -1.54 12.28
CA PRO A 16 -17.99 -1.00 11.67
C PRO A 16 -17.90 0.51 11.39
N PRO A 17 -17.56 1.32 12.41
CA PRO A 17 -17.45 2.78 12.26
C PRO A 17 -16.55 3.20 11.11
N GLN A 18 -16.01 4.41 11.22
CA GLN A 18 -15.12 4.96 10.20
C GLN A 18 -13.74 4.33 10.28
N GLU A 19 -13.60 3.23 11.02
CA GLU A 19 -12.34 2.53 11.14
C GLU A 19 -12.31 1.35 10.18
N GLN A 20 -12.98 1.49 9.05
CA GLN A 20 -12.99 0.44 8.04
C GLN A 20 -11.61 0.35 7.37
N LYS A 21 -11.37 1.26 6.45
CA LYS A 21 -10.12 1.35 5.71
C LYS A 21 -9.01 2.02 6.53
N GLN A 22 -9.27 2.18 7.82
CA GLN A 22 -8.30 2.82 8.72
C GLN A 22 -7.03 2.00 8.90
N MET A 23 -7.18 0.76 9.33
CA MET A 23 -6.03 -0.10 9.54
C MET A 23 -5.37 -0.45 8.21
N LEU A 24 -5.70 -1.62 7.67
CA LEU A 24 -5.13 -2.07 6.40
C LEU A 24 -5.51 -1.18 5.23
N GLY A 25 -5.19 0.11 5.30
CA GLY A 25 -5.51 1.01 4.23
C GLY A 25 -6.90 0.78 3.67
N GLU A 26 -7.09 1.10 2.42
CA GLU A 26 -8.37 0.92 1.77
C GLU A 26 -8.60 -0.57 1.47
N ARG A 27 -8.13 -1.00 0.30
CA ARG A 27 -8.29 -2.38 -0.14
C ARG A 27 -7.05 -2.89 -0.89
N LEU A 28 -5.93 -2.18 -0.77
CA LEU A 28 -4.70 -2.60 -1.45
C LEU A 28 -4.06 -3.77 -0.71
N PHE A 29 -4.01 -3.67 0.62
CA PHE A 29 -3.44 -4.73 1.44
C PHE A 29 -3.97 -6.09 1.02
N PRO A 30 -5.30 -6.25 0.96
CA PRO A 30 -5.93 -7.51 0.54
C PRO A 30 -5.40 -8.02 -0.80
N LEU A 31 -5.35 -7.11 -1.76
CA LEU A 31 -4.88 -7.44 -3.11
C LEU A 31 -3.39 -7.75 -3.11
N ILE A 32 -2.61 -6.89 -2.48
CA ILE A 32 -1.19 -7.09 -2.42
C ILE A 32 -0.87 -8.31 -1.58
N GLN A 33 -1.53 -8.47 -0.44
CA GLN A 33 -1.31 -9.64 0.40
C GLN A 33 -1.22 -10.88 -0.49
N ALA A 34 -2.13 -10.93 -1.47
CA ALA A 34 -2.20 -12.04 -2.41
C ALA A 34 -0.89 -12.25 -3.14
N MET A 35 -0.24 -11.14 -3.47
CA MET A 35 1.03 -11.21 -4.19
C MET A 35 2.23 -11.07 -3.25
N HIS A 36 2.20 -10.08 -2.37
CA HIS A 36 3.27 -9.88 -1.39
C HIS A 36 4.65 -9.71 -2.04
N PRO A 37 4.77 -8.86 -3.08
CA PRO A 37 6.05 -8.64 -3.72
C PRO A 37 7.06 -8.03 -2.75
N THR A 38 6.84 -6.77 -2.40
CA THR A 38 7.73 -6.04 -1.49
C THR A 38 7.21 -6.09 -0.04
N LEU A 39 6.09 -5.43 0.22
CA LEU A 39 5.51 -5.40 1.57
C LEU A 39 4.06 -4.93 1.51
N ALA A 40 3.12 -5.84 1.76
CA ALA A 40 1.69 -5.52 1.74
C ALA A 40 1.34 -4.29 2.59
N GLY A 41 1.86 -4.22 3.81
CA GLY A 41 1.55 -3.10 4.67
C GLY A 41 1.94 -1.77 4.07
N LYS A 42 3.24 -1.54 3.90
CA LYS A 42 3.75 -0.29 3.36
C LYS A 42 3.37 -0.07 1.90
N ILE A 43 3.39 -1.15 1.11
CA ILE A 43 3.05 -1.05 -0.31
C ILE A 43 1.69 -0.39 -0.50
N THR A 44 0.75 -0.73 0.38
CA THR A 44 -0.60 -0.20 0.32
C THR A 44 -0.62 1.33 0.40
N GLY A 45 0.18 1.91 1.29
CA GLY A 45 0.22 3.35 1.40
C GLY A 45 0.64 4.01 0.10
N MET A 46 1.48 3.32 -0.65
CA MET A 46 1.96 3.81 -1.92
C MET A 46 0.80 3.87 -2.92
N LEU A 47 0.18 2.73 -3.19
CA LEU A 47 -0.93 2.67 -4.14
C LEU A 47 -2.06 3.59 -3.70
N LEU A 48 -2.05 4.00 -2.43
CA LEU A 48 -3.10 4.88 -1.91
C LEU A 48 -3.08 6.27 -2.58
N GLU A 49 -2.32 6.41 -3.66
CA GLU A 49 -2.29 7.68 -4.39
C GLU A 49 -3.54 7.83 -5.23
N ILE A 50 -4.33 6.75 -5.30
CA ILE A 50 -5.55 6.75 -6.09
C ILE A 50 -6.79 6.96 -5.22
N ASP A 51 -7.88 7.35 -5.87
CA ASP A 51 -9.13 7.59 -5.18
C ASP A 51 -9.77 6.28 -4.73
N ASN A 52 -10.38 6.28 -3.54
CA ASN A 52 -11.02 5.07 -3.02
C ASN A 52 -12.01 4.48 -4.04
N SER A 53 -12.38 5.29 -5.03
CA SER A 53 -13.32 4.85 -6.07
C SER A 53 -12.66 3.87 -7.05
N GLU A 54 -11.37 4.04 -7.29
CA GLU A 54 -10.63 3.17 -8.21
C GLU A 54 -10.30 1.83 -7.57
N LEU A 55 -10.03 1.86 -6.26
CA LEU A 55 -9.70 0.64 -5.54
C LEU A 55 -10.85 -0.35 -5.58
N LEU A 56 -12.08 0.16 -5.53
CA LEU A 56 -13.25 -0.69 -5.60
C LEU A 56 -13.34 -1.30 -6.99
N HIS A 57 -12.98 -0.50 -7.99
CA HIS A 57 -13.02 -0.92 -9.38
C HIS A 57 -11.99 -2.01 -9.66
N MET A 58 -10.76 -1.82 -9.18
CA MET A 58 -9.69 -2.79 -9.39
C MET A 58 -10.02 -4.12 -8.70
N LEU A 59 -10.41 -4.04 -7.42
CA LEU A 59 -10.72 -5.26 -6.67
C LEU A 59 -11.85 -6.05 -7.32
N GLU A 60 -12.78 -5.35 -7.95
CA GLU A 60 -13.89 -6.03 -8.60
C GLU A 60 -13.51 -6.42 -10.03
N SER A 61 -12.32 -6.01 -10.46
CA SER A 61 -11.83 -6.33 -11.80
C SER A 61 -10.33 -6.59 -11.79
N PRO A 62 -9.91 -7.87 -11.89
CA PRO A 62 -8.48 -8.23 -11.87
C PRO A 62 -7.66 -7.42 -12.86
N GLU A 63 -8.30 -7.05 -13.97
CA GLU A 63 -7.63 -6.27 -15.02
C GLU A 63 -7.01 -4.99 -14.46
N SER A 64 -7.82 -4.19 -13.79
CA SER A 64 -7.36 -2.93 -13.21
C SER A 64 -6.61 -3.21 -11.92
N LEU A 65 -7.02 -4.29 -11.25
CA LEU A 65 -6.40 -4.66 -9.99
C LEU A 65 -4.91 -4.88 -10.17
N ARG A 66 -4.55 -5.82 -11.02
CA ARG A 66 -3.14 -6.09 -11.26
C ARG A 66 -2.45 -4.85 -11.83
N SER A 67 -3.21 -4.03 -12.54
CA SER A 67 -2.68 -2.80 -13.15
C SER A 67 -2.01 -1.91 -12.12
N LYS A 68 -2.71 -1.62 -11.03
CA LYS A 68 -2.17 -0.76 -9.98
C LYS A 68 -1.09 -1.48 -9.17
N VAL A 69 -1.42 -2.68 -8.69
CA VAL A 69 -0.48 -3.47 -7.90
C VAL A 69 0.82 -3.71 -8.68
N ASP A 70 0.71 -4.21 -9.91
CA ASP A 70 1.90 -4.45 -10.72
C ASP A 70 2.81 -3.23 -10.68
N GLU A 71 2.19 -2.08 -10.94
CA GLU A 71 2.91 -0.81 -10.92
C GLU A 71 3.71 -0.67 -9.64
N ALA A 72 3.04 -0.79 -8.51
CA ALA A 72 3.69 -0.69 -7.20
C ALA A 72 4.99 -1.48 -7.18
N VAL A 73 4.90 -2.75 -7.57
CA VAL A 73 6.07 -3.61 -7.58
C VAL A 73 7.24 -2.98 -8.34
N ALA A 74 6.93 -2.37 -9.48
CA ALA A 74 7.97 -1.72 -10.27
C ALA A 74 8.44 -0.43 -9.62
N VAL A 75 7.50 0.47 -9.36
CA VAL A 75 7.83 1.75 -8.75
C VAL A 75 8.28 1.60 -7.30
N LEU A 76 7.40 1.10 -6.46
CA LEU A 76 7.69 0.92 -5.04
C LEU A 76 9.01 0.20 -4.82
N GLN A 77 9.13 -1.00 -5.38
CA GLN A 77 10.35 -1.78 -5.23
C GLN A 77 11.55 -0.92 -5.63
N ALA A 78 11.31 0.04 -6.54
CA ALA A 78 12.33 0.94 -7.00
C ALA A 78 12.54 2.11 -6.03
N HIS A 79 11.47 2.86 -5.77
CA HIS A 79 11.53 4.01 -4.87
C HIS A 79 11.87 3.58 -3.44
N GLN A 80 11.29 2.47 -3.01
CA GLN A 80 11.51 1.95 -1.67
C GLN A 80 12.84 1.21 -1.59
N ALA A 81 13.94 1.95 -1.68
CA ALA A 81 15.27 1.36 -1.62
C ALA A 81 16.26 2.30 -0.94
N LYS A 82 15.88 2.79 0.25
CA LYS A 82 16.73 3.70 1.00
C LYS A 82 17.99 2.99 1.48
N GLU A 83 17.81 2.09 2.45
CA GLU A 83 18.95 1.34 3.01
C GLU A 83 19.10 0.00 2.30
N ALA A 84 19.84 0.00 1.20
CA ALA A 84 20.07 -1.21 0.43
C ALA A 84 20.78 -2.27 1.28
N ALA A 85 21.01 -3.44 0.69
CA ALA A 85 21.67 -4.53 1.38
C ALA A 85 23.19 -4.39 1.31
N GLN A 86 23.77 -3.75 2.32
CA GLN A 86 25.22 -3.55 2.37
C GLN A 86 25.94 -4.80 2.86
N LYS A 87 25.18 -5.83 3.21
CA LYS A 87 25.74 -7.08 3.69
C LYS A 87 26.20 -7.96 2.54
N ALA A 88 27.48 -7.86 2.19
CA ALA A 88 28.04 -8.64 1.10
C ALA A 88 28.35 -10.07 1.55
N VAL A 89 27.96 -11.04 0.72
CA VAL A 89 28.18 -12.44 1.03
C VAL A 89 29.55 -12.90 0.53
N ASN A 90 30.33 -13.51 1.43
CA ASN A 90 31.66 -14.00 1.07
C ASN A 90 31.58 -15.35 0.36
N SER A 91 32.73 -15.93 0.07
CA SER A 91 32.79 -17.21 -0.61
C SER A 91 32.87 -18.36 0.39
N ALA A 92 33.58 -18.13 1.50
CA ALA A 92 33.73 -19.15 2.53
C ALA A 92 32.39 -19.47 3.18
N THR A 93 32.29 -20.66 3.75
CA THR A 93 31.06 -21.10 4.41
C THR A 93 31.15 -20.89 5.92
N GLY A 94 31.12 -19.64 6.35
CA GLY A 94 31.20 -19.34 7.76
C GLY A 94 29.85 -18.99 8.35
N VAL A 95 29.46 -19.73 9.38
CA VAL A 95 28.17 -19.51 10.05
C VAL A 95 28.33 -18.52 11.20
N PRO A 96 27.46 -17.50 11.27
CA PRO A 96 27.50 -16.49 12.33
C PRO A 96 27.11 -17.05 13.69
N THR A 97 27.35 -16.28 14.74
CA THR A 97 27.02 -16.71 16.10
C THR A 97 25.58 -16.35 16.45
N VAL A 98 24.64 -17.16 15.97
CA VAL A 98 23.23 -16.92 16.23
C VAL A 98 22.60 -18.14 16.92
N VAL B 1 14.96 1.08 -15.73
CA VAL B 1 13.50 1.31 -15.62
C VAL B 1 13.19 2.72 -15.13
N LEU B 2 13.25 3.68 -16.05
CA LEU B 2 12.98 5.07 -15.72
C LEU B 2 11.52 5.45 -15.98
N MET B 3 10.66 4.44 -16.08
CA MET B 3 9.24 4.67 -16.32
C MET B 3 8.48 4.77 -14.99
N SER B 4 7.84 5.91 -14.77
CA SER B 4 7.08 6.15 -13.54
C SER B 4 5.79 5.34 -13.56
N LYS B 5 5.45 4.73 -12.43
CA LYS B 5 4.24 3.91 -12.36
C LYS B 5 3.02 4.72 -11.91
N LEU B 6 1.86 4.11 -12.05
CA LEU B 6 0.58 4.74 -11.68
C LEU B 6 0.49 4.92 -10.16
N SER B 7 1.00 3.94 -9.43
CA SER B 7 0.98 3.98 -7.98
C SER B 7 2.39 4.15 -7.43
N VAL B 8 2.93 5.36 -7.58
CA VAL B 8 4.27 5.67 -7.11
C VAL B 8 4.40 5.50 -5.59
N ASN B 9 5.51 5.95 -5.04
CA ASN B 9 5.77 5.84 -3.59
C ASN B 9 4.94 6.84 -2.79
N ALA B 10 3.63 6.86 -3.03
CA ALA B 10 2.71 7.79 -2.35
C ALA B 10 2.78 7.67 -0.83
N PRO B 11 2.00 8.52 -0.12
CA PRO B 11 1.95 8.52 1.36
C PRO B 11 1.72 7.13 1.92
N GLU B 12 1.39 7.05 3.20
CA GLU B 12 1.11 5.76 3.84
C GLU B 12 -0.32 5.31 3.58
N PHE B 13 -0.70 4.23 4.26
CA PHE B 13 -2.03 3.66 4.11
C PHE B 13 -2.95 4.04 5.28
N TYR B 14 -3.87 4.93 4.92
CA TYR B 14 -4.89 5.47 5.82
C TYR B 14 -6.29 5.05 5.34
N PRO B 15 -7.36 5.38 6.09
CA PRO B 15 -8.73 5.02 5.70
C PRO B 15 -9.22 5.79 4.47
N SER B 16 -8.85 5.30 3.29
CA SER B 16 -9.27 5.92 2.05
C SER B 16 -10.80 6.03 2.00
N GLY B 17 -11.47 4.90 2.17
CA GLY B 17 -12.92 4.88 2.15
C GLY B 17 -13.56 5.21 3.49
N TYR B 18 -13.20 6.35 4.08
CA TYR B 18 -13.78 6.76 5.37
C TYR B 18 -15.31 6.83 5.32
N SER B 19 -15.98 5.85 5.91
CA SER B 19 -17.45 5.84 5.94
C SER B 19 -17.96 6.27 7.30
N SER B 20 -18.77 7.32 7.34
CA SER B 20 -19.32 7.84 8.58
C SER B 20 -20.56 7.06 9.01
N SER B 21 -20.34 5.87 9.57
CA SER B 21 -21.43 5.03 10.03
C SER B 21 -21.60 5.14 11.55
N TYR B 22 -22.03 6.30 12.02
CA TYR B 22 -22.22 6.52 13.44
C TYR B 22 -23.66 6.18 13.85
N GLY A 1 -4.74 -25.76 4.74
CA GLY A 1 -3.27 -25.87 4.66
C GLY A 1 -2.56 -25.12 5.77
N PRO A 2 -1.23 -25.29 5.91
CA PRO A 2 -0.45 -24.60 6.94
C PRO A 2 -0.33 -23.11 6.68
N LEU A 3 -0.72 -22.68 5.48
CA LEU A 3 -0.64 -21.27 5.11
C LEU A 3 -1.82 -20.50 5.68
N GLY A 4 -1.61 -19.84 6.81
CA GLY A 4 -2.67 -19.07 7.43
C GLY A 4 -2.62 -17.59 7.06
N SER A 5 -3.38 -17.22 6.04
CA SER A 5 -3.42 -15.83 5.58
C SER A 5 -4.54 -15.06 6.29
N PRO A 6 -4.24 -13.84 6.77
CA PRO A 6 -5.23 -13.00 7.46
C PRO A 6 -6.52 -12.85 6.66
N LEU A 7 -7.60 -12.52 7.35
CA LEU A 7 -8.90 -12.34 6.71
C LEU A 7 -9.21 -10.86 6.50
N THR A 8 -9.56 -10.49 5.27
CA THR A 8 -9.83 -9.10 4.93
C THR A 8 -11.27 -8.75 5.22
N ALA A 9 -12.18 -9.66 4.93
CA ALA A 9 -13.59 -9.43 5.19
C ALA A 9 -13.79 -9.16 6.68
N SER A 10 -13.59 -10.19 7.48
CA SER A 10 -13.77 -10.09 8.93
C SER A 10 -12.90 -9.00 9.55
N MET A 11 -11.78 -8.66 8.90
CA MET A 11 -10.91 -7.63 9.44
C MET A 11 -11.65 -6.31 9.47
N LEU A 12 -12.42 -6.04 8.43
CA LEU A 12 -13.20 -4.81 8.34
C LEU A 12 -14.19 -4.73 9.49
N ALA A 13 -15.03 -5.76 9.61
CA ALA A 13 -16.02 -5.82 10.68
C ALA A 13 -15.35 -6.06 12.05
N SER A 14 -14.03 -6.04 12.07
CA SER A 14 -13.27 -6.24 13.30
C SER A 14 -12.75 -4.90 13.85
N ALA A 15 -13.15 -3.79 13.23
CA ALA A 15 -12.72 -2.47 13.68
C ALA A 15 -13.90 -1.52 13.81
N PRO A 16 -13.83 -0.57 14.76
CA PRO A 16 -14.91 0.41 15.01
C PRO A 16 -15.50 0.98 13.73
N PRO A 17 -16.55 1.82 13.85
CA PRO A 17 -17.22 2.43 12.71
C PRO A 17 -16.25 3.07 11.71
N GLN A 18 -15.75 4.25 12.03
CA GLN A 18 -14.82 4.96 11.16
C GLN A 18 -13.54 4.15 10.91
N GLU A 19 -13.30 3.15 11.74
CA GLU A 19 -12.13 2.30 11.56
C GLU A 19 -12.42 1.19 10.56
N GLN A 20 -13.19 1.52 9.52
CA GLN A 20 -13.49 0.56 8.46
C GLN A 20 -12.25 0.29 7.63
N LYS A 21 -12.05 1.15 6.64
CA LYS A 21 -10.91 1.08 5.73
C LYS A 21 -9.65 1.64 6.37
N GLN A 22 -9.69 1.83 7.69
CA GLN A 22 -8.55 2.37 8.42
C GLN A 22 -7.36 1.44 8.35
N MET A 23 -7.53 0.23 8.84
CA MET A 23 -6.47 -0.75 8.84
C MET A 23 -5.97 -1.01 7.42
N LEU A 24 -6.51 -2.04 6.78
CA LEU A 24 -6.13 -2.41 5.42
C LEU A 24 -6.44 -1.32 4.39
N GLY A 25 -5.96 -0.10 4.60
CA GLY A 25 -6.22 0.97 3.66
C GLY A 25 -7.57 0.85 3.00
N GLU A 26 -7.66 1.28 1.74
CA GLU A 26 -8.91 1.20 1.01
C GLU A 26 -9.20 -0.26 0.59
N ARG A 27 -8.60 -0.66 -0.53
CA ARG A 27 -8.79 -2.01 -1.07
C ARG A 27 -7.50 -2.57 -1.71
N LEU A 28 -6.37 -1.90 -1.47
CA LEU A 28 -5.10 -2.35 -2.03
C LEU A 28 -4.56 -3.55 -1.26
N PHE A 29 -4.59 -3.46 0.07
CA PHE A 29 -4.11 -4.54 0.92
C PHE A 29 -4.65 -5.89 0.46
N PRO A 30 -5.97 -5.98 0.21
CA PRO A 30 -6.60 -7.21 -0.25
C PRO A 30 -6.02 -7.69 -1.58
N LEU A 31 -5.85 -6.76 -2.52
CA LEU A 31 -5.30 -7.09 -3.84
C LEU A 31 -3.82 -7.43 -3.75
N ILE A 32 -3.07 -6.60 -3.04
CA ILE A 32 -1.65 -6.84 -2.88
C ILE A 32 -1.44 -8.09 -2.05
N GLN A 33 -2.27 -8.26 -1.02
CA GLN A 33 -2.19 -9.45 -0.18
C GLN A 33 -2.06 -10.68 -1.08
N ALA A 34 -2.86 -10.67 -2.15
CA ALA A 34 -2.88 -11.76 -3.12
C ALA A 34 -1.50 -12.00 -3.72
N MET A 35 -0.76 -10.93 -3.91
CA MET A 35 0.58 -11.02 -4.49
C MET A 35 1.66 -10.98 -3.40
N HIS A 36 1.60 -9.96 -2.55
CA HIS A 36 2.54 -9.84 -1.44
C HIS A 36 4.00 -9.74 -1.89
N PRO A 37 4.29 -8.94 -2.93
CA PRO A 37 5.67 -8.78 -3.39
C PRO A 37 6.57 -8.26 -2.28
N THR A 38 6.39 -6.98 -1.93
CA THR A 38 7.19 -6.34 -0.91
C THR A 38 6.54 -6.37 0.46
N LEU A 39 5.39 -5.73 0.59
CA LEU A 39 4.67 -5.65 1.86
C LEU A 39 3.27 -5.07 1.68
N ALA A 40 2.26 -5.92 1.78
CA ALA A 40 0.86 -5.50 1.62
C ALA A 40 0.49 -4.31 2.49
N GLY A 41 0.79 -4.36 3.78
CA GLY A 41 0.45 -3.26 4.65
C GLY A 41 0.91 -1.91 4.12
N LYS A 42 2.23 -1.71 4.14
CA LYS A 42 2.84 -0.47 3.68
C LYS A 42 2.59 -0.19 2.19
N ILE A 43 2.59 -1.24 1.37
CA ILE A 43 2.38 -1.07 -0.07
C ILE A 43 1.06 -0.34 -0.33
N THR A 44 0.06 -0.69 0.45
CA THR A 44 -1.27 -0.10 0.33
C THR A 44 -1.19 1.43 0.29
N GLY A 45 -0.45 2.00 1.23
CA GLY A 45 -0.31 3.44 1.27
C GLY A 45 0.29 3.99 0.00
N MET A 46 1.20 3.23 -0.57
CA MET A 46 1.86 3.65 -1.81
C MET A 46 0.87 3.68 -2.96
N LEU A 47 0.31 2.53 -3.31
CA LEU A 47 -0.63 2.46 -4.40
C LEU A 47 -1.83 3.37 -4.12
N LEU A 48 -2.02 3.76 -2.85
CA LEU A 48 -3.15 4.62 -2.46
C LEU A 48 -3.10 5.98 -3.15
N GLU A 49 -2.43 6.07 -4.29
CA GLU A 49 -2.34 7.32 -5.05
C GLU A 49 -3.66 7.61 -5.76
N ILE A 50 -4.57 6.64 -5.75
CA ILE A 50 -5.87 6.80 -6.41
C ILE A 50 -7.01 6.90 -5.39
N ASP A 51 -8.22 7.22 -5.86
CA ASP A 51 -9.41 7.32 -5.01
C ASP A 51 -9.92 5.95 -4.59
N ASN A 52 -10.51 5.87 -3.38
CA ASN A 52 -11.05 4.62 -2.88
C ASN A 52 -11.93 3.92 -3.93
N SER A 53 -12.48 4.72 -4.85
CA SER A 53 -13.38 4.20 -5.89
C SER A 53 -12.64 3.32 -6.90
N GLU A 54 -11.37 3.61 -7.14
CA GLU A 54 -10.58 2.83 -8.10
C GLU A 54 -10.20 1.48 -7.52
N LEU A 55 -9.87 1.45 -6.24
CA LEU A 55 -9.48 0.21 -5.58
C LEU A 55 -10.62 -0.80 -5.61
N LEU A 56 -11.86 -0.30 -5.60
CA LEU A 56 -13.03 -1.18 -5.65
C LEU A 56 -13.09 -1.87 -7.01
N HIS A 57 -12.90 -1.09 -8.06
CA HIS A 57 -12.93 -1.61 -9.43
C HIS A 57 -11.88 -2.71 -9.61
N MET A 58 -10.67 -2.45 -9.12
CA MET A 58 -9.58 -3.41 -9.22
C MET A 58 -9.97 -4.74 -8.62
N LEU A 59 -10.57 -4.68 -7.43
CA LEU A 59 -10.98 -5.87 -6.71
C LEU A 59 -11.99 -6.68 -7.54
N GLU A 60 -12.67 -6.02 -8.46
CA GLU A 60 -13.63 -6.69 -9.32
C GLU A 60 -13.08 -6.85 -10.75
N SER A 61 -11.89 -6.32 -10.98
CA SER A 61 -11.26 -6.41 -12.31
C SER A 61 -9.75 -6.60 -12.17
N PRO A 62 -9.28 -7.85 -12.03
CA PRO A 62 -7.86 -8.16 -11.90
C PRO A 62 -7.01 -7.51 -12.99
N GLU A 63 -7.64 -7.26 -14.13
CA GLU A 63 -6.94 -6.65 -15.28
C GLU A 63 -6.32 -5.31 -14.89
N SER A 64 -7.15 -4.42 -14.35
CA SER A 64 -6.69 -3.10 -13.95
C SER A 64 -5.94 -3.18 -12.62
N LEU A 65 -6.38 -4.11 -11.79
CA LEU A 65 -5.77 -4.29 -10.48
C LEU A 65 -4.29 -4.58 -10.63
N ARG A 66 -3.95 -5.69 -11.27
CA ARG A 66 -2.55 -6.06 -11.46
C ARG A 66 -1.78 -4.94 -12.15
N SER A 67 -2.47 -4.25 -13.05
CA SER A 67 -1.87 -3.15 -13.80
C SER A 67 -1.22 -2.12 -12.88
N LYS A 68 -1.93 -1.75 -11.82
CA LYS A 68 -1.43 -0.75 -10.88
C LYS A 68 -0.43 -1.37 -9.91
N VAL A 69 -0.75 -2.53 -9.37
CA VAL A 69 0.14 -3.22 -8.44
C VAL A 69 1.50 -3.49 -9.08
N ASP A 70 1.48 -4.08 -10.27
CA ASP A 70 2.70 -4.40 -11.00
C ASP A 70 3.61 -3.18 -11.07
N GLU A 71 3.07 -2.11 -11.60
CA GLU A 71 3.79 -0.84 -11.74
C GLU A 71 4.41 -0.42 -10.42
N ALA A 72 3.59 -0.27 -9.40
CA ALA A 72 4.08 0.12 -8.08
C ALA A 72 5.25 -0.75 -7.66
N VAL A 73 5.15 -2.05 -7.91
CA VAL A 73 6.21 -2.98 -7.56
C VAL A 73 7.53 -2.47 -8.12
N ALA A 74 7.48 -1.85 -9.28
CA ALA A 74 8.67 -1.30 -9.90
C ALA A 74 9.14 -0.04 -9.18
N VAL A 75 8.25 0.96 -9.10
CA VAL A 75 8.57 2.22 -8.44
C VAL A 75 8.79 2.05 -6.93
N LEU A 76 7.75 1.60 -6.23
CA LEU A 76 7.82 1.43 -4.77
C LEU A 76 9.06 0.63 -4.37
N GLN A 77 9.20 -0.57 -4.93
CA GLN A 77 10.33 -1.42 -4.60
C GLN A 77 11.63 -0.63 -4.76
N ALA A 78 11.61 0.34 -5.67
CA ALA A 78 12.77 1.19 -5.92
C ALA A 78 12.86 2.32 -4.90
N HIS A 79 11.74 3.02 -4.69
CA HIS A 79 11.70 4.12 -3.75
C HIS A 79 11.68 3.62 -2.30
N GLN A 80 11.60 2.31 -2.13
CA GLN A 80 11.58 1.71 -0.80
C GLN A 80 12.97 1.73 -0.19
N ALA A 81 13.99 1.67 -1.05
CA ALA A 81 15.38 1.69 -0.60
C ALA A 81 16.35 1.64 -1.77
N LYS A 82 16.65 2.81 -2.32
CA LYS A 82 17.58 2.89 -3.45
C LYS A 82 19.04 2.81 -2.99
N GLU A 83 19.25 2.21 -1.82
CA GLU A 83 20.60 2.05 -1.28
C GLU A 83 21.22 0.74 -1.75
N ALA A 84 22.51 0.58 -1.49
CA ALA A 84 23.22 -0.63 -1.89
C ALA A 84 22.90 -1.79 -0.95
N ALA A 85 22.03 -2.69 -1.41
CA ALA A 85 21.64 -3.84 -0.61
C ALA A 85 22.73 -4.91 -0.61
N GLN A 86 23.41 -5.04 0.53
CA GLN A 86 24.48 -6.02 0.66
C GLN A 86 23.93 -7.38 1.05
N LYS A 87 23.00 -7.89 0.25
CA LYS A 87 22.40 -9.19 0.50
C LYS A 87 23.16 -10.31 -0.20
N ALA A 88 24.32 -10.66 0.35
CA ALA A 88 25.15 -11.70 -0.23
C ALA A 88 24.52 -13.08 -0.01
N VAL A 89 24.33 -13.44 1.25
CA VAL A 89 23.74 -14.74 1.59
C VAL A 89 22.22 -14.66 1.56
N ASN A 90 21.64 -15.09 0.45
CA ASN A 90 20.18 -15.08 0.29
C ASN A 90 19.60 -16.48 0.45
N SER A 91 20.19 -17.43 -0.27
CA SER A 91 19.73 -18.82 -0.20
C SER A 91 20.33 -19.54 1.01
N ALA A 92 20.03 -19.01 2.19
CA ALA A 92 20.54 -19.59 3.44
C ALA A 92 19.81 -20.89 3.77
N THR A 93 18.57 -20.77 4.25
CA THR A 93 17.78 -21.93 4.61
C THR A 93 16.70 -22.20 3.55
N GLY A 94 16.31 -23.46 3.42
CA GLY A 94 15.30 -23.82 2.44
C GLY A 94 13.90 -23.78 3.02
N VAL A 95 13.17 -24.88 2.88
CA VAL A 95 11.81 -24.96 3.40
C VAL A 95 11.80 -25.44 4.85
N PRO A 96 11.48 -24.54 5.80
CA PRO A 96 11.44 -24.89 7.23
C PRO A 96 10.31 -25.86 7.55
N THR A 97 10.10 -26.11 8.84
CA THR A 97 9.05 -27.02 9.29
C THR A 97 7.74 -26.27 9.51
N VAL A 98 7.41 -25.36 8.60
CA VAL A 98 6.20 -24.57 8.70
C VAL A 98 5.24 -24.88 7.55
N VAL B 1 17.39 7.00 -16.90
CA VAL B 1 16.04 6.80 -17.47
C VAL B 1 14.96 7.00 -16.42
N LEU B 2 14.32 8.17 -16.44
CA LEU B 2 13.26 8.47 -15.49
C LEU B 2 11.97 7.78 -15.88
N MET B 3 12.02 6.45 -15.98
CA MET B 3 10.85 5.68 -16.34
C MET B 3 10.09 5.25 -15.09
N SER B 4 9.14 6.09 -14.67
CA SER B 4 8.34 5.79 -13.49
C SER B 4 7.11 4.99 -13.89
N LYS B 5 6.61 4.18 -12.96
CA LYS B 5 5.44 3.37 -13.24
C LYS B 5 4.15 4.12 -12.93
N LEU B 6 3.04 3.39 -12.96
CA LEU B 6 1.72 3.96 -12.71
C LEU B 6 1.52 4.33 -11.24
N SER B 7 1.96 3.47 -10.33
CA SER B 7 1.83 3.74 -8.90
C SER B 7 3.19 3.97 -8.28
N VAL B 8 3.39 5.15 -7.69
CA VAL B 8 4.67 5.48 -7.07
C VAL B 8 4.59 5.33 -5.55
N ASN B 9 5.62 5.82 -4.85
CA ASN B 9 5.65 5.73 -3.40
C ASN B 9 4.71 6.77 -2.76
N ALA B 10 3.45 6.80 -3.20
CA ALA B 10 2.47 7.75 -2.69
C ALA B 10 2.44 7.77 -1.16
N PRO B 11 1.60 8.65 -0.58
CA PRO B 11 1.47 8.77 0.88
C PRO B 11 1.24 7.42 1.56
N GLU B 12 0.83 7.43 2.81
CA GLU B 12 0.54 6.20 3.54
C GLU B 12 -0.86 5.69 3.23
N PHE B 13 -1.24 4.60 3.91
CA PHE B 13 -2.57 4.02 3.74
C PHE B 13 -3.43 4.39 4.95
N TYR B 14 -4.48 5.16 4.69
CA TYR B 14 -5.41 5.60 5.72
C TYR B 14 -6.82 5.08 5.45
N PRO B 15 -7.80 5.37 6.34
CA PRO B 15 -9.17 4.92 6.17
C PRO B 15 -9.86 5.61 4.98
N SER B 16 -9.80 4.96 3.84
CA SER B 16 -10.41 5.50 2.62
C SER B 16 -11.89 5.80 2.85
N GLY B 17 -12.67 4.77 3.17
CA GLY B 17 -14.08 4.96 3.40
C GLY B 17 -14.37 5.35 4.84
N TYR B 18 -13.72 6.41 5.30
CA TYR B 18 -13.91 6.90 6.67
C TYR B 18 -15.28 7.58 6.80
N SER B 19 -16.35 6.82 6.59
CA SER B 19 -17.70 7.36 6.69
C SER B 19 -18.21 7.34 8.13
N SER B 20 -17.97 8.44 8.85
CA SER B 20 -18.41 8.56 10.22
C SER B 20 -19.91 8.82 10.32
N SER B 21 -20.46 9.41 9.26
CA SER B 21 -21.89 9.71 9.21
C SER B 21 -22.65 8.63 8.45
N TYR B 22 -23.71 8.12 9.05
CA TYR B 22 -24.52 7.08 8.42
C TYR B 22 -25.88 7.63 8.00
N GLY A 1 0.78 -16.54 15.06
CA GLY A 1 1.18 -16.50 13.63
C GLY A 1 1.04 -15.12 13.02
N PRO A 2 0.01 -14.91 12.19
CA PRO A 2 -0.23 -13.60 11.55
C PRO A 2 -0.67 -12.53 12.54
N LEU A 3 0.14 -11.49 12.67
CA LEU A 3 -0.18 -10.39 13.59
C LEU A 3 -1.38 -9.59 13.08
N GLY A 4 -1.52 -9.52 11.76
CA GLY A 4 -2.61 -8.79 11.17
C GLY A 4 -3.85 -9.65 10.98
N SER A 5 -4.85 -9.10 10.30
CA SER A 5 -6.08 -9.83 10.06
C SER A 5 -5.96 -10.75 8.84
N PRO A 6 -6.04 -12.08 9.06
CA PRO A 6 -5.93 -13.05 7.97
C PRO A 6 -6.89 -12.75 6.82
N LEU A 7 -8.16 -12.61 7.14
CA LEU A 7 -9.17 -12.31 6.14
C LEU A 7 -9.46 -10.82 6.07
N THR A 8 -9.75 -10.33 4.86
CA THR A 8 -10.01 -8.92 4.63
C THR A 8 -11.48 -8.61 4.87
N ALA A 9 -12.35 -9.55 4.53
CA ALA A 9 -13.77 -9.35 4.77
C ALA A 9 -14.01 -9.14 6.26
N SER A 10 -13.81 -10.20 7.04
CA SER A 10 -14.02 -10.15 8.48
C SER A 10 -13.18 -9.06 9.14
N MET A 11 -12.07 -8.69 8.51
CA MET A 11 -11.23 -7.64 9.08
C MET A 11 -12.00 -6.33 9.13
N LEU A 12 -12.74 -6.05 8.07
CA LEU A 12 -13.54 -4.83 7.99
C LEU A 12 -14.51 -4.77 9.15
N ALA A 13 -15.38 -5.76 9.24
CA ALA A 13 -16.37 -5.85 10.32
C ALA A 13 -15.71 -6.17 11.66
N SER A 14 -14.38 -6.17 11.68
CA SER A 14 -13.62 -6.45 12.89
C SER A 14 -13.09 -5.17 13.52
N ALA A 15 -13.50 -4.01 12.99
CA ALA A 15 -13.07 -2.72 13.52
C ALA A 15 -14.25 -1.76 13.67
N PRO A 16 -14.23 -0.91 14.71
CA PRO A 16 -15.30 0.06 15.00
C PRO A 16 -15.88 0.70 13.74
N PRO A 17 -16.91 1.57 13.91
CA PRO A 17 -17.57 2.25 12.79
C PRO A 17 -16.58 2.85 11.79
N GLN A 18 -16.06 4.04 12.10
CA GLN A 18 -15.12 4.72 11.21
C GLN A 18 -13.87 3.90 10.94
N GLU A 19 -13.61 2.89 11.78
CA GLU A 19 -12.44 2.04 11.59
C GLU A 19 -12.75 0.95 10.59
N GLN A 20 -13.51 1.30 9.55
CA GLN A 20 -13.84 0.37 8.49
C GLN A 20 -12.58 0.08 7.66
N LYS A 21 -12.37 0.93 6.66
CA LYS A 21 -11.21 0.82 5.76
C LYS A 21 -9.94 1.35 6.43
N GLN A 22 -9.96 1.46 7.76
CA GLN A 22 -8.81 1.96 8.50
C GLN A 22 -7.61 1.03 8.37
N MET A 23 -7.79 -0.23 8.74
CA MET A 23 -6.71 -1.19 8.67
C MET A 23 -6.20 -1.34 7.23
N LEU A 24 -6.73 -2.33 6.49
CA LEU A 24 -6.31 -2.55 5.10
C LEU A 24 -6.61 -1.36 4.20
N GLY A 25 -6.04 -0.20 4.51
CA GLY A 25 -6.28 0.97 3.67
C GLY A 25 -7.61 0.90 2.95
N GLU A 26 -7.63 1.30 1.68
CA GLU A 26 -8.86 1.21 0.92
C GLU A 26 -9.14 -0.25 0.53
N ARG A 27 -8.52 -0.68 -0.56
CA ARG A 27 -8.70 -2.05 -1.06
C ARG A 27 -7.41 -2.63 -1.63
N LEU A 28 -6.28 -1.96 -1.41
CA LEU A 28 -4.99 -2.44 -1.92
C LEU A 28 -4.45 -3.61 -1.13
N PHE A 29 -4.49 -3.51 0.19
CA PHE A 29 -4.00 -4.57 1.06
C PHE A 29 -4.52 -5.93 0.58
N PRO A 30 -5.83 -6.04 0.33
CA PRO A 30 -6.44 -7.28 -0.16
C PRO A 30 -5.81 -7.74 -1.46
N LEU A 31 -5.62 -6.79 -2.37
CA LEU A 31 -5.04 -7.07 -3.68
C LEU A 31 -3.55 -7.41 -3.56
N ILE A 32 -2.81 -6.61 -2.80
CA ILE A 32 -1.40 -6.88 -2.61
C ILE A 32 -1.23 -8.15 -1.81
N GLN A 33 -2.07 -8.36 -0.81
CA GLN A 33 -1.99 -9.56 -0.01
C GLN A 33 -1.84 -10.76 -0.94
N ALA A 34 -2.63 -10.73 -2.02
CA ALA A 34 -2.61 -11.80 -3.02
C ALA A 34 -1.23 -12.00 -3.61
N MET A 35 -0.51 -10.90 -3.78
CA MET A 35 0.84 -10.97 -4.36
C MET A 35 1.93 -10.93 -3.28
N HIS A 36 1.87 -9.91 -2.42
CA HIS A 36 2.83 -9.77 -1.32
C HIS A 36 4.29 -9.67 -1.79
N PRO A 37 4.56 -8.87 -2.83
CA PRO A 37 5.92 -8.68 -3.33
C PRO A 37 6.83 -8.06 -2.27
N THR A 38 6.61 -6.78 -1.99
CA THR A 38 7.41 -6.05 -1.02
C THR A 38 6.79 -6.06 0.38
N LEU A 39 5.61 -5.45 0.49
CA LEU A 39 4.91 -5.39 1.77
C LEU A 39 3.49 -4.85 1.56
N ALA A 40 2.50 -5.71 1.72
CA ALA A 40 1.10 -5.34 1.56
C ALA A 40 0.71 -4.16 2.46
N GLY A 41 1.03 -4.22 3.74
CA GLY A 41 0.70 -3.13 4.63
C GLY A 41 1.22 -1.79 4.13
N LYS A 42 2.53 -1.72 3.91
CA LYS A 42 3.18 -0.49 3.45
C LYS A 42 2.87 -0.18 1.98
N ILE A 43 2.81 -1.20 1.15
CA ILE A 43 2.53 -1.00 -0.27
C ILE A 43 1.21 -0.24 -0.46
N THR A 44 0.19 -0.66 0.29
CA THR A 44 -1.13 -0.05 0.22
C THR A 44 -1.06 1.46 0.32
N GLY A 45 -0.31 1.95 1.31
CA GLY A 45 -0.16 3.38 1.48
C GLY A 45 0.37 4.04 0.24
N MET A 46 1.23 3.34 -0.47
CA MET A 46 1.83 3.86 -1.68
C MET A 46 0.83 3.83 -2.82
N LEU A 47 0.30 2.65 -3.16
CA LEU A 47 -0.65 2.55 -4.26
C LEU A 47 -1.84 3.46 -4.00
N LEU A 48 -2.04 3.86 -2.75
CA LEU A 48 -3.17 4.71 -2.35
C LEU A 48 -3.18 6.06 -3.08
N GLU A 49 -2.50 6.14 -4.21
CA GLU A 49 -2.46 7.37 -4.98
C GLU A 49 -3.78 7.58 -5.72
N ILE A 50 -4.66 6.57 -5.69
CA ILE A 50 -5.94 6.66 -6.37
C ILE A 50 -7.12 6.76 -5.38
N ASP A 51 -8.31 7.01 -5.90
CA ASP A 51 -9.53 7.12 -5.08
C ASP A 51 -10.01 5.75 -4.59
N ASN A 52 -10.63 5.70 -3.41
CA ASN A 52 -11.15 4.45 -2.87
C ASN A 52 -12.05 3.75 -3.90
N SER A 53 -12.60 4.53 -4.82
CA SER A 53 -13.49 4.00 -5.84
C SER A 53 -12.76 3.18 -6.89
N GLU A 54 -11.49 3.49 -7.13
CA GLU A 54 -10.69 2.77 -8.12
C GLU A 54 -10.24 1.42 -7.57
N LEU A 55 -9.85 1.41 -6.30
CA LEU A 55 -9.41 0.19 -5.65
C LEU A 55 -10.51 -0.86 -5.64
N LEU A 56 -11.74 -0.39 -5.55
CA LEU A 56 -12.90 -1.27 -5.55
C LEU A 56 -13.00 -1.98 -6.90
N HIS A 57 -12.86 -1.21 -7.97
CA HIS A 57 -12.92 -1.74 -9.32
C HIS A 57 -11.86 -2.82 -9.53
N MET A 58 -10.65 -2.56 -9.02
CA MET A 58 -9.55 -3.52 -9.15
C MET A 58 -9.91 -4.84 -8.49
N LEU A 59 -10.50 -4.76 -7.30
CA LEU A 59 -10.89 -5.95 -6.55
C LEU A 59 -11.91 -6.76 -7.36
N GLU A 60 -12.65 -6.11 -8.24
CA GLU A 60 -13.63 -6.79 -9.07
C GLU A 60 -13.08 -7.06 -10.47
N SER A 61 -11.90 -6.51 -10.76
CA SER A 61 -11.26 -6.68 -12.06
C SER A 61 -9.75 -6.83 -11.92
N PRO A 62 -9.26 -8.08 -11.74
CA PRO A 62 -7.82 -8.35 -11.60
C PRO A 62 -6.99 -7.70 -12.70
N GLU A 63 -7.61 -7.51 -13.86
CA GLU A 63 -6.93 -6.91 -15.00
C GLU A 63 -6.36 -5.53 -14.67
N SER A 64 -7.22 -4.63 -14.21
CA SER A 64 -6.79 -3.28 -13.85
C SER A 64 -6.04 -3.32 -12.53
N LEU A 65 -6.42 -4.28 -11.70
CA LEU A 65 -5.81 -4.45 -10.39
C LEU A 65 -4.31 -4.65 -10.54
N ARG A 66 -3.92 -5.72 -11.22
CA ARG A 66 -2.50 -6.02 -11.40
C ARG A 66 -1.78 -4.88 -12.09
N SER A 67 -2.49 -4.16 -12.94
CA SER A 67 -1.92 -3.03 -13.66
C SER A 67 -1.30 -2.01 -12.71
N LYS A 68 -2.02 -1.65 -11.66
CA LYS A 68 -1.54 -0.67 -10.69
C LYS A 68 -0.53 -1.27 -9.72
N VAL A 69 -0.86 -2.44 -9.17
CA VAL A 69 0.02 -3.13 -8.23
C VAL A 69 1.38 -3.38 -8.86
N ASP A 70 1.37 -4.05 -10.01
CA ASP A 70 2.59 -4.36 -10.75
C ASP A 70 3.47 -3.12 -10.87
N GLU A 71 2.90 -2.06 -11.42
CA GLU A 71 3.61 -0.79 -11.60
C GLU A 71 4.29 -0.34 -10.31
N ALA A 72 3.50 -0.14 -9.26
CA ALA A 72 4.05 0.28 -7.98
C ALA A 72 5.24 -0.57 -7.58
N VAL A 73 5.15 -1.88 -7.83
CA VAL A 73 6.25 -2.77 -7.50
C VAL A 73 7.54 -2.24 -8.11
N ALA A 74 7.42 -1.66 -9.31
CA ALA A 74 8.56 -1.07 -9.99
C ALA A 74 8.98 0.23 -9.32
N VAL A 75 8.07 1.19 -9.24
CA VAL A 75 8.37 2.48 -8.62
C VAL A 75 8.66 2.33 -7.12
N LEU A 76 7.66 1.87 -6.38
CA LEU A 76 7.78 1.70 -4.92
C LEU A 76 9.02 0.90 -4.55
N GLN A 77 9.07 -0.35 -4.96
CA GLN A 77 10.19 -1.22 -4.64
C GLN A 77 11.51 -0.53 -4.97
N ALA A 78 11.49 0.32 -6.00
CA ALA A 78 12.68 1.06 -6.40
C ALA A 78 12.88 2.29 -5.51
N HIS A 79 11.77 2.92 -5.13
CA HIS A 79 11.81 4.12 -4.29
C HIS A 79 12.09 3.75 -2.83
N GLN A 80 11.76 2.52 -2.46
CA GLN A 80 11.99 2.05 -1.10
C GLN A 80 13.43 1.60 -0.91
N ALA A 81 14.35 2.57 -0.90
CA ALA A 81 15.77 2.27 -0.74
C ALA A 81 16.21 2.51 0.71
N LYS A 82 17.15 1.70 1.16
CA LYS A 82 17.68 1.83 2.52
C LYS A 82 18.48 3.12 2.67
N GLU A 83 19.19 3.25 3.79
CA GLU A 83 19.98 4.45 4.03
C GLU A 83 21.42 4.30 3.52
N ALA A 84 22.13 3.28 3.99
CA ALA A 84 23.50 3.05 3.55
C ALA A 84 23.52 2.32 2.20
N ALA A 85 24.59 2.51 1.44
CA ALA A 85 24.72 1.87 0.14
C ALA A 85 25.10 0.40 0.27
N GLN A 86 26.39 0.13 0.43
CA GLN A 86 26.88 -1.24 0.58
C GLN A 86 26.99 -1.60 2.04
N LYS A 87 27.86 -0.90 2.75
CA LYS A 87 28.06 -1.14 4.17
C LYS A 87 26.98 -0.45 5.00
N ALA A 88 25.99 -1.23 5.45
CA ALA A 88 24.90 -0.70 6.25
C ALA A 88 25.32 -0.48 7.70
N VAL A 89 26.62 -0.44 7.95
CA VAL A 89 27.15 -0.23 9.29
C VAL A 89 27.08 1.24 9.68
N ASN A 90 26.15 1.57 10.57
CA ASN A 90 25.99 2.95 11.03
C ASN A 90 26.67 3.15 12.38
N SER A 91 27.98 2.91 12.42
CA SER A 91 28.74 3.06 13.66
C SER A 91 29.37 4.44 13.74
N ALA A 92 30.03 4.72 14.86
CA ALA A 92 30.68 6.00 15.08
C ALA A 92 31.96 6.11 14.26
N THR A 93 32.12 7.21 13.54
CA THR A 93 33.30 7.43 12.71
C THR A 93 34.35 8.22 13.49
N GLY A 94 33.90 9.17 14.30
CA GLY A 94 34.81 9.99 15.08
C GLY A 94 35.14 9.35 16.42
N VAL A 95 35.76 8.17 16.38
CA VAL A 95 36.13 7.47 17.60
C VAL A 95 37.60 7.71 17.95
N PRO A 96 37.96 7.59 19.24
CA PRO A 96 39.34 7.80 19.70
C PRO A 96 40.29 6.70 19.20
N THR A 97 41.54 7.07 18.98
CA THR A 97 42.55 6.11 18.50
C THR A 97 43.20 5.40 19.68
N VAL A 98 42.49 4.42 20.23
CA VAL A 98 43.01 3.65 21.36
C VAL A 98 43.34 2.22 20.94
N VAL B 1 15.40 8.91 -17.55
CA VAL B 1 15.10 8.34 -16.20
C VAL B 1 13.65 8.62 -15.76
N LEU B 2 12.84 9.20 -16.63
CA LEU B 2 11.45 9.49 -16.30
C LEU B 2 10.56 8.28 -16.61
N MET B 3 11.07 7.10 -16.29
CA MET B 3 10.32 5.87 -16.53
C MET B 3 9.57 5.44 -15.27
N SER B 4 8.63 6.27 -14.85
CA SER B 4 7.83 5.98 -13.66
C SER B 4 6.62 5.12 -14.02
N LYS B 5 6.15 4.34 -13.06
CA LYS B 5 5.00 3.47 -13.30
C LYS B 5 3.68 4.16 -12.92
N LEU B 6 2.57 3.40 -12.96
CA LEU B 6 1.25 3.95 -12.66
C LEU B 6 1.11 4.34 -11.20
N SER B 7 1.60 3.51 -10.29
CA SER B 7 1.54 3.82 -8.87
C SER B 7 2.94 4.05 -8.33
N VAL B 8 3.12 5.13 -7.58
CA VAL B 8 4.44 5.46 -7.01
C VAL B 8 4.42 5.28 -5.50
N ASN B 9 5.52 5.65 -4.85
CA ASN B 9 5.62 5.52 -3.41
C ASN B 9 4.81 6.61 -2.68
N ALA B 10 3.53 6.76 -3.03
CA ALA B 10 2.69 7.77 -2.42
C ALA B 10 2.71 7.68 -0.89
N PRO B 11 1.93 8.54 -0.19
CA PRO B 11 1.86 8.57 1.27
C PRO B 11 1.62 7.21 1.89
N GLU B 12 1.21 7.18 3.16
CA GLU B 12 0.90 5.93 3.85
C GLU B 12 -0.53 5.44 3.53
N PHE B 13 -0.93 4.36 4.21
CA PHE B 13 -2.27 3.80 4.00
C PHE B 13 -3.20 4.17 5.15
N TYR B 14 -4.23 4.96 4.80
CA TYR B 14 -5.24 5.40 5.76
C TYR B 14 -6.64 4.90 5.37
N PRO B 15 -7.64 5.06 6.27
CA PRO B 15 -9.03 4.63 6.03
C PRO B 15 -9.69 5.36 4.87
N SER B 16 -9.67 4.73 3.72
CA SER B 16 -10.28 5.29 2.53
C SER B 16 -11.73 5.67 2.80
N GLY B 17 -12.55 4.66 3.01
CA GLY B 17 -13.96 4.89 3.27
C GLY B 17 -14.22 5.19 4.73
N TYR B 18 -13.51 6.18 5.27
CA TYR B 18 -13.69 6.58 6.66
C TYR B 18 -15.02 7.29 6.83
N SER B 19 -15.51 7.33 8.06
CA SER B 19 -16.78 8.00 8.34
C SER B 19 -16.55 9.49 8.60
N SER B 20 -17.35 10.34 7.97
CA SER B 20 -17.23 11.77 8.13
C SER B 20 -18.03 12.26 9.34
N SER B 21 -17.33 12.67 10.38
CA SER B 21 -17.97 13.17 11.60
C SER B 21 -17.80 14.67 11.73
N TYR B 22 -17.70 15.35 10.58
CA TYR B 22 -17.54 16.80 10.57
C TYR B 22 -18.90 17.50 10.49
N GLY A 1 -2.78 -23.78 7.34
CA GLY A 1 -4.01 -23.01 6.99
C GLY A 1 -3.81 -21.51 7.04
N PRO A 2 -4.80 -20.72 6.61
CA PRO A 2 -4.71 -19.26 6.60
C PRO A 2 -4.83 -18.65 8.01
N LEU A 3 -4.72 -19.48 9.03
CA LEU A 3 -4.82 -19.02 10.42
C LEU A 3 -3.50 -18.38 10.89
N GLY A 4 -2.56 -18.20 9.97
CA GLY A 4 -1.28 -17.60 10.31
C GLY A 4 -1.24 -16.12 10.02
N SER A 5 -1.62 -15.75 8.80
CA SER A 5 -1.62 -14.34 8.39
C SER A 5 -2.98 -13.69 8.68
N PRO A 6 -2.98 -12.38 8.97
CA PRO A 6 -4.21 -11.63 9.28
C PRO A 6 -5.29 -11.84 8.22
N LEU A 7 -6.54 -11.92 8.65
CA LEU A 7 -7.66 -12.11 7.74
C LEU A 7 -8.21 -10.76 7.26
N THR A 8 -8.57 -10.71 5.98
CA THR A 8 -9.06 -9.48 5.38
C THR A 8 -10.56 -9.32 5.62
N ALA A 9 -11.30 -10.42 5.57
CA ALA A 9 -12.72 -10.36 5.82
C ALA A 9 -12.96 -9.80 7.21
N SER A 10 -12.59 -10.57 8.22
CA SER A 10 -12.80 -10.16 9.62
C SER A 10 -12.14 -8.82 9.91
N MET A 11 -11.12 -8.44 9.13
CA MET A 11 -10.46 -7.16 9.35
C MET A 11 -11.45 -6.03 9.11
N LEU A 12 -12.21 -6.16 8.04
CA LEU A 12 -13.20 -5.15 7.70
C LEU A 12 -14.31 -5.11 8.74
N ALA A 13 -15.03 -6.22 8.91
CA ALA A 13 -16.10 -6.30 9.89
C ALA A 13 -15.57 -6.30 11.32
N SER A 14 -14.31 -5.95 11.48
CA SER A 14 -13.69 -5.89 12.80
C SER A 14 -13.91 -4.50 13.42
N ALA A 15 -13.88 -3.48 12.57
CA ALA A 15 -14.06 -2.10 13.04
C ALA A 15 -15.14 -1.35 12.25
N PRO A 16 -16.41 -1.73 12.44
CA PRO A 16 -17.54 -1.11 11.75
C PRO A 16 -17.42 0.43 11.68
N PRO A 17 -17.17 1.09 12.83
CA PRO A 17 -17.05 2.56 12.88
C PRO A 17 -16.06 3.11 11.85
N GLN A 18 -15.63 4.35 12.06
CA GLN A 18 -14.69 5.00 11.16
C GLN A 18 -13.43 4.16 10.92
N GLU A 19 -13.22 3.15 11.77
CA GLU A 19 -12.05 2.28 11.61
C GLU A 19 -12.34 1.17 10.61
N GLN A 20 -13.11 1.50 9.56
CA GLN A 20 -13.41 0.54 8.51
C GLN A 20 -12.16 0.25 7.68
N LYS A 21 -11.91 1.12 6.71
CA LYS A 21 -10.76 1.03 5.82
C LYS A 21 -9.48 1.54 6.49
N GLN A 22 -9.52 1.64 7.82
CA GLN A 22 -8.37 2.14 8.57
C GLN A 22 -7.16 1.23 8.43
N MET A 23 -7.24 0.04 9.00
CA MET A 23 -6.13 -0.91 8.93
C MET A 23 -5.76 -1.18 7.47
N LEU A 24 -6.38 -2.18 6.86
CA LEU A 24 -6.09 -2.54 5.47
C LEU A 24 -6.44 -1.41 4.50
N GLY A 25 -5.92 -0.20 4.72
CA GLY A 25 -6.22 0.91 3.83
C GLY A 25 -7.60 0.79 3.19
N GLU A 26 -7.70 1.19 1.94
CA GLU A 26 -8.96 1.09 1.22
C GLU A 26 -9.23 -0.37 0.85
N ARG A 27 -8.67 -0.78 -0.29
CA ARG A 27 -8.84 -2.15 -0.80
C ARG A 27 -7.53 -2.70 -1.37
N LEU A 28 -6.43 -2.02 -1.08
CA LEU A 28 -5.13 -2.41 -1.59
C LEU A 28 -4.54 -3.60 -0.85
N PHE A 29 -4.55 -3.53 0.48
CA PHE A 29 -4.01 -4.61 1.31
C PHE A 29 -4.46 -5.98 0.80
N PRO A 30 -5.77 -6.15 0.56
CA PRO A 30 -6.33 -7.41 0.06
C PRO A 30 -5.78 -7.81 -1.30
N LEU A 31 -5.68 -6.84 -2.21
CA LEU A 31 -5.16 -7.12 -3.55
C LEU A 31 -3.66 -7.44 -3.50
N ILE A 32 -2.93 -6.61 -2.78
CA ILE A 32 -1.51 -6.82 -2.65
C ILE A 32 -1.25 -8.09 -1.84
N GLN A 33 -2.03 -8.28 -0.77
CA GLN A 33 -1.90 -9.48 0.05
C GLN A 33 -1.75 -10.70 -0.85
N ALA A 34 -2.57 -10.73 -1.91
CA ALA A 34 -2.57 -11.83 -2.87
C ALA A 34 -1.19 -12.02 -3.50
N MET A 35 -0.50 -10.92 -3.69
CA MET A 35 0.84 -10.96 -4.28
C MET A 35 1.93 -10.90 -3.21
N HIS A 36 1.82 -9.91 -2.33
CA HIS A 36 2.78 -9.75 -1.23
C HIS A 36 4.22 -9.62 -1.72
N PRO A 37 4.49 -8.76 -2.72
CA PRO A 37 5.84 -8.57 -3.21
C PRO A 37 6.75 -8.02 -2.12
N THR A 38 6.57 -6.74 -1.80
CA THR A 38 7.40 -6.08 -0.80
C THR A 38 6.74 -6.07 0.58
N LEU A 39 5.55 -5.49 0.69
CA LEU A 39 4.84 -5.42 1.96
C LEU A 39 3.42 -4.91 1.77
N ALA A 40 2.44 -5.80 1.92
CA ALA A 40 1.04 -5.45 1.77
C ALA A 40 0.65 -4.21 2.56
N GLY A 41 1.07 -4.13 3.82
CA GLY A 41 0.72 -2.98 4.64
C GLY A 41 1.20 -1.67 4.03
N LYS A 42 2.51 -1.49 3.99
CA LYS A 42 3.11 -0.25 3.46
C LYS A 42 2.84 -0.07 1.96
N ILE A 43 2.90 -1.15 1.20
CA ILE A 43 2.67 -1.09 -0.24
C ILE A 43 1.35 -0.40 -0.56
N THR A 44 0.34 -0.70 0.24
CA THR A 44 -0.99 -0.12 0.05
C THR A 44 -0.94 1.40 0.17
N GLY A 45 -0.22 1.90 1.16
CA GLY A 45 -0.12 3.34 1.34
C GLY A 45 0.39 4.04 0.10
N MET A 46 1.18 3.31 -0.68
CA MET A 46 1.75 3.85 -1.91
C MET A 46 0.70 3.92 -3.01
N LEU A 47 0.17 2.77 -3.41
CA LEU A 47 -0.81 2.75 -4.47
C LEU A 47 -2.00 3.62 -4.11
N LEU A 48 -2.18 3.91 -2.82
CA LEU A 48 -3.28 4.73 -2.35
C LEU A 48 -3.26 6.14 -2.96
N GLU A 49 -2.55 6.29 -4.08
CA GLU A 49 -2.46 7.57 -4.77
C GLU A 49 -3.75 7.90 -5.50
N ILE A 50 -4.66 6.92 -5.57
CA ILE A 50 -5.93 7.10 -6.25
C ILE A 50 -7.10 7.18 -5.26
N ASP A 51 -8.30 7.43 -5.78
CA ASP A 51 -9.52 7.49 -4.98
C ASP A 51 -9.99 6.09 -4.55
N ASN A 52 -10.57 5.99 -3.35
CA ASN A 52 -11.08 4.70 -2.87
C ASN A 52 -11.96 4.03 -3.93
N SER A 53 -12.54 4.84 -4.82
CA SER A 53 -13.40 4.34 -5.88
C SER A 53 -12.62 3.55 -6.93
N GLU A 54 -11.37 3.91 -7.14
CA GLU A 54 -10.53 3.22 -8.12
C GLU A 54 -10.07 1.87 -7.61
N LEU A 55 -9.68 1.81 -6.34
CA LEU A 55 -9.21 0.57 -5.75
C LEU A 55 -10.32 -0.48 -5.80
N LEU A 56 -11.56 -0.02 -5.71
CA LEU A 56 -12.71 -0.92 -5.77
C LEU A 56 -12.83 -1.56 -7.15
N HIS A 57 -12.61 -0.74 -8.18
CA HIS A 57 -12.70 -1.21 -9.56
C HIS A 57 -11.74 -2.38 -9.78
N MET A 58 -10.54 -2.26 -9.20
CA MET A 58 -9.54 -3.32 -9.33
C MET A 58 -10.08 -4.64 -8.80
N LEU A 59 -10.69 -4.59 -7.63
CA LEU A 59 -11.25 -5.78 -7.01
C LEU A 59 -12.34 -6.39 -7.89
N GLU A 60 -12.90 -5.60 -8.80
CA GLU A 60 -13.93 -6.07 -9.71
C GLU A 60 -13.34 -6.47 -11.06
N SER A 61 -12.11 -6.00 -11.32
CA SER A 61 -11.45 -6.31 -12.59
C SER A 61 -9.98 -6.67 -12.36
N PRO A 62 -9.66 -7.97 -12.25
CA PRO A 62 -8.29 -8.45 -12.02
C PRO A 62 -7.31 -7.85 -13.03
N GLU A 63 -7.77 -7.67 -14.27
CA GLU A 63 -6.95 -7.12 -15.33
C GLU A 63 -6.36 -5.77 -14.95
N SER A 64 -7.23 -4.83 -14.58
CA SER A 64 -6.81 -3.50 -14.18
C SER A 64 -6.18 -3.53 -12.80
N LEU A 65 -6.65 -4.46 -11.97
CA LEU A 65 -6.15 -4.59 -10.62
C LEU A 65 -4.65 -4.81 -10.62
N ARG A 66 -4.20 -5.86 -11.28
CA ARG A 66 -2.78 -6.15 -11.35
C ARG A 66 -2.02 -5.00 -12.01
N SER A 67 -2.70 -4.30 -12.92
CA SER A 67 -2.09 -3.18 -13.62
C SER A 67 -1.49 -2.16 -12.65
N LYS A 68 -2.25 -1.80 -11.63
CA LYS A 68 -1.77 -0.83 -10.64
C LYS A 68 -0.77 -1.45 -9.68
N VAL A 69 -1.13 -2.61 -9.13
CA VAL A 69 -0.25 -3.31 -8.20
C VAL A 69 1.11 -3.60 -8.83
N ASP A 70 1.08 -4.16 -10.04
CA ASP A 70 2.32 -4.47 -10.75
C ASP A 70 3.27 -3.29 -10.72
N GLU A 71 2.79 -2.15 -11.21
CA GLU A 71 3.59 -0.94 -11.24
C GLU A 71 4.23 -0.70 -9.88
N ALA A 72 3.43 -0.82 -8.83
CA ALA A 72 3.93 -0.64 -7.47
C ALA A 72 5.24 -1.38 -7.26
N VAL A 73 5.22 -2.66 -7.56
CA VAL A 73 6.40 -3.49 -7.41
C VAL A 73 7.60 -2.87 -8.11
N ALA A 74 7.38 -2.34 -9.31
CA ALA A 74 8.46 -1.71 -10.05
C ALA A 74 8.86 -0.38 -9.42
N VAL A 75 7.88 0.51 -9.27
CA VAL A 75 8.14 1.83 -8.69
C VAL A 75 8.46 1.75 -7.20
N LEU A 76 7.50 1.26 -6.44
CA LEU A 76 7.64 1.16 -4.98
C LEU A 76 8.94 0.48 -4.59
N GLN A 77 9.09 -0.77 -5.02
CA GLN A 77 10.30 -1.53 -4.70
C GLN A 77 11.54 -0.71 -5.06
N ALA A 78 11.42 0.12 -6.09
CA ALA A 78 12.52 0.97 -6.54
C ALA A 78 12.64 2.23 -5.69
N HIS A 79 11.51 2.89 -5.44
CA HIS A 79 11.49 4.10 -4.64
C HIS A 79 11.82 3.81 -3.19
N GLN A 80 10.99 2.99 -2.55
CA GLN A 80 11.20 2.63 -1.16
C GLN A 80 12.29 1.57 -1.02
N ALA A 81 13.49 1.93 -1.47
CA ALA A 81 14.63 1.02 -1.41
C ALA A 81 15.24 1.02 -0.01
N LYS A 82 16.31 0.26 0.15
CA LYS A 82 16.99 0.19 1.45
C LYS A 82 17.77 1.48 1.73
N GLU A 83 18.14 2.19 0.67
CA GLU A 83 18.87 3.44 0.79
C GLU A 83 17.93 4.62 0.98
N ALA A 84 18.41 5.66 1.62
CA ALA A 84 17.61 6.86 1.85
C ALA A 84 17.58 7.73 0.60
N ALA A 85 17.24 7.13 -0.54
CA ALA A 85 17.16 7.86 -1.80
C ALA A 85 15.83 8.58 -1.94
N GLN A 86 15.33 9.12 -0.84
CA GLN A 86 14.07 9.85 -0.84
C GLN A 86 14.29 11.32 -1.17
N LYS A 87 15.47 11.81 -0.82
CA LYS A 87 15.82 13.20 -1.07
C LYS A 87 16.16 13.42 -2.55
N ALA A 88 15.16 13.79 -3.33
CA ALA A 88 15.35 14.03 -4.76
C ALA A 88 16.13 15.31 -5.01
N VAL A 89 16.34 15.65 -6.27
CA VAL A 89 17.07 16.85 -6.64
C VAL A 89 16.20 18.09 -6.49
N ASN A 90 16.84 19.26 -6.45
CA ASN A 90 16.12 20.51 -6.32
C ASN A 90 15.51 20.94 -7.65
N SER A 91 14.79 22.06 -7.63
CA SER A 91 14.15 22.58 -8.84
C SER A 91 15.05 23.60 -9.53
N ALA A 92 16.11 23.12 -10.16
CA ALA A 92 17.05 23.99 -10.86
C ALA A 92 16.47 24.45 -12.20
N THR A 93 15.40 25.25 -12.13
CA THR A 93 14.76 25.76 -13.34
C THR A 93 14.93 27.27 -13.46
N GLY A 94 15.99 27.78 -12.85
CA GLY A 94 16.27 29.21 -12.90
C GLY A 94 17.43 29.56 -13.80
N VAL A 95 17.51 30.82 -14.20
CA VAL A 95 18.59 31.27 -15.07
C VAL A 95 19.74 31.91 -14.27
N PRO A 96 19.47 32.97 -13.50
CA PRO A 96 20.52 33.64 -12.71
C PRO A 96 20.99 32.78 -11.54
N THR A 97 22.26 32.41 -11.55
CA THR A 97 22.84 31.59 -10.50
C THR A 97 23.28 32.46 -9.31
N VAL A 98 22.54 32.37 -8.22
CA VAL A 98 22.85 33.15 -7.02
C VAL A 98 23.13 32.24 -5.83
N VAL B 1 9.06 2.00 -21.27
CA VAL B 1 9.62 3.25 -21.85
C VAL B 1 10.08 4.21 -20.75
N LEU B 2 9.15 4.74 -19.98
CA LEU B 2 9.49 5.66 -18.89
C LEU B 2 9.88 4.88 -17.65
N MET B 3 10.39 5.59 -16.64
CA MET B 3 10.81 4.96 -15.39
C MET B 3 9.72 5.10 -14.34
N SER B 4 8.94 6.16 -14.43
CA SER B 4 7.86 6.41 -13.48
C SER B 4 6.69 5.47 -13.72
N LYS B 5 6.26 4.78 -12.67
CA LYS B 5 5.14 3.85 -12.77
C LYS B 5 3.80 4.57 -12.58
N LEU B 6 2.74 3.79 -12.43
CA LEU B 6 1.40 4.32 -12.25
C LEU B 6 1.10 4.56 -10.78
N SER B 7 1.53 3.63 -9.93
CA SER B 7 1.32 3.74 -8.50
C SER B 7 2.62 4.07 -7.78
N VAL B 8 3.06 5.32 -7.89
CA VAL B 8 4.29 5.76 -7.27
C VAL B 8 4.27 5.49 -5.77
N ASN B 9 5.36 5.83 -5.10
CA ASN B 9 5.48 5.62 -3.67
C ASN B 9 4.68 6.67 -2.87
N ALA B 10 3.39 6.80 -3.17
CA ALA B 10 2.54 7.77 -2.50
C ALA B 10 2.66 7.69 -0.97
N PRO B 11 1.94 8.57 -0.25
CA PRO B 11 1.99 8.60 1.22
C PRO B 11 1.69 7.24 1.84
N GLU B 12 1.25 7.24 3.10
CA GLU B 12 0.90 5.99 3.78
C GLU B 12 -0.51 5.54 3.43
N PHE B 13 -0.94 4.46 4.08
CA PHE B 13 -2.27 3.91 3.88
C PHE B 13 -3.18 4.29 5.05
N TYR B 14 -4.21 5.07 4.73
CA TYR B 14 -5.19 5.53 5.70
C TYR B 14 -6.59 5.02 5.35
N PRO B 15 -7.59 5.19 6.25
CA PRO B 15 -8.96 4.77 5.99
C PRO B 15 -9.62 5.60 4.90
N SER B 16 -9.51 5.12 3.67
CA SER B 16 -10.08 5.79 2.51
C SER B 16 -11.55 6.14 2.75
N GLY B 17 -12.35 5.11 2.97
CA GLY B 17 -13.75 5.30 3.22
C GLY B 17 -14.04 5.69 4.66
N TYR B 18 -13.40 6.77 5.12
CA TYR B 18 -13.61 7.24 6.48
C TYR B 18 -15.06 7.67 6.69
N SER B 19 -15.82 6.86 7.43
CA SER B 19 -17.22 7.16 7.68
C SER B 19 -17.34 8.14 8.86
N SER B 20 -18.19 9.15 8.70
CA SER B 20 -18.39 10.15 9.73
C SER B 20 -19.64 9.82 10.56
N SER B 21 -19.70 8.59 11.06
CA SER B 21 -20.83 8.16 11.87
C SER B 21 -20.45 8.15 13.35
N TYR B 22 -21.36 8.61 14.20
CA TYR B 22 -21.13 8.64 15.64
C TYR B 22 -21.47 7.30 16.28
N GLY A 1 -4.20 -26.02 8.64
CA GLY A 1 -4.41 -24.55 8.52
C GLY A 1 -3.67 -23.95 7.33
N PRO A 2 -4.15 -24.21 6.10
CA PRO A 2 -3.52 -23.67 4.88
C PRO A 2 -3.84 -22.20 4.63
N LEU A 3 -4.37 -21.52 5.65
CA LEU A 3 -4.71 -20.10 5.51
C LEU A 3 -3.51 -19.22 5.81
N GLY A 4 -2.78 -18.83 4.76
CA GLY A 4 -1.62 -17.99 4.95
C GLY A 4 -1.97 -16.51 4.97
N SER A 5 -2.72 -16.06 3.97
CA SER A 5 -3.12 -14.66 3.87
C SER A 5 -4.34 -14.39 4.76
N PRO A 6 -4.23 -13.42 5.69
CA PRO A 6 -5.34 -13.07 6.59
C PRO A 6 -6.65 -12.83 5.87
N LEU A 7 -7.73 -12.64 6.63
CA LEU A 7 -9.05 -12.41 6.06
C LEU A 7 -9.34 -10.90 5.99
N THR A 8 -9.66 -10.43 4.78
CA THR A 8 -9.92 -9.02 4.57
C THR A 8 -11.38 -8.70 4.84
N ALA A 9 -12.26 -9.64 4.54
CA ALA A 9 -13.67 -9.45 4.80
C ALA A 9 -13.88 -9.20 6.29
N SER A 10 -13.63 -10.24 7.09
CA SER A 10 -13.81 -10.15 8.54
C SER A 10 -12.96 -9.03 9.14
N MET A 11 -11.88 -8.65 8.48
CA MET A 11 -11.03 -7.58 8.99
C MET A 11 -11.83 -6.28 9.05
N LEU A 12 -12.59 -6.02 8.01
CA LEU A 12 -13.42 -4.82 7.95
C LEU A 12 -14.42 -4.80 9.09
N ALA A 13 -15.20 -5.88 9.21
CA ALA A 13 -16.19 -6.00 10.28
C ALA A 13 -15.50 -6.20 11.64
N SER A 14 -14.17 -6.14 11.65
CA SER A 14 -13.41 -6.31 12.87
C SER A 14 -12.96 -4.97 13.46
N ALA A 15 -13.40 -3.86 12.85
CA ALA A 15 -13.05 -2.53 13.33
C ALA A 15 -14.29 -1.64 13.39
N PRO A 16 -14.38 -0.77 14.43
CA PRO A 16 -15.51 0.14 14.62
C PRO A 16 -16.07 0.74 13.33
N PRO A 17 -17.16 1.52 13.42
CA PRO A 17 -17.82 2.15 12.26
C PRO A 17 -16.82 2.84 11.32
N GLN A 18 -16.37 4.04 11.69
CA GLN A 18 -15.43 4.79 10.86
C GLN A 18 -14.13 4.04 10.69
N GLU A 19 -13.89 3.05 11.54
CA GLU A 19 -12.69 2.24 11.47
C GLU A 19 -12.90 1.09 10.48
N GLN A 20 -13.59 1.39 9.38
CA GLN A 20 -13.81 0.41 8.33
C GLN A 20 -12.50 0.13 7.59
N LYS A 21 -12.22 1.01 6.64
CA LYS A 21 -11.02 0.93 5.79
C LYS A 21 -9.77 1.45 6.50
N GLN A 22 -9.82 1.58 7.82
CA GLN A 22 -8.67 2.08 8.56
C GLN A 22 -7.48 1.14 8.52
N MET A 23 -7.66 -0.12 8.92
CA MET A 23 -6.56 -1.07 8.90
C MET A 23 -6.08 -1.28 7.47
N LEU A 24 -6.66 -2.25 6.78
CA LEU A 24 -6.28 -2.56 5.39
C LEU A 24 -6.54 -1.40 4.44
N GLY A 25 -6.01 -0.20 4.73
CA GLY A 25 -6.23 0.94 3.84
C GLY A 25 -7.59 0.87 3.17
N GLU A 26 -7.64 1.27 1.91
CA GLU A 26 -8.88 1.18 1.15
C GLU A 26 -9.15 -0.28 0.79
N ARG A 27 -8.54 -0.73 -0.29
CA ARG A 27 -8.68 -2.11 -0.76
C ARG A 27 -7.37 -2.63 -1.36
N LEU A 28 -6.25 -1.98 -1.04
CA LEU A 28 -4.96 -2.38 -1.57
C LEU A 28 -4.43 -3.63 -0.87
N PHE A 29 -4.49 -3.60 0.46
CA PHE A 29 -4.02 -4.71 1.27
C PHE A 29 -4.53 -6.04 0.71
N PRO A 30 -5.84 -6.15 0.47
CA PRO A 30 -6.44 -7.37 -0.10
C PRO A 30 -5.82 -7.75 -1.43
N LEU A 31 -5.65 -6.77 -2.31
CA LEU A 31 -5.08 -7.02 -3.64
C LEU A 31 -3.62 -7.39 -3.57
N ILE A 32 -2.87 -6.58 -2.85
CA ILE A 32 -1.46 -6.82 -2.72
C ILE A 32 -1.24 -8.10 -1.91
N GLN A 33 -2.07 -8.30 -0.90
CA GLN A 33 -1.98 -9.52 -0.10
C GLN A 33 -1.87 -10.72 -1.04
N ALA A 34 -2.66 -10.67 -2.10
CA ALA A 34 -2.68 -11.74 -3.12
C ALA A 34 -1.31 -11.92 -3.76
N MET A 35 -0.58 -10.82 -3.87
CA MET A 35 0.76 -10.84 -4.48
C MET A 35 1.87 -10.90 -3.43
N HIS A 36 1.82 -9.96 -2.49
CA HIS A 36 2.79 -9.89 -1.39
C HIS A 36 4.23 -9.75 -1.87
N PRO A 37 4.50 -8.87 -2.84
CA PRO A 37 5.87 -8.66 -3.30
C PRO A 37 6.76 -8.16 -2.17
N THR A 38 6.59 -6.89 -1.81
CA THR A 38 7.38 -6.27 -0.77
C THR A 38 6.69 -6.34 0.60
N LEU A 39 5.56 -5.65 0.74
CA LEU A 39 4.84 -5.63 2.00
C LEU A 39 3.41 -5.09 1.81
N ALA A 40 2.43 -5.97 1.88
CA ALA A 40 1.02 -5.58 1.73
C ALA A 40 0.66 -4.36 2.57
N GLY A 41 1.01 -4.36 3.85
CA GLY A 41 0.68 -3.24 4.70
C GLY A 41 1.25 -1.92 4.19
N LYS A 42 2.57 -1.87 4.08
CA LYS A 42 3.27 -0.67 3.62
C LYS A 42 2.93 -0.33 2.17
N ILE A 43 2.83 -1.35 1.33
CA ILE A 43 2.52 -1.16 -0.08
C ILE A 43 1.21 -0.41 -0.23
N THR A 44 0.25 -0.74 0.64
CA THR A 44 -1.06 -0.10 0.62
C THR A 44 -0.90 1.41 0.61
N GLY A 45 -0.10 1.92 1.55
CA GLY A 45 0.13 3.34 1.59
C GLY A 45 0.66 3.85 0.28
N MET A 46 1.30 2.96 -0.46
CA MET A 46 1.88 3.31 -1.75
C MET A 46 0.82 3.49 -2.83
N LEU A 47 0.18 2.40 -3.23
CA LEU A 47 -0.81 2.49 -4.30
C LEU A 47 -1.90 3.48 -3.93
N LEU A 48 -2.06 3.79 -2.63
CA LEU A 48 -3.11 4.71 -2.17
C LEU A 48 -3.04 6.09 -2.83
N GLU A 49 -2.30 6.21 -3.93
CA GLU A 49 -2.20 7.48 -4.64
C GLU A 49 -3.50 7.76 -5.40
N ILE A 50 -4.38 6.76 -5.46
CA ILE A 50 -5.64 6.87 -6.17
C ILE A 50 -6.83 6.95 -5.20
N ASP A 51 -8.02 7.26 -5.73
CA ASP A 51 -9.24 7.34 -4.93
C ASP A 51 -9.74 5.94 -4.52
N ASN A 52 -10.39 5.85 -3.35
CA ASN A 52 -10.92 4.57 -2.89
C ASN A 52 -11.75 3.89 -3.98
N SER A 53 -12.28 4.70 -4.90
CA SER A 53 -13.11 4.20 -5.99
C SER A 53 -12.35 3.36 -7.02
N GLU A 54 -11.05 3.59 -7.14
CA GLU A 54 -10.25 2.85 -8.11
C GLU A 54 -9.98 1.43 -7.63
N LEU A 55 -9.70 1.30 -6.34
CA LEU A 55 -9.42 0.00 -5.75
C LEU A 55 -10.62 -0.94 -5.87
N LEU A 56 -11.81 -0.38 -5.76
CA LEU A 56 -13.03 -1.17 -5.89
C LEU A 56 -13.15 -1.73 -7.30
N HIS A 57 -12.86 -0.88 -8.29
CA HIS A 57 -12.92 -1.27 -9.68
C HIS A 57 -11.91 -2.37 -9.99
N MET A 58 -10.67 -2.15 -9.56
CA MET A 58 -9.60 -3.12 -9.79
C MET A 58 -9.81 -4.37 -8.94
N LEU A 59 -10.25 -4.17 -7.70
CA LEU A 59 -10.48 -5.31 -6.81
C LEU A 59 -11.51 -6.26 -7.41
N GLU A 60 -12.34 -5.74 -8.31
CA GLU A 60 -13.35 -6.56 -8.97
C GLU A 60 -12.88 -6.96 -10.38
N SER A 61 -11.67 -6.53 -10.74
CA SER A 61 -11.11 -6.85 -12.05
C SER A 61 -9.60 -7.07 -11.95
N PRO A 62 -9.14 -8.34 -11.87
CA PRO A 62 -7.72 -8.66 -11.77
C PRO A 62 -6.89 -7.98 -12.85
N GLU A 63 -7.51 -7.76 -14.00
CA GLU A 63 -6.84 -7.12 -15.13
C GLU A 63 -6.31 -5.74 -14.76
N SER A 64 -7.21 -4.84 -14.38
CA SER A 64 -6.83 -3.50 -13.99
C SER A 64 -6.07 -3.54 -12.67
N LEU A 65 -6.47 -4.48 -11.83
CA LEU A 65 -5.84 -4.64 -10.53
C LEU A 65 -4.36 -4.88 -10.70
N ARG A 66 -3.98 -5.93 -11.41
CA ARG A 66 -2.58 -6.22 -11.60
C ARG A 66 -1.88 -5.03 -12.25
N SER A 67 -2.61 -4.27 -13.03
CA SER A 67 -2.07 -3.10 -13.71
C SER A 67 -1.43 -2.11 -12.74
N LYS A 68 -2.12 -1.82 -11.65
CA LYS A 68 -1.61 -0.86 -10.66
C LYS A 68 -0.60 -1.50 -9.72
N VAL A 69 -0.94 -2.65 -9.18
CA VAL A 69 -0.06 -3.36 -8.25
C VAL A 69 1.30 -3.64 -8.87
N ASP A 70 1.29 -4.24 -10.06
CA ASP A 70 2.54 -4.56 -10.74
C ASP A 70 3.39 -3.31 -10.85
N GLU A 71 2.82 -2.28 -11.45
CA GLU A 71 3.48 -0.99 -11.63
C GLU A 71 4.11 -0.53 -10.33
N ALA A 72 3.31 -0.44 -9.27
CA ALA A 72 3.81 -0.02 -7.96
C ALA A 72 5.05 -0.81 -7.57
N VAL A 73 5.00 -2.12 -7.75
CA VAL A 73 6.11 -2.99 -7.40
C VAL A 73 7.39 -2.46 -8.02
N ALA A 74 7.27 -1.90 -9.22
CA ALA A 74 8.42 -1.32 -9.90
C ALA A 74 8.82 -0.01 -9.24
N VAL A 75 7.89 0.96 -9.19
CA VAL A 75 8.17 2.25 -8.58
C VAL A 75 8.53 2.12 -7.10
N LEU A 76 7.60 1.58 -6.31
CA LEU A 76 7.78 1.42 -4.86
C LEU A 76 9.11 0.74 -4.54
N GLN A 77 9.33 -0.44 -5.10
CA GLN A 77 10.56 -1.17 -4.82
C GLN A 77 11.76 -0.24 -5.00
N ALA A 78 11.64 0.67 -5.96
CA ALA A 78 12.68 1.66 -6.24
C ALA A 78 12.58 2.84 -5.29
N HIS A 79 11.43 3.52 -5.30
CA HIS A 79 11.18 4.68 -4.45
C HIS A 79 11.22 4.34 -2.96
N GLN A 80 11.35 3.04 -2.64
CA GLN A 80 11.40 2.62 -1.24
C GLN A 80 12.80 2.78 -0.66
N ALA A 81 13.61 3.65 -1.28
CA ALA A 81 14.97 3.89 -0.80
C ALA A 81 14.96 4.63 0.53
N LYS A 82 13.82 5.22 0.88
CA LYS A 82 13.70 5.95 2.13
C LYS A 82 13.52 4.99 3.29
N GLU A 83 14.63 4.61 3.93
CA GLU A 83 14.57 3.71 5.06
C GLU A 83 14.05 4.44 6.29
N ALA A 84 13.37 3.71 7.17
CA ALA A 84 12.83 4.29 8.38
C ALA A 84 13.91 4.49 9.44
N ALA A 85 15.17 4.57 8.99
CA ALA A 85 16.28 4.77 9.89
C ALA A 85 16.49 6.25 10.21
N GLN A 86 15.40 6.93 10.59
CA GLN A 86 15.48 8.35 10.93
C GLN A 86 15.87 8.52 12.39
N LYS A 87 16.56 7.51 12.94
CA LYS A 87 17.00 7.55 14.33
C LYS A 87 18.43 8.07 14.42
N ALA A 88 18.80 8.96 13.51
CA ALA A 88 20.14 9.53 13.49
C ALA A 88 20.31 10.57 14.58
N VAL A 89 20.15 10.15 15.83
CA VAL A 89 20.28 11.05 16.97
C VAL A 89 21.63 10.87 17.65
N ASN A 90 22.51 11.85 17.47
CA ASN A 90 23.84 11.79 18.08
C ASN A 90 23.90 12.64 19.34
N SER A 91 23.76 11.99 20.49
CA SER A 91 23.80 12.69 21.77
C SER A 91 25.21 12.82 22.29
N ALA A 92 25.96 13.78 21.74
CA ALA A 92 27.34 14.01 22.15
C ALA A 92 27.39 14.70 23.51
N THR A 93 27.42 13.91 24.58
CA THR A 93 27.48 14.44 25.93
C THR A 93 28.80 14.08 26.60
N GLY A 94 29.59 15.09 26.92
CA GLY A 94 30.88 14.86 27.55
C GLY A 94 30.79 14.95 29.07
N VAL A 95 31.34 13.96 29.75
CA VAL A 95 31.33 13.92 31.20
C VAL A 95 32.64 14.46 31.78
N PRO A 96 32.58 15.11 32.95
CA PRO A 96 33.77 15.67 33.60
C PRO A 96 34.71 14.58 34.12
N THR A 97 36.01 14.85 34.05
CA THR A 97 37.01 13.90 34.51
C THR A 97 37.22 14.01 36.02
N VAL A 98 36.24 13.54 36.79
CA VAL A 98 36.33 13.60 38.25
C VAL A 98 36.47 12.20 38.83
N VAL B 1 11.67 4.21 -19.62
CA VAL B 1 12.79 4.37 -18.65
C VAL B 1 12.70 5.68 -17.88
N LEU B 2 12.32 6.76 -18.56
CA LEU B 2 12.20 8.06 -17.92
C LEU B 2 10.91 8.13 -17.08
N MET B 3 9.83 7.60 -17.62
CA MET B 3 8.54 7.61 -16.94
C MET B 3 8.45 6.45 -15.95
N SER B 4 7.88 6.72 -14.79
CA SER B 4 7.72 5.69 -13.77
C SER B 4 6.52 4.82 -14.09
N LYS B 5 6.05 4.03 -13.13
CA LYS B 5 4.91 3.16 -13.35
C LYS B 5 3.60 3.88 -13.04
N LEU B 6 2.49 3.13 -13.09
CA LEU B 6 1.16 3.69 -12.84
C LEU B 6 0.95 4.06 -11.37
N SER B 7 1.45 3.24 -10.45
CA SER B 7 1.32 3.52 -9.03
C SER B 7 2.58 4.18 -8.51
N VAL B 8 2.43 5.29 -7.79
CA VAL B 8 3.57 6.01 -7.24
C VAL B 8 3.69 5.79 -5.73
N ASN B 9 4.87 6.08 -5.18
CA ASN B 9 5.10 5.91 -3.76
C ASN B 9 4.48 7.02 -2.92
N ALA B 10 3.17 7.23 -3.05
CA ALA B 10 2.47 8.29 -2.32
C ALA B 10 2.60 8.08 -0.81
N PRO B 11 1.88 8.90 0.01
CA PRO B 11 1.92 8.82 1.48
C PRO B 11 1.67 7.41 2.00
N GLU B 12 1.28 7.30 3.26
CA GLU B 12 0.96 6.01 3.86
C GLU B 12 -0.48 5.58 3.54
N PHE B 13 -0.92 4.49 4.15
CA PHE B 13 -2.28 3.98 3.94
C PHE B 13 -3.16 4.33 5.14
N TYR B 14 -4.20 5.13 4.87
CA TYR B 14 -5.16 5.54 5.89
C TYR B 14 -6.57 5.05 5.54
N PRO B 15 -7.57 5.29 6.41
CA PRO B 15 -8.95 4.85 6.13
C PRO B 15 -9.60 5.61 4.98
N SER B 16 -9.55 5.03 3.80
CA SER B 16 -10.14 5.63 2.60
C SER B 16 -11.59 6.00 2.85
N GLY B 17 -12.43 4.97 2.96
CA GLY B 17 -13.83 5.19 3.21
C GLY B 17 -14.13 5.43 4.66
N TYR B 18 -13.45 6.39 5.27
CA TYR B 18 -13.66 6.72 6.68
C TYR B 18 -15.07 7.28 6.89
N SER B 19 -15.66 6.91 8.02
CA SER B 19 -17.01 7.38 8.36
C SER B 19 -16.94 8.62 9.22
N SER B 20 -16.75 9.77 8.57
CA SER B 20 -16.66 11.05 9.28
C SER B 20 -18.06 11.57 9.64
N SER B 21 -18.45 11.38 10.90
CA SER B 21 -19.76 11.84 11.36
C SER B 21 -19.60 12.97 12.37
N TYR B 22 -20.00 14.17 11.97
CA TYR B 22 -19.91 15.34 12.84
C TYR B 22 -21.11 15.42 13.77
N GLY A 1 -6.25 -15.03 16.50
CA GLY A 1 -5.45 -13.88 16.99
C GLY A 1 -3.99 -13.99 16.62
N PRO A 2 -3.11 -14.25 17.61
CA PRO A 2 -1.66 -14.38 17.36
C PRO A 2 -1.33 -15.64 16.59
N LEU A 3 -2.02 -16.73 16.91
CA LEU A 3 -1.80 -18.01 16.26
C LEU A 3 -2.76 -18.21 15.08
N GLY A 4 -3.44 -17.14 14.69
CA GLY A 4 -4.37 -17.22 13.58
C GLY A 4 -3.85 -16.55 12.33
N SER A 5 -4.61 -16.66 11.24
CA SER A 5 -4.21 -16.06 9.97
C SER A 5 -4.96 -14.75 9.74
N PRO A 6 -4.23 -13.62 9.63
CA PRO A 6 -4.84 -12.30 9.40
C PRO A 6 -5.81 -12.31 8.22
N LEU A 7 -7.09 -12.46 8.52
CA LEU A 7 -8.12 -12.49 7.48
C LEU A 7 -8.56 -11.08 7.10
N THR A 8 -8.85 -10.87 5.82
CA THR A 8 -9.25 -9.56 5.32
C THR A 8 -10.74 -9.35 5.49
N ALA A 9 -11.51 -10.42 5.38
CA ALA A 9 -12.95 -10.32 5.56
C ALA A 9 -13.23 -9.80 6.96
N SER A 10 -12.91 -10.61 7.96
CA SER A 10 -13.15 -10.25 9.34
C SER A 10 -12.46 -8.94 9.71
N MET A 11 -11.40 -8.57 9.00
CA MET A 11 -10.70 -7.32 9.29
C MET A 11 -11.65 -6.14 9.09
N LEU A 12 -12.38 -6.20 7.98
CA LEU A 12 -13.34 -5.15 7.65
C LEU A 12 -14.48 -5.13 8.67
N ALA A 13 -15.21 -6.24 8.79
CA ALA A 13 -16.32 -6.33 9.75
C ALA A 13 -15.84 -6.36 11.20
N SER A 14 -14.56 -6.05 11.40
CA SER A 14 -13.99 -6.00 12.75
C SER A 14 -14.20 -4.63 13.37
N ALA A 15 -14.06 -3.59 12.54
CA ALA A 15 -14.19 -2.22 13.01
C ALA A 15 -15.17 -1.40 12.15
N PRO A 16 -16.46 -1.74 12.21
CA PRO A 16 -17.50 -1.05 11.43
C PRO A 16 -17.35 0.48 11.43
N PRO A 17 -17.20 1.10 12.62
CA PRO A 17 -17.06 2.56 12.74
C PRO A 17 -16.01 3.15 11.81
N GLN A 18 -15.54 4.35 12.12
CA GLN A 18 -14.53 5.02 11.31
C GLN A 18 -13.33 4.12 11.07
N GLU A 19 -13.18 3.09 11.89
CA GLU A 19 -12.08 2.17 11.73
C GLU A 19 -12.43 1.08 10.72
N GLN A 20 -13.17 1.47 9.68
CA GLN A 20 -13.52 0.54 8.61
C GLN A 20 -12.28 0.19 7.77
N LYS A 21 -12.05 1.02 6.76
CA LYS A 21 -10.91 0.86 5.84
C LYS A 21 -9.61 1.40 6.43
N GLN A 22 -9.56 1.60 7.74
CA GLN A 22 -8.34 2.13 8.38
C GLN A 22 -7.17 1.18 8.28
N MET A 23 -7.32 -0.04 8.79
CA MET A 23 -6.25 -1.01 8.73
C MET A 23 -5.86 -1.28 7.28
N LEU A 24 -6.51 -2.26 6.67
CA LEU A 24 -6.22 -2.62 5.27
C LEU A 24 -6.50 -1.46 4.30
N GLY A 25 -5.95 -0.26 4.56
CA GLY A 25 -6.19 0.88 3.67
C GLY A 25 -7.55 0.81 2.98
N GLU A 26 -7.61 1.25 1.73
CA GLU A 26 -8.84 1.19 0.98
C GLU A 26 -9.13 -0.27 0.57
N ARG A 27 -8.47 -0.71 -0.49
CA ARG A 27 -8.65 -2.07 -1.01
C ARG A 27 -7.36 -2.66 -1.60
N LEU A 28 -6.23 -2.01 -1.37
CA LEU A 28 -4.96 -2.50 -1.89
C LEU A 28 -4.41 -3.64 -1.04
N PHE A 29 -4.55 -3.55 0.27
CA PHE A 29 -4.05 -4.59 1.17
C PHE A 29 -4.57 -5.97 0.75
N PRO A 30 -5.88 -6.08 0.45
CA PRO A 30 -6.47 -7.34 0.00
C PRO A 30 -5.84 -7.83 -1.31
N LEU A 31 -5.70 -6.92 -2.26
CA LEU A 31 -5.11 -7.24 -3.57
C LEU A 31 -3.62 -7.54 -3.46
N ILE A 32 -2.93 -6.72 -2.71
CA ILE A 32 -1.50 -6.90 -2.51
C ILE A 32 -1.28 -8.18 -1.74
N GLN A 33 -2.09 -8.40 -0.70
CA GLN A 33 -1.98 -9.62 0.08
C GLN A 33 -1.84 -10.83 -0.85
N ALA A 34 -2.63 -10.82 -1.93
CA ALA A 34 -2.61 -11.91 -2.91
C ALA A 34 -1.23 -12.08 -3.52
N MET A 35 -0.53 -10.97 -3.67
CA MET A 35 0.81 -10.99 -4.26
C MET A 35 1.91 -10.96 -3.19
N HIS A 36 1.84 -9.97 -2.30
CA HIS A 36 2.81 -9.84 -1.21
C HIS A 36 4.23 -9.74 -1.74
N PRO A 37 4.50 -8.82 -2.68
CA PRO A 37 5.84 -8.64 -3.19
C PRO A 37 6.76 -8.07 -2.12
N THR A 38 6.58 -6.79 -1.81
CA THR A 38 7.40 -6.13 -0.81
C THR A 38 6.72 -6.09 0.54
N LEU A 39 5.53 -5.52 0.59
CA LEU A 39 4.78 -5.42 1.84
C LEU A 39 3.35 -4.96 1.59
N ALA A 40 2.40 -5.85 1.81
CA ALA A 40 0.98 -5.56 1.62
C ALA A 40 0.55 -4.30 2.36
N GLY A 41 0.85 -4.22 3.66
CA GLY A 41 0.45 -3.06 4.44
C GLY A 41 1.08 -1.76 3.94
N LYS A 42 2.33 -1.84 3.50
CA LYS A 42 3.05 -0.67 3.03
C LYS A 42 2.74 -0.34 1.57
N ILE A 43 2.65 -1.35 0.71
CA ILE A 43 2.35 -1.13 -0.70
C ILE A 43 1.06 -0.34 -0.85
N THR A 44 0.08 -0.71 -0.05
CA THR A 44 -1.21 -0.06 -0.06
C THR A 44 -1.08 1.45 0.13
N GLY A 45 -0.28 1.84 1.12
CA GLY A 45 -0.08 3.26 1.39
C GLY A 45 0.36 4.03 0.17
N MET A 46 1.14 3.38 -0.67
CA MET A 46 1.64 3.99 -1.88
C MET A 46 0.55 4.04 -2.95
N LEU A 47 -0.02 2.88 -3.28
CA LEU A 47 -1.05 2.83 -4.30
C LEU A 47 -2.21 3.73 -3.92
N LEU A 48 -2.36 4.01 -2.61
CA LEU A 48 -3.46 4.86 -2.12
C LEU A 48 -3.47 6.26 -2.76
N GLU A 49 -2.75 6.43 -3.86
CA GLU A 49 -2.71 7.72 -4.55
C GLU A 49 -4.00 7.96 -5.32
N ILE A 50 -4.87 6.94 -5.36
CA ILE A 50 -6.12 7.04 -6.09
C ILE A 50 -7.33 7.11 -5.14
N ASP A 51 -8.51 7.35 -5.69
CA ASP A 51 -9.75 7.42 -4.90
C ASP A 51 -10.20 6.02 -4.46
N ASN A 52 -10.76 5.93 -3.26
CA ASN A 52 -11.26 4.65 -2.76
C ASN A 52 -12.11 3.94 -3.82
N SER A 53 -12.72 4.74 -4.70
CA SER A 53 -13.60 4.20 -5.74
C SER A 53 -12.82 3.49 -6.84
N GLU A 54 -11.58 3.88 -7.06
CA GLU A 54 -10.76 3.26 -8.09
C GLU A 54 -10.29 1.89 -7.65
N LEU A 55 -9.87 1.78 -6.40
CA LEU A 55 -9.39 0.51 -5.85
C LEU A 55 -10.47 -0.55 -5.92
N LEU A 56 -11.72 -0.12 -5.75
CA LEU A 56 -12.85 -1.03 -5.78
C LEU A 56 -12.97 -1.65 -7.16
N HIS A 57 -12.84 -0.83 -8.20
CA HIS A 57 -12.91 -1.29 -9.57
C HIS A 57 -11.86 -2.36 -9.83
N MET A 58 -10.65 -2.08 -9.38
CA MET A 58 -9.53 -3.01 -9.54
C MET A 58 -9.84 -4.36 -8.90
N LEU A 59 -10.33 -4.31 -7.66
CA LEU A 59 -10.65 -5.53 -6.93
C LEU A 59 -11.69 -6.36 -7.68
N GLU A 60 -12.50 -5.70 -8.50
CA GLU A 60 -13.52 -6.39 -9.28
C GLU A 60 -12.99 -6.75 -10.67
N SER A 61 -11.78 -6.27 -10.99
CA SER A 61 -11.17 -6.55 -12.29
C SER A 61 -9.67 -6.80 -12.12
N PRO A 62 -9.26 -8.08 -12.05
CA PRO A 62 -7.85 -8.46 -11.89
C PRO A 62 -6.95 -7.78 -12.92
N GLU A 63 -7.49 -7.56 -14.11
CA GLU A 63 -6.75 -6.93 -15.20
C GLU A 63 -6.21 -5.56 -14.79
N SER A 64 -7.10 -4.70 -14.33
CA SER A 64 -6.73 -3.36 -13.90
C SER A 64 -6.06 -3.42 -12.53
N LEU A 65 -6.49 -4.38 -11.73
CA LEU A 65 -5.95 -4.55 -10.40
C LEU A 65 -4.45 -4.76 -10.45
N ARG A 66 -4.02 -5.82 -11.11
CA ARG A 66 -2.60 -6.11 -11.20
C ARG A 66 -1.85 -4.94 -11.84
N SER A 67 -2.52 -4.24 -12.74
CA SER A 67 -1.91 -3.10 -13.42
C SER A 67 -1.30 -2.09 -12.44
N LYS A 68 -2.07 -1.74 -11.41
CA LYS A 68 -1.60 -0.77 -10.42
C LYS A 68 -0.62 -1.40 -9.43
N VAL A 69 -1.01 -2.55 -8.88
CA VAL A 69 -0.18 -3.26 -7.92
C VAL A 69 1.18 -3.60 -8.52
N ASP A 70 1.16 -4.22 -9.70
CA ASP A 70 2.41 -4.60 -10.37
C ASP A 70 3.36 -3.43 -10.37
N GLU A 71 2.90 -2.32 -10.92
CA GLU A 71 3.70 -1.11 -10.99
C GLU A 71 4.26 -0.76 -9.63
N ALA A 72 3.41 -0.77 -8.60
CA ALA A 72 3.85 -0.47 -7.25
C ALA A 72 5.15 -1.20 -6.93
N VAL A 73 5.15 -2.48 -7.24
CA VAL A 73 6.30 -3.33 -6.99
C VAL A 73 7.55 -2.76 -7.66
N ALA A 74 7.40 -2.28 -8.89
CA ALA A 74 8.53 -1.70 -9.61
C ALA A 74 8.89 -0.32 -9.07
N VAL A 75 7.89 0.55 -8.97
CA VAL A 75 8.10 1.91 -8.47
C VAL A 75 8.46 1.92 -6.99
N LEU A 76 7.54 1.48 -6.18
CA LEU A 76 7.72 1.46 -4.73
C LEU A 76 9.04 0.82 -4.35
N GLN A 77 9.23 -0.41 -4.80
CA GLN A 77 10.47 -1.12 -4.50
C GLN A 77 11.67 -0.26 -4.85
N ALA A 78 11.52 0.54 -5.92
CA ALA A 78 12.58 1.44 -6.38
C ALA A 78 12.61 2.73 -5.56
N HIS A 79 11.44 3.37 -5.42
CA HIS A 79 11.33 4.62 -4.68
C HIS A 79 11.30 4.38 -3.18
N GLN A 80 11.67 3.17 -2.76
CA GLN A 80 11.70 2.82 -1.34
C GLN A 80 12.83 3.54 -0.63
N ALA A 81 13.81 4.02 -1.40
CA ALA A 81 14.95 4.73 -0.83
C ALA A 81 15.31 5.96 -1.68
N LYS A 82 14.54 7.03 -1.53
CA LYS A 82 14.79 8.25 -2.27
C LYS A 82 16.17 8.81 -1.97
N GLU A 83 16.57 8.73 -0.69
CA GLU A 83 17.87 9.22 -0.26
C GLU A 83 18.95 8.16 -0.52
N ALA A 84 20.22 8.58 -0.47
CA ALA A 84 21.32 7.65 -0.70
C ALA A 84 21.32 6.52 0.31
N ALA A 85 22.06 5.47 0.02
CA ALA A 85 22.15 4.32 0.91
C ALA A 85 23.20 4.54 2.00
N GLN A 86 23.70 5.77 2.10
CA GLN A 86 24.71 6.11 3.12
C GLN A 86 24.05 6.45 4.45
N LYS A 87 24.46 5.76 5.50
CA LYS A 87 23.92 6.00 6.83
C LYS A 87 24.78 6.99 7.60
N ALA A 88 26.06 7.07 7.22
CA ALA A 88 26.99 7.98 7.86
C ALA A 88 26.93 9.37 7.24
N VAL A 89 25.72 9.81 6.89
CA VAL A 89 25.54 11.13 6.30
C VAL A 89 25.49 12.20 7.38
N ASN A 90 26.49 12.21 8.24
CA ASN A 90 26.57 13.19 9.31
C ASN A 90 27.38 14.41 8.87
N SER A 91 27.55 14.57 7.57
CA SER A 91 28.29 15.70 7.02
C SER A 91 27.33 16.81 6.60
N ALA A 92 27.85 18.02 6.46
CA ALA A 92 27.04 19.15 6.05
C ALA A 92 26.89 19.22 4.54
N THR A 93 27.04 18.07 3.87
CA THR A 93 26.93 18.01 2.43
C THR A 93 25.61 17.37 2.02
N GLY A 94 25.18 17.61 0.78
CA GLY A 94 23.94 17.05 0.30
C GLY A 94 24.06 15.59 -0.08
N VAL A 95 23.03 15.05 -0.71
CA VAL A 95 23.03 13.66 -1.12
C VAL A 95 23.58 13.51 -2.54
N PRO A 96 24.82 12.99 -2.68
CA PRO A 96 25.46 12.80 -3.98
C PRO A 96 24.80 11.69 -4.79
N THR A 97 24.44 12.00 -6.03
CA THR A 97 23.82 11.02 -6.92
C THR A 97 24.83 10.45 -7.91
N VAL A 98 26.02 11.05 -7.96
CA VAL A 98 27.07 10.60 -8.86
C VAL A 98 28.15 9.85 -8.10
N VAL B 1 16.15 10.17 -15.66
CA VAL B 1 14.97 10.55 -16.49
C VAL B 1 14.31 9.32 -17.10
N LEU B 2 13.96 8.36 -16.25
CA LEU B 2 13.31 7.13 -16.70
C LEU B 2 11.79 7.27 -16.62
N MET B 3 11.09 6.18 -16.89
CA MET B 3 9.63 6.19 -16.85
C MET B 3 9.12 5.72 -15.49
N SER B 4 8.17 6.47 -14.94
CA SER B 4 7.59 6.14 -13.64
C SER B 4 6.46 5.13 -13.81
N LYS B 5 6.08 4.49 -12.72
CA LYS B 5 5.00 3.50 -12.76
C LYS B 5 3.63 4.18 -12.72
N LEU B 6 2.57 3.40 -12.58
CA LEU B 6 1.21 3.95 -12.52
C LEU B 6 0.84 4.30 -11.09
N SER B 7 1.26 3.48 -10.14
CA SER B 7 0.99 3.72 -8.73
C SER B 7 2.25 4.13 -8.00
N VAL B 8 2.63 5.40 -8.17
CA VAL B 8 3.83 5.93 -7.53
C VAL B 8 3.84 5.63 -6.04
N ASN B 9 4.94 5.95 -5.37
CA ASN B 9 5.07 5.71 -3.94
C ASN B 9 4.37 6.78 -3.12
N ALA B 10 3.06 6.96 -3.35
CA ALA B 10 2.29 7.97 -2.62
C ALA B 10 2.46 7.85 -1.10
N PRO B 11 1.72 8.68 -0.33
CA PRO B 11 1.80 8.68 1.15
C PRO B 11 1.60 7.28 1.75
N GLU B 12 1.17 7.24 3.02
CA GLU B 12 0.91 5.99 3.71
C GLU B 12 -0.50 5.46 3.38
N PHE B 13 -0.86 4.34 4.02
CA PHE B 13 -2.17 3.74 3.82
C PHE B 13 -3.07 4.06 5.01
N TYR B 14 -4.08 4.89 4.76
CA TYR B 14 -5.06 5.29 5.78
C TYR B 14 -6.46 4.83 5.39
N PRO B 15 -7.46 4.99 6.28
CA PRO B 15 -8.85 4.61 6.01
C PRO B 15 -9.46 5.42 4.88
N SER B 16 -9.36 4.90 3.67
CA SER B 16 -9.92 5.55 2.49
C SER B 16 -11.39 5.89 2.71
N GLY B 17 -12.16 4.86 3.02
CA GLY B 17 -13.58 5.05 3.26
C GLY B 17 -13.88 5.44 4.68
N TYR B 18 -13.23 6.51 5.15
CA TYR B 18 -13.44 6.99 6.50
C TYR B 18 -14.86 7.52 6.69
N SER B 19 -15.51 7.10 7.77
CA SER B 19 -16.86 7.55 8.06
C SER B 19 -16.86 8.98 8.60
N SER B 20 -15.74 9.36 9.21
CA SER B 20 -15.59 10.69 9.79
C SER B 20 -14.81 11.61 8.84
N SER B 21 -14.93 12.90 9.07
CA SER B 21 -14.24 13.89 8.26
C SER B 21 -12.90 14.29 8.88
N TYR B 22 -12.68 13.88 10.13
CA TYR B 22 -11.44 14.19 10.83
C TYR B 22 -10.62 12.93 11.07
N GLY A 1 -8.11 -8.05 17.11
CA GLY A 1 -7.50 -6.96 17.93
C GLY A 1 -6.30 -6.32 17.25
N PRO A 2 -5.16 -6.20 17.96
CA PRO A 2 -3.94 -5.60 17.39
C PRO A 2 -3.31 -6.48 16.32
N LEU A 3 -3.78 -7.73 16.21
CA LEU A 3 -3.25 -8.66 15.23
C LEU A 3 -3.94 -8.48 13.88
N GLY A 4 -3.15 -8.53 12.81
CA GLY A 4 -3.71 -8.36 11.48
C GLY A 4 -4.35 -9.64 10.97
N SER A 5 -5.68 -9.62 10.84
CA SER A 5 -6.42 -10.79 10.37
C SER A 5 -6.22 -10.98 8.86
N PRO A 6 -5.64 -12.14 8.47
CA PRO A 6 -5.37 -12.45 7.05
C PRO A 6 -6.61 -12.29 6.16
N LEU A 7 -7.80 -12.37 6.75
CA LEU A 7 -9.04 -12.24 6.00
C LEU A 7 -9.42 -10.78 5.85
N THR A 8 -9.83 -10.40 4.63
CA THR A 8 -10.19 -9.01 4.35
C THR A 8 -11.65 -8.75 4.67
N ALA A 9 -12.52 -9.72 4.40
CA ALA A 9 -13.93 -9.54 4.73
C ALA A 9 -14.05 -9.30 6.23
N SER A 10 -13.75 -10.34 7.01
CA SER A 10 -13.83 -10.27 8.46
C SER A 10 -12.98 -9.13 9.02
N MET A 11 -11.95 -8.71 8.29
CA MET A 11 -11.10 -7.63 8.78
C MET A 11 -11.92 -6.35 8.91
N LEU A 12 -12.69 -6.07 7.88
CA LEU A 12 -13.53 -4.88 7.88
C LEU A 12 -14.44 -4.86 9.10
N ALA A 13 -15.22 -5.94 9.26
CA ALA A 13 -16.12 -6.08 10.40
C ALA A 13 -15.37 -6.33 11.71
N SER A 14 -14.03 -6.29 11.64
CA SER A 14 -13.21 -6.51 12.82
C SER A 14 -12.77 -5.17 13.45
N ALA A 15 -13.22 -4.06 12.88
CA ALA A 15 -12.88 -2.75 13.41
C ALA A 15 -14.12 -1.85 13.50
N PRO A 16 -14.14 -0.93 14.49
CA PRO A 16 -15.28 -0.02 14.70
C PRO A 16 -15.84 0.57 13.41
N PRO A 17 -16.87 1.42 13.52
CA PRO A 17 -17.52 2.05 12.36
C PRO A 17 -16.53 2.68 11.38
N GLN A 18 -16.02 3.88 11.69
CA GLN A 18 -15.09 4.57 10.80
C GLN A 18 -13.81 3.77 10.58
N GLU A 19 -13.57 2.76 11.40
CA GLU A 19 -12.38 1.95 11.25
C GLU A 19 -12.65 0.82 10.26
N GLN A 20 -13.38 1.15 9.20
CA GLN A 20 -13.66 0.18 8.15
C GLN A 20 -12.37 -0.08 7.37
N LYS A 21 -12.13 0.78 6.39
CA LYS A 21 -10.95 0.70 5.53
C LYS A 21 -9.72 1.27 6.23
N GLN A 22 -9.78 1.39 7.54
CA GLN A 22 -8.68 1.94 8.32
C GLN A 22 -7.44 1.06 8.24
N MET A 23 -7.53 -0.15 8.81
CA MET A 23 -6.40 -1.06 8.80
C MET A 23 -5.95 -1.33 7.37
N LEU A 24 -6.53 -2.34 6.72
CA LEU A 24 -6.16 -2.71 5.34
C LEU A 24 -6.42 -1.57 4.35
N GLY A 25 -5.85 -0.38 4.56
CA GLY A 25 -6.07 0.72 3.64
C GLY A 25 -7.44 0.64 2.99
N GLU A 26 -7.54 1.05 1.74
CA GLU A 26 -8.81 0.97 1.04
C GLU A 26 -9.09 -0.50 0.66
N ARG A 27 -8.50 -0.93 -0.45
CA ARG A 27 -8.69 -2.29 -0.94
C ARG A 27 -7.39 -2.89 -1.48
N LEU A 28 -6.27 -2.21 -1.24
CA LEU A 28 -4.99 -2.68 -1.74
C LEU A 28 -4.42 -3.85 -0.94
N PHE A 29 -4.45 -3.76 0.39
CA PHE A 29 -3.94 -4.84 1.22
C PHE A 29 -4.47 -6.18 0.72
N PRO A 30 -5.80 -6.30 0.52
CA PRO A 30 -6.42 -7.52 0.02
C PRO A 30 -5.79 -7.98 -1.28
N LEU A 31 -5.61 -7.04 -2.20
CA LEU A 31 -5.06 -7.33 -3.52
C LEU A 31 -3.57 -7.65 -3.45
N ILE A 32 -2.82 -6.81 -2.77
CA ILE A 32 -1.40 -7.03 -2.64
C ILE A 32 -1.16 -8.26 -1.78
N GLN A 33 -1.96 -8.44 -0.73
CA GLN A 33 -1.83 -9.61 0.13
C GLN A 33 -1.70 -10.85 -0.77
N ALA A 34 -2.51 -10.85 -1.83
CA ALA A 34 -2.54 -11.94 -2.80
C ALA A 34 -1.19 -12.11 -3.49
N MET A 35 -0.48 -11.00 -3.66
CA MET A 35 0.83 -11.02 -4.30
C MET A 35 1.96 -11.00 -3.26
N HIS A 36 1.93 -10.02 -2.38
CA HIS A 36 2.92 -9.89 -1.31
C HIS A 36 4.34 -9.72 -1.82
N PRO A 37 4.57 -8.88 -2.84
CA PRO A 37 5.91 -8.64 -3.35
C PRO A 37 6.82 -8.12 -2.24
N THR A 38 6.66 -6.85 -1.89
CA THR A 38 7.48 -6.22 -0.87
C THR A 38 6.79 -6.19 0.50
N LEU A 39 5.66 -5.48 0.60
CA LEU A 39 4.93 -5.38 1.85
C LEU A 39 3.50 -4.88 1.63
N ALA A 40 2.54 -5.78 1.81
CA ALA A 40 1.13 -5.44 1.63
C ALA A 40 0.72 -4.18 2.39
N GLY A 41 1.07 -4.09 3.67
CA GLY A 41 0.71 -2.93 4.45
C GLY A 41 1.22 -1.62 3.84
N LYS A 42 2.54 -1.51 3.72
CA LYS A 42 3.16 -0.32 3.18
C LYS A 42 2.83 -0.10 1.71
N ILE A 43 2.79 -1.17 0.93
CA ILE A 43 2.49 -1.07 -0.51
C ILE A 43 1.22 -0.25 -0.74
N THR A 44 0.23 -0.51 0.10
CA THR A 44 -1.06 0.16 -0.01
C THR A 44 -0.94 1.68 0.09
N GLY A 45 -0.15 2.16 1.05
CA GLY A 45 0.02 3.60 1.18
C GLY A 45 0.51 4.23 -0.10
N MET A 46 1.31 3.48 -0.85
CA MET A 46 1.84 3.95 -2.11
C MET A 46 0.73 4.03 -3.16
N LEU A 47 0.13 2.88 -3.46
CA LEU A 47 -0.92 2.83 -4.45
C LEU A 47 -2.08 3.75 -4.06
N LEU A 48 -2.19 4.07 -2.77
CA LEU A 48 -3.29 4.92 -2.30
C LEU A 48 -3.27 6.33 -2.93
N GLU A 49 -2.57 6.48 -4.06
CA GLU A 49 -2.49 7.77 -4.74
C GLU A 49 -3.80 8.08 -5.48
N ILE A 50 -4.68 7.09 -5.57
CA ILE A 50 -5.95 7.25 -6.27
C ILE A 50 -7.13 7.29 -5.29
N ASP A 51 -8.34 7.52 -5.79
CA ASP A 51 -9.55 7.56 -4.98
C ASP A 51 -9.97 6.18 -4.52
N ASN A 52 -10.50 6.08 -3.30
CA ASN A 52 -10.98 4.81 -2.78
C ASN A 52 -11.86 4.10 -3.80
N SER A 53 -12.49 4.87 -4.69
CA SER A 53 -13.39 4.32 -5.70
C SER A 53 -12.64 3.59 -6.80
N GLU A 54 -11.40 3.97 -7.04
CA GLU A 54 -10.60 3.33 -8.09
C GLU A 54 -10.13 1.95 -7.65
N LEU A 55 -9.66 1.87 -6.41
CA LEU A 55 -9.17 0.63 -5.87
C LEU A 55 -10.28 -0.41 -5.79
N LEU A 56 -11.51 0.05 -5.67
CA LEU A 56 -12.66 -0.85 -5.63
C LEU A 56 -12.82 -1.52 -7.00
N HIS A 57 -12.67 -0.70 -8.05
CA HIS A 57 -12.79 -1.17 -9.42
C HIS A 57 -11.76 -2.26 -9.72
N MET A 58 -10.51 -2.02 -9.31
CA MET A 58 -9.45 -2.99 -9.55
C MET A 58 -9.66 -4.24 -8.69
N LEU A 59 -10.13 -4.05 -7.48
CA LEU A 59 -10.35 -5.16 -6.57
C LEU A 59 -11.36 -6.15 -7.15
N GLU A 60 -12.30 -5.65 -7.92
CA GLU A 60 -13.30 -6.51 -8.55
C GLU A 60 -12.90 -6.84 -9.99
N SER A 61 -11.71 -6.41 -10.39
CA SER A 61 -11.20 -6.65 -11.73
C SER A 61 -9.70 -6.91 -11.72
N PRO A 62 -9.28 -8.19 -11.82
CA PRO A 62 -7.85 -8.55 -11.82
C PRO A 62 -7.07 -7.78 -12.87
N GLU A 63 -7.69 -7.52 -14.01
CA GLU A 63 -7.04 -6.81 -15.11
C GLU A 63 -6.48 -5.46 -14.66
N SER A 64 -7.34 -4.62 -14.09
CA SER A 64 -6.92 -3.31 -13.61
C SER A 64 -6.14 -3.48 -12.32
N LEU A 65 -6.48 -4.53 -11.60
CA LEU A 65 -5.84 -4.84 -10.33
C LEU A 65 -4.34 -4.98 -10.51
N ARG A 66 -3.93 -5.98 -11.26
CA ARG A 66 -2.52 -6.22 -11.49
C ARG A 66 -1.85 -4.99 -12.09
N SER A 67 -2.62 -4.23 -12.85
CA SER A 67 -2.11 -3.01 -13.49
C SER A 67 -1.50 -2.05 -12.48
N LYS A 68 -2.25 -1.74 -11.42
CA LYS A 68 -1.79 -0.81 -10.39
C LYS A 68 -0.81 -1.48 -9.43
N VAL A 69 -1.20 -2.64 -8.91
CA VAL A 69 -0.35 -3.37 -7.98
C VAL A 69 1.02 -3.68 -8.59
N ASP A 70 1.02 -4.26 -9.79
CA ASP A 70 2.26 -4.59 -10.48
C ASP A 70 3.20 -3.38 -10.45
N GLU A 71 2.69 -2.26 -10.93
CA GLU A 71 3.46 -1.02 -10.94
C GLU A 71 4.09 -0.78 -9.57
N ALA A 72 3.29 -0.92 -8.52
CA ALA A 72 3.77 -0.74 -7.16
C ALA A 72 5.09 -1.45 -6.96
N VAL A 73 5.10 -2.73 -7.28
CA VAL A 73 6.30 -3.55 -7.14
C VAL A 73 7.50 -2.91 -7.84
N ALA A 74 7.28 -2.36 -9.02
CA ALA A 74 8.36 -1.73 -9.76
C ALA A 74 8.76 -0.40 -9.14
N VAL A 75 7.79 0.48 -8.93
CA VAL A 75 8.03 1.80 -8.35
C VAL A 75 8.45 1.74 -6.88
N LEU A 76 7.55 1.24 -6.06
CA LEU A 76 7.80 1.16 -4.61
C LEU A 76 9.15 0.51 -4.33
N GLN A 77 9.35 -0.68 -4.90
CA GLN A 77 10.60 -1.39 -4.70
C GLN A 77 11.79 -0.47 -5.03
N ALA A 78 11.57 0.41 -6.02
CA ALA A 78 12.59 1.37 -6.45
C ALA A 78 12.63 2.59 -5.53
N HIS A 79 11.49 3.26 -5.37
CA HIS A 79 11.39 4.44 -4.52
C HIS A 79 11.39 4.07 -3.03
N GLN A 80 11.76 2.82 -2.72
CA GLN A 80 11.81 2.35 -1.35
C GLN A 80 13.12 2.75 -0.66
N ALA A 81 13.82 3.72 -1.24
CA ALA A 81 15.08 4.18 -0.68
C ALA A 81 15.11 5.71 -0.57
N LYS A 82 16.21 6.23 -0.01
CA LYS A 82 16.37 7.66 0.16
C LYS A 82 16.58 8.35 -1.20
N GLU A 83 15.84 9.42 -1.44
CA GLU A 83 15.94 10.16 -2.69
C GLU A 83 17.19 11.05 -2.67
N ALA A 84 17.34 11.83 -3.75
CA ALA A 84 18.48 12.73 -3.85
C ALA A 84 18.31 13.94 -2.94
N ALA A 85 19.35 14.24 -2.15
CA ALA A 85 19.31 15.37 -1.23
C ALA A 85 19.56 16.68 -1.97
N GLN A 86 19.58 17.78 -1.22
CA GLN A 86 19.81 19.09 -1.81
C GLN A 86 21.31 19.37 -1.91
N LYS A 87 22.04 18.42 -2.48
CA LYS A 87 23.48 18.56 -2.65
C LYS A 87 23.80 19.26 -3.95
N ALA A 88 25.09 19.46 -4.20
CA ALA A 88 25.54 20.12 -5.43
C ALA A 88 25.63 19.14 -6.58
N VAL A 89 25.78 19.65 -7.80
CA VAL A 89 25.88 18.81 -8.97
C VAL A 89 27.30 18.26 -9.14
N ASN A 90 27.46 16.98 -8.84
CA ASN A 90 28.77 16.34 -8.95
C ASN A 90 28.87 15.57 -10.27
N SER A 91 28.35 16.17 -11.33
CA SER A 91 28.38 15.55 -12.65
C SER A 91 29.66 15.92 -13.39
N ALA A 92 30.71 16.23 -12.65
CA ALA A 92 31.99 16.60 -13.23
C ALA A 92 32.80 15.38 -13.62
N THR A 93 33.14 14.56 -12.63
CA THR A 93 33.91 13.35 -12.85
C THR A 93 33.07 12.10 -12.58
N GLY A 94 32.48 11.53 -13.62
CA GLY A 94 31.67 10.35 -13.47
C GLY A 94 32.50 9.07 -13.48
N VAL A 95 33.31 8.88 -12.43
CA VAL A 95 34.15 7.71 -12.32
C VAL A 95 33.57 6.69 -11.34
N PRO A 96 32.76 5.75 -11.85
CA PRO A 96 32.12 4.71 -11.03
C PRO A 96 33.15 3.73 -10.46
N THR A 97 33.89 4.17 -9.46
CA THR A 97 34.91 3.34 -8.82
C THR A 97 34.42 2.82 -7.48
N VAL A 98 34.85 1.61 -7.13
CA VAL A 98 34.45 0.98 -5.87
C VAL A 98 35.66 0.44 -5.12
N VAL B 1 11.36 10.92 -21.32
CA VAL B 1 10.81 9.54 -21.16
C VAL B 1 10.66 9.17 -19.69
N LEU B 2 9.52 9.56 -19.10
CA LEU B 2 9.26 9.25 -17.70
C LEU B 2 8.72 7.83 -17.58
N MET B 3 9.60 6.88 -17.32
CA MET B 3 9.20 5.49 -17.17
C MET B 3 8.72 5.20 -15.75
N SER B 4 8.06 6.19 -15.14
CA SER B 4 7.55 6.05 -13.79
C SER B 4 6.32 5.15 -13.79
N LYS B 5 6.05 4.51 -12.66
CA LYS B 5 4.91 3.62 -12.56
C LYS B 5 3.61 4.38 -12.31
N LEU B 6 2.49 3.71 -12.55
CA LEU B 6 1.17 4.31 -12.36
C LEU B 6 0.92 4.56 -10.88
N SER B 7 1.38 3.63 -10.04
CA SER B 7 1.20 3.75 -8.60
C SER B 7 2.52 4.15 -7.94
N VAL B 8 2.88 5.42 -8.06
CA VAL B 8 4.12 5.93 -7.46
C VAL B 8 4.12 5.69 -5.95
N ASN B 9 5.21 6.09 -5.29
CA ASN B 9 5.33 5.91 -3.84
C ASN B 9 4.54 6.96 -3.05
N ALA B 10 3.24 7.08 -3.35
CA ALA B 10 2.39 8.07 -2.68
C ALA B 10 2.47 7.97 -1.15
N PRO B 11 1.69 8.81 -0.43
CA PRO B 11 1.67 8.83 1.04
C PRO B 11 1.48 7.44 1.65
N GLU B 12 1.10 7.40 2.93
CA GLU B 12 0.86 6.14 3.61
C GLU B 12 -0.55 5.61 3.33
N PHE B 13 -0.91 4.53 4.03
CA PHE B 13 -2.24 3.94 3.88
C PHE B 13 -3.13 4.31 5.07
N TYR B 14 -4.17 5.09 4.76
CA TYR B 14 -5.14 5.54 5.76
C TYR B 14 -6.55 5.01 5.45
N PRO B 15 -7.51 5.17 6.39
CA PRO B 15 -8.89 4.72 6.18
C PRO B 15 -9.56 5.39 4.98
N SER B 16 -9.51 4.71 3.84
CA SER B 16 -10.11 5.20 2.61
C SER B 16 -11.56 5.58 2.81
N GLY B 17 -12.41 4.58 3.01
CA GLY B 17 -13.82 4.81 3.22
C GLY B 17 -14.11 5.16 4.66
N TYR B 18 -13.44 6.19 5.18
CA TYR B 18 -13.65 6.64 6.54
C TYR B 18 -15.04 7.26 6.66
N SER B 19 -15.63 7.17 7.85
CA SER B 19 -16.96 7.74 8.07
C SER B 19 -16.86 9.22 8.38
N SER B 20 -17.66 10.02 7.67
CA SER B 20 -17.66 11.46 7.86
C SER B 20 -18.62 11.87 8.98
N SER B 21 -18.32 11.43 10.19
CA SER B 21 -19.14 11.74 11.35
C SER B 21 -18.64 12.99 12.07
N TYR B 22 -17.50 12.85 12.75
CA TYR B 22 -16.92 13.97 13.49
C TYR B 22 -15.92 14.74 12.62
N GLY A 1 7.14 -15.51 12.93
CA GLY A 1 6.49 -16.45 11.98
C GLY A 1 4.98 -16.42 12.10
N PRO A 2 4.25 -16.01 11.04
CA PRO A 2 2.78 -15.95 11.05
C PRO A 2 2.16 -17.35 11.06
N LEU A 3 1.81 -17.82 12.25
CA LEU A 3 1.20 -19.14 12.39
C LEU A 3 -0.30 -19.10 12.09
N GLY A 4 -0.86 -17.90 12.06
CA GLY A 4 -2.28 -17.75 11.78
C GLY A 4 -2.55 -17.36 10.33
N SER A 5 -3.77 -17.58 9.87
CA SER A 5 -4.14 -17.24 8.50
C SER A 5 -4.93 -15.93 8.46
N PRO A 6 -4.29 -14.84 7.97
CA PRO A 6 -4.94 -13.52 7.88
C PRO A 6 -6.24 -13.56 7.10
N LEU A 7 -7.34 -13.18 7.75
CA LEU A 7 -8.65 -13.15 7.11
C LEU A 7 -9.08 -11.72 6.79
N THR A 8 -9.42 -11.48 5.54
CA THR A 8 -9.79 -10.13 5.11
C THR A 8 -11.27 -9.88 5.33
N ALA A 9 -12.09 -10.93 5.23
CA ALA A 9 -13.51 -10.77 5.47
C ALA A 9 -13.71 -10.26 6.89
N SER A 10 -13.35 -11.10 7.86
CA SER A 10 -13.51 -10.74 9.27
C SER A 10 -12.79 -9.44 9.61
N MET A 11 -11.74 -9.11 8.86
CA MET A 11 -11.02 -7.88 9.12
C MET A 11 -11.93 -6.69 8.91
N LEU A 12 -12.59 -6.67 7.77
CA LEU A 12 -13.52 -5.60 7.46
C LEU A 12 -14.63 -5.56 8.51
N ALA A 13 -15.32 -6.68 8.67
CA ALA A 13 -16.41 -6.80 9.65
C ALA A 13 -15.91 -6.81 11.09
N SER A 14 -14.65 -6.46 11.29
CA SER A 14 -14.08 -6.41 12.63
C SER A 14 -14.25 -5.00 13.23
N ALA A 15 -14.08 -3.98 12.37
CA ALA A 15 -14.20 -2.60 12.82
C ALA A 15 -15.14 -1.80 11.91
N PRO A 16 -16.43 -2.17 11.87
CA PRO A 16 -17.45 -1.50 11.05
C PRO A 16 -17.34 0.04 11.09
N PRO A 17 -17.21 0.63 12.30
CA PRO A 17 -17.12 2.10 12.45
C PRO A 17 -16.07 2.73 11.56
N GLN A 18 -15.63 3.93 11.92
CA GLN A 18 -14.63 4.66 11.15
C GLN A 18 -13.38 3.82 10.91
N GLU A 19 -13.21 2.76 11.70
CA GLU A 19 -12.06 1.88 11.56
C GLU A 19 -12.32 0.82 10.48
N GLN A 20 -13.06 1.20 9.45
CA GLN A 20 -13.32 0.31 8.33
C GLN A 20 -12.05 0.10 7.52
N LYS A 21 -11.83 1.00 6.57
CA LYS A 21 -10.66 1.00 5.70
C LYS A 21 -9.45 1.60 6.41
N GLN A 22 -9.53 1.76 7.73
CA GLN A 22 -8.44 2.31 8.52
C GLN A 22 -7.21 1.44 8.43
N MET A 23 -7.23 0.31 9.15
CA MET A 23 -6.11 -0.61 9.16
C MET A 23 -5.69 -0.93 7.72
N LEU A 24 -6.28 -1.97 7.14
CA LEU A 24 -5.95 -2.39 5.78
C LEU A 24 -6.28 -1.33 4.72
N GLY A 25 -5.73 -0.11 4.85
CA GLY A 25 -5.99 0.94 3.88
C GLY A 25 -7.37 0.84 3.25
N GLU A 26 -7.48 1.26 1.99
CA GLU A 26 -8.75 1.17 1.30
C GLU A 26 -9.03 -0.29 0.93
N ARG A 27 -8.45 -0.72 -0.19
CA ARG A 27 -8.63 -2.09 -0.68
C ARG A 27 -7.35 -2.64 -1.31
N LEU A 28 -6.23 -1.96 -1.09
CA LEU A 28 -4.96 -2.41 -1.66
C LEU A 28 -4.36 -3.57 -0.87
N PHE A 29 -4.40 -3.47 0.45
CA PHE A 29 -3.86 -4.52 1.30
C PHE A 29 -4.38 -5.89 0.87
N PRO A 30 -5.71 -6.03 0.70
CA PRO A 30 -6.29 -7.29 0.26
C PRO A 30 -5.71 -7.75 -1.07
N LEU A 31 -5.61 -6.82 -2.02
CA LEU A 31 -5.06 -7.12 -3.35
C LEU A 31 -3.57 -7.43 -3.29
N ILE A 32 -2.82 -6.60 -2.58
CA ILE A 32 -1.39 -6.81 -2.45
C ILE A 32 -1.16 -8.08 -1.64
N GLN A 33 -1.94 -8.25 -0.58
CA GLN A 33 -1.85 -9.44 0.26
C GLN A 33 -1.74 -10.68 -0.64
N ALA A 34 -2.57 -10.70 -1.67
CA ALA A 34 -2.59 -11.80 -2.63
C ALA A 34 -1.24 -12.00 -3.30
N MET A 35 -0.54 -10.91 -3.50
CA MET A 35 0.77 -10.96 -4.15
C MET A 35 1.91 -10.92 -3.12
N HIS A 36 1.89 -9.93 -2.24
CA HIS A 36 2.90 -9.81 -1.21
C HIS A 36 4.32 -9.68 -1.77
N PRO A 37 4.53 -8.85 -2.80
CA PRO A 37 5.86 -8.66 -3.35
C PRO A 37 6.82 -8.16 -2.27
N THR A 38 6.69 -6.89 -1.93
CA THR A 38 7.57 -6.28 -0.92
C THR A 38 6.90 -6.27 0.46
N LEU A 39 5.79 -5.54 0.57
CA LEU A 39 5.07 -5.43 1.84
C LEU A 39 3.64 -4.92 1.61
N ALA A 40 2.66 -5.79 1.81
CA ALA A 40 1.24 -5.46 1.65
C ALA A 40 0.84 -4.19 2.39
N GLY A 41 1.17 -4.10 3.67
CA GLY A 41 0.80 -2.94 4.45
C GLY A 41 1.40 -1.64 3.91
N LYS A 42 2.67 -1.67 3.57
CA LYS A 42 3.35 -0.48 3.07
C LYS A 42 2.98 -0.18 1.61
N ILE A 43 2.87 -1.21 0.78
CA ILE A 43 2.50 -1.02 -0.62
C ILE A 43 1.23 -0.20 -0.74
N THR A 44 0.28 -0.48 0.14
CA THR A 44 -1.01 0.19 0.13
C THR A 44 -0.86 1.71 0.28
N GLY A 45 -0.08 2.14 1.25
CA GLY A 45 0.10 3.57 1.44
C GLY A 45 0.60 4.25 0.19
N MET A 46 1.32 3.49 -0.62
CA MET A 46 1.87 4.00 -1.87
C MET A 46 0.78 4.11 -2.95
N LEU A 47 0.18 2.98 -3.31
CA LEU A 47 -0.85 2.98 -4.34
C LEU A 47 -1.99 3.92 -3.95
N LEU A 48 -2.12 4.19 -2.65
CA LEU A 48 -3.20 5.06 -2.15
C LEU A 48 -3.23 6.45 -2.79
N GLU A 49 -2.53 6.66 -3.90
CA GLU A 49 -2.52 7.93 -4.59
C GLU A 49 -3.81 8.12 -5.39
N ILE A 50 -4.64 7.06 -5.44
CA ILE A 50 -5.90 7.09 -6.17
C ILE A 50 -7.09 7.13 -5.21
N ASP A 51 -8.30 7.34 -5.75
CA ASP A 51 -9.52 7.37 -4.96
C ASP A 51 -9.95 5.98 -4.50
N ASN A 52 -10.56 5.89 -3.32
CA ASN A 52 -11.04 4.61 -2.81
C ASN A 52 -11.97 3.93 -3.84
N SER A 53 -12.52 4.74 -4.75
CA SER A 53 -13.44 4.24 -5.77
C SER A 53 -12.72 3.41 -6.84
N GLU A 54 -11.46 3.71 -7.10
CA GLU A 54 -10.70 2.99 -8.11
C GLU A 54 -10.34 1.59 -7.60
N LEU A 55 -10.08 1.51 -6.31
CA LEU A 55 -9.72 0.24 -5.69
C LEU A 55 -10.84 -0.76 -5.82
N LEU A 56 -12.07 -0.30 -5.60
CA LEU A 56 -13.23 -1.16 -5.69
C LEU A 56 -13.33 -1.73 -7.10
N HIS A 57 -12.93 -0.92 -8.07
CA HIS A 57 -12.95 -1.33 -9.47
C HIS A 57 -11.93 -2.44 -9.75
N MET A 58 -10.69 -2.23 -9.30
CA MET A 58 -9.63 -3.21 -9.52
C MET A 58 -9.94 -4.53 -8.84
N LEU A 59 -10.41 -4.47 -7.60
CA LEU A 59 -10.74 -5.69 -6.87
C LEU A 59 -11.82 -6.45 -7.63
N GLU A 60 -12.56 -5.73 -8.47
CA GLU A 60 -13.60 -6.34 -9.28
C GLU A 60 -13.08 -6.71 -10.67
N SER A 61 -11.87 -6.26 -10.99
CA SER A 61 -11.26 -6.54 -12.28
C SER A 61 -9.75 -6.79 -12.14
N PRO A 62 -9.31 -8.06 -12.18
CA PRO A 62 -7.90 -8.42 -12.06
C PRO A 62 -7.01 -7.66 -13.05
N GLU A 63 -7.57 -7.35 -14.21
CA GLU A 63 -6.84 -6.66 -15.26
C GLU A 63 -6.28 -5.33 -14.76
N SER A 64 -7.15 -4.49 -14.21
CA SER A 64 -6.76 -3.19 -13.70
C SER A 64 -6.07 -3.36 -12.36
N LEU A 65 -6.51 -4.38 -11.62
CA LEU A 65 -5.97 -4.65 -10.31
C LEU A 65 -4.47 -4.87 -10.38
N ARG A 66 -4.05 -5.93 -11.07
CA ARG A 66 -2.64 -6.21 -11.19
C ARG A 66 -1.92 -5.05 -11.85
N SER A 67 -2.65 -4.30 -12.66
CA SER A 67 -2.09 -3.14 -13.35
C SER A 67 -1.45 -2.15 -12.39
N LYS A 68 -2.17 -1.79 -11.33
CA LYS A 68 -1.67 -0.83 -10.34
C LYS A 68 -0.74 -1.49 -9.34
N VAL A 69 -1.18 -2.61 -8.77
CA VAL A 69 -0.37 -3.34 -7.80
C VAL A 69 0.98 -3.72 -8.40
N ASP A 70 0.94 -4.41 -9.54
CA ASP A 70 2.16 -4.84 -10.22
C ASP A 70 3.13 -3.68 -10.32
N GLU A 71 2.68 -2.61 -10.95
CA GLU A 71 3.50 -1.42 -11.12
C GLU A 71 4.11 -1.03 -9.78
N ALA A 72 3.30 -1.05 -8.73
CA ALA A 72 3.76 -0.72 -7.39
C ALA A 72 5.08 -1.41 -7.10
N VAL A 73 5.07 -2.72 -7.33
CA VAL A 73 6.25 -3.53 -7.11
C VAL A 73 7.46 -2.95 -7.84
N ALA A 74 7.26 -2.48 -9.06
CA ALA A 74 8.35 -1.91 -9.82
C ALA A 74 8.74 -0.53 -9.26
N VAL A 75 7.76 0.38 -9.25
CA VAL A 75 7.98 1.73 -8.75
C VAL A 75 8.39 1.76 -7.29
N LEU A 76 7.49 1.31 -6.43
CA LEU A 76 7.71 1.31 -4.98
C LEU A 76 9.04 0.67 -4.62
N GLN A 77 9.28 -0.54 -5.10
CA GLN A 77 10.52 -1.23 -4.80
C GLN A 77 11.71 -0.31 -5.13
N ALA A 78 11.54 0.53 -6.15
CA ALA A 78 12.57 1.48 -6.56
C ALA A 78 12.54 2.74 -5.71
N HIS A 79 11.38 3.39 -5.63
CA HIS A 79 11.21 4.62 -4.86
C HIS A 79 11.41 4.38 -3.35
N GLN A 80 11.57 3.11 -2.97
CA GLN A 80 11.77 2.76 -1.57
C GLN A 80 13.17 3.15 -1.09
N ALA A 81 13.98 3.72 -1.98
CA ALA A 81 15.34 4.12 -1.63
C ALA A 81 15.38 4.88 -0.31
N LYS A 82 16.20 4.39 0.62
CA LYS A 82 16.32 5.01 1.94
C LYS A 82 17.01 6.37 1.83
N GLU A 83 16.92 7.15 2.90
CA GLU A 83 17.53 8.48 2.93
C GLU A 83 18.97 8.40 3.41
N ALA A 84 19.64 9.55 3.47
CA ALA A 84 21.03 9.60 3.92
C ALA A 84 21.17 9.11 5.36
N ALA A 85 21.44 7.82 5.50
CA ALA A 85 21.60 7.23 6.83
C ALA A 85 22.82 7.81 7.55
N GLN A 86 22.56 8.67 8.52
CA GLN A 86 23.64 9.30 9.28
C GLN A 86 23.96 8.53 10.55
N LYS A 87 23.10 8.64 11.55
CA LYS A 87 23.30 7.95 12.82
C LYS A 87 22.74 6.52 12.75
N ALA A 88 23.41 5.67 11.99
CA ALA A 88 23.00 4.28 11.84
C ALA A 88 23.26 3.48 13.11
N VAL A 89 22.22 3.27 13.91
CA VAL A 89 22.34 2.52 15.15
C VAL A 89 21.91 1.06 14.96
N ASN A 90 22.83 0.23 14.50
CA ASN A 90 22.55 -1.18 14.27
C ASN A 90 23.04 -2.03 15.44
N SER A 91 22.12 -2.52 16.24
CA SER A 91 22.46 -3.34 17.40
C SER A 91 22.30 -4.83 17.08
N ALA A 92 23.41 -5.48 16.75
CA ALA A 92 23.39 -6.91 16.43
C ALA A 92 23.53 -7.75 17.68
N THR A 93 24.75 -7.89 18.18
CA THR A 93 25.02 -8.68 19.37
C THR A 93 25.04 -7.80 20.63
N GLY A 94 25.06 -6.48 20.43
CA GLY A 94 25.09 -5.56 21.56
C GLY A 94 23.69 -5.23 22.06
N VAL A 95 23.61 -4.38 23.07
CA VAL A 95 22.31 -4.00 23.64
C VAL A 95 21.93 -2.58 23.22
N PRO A 96 20.83 -2.42 22.46
CA PRO A 96 20.36 -1.10 22.01
C PRO A 96 19.83 -0.26 23.16
N THR A 97 18.99 0.73 22.85
CA THR A 97 18.43 1.60 23.86
C THR A 97 17.31 0.90 24.63
N VAL A 98 17.25 1.15 25.93
CA VAL A 98 16.23 0.55 26.78
C VAL A 98 15.40 1.62 27.48
N VAL B 1 14.32 11.28 -19.32
CA VAL B 1 13.74 11.42 -17.96
C VAL B 1 13.45 10.06 -17.34
N LEU B 2 13.02 10.08 -16.08
CA LEU B 2 12.70 8.84 -15.38
C LEU B 2 11.23 8.50 -15.52
N MET B 3 10.94 7.38 -16.18
CA MET B 3 9.57 6.95 -16.39
C MET B 3 9.00 6.29 -15.15
N SER B 4 7.95 6.89 -14.60
CA SER B 4 7.31 6.36 -13.40
C SER B 4 6.28 5.29 -13.78
N LYS B 5 5.88 4.49 -12.81
CA LYS B 5 4.91 3.42 -13.06
C LYS B 5 3.49 3.97 -13.06
N LEU B 6 2.50 3.08 -13.09
CA LEU B 6 1.10 3.48 -13.09
C LEU B 6 0.73 4.10 -11.75
N SER B 7 1.26 3.51 -10.68
CA SER B 7 1.02 4.00 -9.33
C SER B 7 2.15 4.95 -8.93
N VAL B 8 2.51 4.97 -7.64
CA VAL B 8 3.57 5.83 -7.15
C VAL B 8 3.78 5.66 -5.65
N ASN B 9 4.98 5.99 -5.18
CA ASN B 9 5.32 5.86 -3.77
C ASN B 9 4.71 6.99 -2.93
N ALA B 10 3.41 7.24 -3.09
CA ALA B 10 2.74 8.31 -2.35
C ALA B 10 2.85 8.11 -0.83
N PRO B 11 2.15 8.95 -0.04
CA PRO B 11 2.17 8.87 1.44
C PRO B 11 1.90 7.47 1.95
N GLU B 12 1.50 7.36 3.22
CA GLU B 12 1.18 6.07 3.82
C GLU B 12 -0.27 5.68 3.51
N PHE B 13 -0.73 4.61 4.15
CA PHE B 13 -2.10 4.14 3.96
C PHE B 13 -2.98 4.54 5.15
N TYR B 14 -4.00 5.33 4.84
CA TYR B 14 -4.96 5.79 5.84
C TYR B 14 -6.37 5.29 5.50
N PRO B 15 -7.35 5.49 6.41
CA PRO B 15 -8.74 5.05 6.18
C PRO B 15 -9.42 5.78 5.03
N SER B 16 -9.39 5.15 3.86
CA SER B 16 -10.00 5.70 2.66
C SER B 16 -11.46 6.05 2.92
N GLY B 17 -12.22 5.06 3.37
CA GLY B 17 -13.63 5.28 3.65
C GLY B 17 -13.84 5.82 5.05
N TYR B 18 -13.17 6.93 5.35
CA TYR B 18 -13.31 7.56 6.66
C TYR B 18 -14.72 8.11 6.85
N SER B 19 -15.33 7.76 7.98
CA SER B 19 -16.69 8.21 8.28
C SER B 19 -16.67 9.64 8.80
N SER B 20 -16.68 10.61 7.89
CA SER B 20 -16.66 12.01 8.26
C SER B 20 -18.06 12.50 8.61
N SER B 21 -18.30 12.74 9.90
CA SER B 21 -19.59 13.22 10.38
C SER B 21 -19.48 14.63 10.94
N TYR B 22 -20.62 15.24 11.24
CA TYR B 22 -20.65 16.59 11.78
C TYR B 22 -21.00 16.57 13.26
N GLY A 1 5.72 -18.08 1.48
CA GLY A 1 4.88 -18.04 2.71
C GLY A 1 3.40 -17.88 2.41
N PRO A 2 2.71 -18.97 2.06
CA PRO A 2 1.28 -18.94 1.75
C PRO A 2 0.41 -18.70 2.98
N LEU A 3 0.63 -17.57 3.64
CA LEU A 3 -0.13 -17.23 4.84
C LEU A 3 -1.48 -16.65 4.47
N GLY A 4 -2.46 -17.53 4.23
CA GLY A 4 -3.78 -17.09 3.86
C GLY A 4 -4.70 -16.94 5.06
N SER A 5 -4.13 -16.54 6.20
CA SER A 5 -4.92 -16.35 7.41
C SER A 5 -5.51 -14.94 7.46
N PRO A 6 -4.69 -13.90 7.20
CA PRO A 6 -5.17 -12.51 7.22
C PRO A 6 -6.38 -12.30 6.32
N LEU A 7 -7.57 -12.39 6.90
CA LEU A 7 -8.81 -12.22 6.16
C LEU A 7 -9.16 -10.74 6.03
N THR A 8 -9.58 -10.34 4.83
CA THR A 8 -9.91 -8.95 4.56
C THR A 8 -11.36 -8.66 4.93
N ALA A 9 -12.23 -9.65 4.75
CA ALA A 9 -13.61 -9.48 5.12
C ALA A 9 -13.71 -9.16 6.60
N SER A 10 -13.37 -10.15 7.43
CA SER A 10 -13.43 -9.99 8.87
C SER A 10 -12.57 -8.83 9.38
N MET A 11 -11.55 -8.45 8.62
CA MET A 11 -10.70 -7.34 9.03
C MET A 11 -11.53 -6.08 9.09
N LEU A 12 -12.35 -5.90 8.08
CA LEU A 12 -13.23 -4.73 8.01
C LEU A 12 -14.15 -4.70 9.22
N ALA A 13 -14.90 -5.78 9.42
CA ALA A 13 -15.82 -5.90 10.55
C ALA A 13 -15.07 -6.06 11.88
N SER A 14 -13.76 -5.91 11.83
CA SER A 14 -12.93 -6.02 13.03
C SER A 14 -12.60 -4.64 13.59
N ALA A 15 -13.23 -3.60 13.06
CA ALA A 15 -13.00 -2.24 13.53
C ALA A 15 -14.29 -1.42 13.51
N PRO A 16 -14.43 -0.43 14.42
CA PRO A 16 -15.63 0.40 14.51
C PRO A 16 -16.16 0.83 13.14
N PRO A 17 -17.32 1.50 13.12
CA PRO A 17 -17.96 1.95 11.88
C PRO A 17 -17.00 2.68 10.94
N GLN A 18 -16.49 3.83 11.38
CA GLN A 18 -15.57 4.63 10.56
C GLN A 18 -14.20 3.99 10.42
N GLU A 19 -13.88 3.04 11.30
CA GLU A 19 -12.60 2.36 11.23
C GLU A 19 -12.72 1.18 10.27
N GLN A 20 -13.39 1.41 9.16
CA GLN A 20 -13.55 0.40 8.12
C GLN A 20 -12.21 0.16 7.42
N LYS A 21 -11.93 1.02 6.44
CA LYS A 21 -10.70 0.97 5.67
C LYS A 21 -9.54 1.59 6.44
N GLN A 22 -9.71 1.71 7.75
CA GLN A 22 -8.68 2.31 8.61
C GLN A 22 -7.43 1.45 8.61
N MET A 23 -7.58 0.17 8.93
CA MET A 23 -6.43 -0.73 8.98
C MET A 23 -5.86 -0.95 7.58
N LEU A 24 -6.34 -1.99 6.90
CA LEU A 24 -5.86 -2.32 5.54
C LEU A 24 -6.14 -1.21 4.53
N GLY A 25 -5.57 -0.02 4.74
CA GLY A 25 -5.79 1.09 3.83
C GLY A 25 -7.15 1.02 3.19
N GLU A 26 -7.27 1.39 1.92
CA GLU A 26 -8.54 1.29 1.25
C GLU A 26 -8.84 -0.20 0.97
N ARG A 27 -8.27 -0.70 -0.11
CA ARG A 27 -8.46 -2.11 -0.49
C ARG A 27 -7.22 -2.69 -1.18
N LEU A 28 -6.09 -2.04 -0.97
CA LEU A 28 -4.82 -2.47 -1.56
C LEU A 28 -4.23 -3.66 -0.82
N PHE A 29 -4.23 -3.60 0.50
CA PHE A 29 -3.67 -4.66 1.32
C PHE A 29 -4.22 -6.02 0.87
N PRO A 30 -5.54 -6.14 0.70
CA PRO A 30 -6.16 -7.38 0.25
C PRO A 30 -5.62 -7.84 -1.10
N LEU A 31 -5.54 -6.92 -2.05
CA LEU A 31 -5.04 -7.25 -3.39
C LEU A 31 -3.55 -7.55 -3.38
N ILE A 32 -2.79 -6.73 -2.67
CA ILE A 32 -1.38 -6.94 -2.57
C ILE A 32 -1.11 -8.23 -1.81
N GLN A 33 -1.85 -8.43 -0.71
CA GLN A 33 -1.72 -9.65 0.07
C GLN A 33 -1.63 -10.85 -0.84
N ALA A 34 -2.50 -10.86 -1.86
CA ALA A 34 -2.55 -11.96 -2.84
C ALA A 34 -1.23 -12.15 -3.56
N MET A 35 -0.53 -11.05 -3.78
CA MET A 35 0.76 -11.09 -4.49
C MET A 35 1.94 -11.07 -3.51
N HIS A 36 1.94 -10.10 -2.62
CA HIS A 36 2.99 -9.98 -1.61
C HIS A 36 4.39 -9.79 -2.20
N PRO A 37 4.55 -8.97 -3.24
CA PRO A 37 5.86 -8.73 -3.83
C PRO A 37 6.85 -8.21 -2.78
N THR A 38 6.72 -6.95 -2.42
CA THR A 38 7.61 -6.33 -1.44
C THR A 38 6.99 -6.31 -0.05
N LEU A 39 5.89 -5.58 0.09
CA LEU A 39 5.21 -5.49 1.38
C LEU A 39 3.76 -5.05 1.20
N ALA A 40 2.83 -5.96 1.50
CA ALA A 40 1.40 -5.67 1.39
C ALA A 40 1.02 -4.39 2.14
N GLY A 41 1.42 -4.28 3.39
CA GLY A 41 1.07 -3.10 4.17
C GLY A 41 1.63 -1.81 3.60
N LYS A 42 2.84 -1.87 3.09
CA LYS A 42 3.49 -0.68 2.52
C LYS A 42 3.05 -0.41 1.09
N ILE A 43 2.89 -1.47 0.30
CA ILE A 43 2.45 -1.32 -1.08
C ILE A 43 1.19 -0.47 -1.14
N THR A 44 0.27 -0.79 -0.24
CA THR A 44 -1.01 -0.11 -0.13
C THR A 44 -0.86 1.40 -0.08
N GLY A 45 -0.05 1.90 0.85
CA GLY A 45 0.13 3.33 0.96
C GLY A 45 0.58 3.94 -0.35
N MET A 46 1.27 3.14 -1.15
CA MET A 46 1.77 3.59 -2.43
C MET A 46 0.63 3.84 -3.40
N LEU A 47 -0.03 2.76 -3.81
CA LEU A 47 -1.12 2.87 -4.76
C LEU A 47 -2.21 3.77 -4.22
N LEU A 48 -2.24 3.97 -2.90
CA LEU A 48 -3.28 4.81 -2.29
C LEU A 48 -3.28 6.24 -2.83
N GLU A 49 -2.60 6.46 -3.95
CA GLU A 49 -2.57 7.78 -4.58
C GLU A 49 -3.89 8.03 -5.31
N ILE A 50 -4.76 7.02 -5.34
CA ILE A 50 -6.03 7.13 -6.03
C ILE A 50 -7.22 7.19 -5.06
N ASP A 51 -8.41 7.41 -5.62
CA ASP A 51 -9.65 7.46 -4.86
C ASP A 51 -10.11 6.08 -4.41
N ASN A 52 -10.73 6.02 -3.23
CA ASN A 52 -11.26 4.75 -2.71
C ASN A 52 -12.09 4.04 -3.78
N SER A 53 -12.62 4.80 -4.73
CA SER A 53 -13.45 4.26 -5.80
C SER A 53 -12.64 3.47 -6.85
N GLU A 54 -11.39 3.86 -7.04
CA GLU A 54 -10.55 3.18 -8.03
C GLU A 54 -10.07 1.83 -7.51
N LEU A 55 -9.66 1.79 -6.25
CA LEU A 55 -9.20 0.54 -5.65
C LEU A 55 -10.32 -0.50 -5.66
N LEU A 56 -11.55 -0.04 -5.48
CA LEU A 56 -12.70 -0.93 -5.47
C LEU A 56 -12.91 -1.54 -6.86
N HIS A 57 -12.54 -0.76 -7.88
CA HIS A 57 -12.67 -1.22 -9.26
C HIS A 57 -11.75 -2.42 -9.51
N MET A 58 -10.59 -2.40 -8.88
CA MET A 58 -9.62 -3.49 -9.02
C MET A 58 -10.17 -4.81 -8.50
N LEU A 59 -10.86 -4.74 -7.37
CA LEU A 59 -11.44 -5.93 -6.75
C LEU A 59 -12.43 -6.58 -7.70
N GLU A 60 -13.08 -5.76 -8.50
CA GLU A 60 -14.05 -6.27 -9.46
C GLU A 60 -13.46 -6.36 -10.86
N SER A 61 -12.18 -6.00 -11.00
CA SER A 61 -11.50 -6.06 -12.29
C SER A 61 -10.04 -6.50 -12.12
N PRO A 62 -9.80 -7.82 -12.11
CA PRO A 62 -8.44 -8.37 -11.96
C PRO A 62 -7.45 -7.75 -12.95
N GLU A 63 -7.92 -7.53 -14.18
CA GLU A 63 -7.08 -6.96 -15.23
C GLU A 63 -6.50 -5.61 -14.80
N SER A 64 -7.39 -4.70 -14.38
CA SER A 64 -6.97 -3.38 -13.95
C SER A 64 -6.29 -3.48 -12.60
N LEU A 65 -6.73 -4.44 -11.80
CA LEU A 65 -6.20 -4.66 -10.48
C LEU A 65 -4.69 -4.88 -10.54
N ARG A 66 -4.26 -5.88 -11.30
CA ARG A 66 -2.83 -6.16 -11.41
C ARG A 66 -2.09 -4.98 -12.04
N SER A 67 -2.77 -4.25 -12.91
CA SER A 67 -2.18 -3.09 -13.58
C SER A 67 -1.51 -2.14 -12.61
N LYS A 68 -2.22 -1.79 -11.56
CA LYS A 68 -1.71 -0.87 -10.55
C LYS A 68 -0.76 -1.58 -9.59
N VAL A 69 -1.15 -2.75 -9.12
CA VAL A 69 -0.32 -3.51 -8.19
C VAL A 69 1.06 -3.77 -8.79
N ASP A 70 1.09 -4.28 -10.03
CA ASP A 70 2.36 -4.56 -10.70
C ASP A 70 3.27 -3.34 -10.60
N GLU A 71 2.74 -2.20 -11.01
CA GLU A 71 3.49 -0.95 -10.95
C GLU A 71 4.13 -0.76 -9.57
N ALA A 72 3.33 -0.87 -8.51
CA ALA A 72 3.83 -0.72 -7.14
C ALA A 72 5.13 -1.48 -6.95
N VAL A 73 5.12 -2.73 -7.39
CA VAL A 73 6.29 -3.58 -7.25
C VAL A 73 7.51 -2.90 -7.84
N ALA A 74 7.32 -2.18 -8.94
CA ALA A 74 8.42 -1.47 -9.57
C ALA A 74 8.77 -0.23 -8.75
N VAL A 75 7.89 0.75 -8.74
CA VAL A 75 8.12 1.99 -7.98
C VAL A 75 8.52 1.70 -6.54
N LEU A 76 7.64 1.03 -5.78
CA LEU A 76 7.91 0.75 -4.36
C LEU A 76 9.27 0.13 -4.17
N GLN A 77 9.52 -0.97 -4.85
CA GLN A 77 10.81 -1.63 -4.73
C GLN A 77 11.92 -0.61 -4.96
N ALA A 78 11.64 0.38 -5.83
CA ALA A 78 12.59 1.43 -6.15
C ALA A 78 12.59 2.56 -5.10
N HIS A 79 11.51 3.34 -5.06
CA HIS A 79 11.39 4.46 -4.13
C HIS A 79 11.41 3.97 -2.68
N GLN A 80 10.56 3.00 -2.39
CA GLN A 80 10.47 2.44 -1.04
C GLN A 80 11.57 1.41 -0.82
N ALA A 81 12.82 1.86 -0.83
CA ALA A 81 13.95 0.97 -0.63
C ALA A 81 14.37 0.96 0.84
N LYS A 82 13.41 0.70 1.72
CA LYS A 82 13.69 0.65 3.15
C LYS A 82 14.58 -0.54 3.47
N GLU A 83 15.87 -0.26 3.69
CA GLU A 83 16.83 -1.31 4.01
C GLU A 83 16.86 -1.60 5.51
N ALA A 84 15.70 -1.59 6.14
CA ALA A 84 15.59 -1.87 7.57
C ALA A 84 15.78 -3.36 7.85
N ALA A 85 15.54 -4.19 6.83
CA ALA A 85 15.68 -5.63 6.97
C ALA A 85 17.15 -6.04 7.04
N GLN A 86 17.94 -5.52 6.11
CA GLN A 86 19.37 -5.83 6.06
C GLN A 86 20.18 -4.79 6.83
N LYS A 87 19.51 -4.02 7.69
CA LYS A 87 20.18 -3.01 8.47
C LYS A 87 20.71 -3.60 9.78
N ALA A 88 19.79 -3.98 10.66
CA ALA A 88 20.14 -4.56 11.93
C ALA A 88 20.62 -6.00 11.76
N VAL A 89 21.90 -6.16 11.42
CA VAL A 89 22.47 -7.48 11.21
C VAL A 89 22.81 -8.13 12.56
N ASN A 90 21.83 -8.19 13.45
CA ASN A 90 22.02 -8.78 14.77
C ASN A 90 21.38 -10.16 14.85
N SER A 91 22.13 -11.18 14.47
CA SER A 91 21.63 -12.55 14.49
C SER A 91 22.04 -13.25 15.79
N ALA A 92 21.06 -13.85 16.47
CA ALA A 92 21.32 -14.55 17.72
C ALA A 92 22.06 -15.85 17.46
N THR A 93 22.48 -16.51 18.54
CA THR A 93 23.21 -17.77 18.43
C THR A 93 22.36 -18.94 18.93
N GLY A 94 22.55 -20.11 18.33
CA GLY A 94 21.79 -21.29 18.72
C GLY A 94 22.48 -22.06 19.83
N VAL A 95 22.33 -23.38 19.81
CA VAL A 95 22.95 -24.23 20.83
C VAL A 95 24.24 -24.89 20.32
N PRO A 96 24.17 -25.70 19.24
CA PRO A 96 25.37 -26.37 18.70
C PRO A 96 26.28 -25.39 17.96
N THR A 97 27.58 -25.63 18.05
CA THR A 97 28.56 -24.78 17.39
C THR A 97 28.88 -25.29 15.99
N VAL A 98 29.83 -24.64 15.33
CA VAL A 98 30.23 -25.04 13.97
C VAL A 98 31.57 -25.77 14.00
N VAL B 1 14.40 5.12 -20.20
CA VAL B 1 13.85 4.07 -19.31
C VAL B 1 12.76 4.61 -18.40
N LEU B 2 11.69 3.84 -18.24
CA LEU B 2 10.57 4.25 -17.40
C LEU B 2 10.74 3.75 -15.97
N MET B 3 11.12 4.66 -15.07
CA MET B 3 11.33 4.32 -13.66
C MET B 3 10.01 4.38 -12.90
N SER B 4 9.39 5.57 -12.91
CA SER B 4 8.12 5.76 -12.22
C SER B 4 7.00 5.03 -12.92
N LYS B 5 6.18 4.32 -12.15
CA LYS B 5 5.06 3.58 -12.71
C LYS B 5 3.74 4.31 -12.48
N LEU B 6 2.62 3.61 -12.62
CA LEU B 6 1.30 4.24 -12.44
C LEU B 6 1.06 4.63 -10.99
N SER B 7 1.56 3.80 -10.07
CA SER B 7 1.41 4.07 -8.65
C SER B 7 2.76 4.38 -8.02
N VAL B 8 3.01 5.66 -7.78
CA VAL B 8 4.27 6.09 -7.20
C VAL B 8 4.28 5.93 -5.68
N ASN B 9 5.36 6.36 -5.04
CA ASN B 9 5.50 6.25 -3.59
C ASN B 9 4.58 7.21 -2.85
N ALA B 10 3.27 7.14 -3.14
CA ALA B 10 2.29 8.02 -2.52
C ALA B 10 2.32 7.91 -1.00
N PRO B 11 1.49 8.71 -0.30
CA PRO B 11 1.41 8.68 1.16
C PRO B 11 1.26 7.27 1.71
N GLU B 12 0.96 7.15 2.98
CA GLU B 12 0.74 5.84 3.58
C GLU B 12 -0.68 5.36 3.32
N PHE B 13 -1.06 4.27 3.97
CA PHE B 13 -2.39 3.73 3.82
C PHE B 13 -3.26 4.09 5.02
N TYR B 14 -4.25 4.94 4.76
CA TYR B 14 -5.18 5.42 5.77
C TYR B 14 -6.62 5.02 5.45
N PRO B 15 -7.57 5.29 6.38
CA PRO B 15 -8.99 4.97 6.17
C PRO B 15 -9.62 5.68 4.98
N SER B 16 -9.49 5.05 3.83
CA SER B 16 -10.05 5.58 2.60
C SER B 16 -11.56 5.84 2.76
N GLY B 17 -12.31 4.78 3.06
CA GLY B 17 -13.74 4.91 3.26
C GLY B 17 -14.09 5.28 4.69
N TYR B 18 -13.52 6.37 5.18
CA TYR B 18 -13.79 6.84 6.53
C TYR B 18 -15.10 7.64 6.59
N SER B 19 -16.18 7.02 6.14
CA SER B 19 -17.49 7.67 6.14
C SER B 19 -18.09 7.72 7.54
N SER B 20 -17.87 8.83 8.24
CA SER B 20 -18.39 8.99 9.59
C SER B 20 -19.85 9.45 9.56
N SER B 21 -20.74 8.53 9.19
CA SER B 21 -22.16 8.83 9.12
C SER B 21 -22.94 8.08 10.21
N TYR B 22 -22.98 6.76 10.09
CA TYR B 22 -23.69 5.93 11.07
C TYR B 22 -22.70 5.25 12.02
N GLY A 1 -1.13 -18.45 23.57
CA GLY A 1 -1.53 -18.79 22.17
C GLY A 1 -1.79 -17.55 21.32
N PRO A 2 -1.05 -17.38 20.21
CA PRO A 2 -1.21 -16.21 19.33
C PRO A 2 -2.52 -16.26 18.54
N LEU A 3 -2.81 -15.18 17.83
CA LEU A 3 -4.03 -15.09 17.03
C LEU A 3 -3.94 -15.99 15.80
N GLY A 4 -5.06 -16.18 15.13
CA GLY A 4 -5.09 -17.02 13.94
C GLY A 4 -4.50 -16.32 12.73
N SER A 5 -4.77 -16.87 11.54
CA SER A 5 -4.27 -16.29 10.31
C SER A 5 -4.97 -14.98 9.98
N PRO A 6 -4.20 -13.91 9.68
CA PRO A 6 -4.77 -12.60 9.34
C PRO A 6 -5.85 -12.68 8.27
N LEU A 7 -7.09 -12.44 8.66
CA LEU A 7 -8.22 -12.48 7.73
C LEU A 7 -8.66 -11.07 7.34
N THR A 8 -8.94 -10.87 6.06
CA THR A 8 -9.33 -9.57 5.53
C THR A 8 -10.83 -9.36 5.68
N ALA A 9 -11.61 -10.42 5.51
CA ALA A 9 -13.04 -10.31 5.68
C ALA A 9 -13.36 -9.84 7.10
N SER A 10 -13.10 -10.72 8.07
CA SER A 10 -13.38 -10.40 9.47
C SER A 10 -12.65 -9.14 9.93
N MET A 11 -11.56 -8.80 9.26
CA MET A 11 -10.82 -7.60 9.62
C MET A 11 -11.70 -6.38 9.41
N LEU A 12 -12.46 -6.38 8.32
CA LEU A 12 -13.37 -5.29 8.02
C LEU A 12 -14.44 -5.20 9.10
N ALA A 13 -15.17 -6.30 9.30
CA ALA A 13 -16.22 -6.37 10.31
C ALA A 13 -15.65 -6.36 11.74
N SER A 14 -14.37 -6.07 11.86
CA SER A 14 -13.72 -6.01 13.16
C SER A 14 -13.83 -4.59 13.72
N ALA A 15 -13.77 -3.60 12.82
CA ALA A 15 -13.84 -2.20 13.22
C ALA A 15 -14.90 -1.43 12.42
N PRO A 16 -16.17 -1.80 12.56
CA PRO A 16 -17.29 -1.16 11.85
C PRO A 16 -17.19 0.36 11.81
N PRO A 17 -16.98 1.02 12.97
CA PRO A 17 -16.88 2.49 13.05
C PRO A 17 -15.89 3.07 12.04
N GLN A 18 -15.44 4.29 12.31
CA GLN A 18 -14.50 4.98 11.43
C GLN A 18 -13.26 4.13 11.13
N GLU A 19 -13.05 3.08 11.93
CA GLU A 19 -11.91 2.20 11.70
C GLU A 19 -12.28 1.12 10.67
N GLN A 20 -13.08 1.51 9.68
CA GLN A 20 -13.45 0.59 8.61
C GLN A 20 -12.25 0.30 7.74
N LYS A 21 -12.03 1.16 6.76
CA LYS A 21 -10.93 1.05 5.81
C LYS A 21 -9.61 1.56 6.42
N GLN A 22 -9.58 1.71 7.74
CA GLN A 22 -8.37 2.20 8.41
C GLN A 22 -7.20 1.25 8.24
N MET A 23 -7.30 0.07 8.81
CA MET A 23 -6.24 -0.92 8.73
C MET A 23 -5.87 -1.17 7.26
N LEU A 24 -6.54 -2.13 6.63
CA LEU A 24 -6.28 -2.48 5.22
C LEU A 24 -6.59 -1.33 4.28
N GLY A 25 -6.05 -0.14 4.53
CA GLY A 25 -6.29 0.99 3.66
C GLY A 25 -7.65 0.92 3.00
N GLU A 26 -7.72 1.35 1.74
CA GLU A 26 -8.96 1.30 0.98
C GLU A 26 -9.26 -0.14 0.57
N ARG A 27 -8.67 -0.56 -0.56
CA ARG A 27 -8.88 -1.91 -1.10
C ARG A 27 -7.58 -2.48 -1.69
N LEU A 28 -6.46 -1.85 -1.40
CA LEU A 28 -5.17 -2.32 -1.91
C LEU A 28 -4.64 -3.52 -1.14
N PHE A 29 -4.69 -3.42 0.18
CA PHE A 29 -4.21 -4.51 1.04
C PHE A 29 -4.76 -5.85 0.60
N PRO A 30 -6.08 -5.94 0.31
CA PRO A 30 -6.71 -7.17 -0.15
C PRO A 30 -6.09 -7.67 -1.45
N LEU A 31 -5.92 -6.76 -2.40
CA LEU A 31 -5.34 -7.09 -3.70
C LEU A 31 -3.86 -7.43 -3.61
N ILE A 32 -3.12 -6.57 -2.92
CA ILE A 32 -1.71 -6.79 -2.75
C ILE A 32 -1.50 -8.02 -1.88
N GLN A 33 -2.30 -8.16 -0.83
CA GLN A 33 -2.21 -9.32 0.03
C GLN A 33 -2.08 -10.58 -0.84
N ALA A 34 -2.90 -10.62 -1.90
CA ALA A 34 -2.92 -11.75 -2.84
C ALA A 34 -1.54 -12.00 -3.45
N MET A 35 -0.82 -10.92 -3.69
CA MET A 35 0.51 -11.02 -4.27
C MET A 35 1.60 -10.96 -3.20
N HIS A 36 1.51 -9.95 -2.34
CA HIS A 36 2.48 -9.80 -1.25
C HIS A 36 3.92 -9.72 -1.75
N PRO A 37 4.19 -8.84 -2.73
CA PRO A 37 5.54 -8.69 -3.24
C PRO A 37 6.46 -8.12 -2.17
N THR A 38 6.29 -6.85 -1.86
CA THR A 38 7.13 -6.17 -0.88
C THR A 38 6.49 -6.17 0.51
N LEU A 39 5.31 -5.56 0.62
CA LEU A 39 4.60 -5.48 1.90
C LEU A 39 3.18 -4.94 1.71
N ALA A 40 2.18 -5.82 1.85
CA ALA A 40 0.77 -5.41 1.70
C ALA A 40 0.43 -4.18 2.54
N GLY A 41 0.80 -4.18 3.81
CA GLY A 41 0.50 -3.05 4.67
C GLY A 41 1.02 -1.73 4.11
N LYS A 42 2.34 -1.60 4.06
CA LYS A 42 3.00 -0.38 3.58
C LYS A 42 2.75 -0.12 2.09
N ILE A 43 2.74 -1.18 1.28
CA ILE A 43 2.51 -1.04 -0.15
C ILE A 43 1.22 -0.26 -0.42
N THR A 44 0.20 -0.57 0.36
CA THR A 44 -1.10 0.08 0.22
C THR A 44 -0.95 1.60 0.27
N GLY A 45 -0.13 2.09 1.20
CA GLY A 45 0.06 3.53 1.34
C GLY A 45 0.57 4.18 0.07
N MET A 46 1.42 3.47 -0.65
CA MET A 46 1.99 3.98 -1.88
C MET A 46 0.96 3.91 -3.01
N LEU A 47 0.42 2.73 -3.29
CA LEU A 47 -0.55 2.61 -4.36
C LEU A 47 -1.74 3.52 -4.10
N LEU A 48 -1.94 3.91 -2.84
CA LEU A 48 -3.06 4.79 -2.45
C LEU A 48 -3.02 6.15 -3.16
N GLU A 49 -2.37 6.22 -4.30
CA GLU A 49 -2.27 7.45 -5.07
C GLU A 49 -3.61 7.76 -5.75
N ILE A 50 -4.52 6.78 -5.74
CA ILE A 50 -5.83 6.93 -6.36
C ILE A 50 -6.97 7.02 -5.31
N ASP A 51 -8.17 7.36 -5.77
CA ASP A 51 -9.35 7.44 -4.90
C ASP A 51 -9.87 6.06 -4.48
N ASN A 52 -10.50 5.98 -3.31
CA ASN A 52 -11.04 4.71 -2.82
C ASN A 52 -11.88 4.02 -3.89
N SER A 53 -12.45 4.81 -4.80
CA SER A 53 -13.32 4.29 -5.86
C SER A 53 -12.56 3.48 -6.91
N GLU A 54 -11.28 3.77 -7.09
CA GLU A 54 -10.49 3.06 -8.08
C GLU A 54 -10.14 1.67 -7.59
N LEU A 55 -9.80 1.57 -6.31
CA LEU A 55 -9.44 0.29 -5.73
C LEU A 55 -10.59 -0.70 -5.82
N LEU A 56 -11.81 -0.21 -5.72
CA LEU A 56 -12.99 -1.07 -5.81
C LEU A 56 -13.12 -1.62 -7.23
N HIS A 57 -12.76 -0.79 -8.21
CA HIS A 57 -12.83 -1.17 -9.62
C HIS A 57 -11.85 -2.30 -9.93
N MET A 58 -10.67 -2.20 -9.34
CA MET A 58 -9.62 -3.21 -9.55
C MET A 58 -9.96 -4.49 -8.80
N LEU A 59 -10.53 -4.34 -7.62
CA LEU A 59 -10.88 -5.47 -6.78
C LEU A 59 -11.87 -6.39 -7.51
N GLU A 60 -12.70 -5.80 -8.36
CA GLU A 60 -13.66 -6.59 -9.12
C GLU A 60 -13.13 -6.88 -10.52
N SER A 61 -11.94 -6.38 -10.83
CA SER A 61 -11.32 -6.59 -12.13
C SER A 61 -9.81 -6.77 -12.00
N PRO A 62 -9.33 -8.02 -11.85
CA PRO A 62 -7.90 -8.32 -11.72
C PRO A 62 -7.06 -7.67 -12.82
N GLU A 63 -7.68 -7.48 -13.98
CA GLU A 63 -7.03 -6.88 -15.14
C GLU A 63 -6.38 -5.54 -14.80
N SER A 64 -7.19 -4.61 -14.33
CA SER A 64 -6.72 -3.28 -13.97
C SER A 64 -5.97 -3.34 -12.64
N LEU A 65 -6.40 -4.27 -11.80
CA LEU A 65 -5.80 -4.44 -10.49
C LEU A 65 -4.32 -4.71 -10.60
N ARG A 66 -3.96 -5.81 -11.23
CA ARG A 66 -2.56 -6.15 -11.39
C ARG A 66 -1.81 -5.02 -12.08
N SER A 67 -2.52 -4.32 -12.96
CA SER A 67 -1.93 -3.21 -13.70
C SER A 67 -1.29 -2.18 -12.77
N LYS A 68 -1.99 -1.82 -11.70
CA LYS A 68 -1.51 -0.83 -10.75
C LYS A 68 -0.48 -1.41 -9.78
N VAL A 69 -0.81 -2.55 -9.18
CA VAL A 69 0.09 -3.21 -8.24
C VAL A 69 1.44 -3.49 -8.88
N ASP A 70 1.41 -4.15 -10.02
CA ASP A 70 2.63 -4.50 -10.77
C ASP A 70 3.52 -3.27 -10.89
N GLU A 71 2.96 -2.22 -11.47
CA GLU A 71 3.68 -0.96 -11.67
C GLU A 71 4.35 -0.50 -10.38
N ALA A 72 3.56 -0.34 -9.33
CA ALA A 72 4.10 0.10 -8.05
C ALA A 72 5.25 -0.79 -7.61
N VAL A 73 5.12 -2.09 -7.83
CA VAL A 73 6.18 -3.01 -7.45
C VAL A 73 7.50 -2.52 -8.03
N ALA A 74 7.42 -1.94 -9.22
CA ALA A 74 8.59 -1.40 -9.88
C ALA A 74 9.04 -0.09 -9.24
N VAL A 75 8.16 0.92 -9.22
CA VAL A 75 8.48 2.21 -8.60
C VAL A 75 8.70 2.09 -7.10
N LEU A 76 7.67 1.64 -6.39
CA LEU A 76 7.71 1.49 -4.94
C LEU A 76 8.93 0.71 -4.48
N GLN A 77 9.02 -0.55 -4.88
CA GLN A 77 10.14 -1.40 -4.50
C GLN A 77 11.46 -0.68 -4.79
N ALA A 78 11.43 0.19 -5.79
CA ALA A 78 12.61 0.96 -6.17
C ALA A 78 12.79 2.17 -5.26
N HIS A 79 11.72 2.92 -5.05
CA HIS A 79 11.76 4.11 -4.20
C HIS A 79 11.70 3.75 -2.71
N GLN A 80 11.66 2.45 -2.42
CA GLN A 80 11.60 1.97 -1.05
C GLN A 80 12.95 2.14 -0.35
N ALA A 81 13.93 1.34 -0.76
CA ALA A 81 15.26 1.39 -0.18
C ALA A 81 16.09 2.52 -0.77
N LYS A 82 15.93 3.72 -0.21
CA LYS A 82 16.67 4.89 -0.68
C LYS A 82 18.18 4.69 -0.48
N GLU A 83 18.95 5.76 -0.68
CA GLU A 83 20.40 5.72 -0.52
C GLU A 83 20.77 5.67 0.96
N ALA A 84 19.92 6.27 1.79
CA ALA A 84 20.15 6.32 3.23
C ALA A 84 19.99 4.92 3.84
N ALA A 85 21.00 4.09 3.65
CA ALA A 85 20.97 2.73 4.19
C ALA A 85 21.32 2.71 5.68
N GLN A 86 22.60 2.85 5.99
CA GLN A 86 23.07 2.85 7.36
C GLN A 86 22.96 4.23 7.99
N LYS A 87 23.26 5.25 7.19
CA LYS A 87 23.20 6.64 7.66
C LYS A 87 21.80 7.21 7.46
N ALA A 88 20.79 6.46 7.90
CA ALA A 88 19.41 6.90 7.76
C ALA A 88 19.06 7.97 8.77
N VAL A 89 18.68 9.14 8.26
CA VAL A 89 18.32 10.26 9.12
C VAL A 89 16.80 10.42 9.20
N ASN A 90 16.09 9.80 8.26
CA ASN A 90 14.64 9.87 8.23
C ASN A 90 14.01 8.60 8.82
N SER A 91 14.71 7.98 9.74
CA SER A 91 14.22 6.76 10.39
C SER A 91 13.18 7.09 11.45
N ALA A 92 12.40 6.09 11.83
CA ALA A 92 11.37 6.28 12.85
C ALA A 92 11.96 6.15 14.25
N THR A 93 13.00 6.93 14.52
CA THR A 93 13.65 6.90 15.82
C THR A 93 13.32 8.15 16.62
N GLY A 94 12.04 8.36 16.87
CA GLY A 94 11.60 9.51 17.64
C GLY A 94 11.41 9.18 19.11
N VAL A 95 11.18 7.91 19.40
CA VAL A 95 10.96 7.48 20.78
C VAL A 95 12.24 6.93 21.42
N PRO A 96 12.88 5.90 20.82
CA PRO A 96 14.12 5.33 21.39
C PRO A 96 15.31 6.28 21.27
N THR A 97 15.85 6.67 22.41
CA THR A 97 17.01 7.57 22.44
C THR A 97 18.29 6.81 22.73
N VAL A 98 18.23 5.91 23.70
CA VAL A 98 19.39 5.12 24.08
C VAL A 98 19.01 3.64 24.25
N VAL B 1 11.63 10.26 -21.48
CA VAL B 1 10.69 9.26 -22.06
C VAL B 1 10.48 8.09 -21.11
N LEU B 2 11.53 7.74 -20.38
CA LEU B 2 11.45 6.63 -19.42
C LEU B 2 10.94 7.12 -18.07
N MET B 3 9.63 7.20 -17.93
CA MET B 3 9.01 7.65 -16.70
C MET B 3 8.81 6.49 -15.73
N SER B 4 8.31 6.81 -14.54
CA SER B 4 8.05 5.79 -13.53
C SER B 4 6.86 4.92 -13.93
N LYS B 5 6.33 4.15 -12.99
CA LYS B 5 5.20 3.29 -13.30
C LYS B 5 3.89 3.98 -12.94
N LEU B 6 2.78 3.26 -13.03
CA LEU B 6 1.46 3.81 -12.73
C LEU B 6 1.30 4.15 -11.26
N SER B 7 1.78 3.28 -10.37
CA SER B 7 1.67 3.52 -8.94
C SER B 7 3.05 3.83 -8.33
N VAL B 8 3.23 5.06 -7.87
CA VAL B 8 4.50 5.46 -7.26
C VAL B 8 4.45 5.31 -5.75
N ASN B 9 5.51 5.73 -5.07
CA ASN B 9 5.58 5.63 -3.62
C ASN B 9 4.73 6.72 -2.94
N ALA B 10 3.47 6.84 -3.35
CA ALA B 10 2.58 7.86 -2.79
C ALA B 10 2.63 7.90 -1.25
N PRO B 11 1.86 8.81 -0.63
CA PRO B 11 1.82 8.96 0.84
C PRO B 11 1.60 7.63 1.55
N GLU B 12 1.17 7.69 2.81
CA GLU B 12 0.89 6.47 3.57
C GLU B 12 -0.51 5.94 3.27
N PHE B 13 -0.86 4.83 3.92
CA PHE B 13 -2.18 4.23 3.74
C PHE B 13 -3.06 4.55 4.94
N TYR B 14 -4.12 5.31 4.69
CA TYR B 14 -5.06 5.70 5.73
C TYR B 14 -6.46 5.18 5.42
N PRO B 15 -7.42 5.32 6.36
CA PRO B 15 -8.79 4.87 6.16
C PRO B 15 -9.50 5.60 5.03
N SER B 16 -9.50 4.97 3.86
CA SER B 16 -10.13 5.54 2.68
C SER B 16 -11.56 5.96 2.98
N GLY B 17 -12.42 4.98 3.19
CA GLY B 17 -13.82 5.25 3.49
C GLY B 17 -14.03 5.55 4.96
N TYR B 18 -13.31 6.54 5.47
CA TYR B 18 -13.42 6.94 6.86
C TYR B 18 -14.77 7.61 7.11
N SER B 19 -15.85 6.86 6.94
CA SER B 19 -17.20 7.39 7.13
C SER B 19 -17.50 7.57 8.61
N SER B 20 -17.94 8.78 8.96
CA SER B 20 -18.27 9.10 10.34
C SER B 20 -19.66 8.60 10.70
N SER B 21 -20.69 9.31 10.22
CA SER B 21 -22.06 8.93 10.49
C SER B 21 -22.58 7.98 9.42
N TYR B 22 -22.49 8.40 8.16
CA TYR B 22 -22.95 7.57 7.05
C TYR B 22 -21.79 6.85 6.39
N GLY A 1 1.66 -17.45 0.01
CA GLY A 1 2.48 -17.61 1.24
C GLY A 1 2.32 -18.99 1.87
N PRO A 2 3.34 -19.48 2.59
CA PRO A 2 3.29 -20.79 3.23
C PRO A 2 2.32 -20.82 4.41
N LEU A 3 2.50 -19.89 5.34
CA LEU A 3 1.63 -19.82 6.51
C LEU A 3 0.30 -19.17 6.17
N GLY A 4 -0.57 -19.04 7.16
CA GLY A 4 -1.87 -18.42 6.95
C GLY A 4 -1.95 -17.02 7.50
N SER A 5 -2.18 -16.05 6.63
CA SER A 5 -2.28 -14.65 7.05
C SER A 5 -3.71 -14.32 7.47
N PRO A 6 -3.88 -13.24 8.26
CA PRO A 6 -5.20 -12.81 8.74
C PRO A 6 -6.22 -12.67 7.62
N LEU A 7 -7.50 -12.68 7.98
CA LEU A 7 -8.58 -12.54 7.00
C LEU A 7 -8.93 -11.08 6.78
N THR A 8 -9.21 -10.73 5.52
CA THR A 8 -9.52 -9.35 5.16
C THR A 8 -11.00 -9.06 5.33
N ALA A 9 -11.84 -10.03 5.00
CA ALA A 9 -13.28 -9.85 5.16
C ALA A 9 -13.58 -9.55 6.62
N SER A 10 -13.39 -10.55 7.47
CA SER A 10 -13.68 -10.42 8.90
C SER A 10 -12.88 -9.28 9.52
N MET A 11 -11.74 -8.92 8.93
CA MET A 11 -10.94 -7.84 9.48
C MET A 11 -11.72 -6.53 9.43
N LEU A 12 -12.37 -6.30 8.31
CA LEU A 12 -13.19 -5.11 8.13
C LEU A 12 -14.21 -5.00 9.25
N ALA A 13 -15.07 -6.01 9.35
CA ALA A 13 -16.10 -6.06 10.39
C ALA A 13 -15.50 -6.32 11.77
N SER A 14 -14.17 -6.31 11.85
CA SER A 14 -13.48 -6.53 13.12
C SER A 14 -13.01 -5.22 13.73
N ALA A 15 -13.41 -4.09 13.13
CA ALA A 15 -13.03 -2.78 13.65
C ALA A 15 -14.24 -1.85 13.72
N PRO A 16 -14.24 -0.92 14.70
CA PRO A 16 -15.33 0.04 14.91
C PRO A 16 -15.86 0.65 13.61
N PRO A 17 -16.90 1.51 13.72
CA PRO A 17 -17.51 2.17 12.56
C PRO A 17 -16.48 2.82 11.64
N GLN A 18 -15.99 4.00 12.01
CA GLN A 18 -15.01 4.72 11.21
C GLN A 18 -13.78 3.88 10.93
N GLU A 19 -13.55 2.87 11.74
CA GLU A 19 -12.40 1.99 11.54
C GLU A 19 -12.74 0.91 10.52
N GLN A 20 -13.49 1.31 9.50
CA GLN A 20 -13.85 0.41 8.42
C GLN A 20 -12.63 0.09 7.57
N LYS A 21 -12.39 0.97 6.59
CA LYS A 21 -11.26 0.84 5.67
C LYS A 21 -9.96 1.35 6.29
N GLN A 22 -9.95 1.47 7.61
CA GLN A 22 -8.76 1.97 8.33
C GLN A 22 -7.56 1.02 8.17
N MET A 23 -7.68 -0.19 8.70
CA MET A 23 -6.61 -1.15 8.64
C MET A 23 -6.14 -1.37 7.20
N LEU A 24 -6.74 -2.34 6.51
CA LEU A 24 -6.39 -2.65 5.12
C LEU A 24 -6.66 -1.48 4.17
N GLY A 25 -6.11 -0.29 4.47
CA GLY A 25 -6.34 0.87 3.62
C GLY A 25 -7.67 0.80 2.91
N GLU A 26 -7.70 1.24 1.65
CA GLU A 26 -8.93 1.19 0.87
C GLU A 26 -9.21 -0.24 0.45
N ARG A 27 -8.61 -0.66 -0.67
CA ARG A 27 -8.80 -2.00 -1.19
C ARG A 27 -7.50 -2.59 -1.74
N LEU A 28 -6.38 -1.94 -1.46
CA LEU A 28 -5.09 -2.42 -1.95
C LEU A 28 -4.57 -3.60 -1.15
N PHE A 29 -4.69 -3.54 0.17
CA PHE A 29 -4.23 -4.62 1.03
C PHE A 29 -4.75 -5.97 0.54
N PRO A 30 -6.06 -6.09 0.27
CA PRO A 30 -6.65 -7.33 -0.22
C PRO A 30 -6.01 -7.79 -1.53
N LEU A 31 -5.84 -6.85 -2.45
CA LEU A 31 -5.26 -7.16 -3.76
C LEU A 31 -3.77 -7.46 -3.65
N ILE A 32 -3.05 -6.61 -2.93
CA ILE A 32 -1.63 -6.81 -2.77
C ILE A 32 -1.40 -8.06 -1.94
N GLN A 33 -2.25 -8.28 -0.93
CA GLN A 33 -2.13 -9.47 -0.11
C GLN A 33 -1.97 -10.69 -1.03
N ALA A 34 -2.73 -10.69 -2.11
CA ALA A 34 -2.71 -11.76 -3.10
C ALA A 34 -1.30 -11.97 -3.64
N MET A 35 -0.58 -10.87 -3.80
CA MET A 35 0.78 -10.93 -4.34
C MET A 35 1.84 -10.87 -3.23
N HIS A 36 1.72 -9.88 -2.36
CA HIS A 36 2.66 -9.74 -1.24
C HIS A 36 4.10 -9.61 -1.70
N PRO A 37 4.40 -8.72 -2.67
CA PRO A 37 5.76 -8.53 -3.12
C PRO A 37 6.64 -8.01 -1.99
N THR A 38 6.45 -6.74 -1.65
CA THR A 38 7.24 -6.10 -0.60
C THR A 38 6.51 -6.14 0.75
N LEU A 39 5.33 -5.54 0.81
CA LEU A 39 4.55 -5.50 2.04
C LEU A 39 3.13 -5.00 1.78
N ALA A 40 2.16 -5.90 1.86
CA ALA A 40 0.77 -5.56 1.64
C ALA A 40 0.35 -4.32 2.43
N GLY A 41 0.65 -4.28 3.72
CA GLY A 41 0.28 -3.14 4.53
C GLY A 41 0.84 -1.82 4.02
N LYS A 42 2.16 -1.70 4.06
CA LYS A 42 2.83 -0.47 3.62
C LYS A 42 2.59 -0.18 2.14
N ILE A 43 2.57 -1.22 1.32
CA ILE A 43 2.35 -1.05 -0.11
C ILE A 43 1.04 -0.31 -0.37
N THR A 44 0.05 -0.65 0.44
CA THR A 44 -1.26 -0.05 0.33
C THR A 44 -1.16 1.47 0.33
N GLY A 45 -0.39 2.00 1.27
CA GLY A 45 -0.22 3.44 1.36
C GLY A 45 0.30 4.05 0.08
N MET A 46 1.20 3.32 -0.59
CA MET A 46 1.78 3.80 -1.83
C MET A 46 0.76 3.81 -2.95
N LEU A 47 0.24 2.65 -3.29
CA LEU A 47 -0.73 2.55 -4.36
C LEU A 47 -1.93 3.42 -4.07
N LEU A 48 -2.16 3.74 -2.78
CA LEU A 48 -3.31 4.55 -2.38
C LEU A 48 -3.32 5.95 -3.00
N GLU A 49 -2.62 6.13 -4.12
CA GLU A 49 -2.57 7.42 -4.81
C GLU A 49 -3.87 7.70 -5.55
N ILE A 50 -4.76 6.71 -5.57
CA ILE A 50 -6.03 6.84 -6.27
C ILE A 50 -7.21 6.96 -5.28
N ASP A 51 -8.40 7.22 -5.82
CA ASP A 51 -9.60 7.32 -5.00
C ASP A 51 -10.09 5.96 -4.53
N ASN A 52 -10.73 5.93 -3.36
CA ASN A 52 -11.26 4.66 -2.84
C ASN A 52 -12.16 3.99 -3.87
N SER A 53 -12.75 4.81 -4.75
CA SER A 53 -13.67 4.32 -5.78
C SER A 53 -12.94 3.56 -6.89
N GLU A 54 -11.71 3.97 -7.17
CA GLU A 54 -10.93 3.33 -8.21
C GLU A 54 -10.42 1.98 -7.74
N LEU A 55 -9.98 1.95 -6.49
CA LEU A 55 -9.46 0.72 -5.91
C LEU A 55 -10.52 -0.37 -5.85
N LEU A 56 -11.78 0.05 -5.72
CA LEU A 56 -12.88 -0.88 -5.68
C LEU A 56 -13.04 -1.54 -7.05
N HIS A 57 -12.84 -0.75 -8.10
CA HIS A 57 -12.96 -1.23 -9.47
C HIS A 57 -11.92 -2.29 -9.81
N MET A 58 -10.65 -2.03 -9.50
CA MET A 58 -9.59 -2.99 -9.79
C MET A 58 -9.83 -4.30 -9.05
N LEU A 59 -10.30 -4.21 -7.82
CA LEU A 59 -10.56 -5.40 -7.02
C LEU A 59 -11.62 -6.27 -7.70
N GLU A 60 -12.48 -5.65 -8.48
CA GLU A 60 -13.52 -6.38 -9.20
C GLU A 60 -12.99 -6.88 -10.54
N SER A 61 -11.78 -6.43 -10.90
CA SER A 61 -11.16 -6.84 -12.16
C SER A 61 -9.65 -7.02 -11.99
N PRO A 62 -9.20 -8.27 -11.78
CA PRO A 62 -7.77 -8.57 -11.62
C PRO A 62 -6.90 -7.95 -12.71
N GLU A 63 -7.48 -7.81 -13.90
CA GLU A 63 -6.77 -7.24 -15.04
C GLU A 63 -6.21 -5.86 -14.73
N SER A 64 -7.07 -4.97 -14.26
CA SER A 64 -6.66 -3.61 -13.91
C SER A 64 -5.89 -3.63 -12.59
N LEU A 65 -6.26 -4.56 -11.73
CA LEU A 65 -5.62 -4.70 -10.44
C LEU A 65 -4.13 -4.90 -10.60
N ARG A 66 -3.74 -5.96 -11.28
CA ARG A 66 -2.31 -6.23 -11.48
C ARG A 66 -1.64 -5.04 -12.15
N SER A 67 -2.38 -4.36 -13.01
CA SER A 67 -1.88 -3.19 -13.73
C SER A 67 -1.24 -2.18 -12.79
N LYS A 68 -1.93 -1.84 -11.71
CA LYS A 68 -1.45 -0.85 -10.75
C LYS A 68 -0.42 -1.45 -9.80
N VAL A 69 -0.75 -2.61 -9.23
CA VAL A 69 0.15 -3.28 -8.30
C VAL A 69 1.51 -3.54 -8.92
N ASP A 70 1.51 -4.18 -10.08
CA ASP A 70 2.75 -4.50 -10.80
C ASP A 70 3.61 -3.25 -10.93
N GLU A 71 3.05 -2.23 -11.56
CA GLU A 71 3.75 -0.97 -11.76
C GLU A 71 4.36 -0.48 -10.44
N ALA A 72 3.53 -0.38 -9.43
CA ALA A 72 3.98 0.05 -8.12
C ALA A 72 5.16 -0.77 -7.65
N VAL A 73 5.07 -2.09 -7.79
CA VAL A 73 6.16 -2.96 -7.36
C VAL A 73 7.47 -2.47 -7.95
N ALA A 74 7.41 -1.88 -9.14
CA ALA A 74 8.58 -1.32 -9.77
C ALA A 74 9.00 -0.04 -9.07
N VAL A 75 8.11 0.96 -9.08
CA VAL A 75 8.38 2.25 -8.45
C VAL A 75 8.67 2.11 -6.95
N LEU A 76 7.69 1.63 -6.18
CA LEU A 76 7.84 1.50 -4.73
C LEU A 76 9.12 0.77 -4.35
N GLN A 77 9.27 -0.44 -4.89
CA GLN A 77 10.44 -1.25 -4.58
C GLN A 77 11.71 -0.43 -4.78
N ALA A 78 11.67 0.46 -5.77
CA ALA A 78 12.80 1.34 -6.06
C ALA A 78 12.82 2.55 -5.12
N HIS A 79 11.74 3.32 -5.12
CA HIS A 79 11.62 4.51 -4.28
C HIS A 79 11.76 4.14 -2.80
N GLN A 80 10.80 3.38 -2.29
CA GLN A 80 10.82 2.96 -0.89
C GLN A 80 11.95 1.97 -0.64
N ALA A 81 13.18 2.46 -0.72
CA ALA A 81 14.35 1.61 -0.49
C ALA A 81 15.51 2.42 0.06
N LYS A 82 15.33 2.96 1.27
CA LYS A 82 16.37 3.75 1.92
C LYS A 82 17.50 2.85 2.42
N GLU A 83 17.24 1.55 2.49
CA GLU A 83 18.25 0.59 2.96
C GLU A 83 19.14 0.12 1.81
N ALA A 84 19.23 0.93 0.76
CA ALA A 84 20.06 0.60 -0.39
C ALA A 84 21.51 0.44 0.02
N ALA A 85 22.28 -0.28 -0.81
CA ALA A 85 23.69 -0.50 -0.53
C ALA A 85 24.53 0.73 -0.89
N GLN A 86 23.86 1.81 -1.29
CA GLN A 86 24.54 3.05 -1.66
C GLN A 86 24.72 3.94 -0.43
N LYS A 87 25.04 5.22 -0.67
CA LYS A 87 25.23 6.18 0.41
C LYS A 87 23.90 6.75 0.88
N ALA A 88 23.23 6.05 1.79
CA ALA A 88 21.95 6.50 2.32
C ALA A 88 22.13 7.66 3.29
N VAL A 89 21.21 8.61 3.24
CA VAL A 89 21.27 9.78 4.12
C VAL A 89 20.81 9.43 5.53
N ASN A 90 21.47 10.01 6.52
CA ASN A 90 21.13 9.76 7.93
C ASN A 90 20.14 10.81 8.43
N SER A 91 19.60 10.58 9.63
CA SER A 91 18.64 11.50 10.23
C SER A 91 19.34 12.78 10.70
N ALA A 92 19.25 13.82 9.89
CA ALA A 92 19.87 15.10 10.23
C ALA A 92 19.15 15.79 11.38
N THR A 93 19.27 15.20 12.58
CA THR A 93 18.62 15.75 13.76
C THR A 93 19.59 16.65 14.54
N GLY A 94 20.74 16.09 14.89
CA GLY A 94 21.74 16.85 15.64
C GLY A 94 22.75 17.52 14.72
N VAL A 95 22.26 18.33 13.79
CA VAL A 95 23.14 19.03 12.87
C VAL A 95 23.33 20.49 13.28
N PRO A 96 24.57 20.88 13.66
CA PRO A 96 24.88 22.24 14.07
C PRO A 96 24.78 23.24 12.92
N THR A 97 24.16 24.38 13.19
CA THR A 97 24.00 25.41 12.17
C THR A 97 25.04 26.51 12.34
N VAL A 98 25.53 27.05 11.23
CA VAL A 98 26.53 28.11 11.26
C VAL A 98 25.98 29.41 10.68
N VAL B 1 17.22 4.68 -17.48
CA VAL B 1 16.31 4.08 -18.49
C VAL B 1 14.98 3.66 -17.86
N LEU B 2 15.03 3.26 -16.59
CA LEU B 2 13.84 2.84 -15.87
C LEU B 2 13.07 4.04 -15.34
N MET B 3 12.00 4.42 -16.03
CA MET B 3 11.18 5.55 -15.63
C MET B 3 10.20 5.16 -14.53
N SER B 4 9.33 6.09 -14.15
CA SER B 4 8.33 5.84 -13.12
C SER B 4 7.17 5.03 -13.69
N LYS B 5 6.52 4.26 -12.83
CA LYS B 5 5.39 3.43 -13.27
C LYS B 5 4.05 4.13 -12.99
N LEU B 6 2.95 3.40 -13.15
CA LEU B 6 1.61 3.97 -12.94
C LEU B 6 1.34 4.32 -11.48
N SER B 7 1.75 3.45 -10.57
CA SER B 7 1.53 3.70 -9.15
C SER B 7 2.86 3.99 -8.44
N VAL B 8 3.09 5.25 -8.15
CA VAL B 8 4.32 5.67 -7.46
C VAL B 8 4.23 5.44 -5.96
N ASN B 9 5.29 5.81 -5.24
CA ASN B 9 5.34 5.64 -3.80
C ASN B 9 4.53 6.71 -3.07
N ALA B 10 3.23 6.79 -3.38
CA ALA B 10 2.35 7.79 -2.77
C ALA B 10 2.44 7.76 -1.24
N PRO B 11 1.66 8.64 -0.56
CA PRO B 11 1.63 8.73 0.90
C PRO B 11 1.41 7.37 1.56
N GLU B 12 1.00 7.38 2.82
CA GLU B 12 0.71 6.14 3.55
C GLU B 12 -0.71 5.66 3.26
N PHE B 13 -1.09 4.57 3.93
CA PHE B 13 -2.44 4.01 3.77
C PHE B 13 -3.29 4.37 4.98
N TYR B 14 -4.35 5.13 4.72
CA TYR B 14 -5.29 5.53 5.76
C TYR B 14 -6.68 4.96 5.44
N PRO B 15 -7.70 5.22 6.29
CA PRO B 15 -9.05 4.72 6.04
C PRO B 15 -9.74 5.43 4.88
N SER B 16 -9.72 4.80 3.73
CA SER B 16 -10.35 5.34 2.54
C SER B 16 -11.79 5.75 2.82
N GLY B 17 -12.63 4.74 3.02
CA GLY B 17 -14.04 4.98 3.30
C GLY B 17 -14.28 5.24 4.77
N TYR B 18 -13.56 6.21 5.32
CA TYR B 18 -13.72 6.58 6.73
C TYR B 18 -15.03 7.32 6.92
N SER B 19 -15.53 7.33 8.15
CA SER B 19 -16.78 8.02 8.45
C SER B 19 -16.53 9.53 8.50
N SER B 20 -17.34 10.25 9.26
CA SER B 20 -17.19 11.70 9.37
C SER B 20 -16.00 12.05 10.25
N SER B 21 -15.79 13.34 10.48
CA SER B 21 -14.68 13.80 11.31
C SER B 21 -15.16 14.17 12.70
N TYR B 22 -15.34 13.16 13.55
CA TYR B 22 -15.80 13.36 14.92
C TYR B 22 -14.62 13.33 15.89
N GLY A 1 -4.21 -20.15 3.12
CA GLY A 1 -5.57 -20.71 3.35
C GLY A 1 -5.70 -21.38 4.70
N PRO A 2 -5.20 -22.62 4.85
CA PRO A 2 -5.27 -23.36 6.11
C PRO A 2 -4.38 -22.76 7.20
N LEU A 3 -3.48 -21.87 6.81
CA LEU A 3 -2.58 -21.23 7.76
C LEU A 3 -3.30 -20.13 8.54
N GLY A 4 -2.56 -19.46 9.41
CA GLY A 4 -3.14 -18.39 10.20
C GLY A 4 -3.03 -17.04 9.53
N SER A 5 -3.27 -17.00 8.23
CA SER A 5 -3.20 -15.76 7.46
C SER A 5 -4.42 -14.88 7.75
N PRO A 6 -4.18 -13.63 8.18
CA PRO A 6 -5.27 -12.69 8.49
C PRO A 6 -6.29 -12.57 7.36
N LEU A 7 -7.56 -12.44 7.73
CA LEU A 7 -8.64 -12.32 6.75
C LEU A 7 -8.98 -10.85 6.51
N THR A 8 -9.30 -10.50 5.26
CA THR A 8 -9.60 -9.13 4.91
C THR A 8 -11.08 -8.81 5.13
N ALA A 9 -11.94 -9.77 4.81
CA ALA A 9 -13.36 -9.57 5.02
C ALA A 9 -13.62 -9.30 6.50
N SER A 10 -13.43 -10.34 7.31
CA SER A 10 -13.65 -10.23 8.74
C SER A 10 -12.82 -9.12 9.38
N MET A 11 -11.71 -8.76 8.75
CA MET A 11 -10.87 -7.71 9.29
C MET A 11 -11.64 -6.38 9.32
N LEU A 12 -12.39 -6.14 8.25
CA LEU A 12 -13.19 -4.92 8.16
C LEU A 12 -14.17 -4.85 9.31
N ALA A 13 -14.99 -5.89 9.43
CA ALA A 13 -15.98 -5.97 10.50
C ALA A 13 -15.31 -6.21 11.86
N SER A 14 -13.98 -6.19 11.87
CA SER A 14 -13.20 -6.40 13.09
C SER A 14 -12.76 -5.07 13.70
N ALA A 15 -13.18 -3.95 13.09
CA ALA A 15 -12.81 -2.64 13.60
C ALA A 15 -14.02 -1.71 13.68
N PRO A 16 -14.06 -0.80 14.67
CA PRO A 16 -15.16 0.14 14.87
C PRO A 16 -15.70 0.73 13.56
N PRO A 17 -16.77 1.54 13.64
CA PRO A 17 -17.39 2.16 12.47
C PRO A 17 -16.38 2.81 11.52
N GLN A 18 -15.90 4.01 11.88
CA GLN A 18 -14.94 4.72 11.02
C GLN A 18 -13.70 3.90 10.74
N GLU A 19 -13.44 2.89 11.57
CA GLU A 19 -12.28 2.03 11.36
C GLU A 19 -12.62 0.96 10.34
N GLN A 20 -13.37 1.35 9.32
CA GLN A 20 -13.72 0.44 8.24
C GLN A 20 -12.48 0.14 7.41
N LYS A 21 -12.22 1.00 6.43
CA LYS A 21 -11.06 0.88 5.55
C LYS A 21 -9.79 1.40 6.22
N GLN A 22 -9.82 1.50 7.55
CA GLN A 22 -8.67 2.00 8.30
C GLN A 22 -7.47 1.07 8.14
N MET A 23 -7.55 -0.10 8.75
CA MET A 23 -6.48 -1.06 8.68
C MET A 23 -6.07 -1.30 7.23
N LEU A 24 -6.72 -2.24 6.55
CA LEU A 24 -6.39 -2.54 5.15
C LEU A 24 -6.63 -1.35 4.20
N GLY A 25 -6.09 -0.16 4.52
CA GLY A 25 -6.30 1.00 3.66
C GLY A 25 -7.61 0.93 2.91
N GLU A 26 -7.63 1.38 1.66
CA GLU A 26 -8.83 1.31 0.87
C GLU A 26 -9.08 -0.13 0.43
N ARG A 27 -8.40 -0.55 -0.63
CA ARG A 27 -8.56 -1.89 -1.17
C ARG A 27 -7.25 -2.48 -1.73
N LEU A 28 -6.13 -1.83 -1.50
CA LEU A 28 -4.85 -2.33 -2.02
C LEU A 28 -4.28 -3.44 -1.15
N PHE A 29 -4.42 -3.29 0.17
CA PHE A 29 -3.91 -4.31 1.10
C PHE A 29 -4.40 -5.70 0.71
N PRO A 30 -5.69 -5.84 0.37
CA PRO A 30 -6.27 -7.12 -0.05
C PRO A 30 -5.64 -7.60 -1.35
N LEU A 31 -5.48 -6.68 -2.29
CA LEU A 31 -4.90 -7.00 -3.59
C LEU A 31 -3.42 -7.35 -3.47
N ILE A 32 -2.71 -6.55 -2.70
CA ILE A 32 -1.30 -6.78 -2.48
C ILE A 32 -1.13 -8.07 -1.68
N GLN A 33 -2.00 -8.25 -0.68
CA GLN A 33 -1.97 -9.45 0.12
C GLN A 33 -1.79 -10.68 -0.77
N ALA A 34 -2.54 -10.68 -1.87
CA ALA A 34 -2.52 -11.77 -2.85
C ALA A 34 -1.14 -11.99 -3.42
N MET A 35 -0.41 -10.90 -3.59
CA MET A 35 0.94 -10.97 -4.15
C MET A 35 2.00 -10.92 -3.05
N HIS A 36 1.91 -9.92 -2.19
CA HIS A 36 2.84 -9.78 -1.07
C HIS A 36 4.29 -9.64 -1.52
N PRO A 37 4.57 -8.80 -2.55
CA PRO A 37 5.94 -8.59 -3.01
C PRO A 37 6.82 -8.03 -1.90
N THR A 38 6.62 -6.76 -1.57
CA THR A 38 7.43 -6.09 -0.55
C THR A 38 6.72 -6.09 0.80
N LEU A 39 5.57 -5.42 0.84
CA LEU A 39 4.80 -5.32 2.07
C LEU A 39 3.37 -4.86 1.78
N ALA A 40 2.42 -5.74 2.02
CA ALA A 40 1.01 -5.45 1.80
C ALA A 40 0.57 -4.17 2.53
N GLY A 41 0.81 -4.10 3.82
CA GLY A 41 0.43 -2.92 4.58
C GLY A 41 1.06 -1.65 4.04
N LYS A 42 2.29 -1.76 3.58
CA LYS A 42 3.02 -0.60 3.05
C LYS A 42 2.68 -0.29 1.59
N ILE A 43 2.58 -1.32 0.75
CA ILE A 43 2.26 -1.12 -0.65
C ILE A 43 1.01 -0.26 -0.80
N THR A 44 0.01 -0.58 0.02
CA THR A 44 -1.26 0.14 0.00
C THR A 44 -1.07 1.63 0.15
N GLY A 45 -0.28 2.04 1.13
CA GLY A 45 -0.05 3.46 1.35
C GLY A 45 0.44 4.15 0.11
N MET A 46 1.19 3.41 -0.69
CA MET A 46 1.74 3.93 -1.93
C MET A 46 0.65 4.01 -3.00
N LEU A 47 0.04 2.86 -3.33
CA LEU A 47 -1.00 2.85 -4.36
C LEU A 47 -2.13 3.79 -3.97
N LEU A 48 -2.28 4.06 -2.67
CA LEU A 48 -3.35 4.94 -2.18
C LEU A 48 -3.33 6.34 -2.82
N GLU A 49 -2.57 6.50 -3.91
CA GLU A 49 -2.50 7.78 -4.61
C GLU A 49 -3.77 8.06 -5.41
N ILE A 50 -4.64 7.07 -5.48
CA ILE A 50 -5.88 7.21 -6.23
C ILE A 50 -7.09 7.29 -5.29
N ASP A 51 -8.27 7.49 -5.87
CA ASP A 51 -9.51 7.54 -5.11
C ASP A 51 -9.94 6.15 -4.66
N ASN A 52 -10.46 6.04 -3.44
CA ASN A 52 -10.94 4.76 -2.93
C ASN A 52 -11.83 4.06 -3.95
N SER A 53 -12.46 4.84 -4.82
CA SER A 53 -13.35 4.31 -5.84
C SER A 53 -12.60 3.57 -6.95
N GLU A 54 -11.34 3.93 -7.16
CA GLU A 54 -10.55 3.29 -8.20
C GLU A 54 -10.11 1.89 -7.77
N LEU A 55 -9.76 1.75 -6.50
CA LEU A 55 -9.32 0.47 -5.97
C LEU A 55 -10.46 -0.55 -6.02
N LEU A 56 -11.68 -0.07 -5.85
CA LEU A 56 -12.85 -0.94 -5.90
C LEU A 56 -13.00 -1.49 -7.31
N HIS A 57 -12.68 -0.66 -8.30
CA HIS A 57 -12.77 -1.06 -9.70
C HIS A 57 -11.78 -2.18 -10.01
N MET A 58 -10.58 -2.07 -9.47
CA MET A 58 -9.55 -3.08 -9.71
C MET A 58 -9.91 -4.39 -9.05
N LEU A 59 -10.42 -4.31 -7.82
CA LEU A 59 -10.79 -5.51 -7.07
C LEU A 59 -11.86 -6.29 -7.83
N GLU A 60 -12.59 -5.61 -8.71
CA GLU A 60 -13.63 -6.25 -9.51
C GLU A 60 -13.11 -6.61 -10.90
N SER A 61 -11.89 -6.19 -11.23
CA SER A 61 -11.29 -6.48 -12.52
C SER A 61 -9.79 -6.74 -12.39
N PRO A 62 -9.37 -8.02 -12.43
CA PRO A 62 -7.95 -8.38 -12.30
C PRO A 62 -7.07 -7.60 -13.26
N GLU A 63 -7.59 -7.29 -14.44
CA GLU A 63 -6.84 -6.54 -15.45
C GLU A 63 -6.30 -5.22 -14.88
N SER A 64 -7.20 -4.41 -14.33
CA SER A 64 -6.82 -3.14 -13.74
C SER A 64 -6.19 -3.37 -12.38
N LEU A 65 -6.65 -4.42 -11.73
CA LEU A 65 -6.16 -4.79 -10.41
C LEU A 65 -4.65 -4.97 -10.43
N ARG A 66 -4.19 -5.95 -11.15
CA ARG A 66 -2.77 -6.21 -11.23
C ARG A 66 -2.05 -5.03 -11.87
N SER A 67 -2.74 -4.31 -12.74
CA SER A 67 -2.18 -3.16 -13.43
C SER A 67 -1.53 -2.17 -12.45
N LYS A 68 -2.27 -1.79 -11.42
CA LYS A 68 -1.77 -0.84 -10.43
C LYS A 68 -0.82 -1.51 -9.43
N VAL A 69 -1.25 -2.63 -8.86
CA VAL A 69 -0.44 -3.34 -7.89
C VAL A 69 0.91 -3.72 -8.47
N ASP A 70 0.90 -4.37 -9.63
CA ASP A 70 2.15 -4.78 -10.28
C ASP A 70 3.11 -3.61 -10.34
N GLU A 71 2.65 -2.51 -10.92
CA GLU A 71 3.47 -1.30 -11.03
C GLU A 71 4.11 -0.98 -9.69
N ALA A 72 3.30 -0.98 -8.64
CA ALA A 72 3.79 -0.72 -7.30
C ALA A 72 5.07 -1.50 -7.03
N VAL A 73 5.00 -2.79 -7.28
CA VAL A 73 6.14 -3.67 -7.08
C VAL A 73 7.38 -3.14 -7.78
N ALA A 74 7.23 -2.65 -8.99
CA ALA A 74 8.35 -2.11 -9.75
C ALA A 74 8.80 -0.76 -9.19
N VAL A 75 7.89 0.21 -9.19
CA VAL A 75 8.20 1.55 -8.69
C VAL A 75 8.55 1.55 -7.23
N LEU A 76 7.60 1.09 -6.43
CA LEU A 76 7.77 1.07 -4.97
C LEU A 76 9.09 0.43 -4.58
N GLN A 77 9.32 -0.78 -5.04
CA GLN A 77 10.56 -1.48 -4.74
C GLN A 77 11.75 -0.58 -5.06
N ALA A 78 11.58 0.26 -6.10
CA ALA A 78 12.61 1.18 -6.53
C ALA A 78 12.63 2.45 -5.68
N HIS A 79 11.46 3.08 -5.55
CA HIS A 79 11.33 4.31 -4.76
C HIS A 79 11.58 4.03 -3.28
N GLN A 80 11.73 2.76 -2.91
CA GLN A 80 11.98 2.38 -1.53
C GLN A 80 13.42 2.66 -1.13
N ALA A 81 14.10 3.53 -1.88
CA ALA A 81 15.49 3.88 -1.61
C ALA A 81 15.70 4.16 -0.12
N LYS A 82 16.47 3.29 0.53
CA LYS A 82 16.75 3.43 1.95
C LYS A 82 17.58 4.68 2.23
N GLU A 83 17.94 4.87 3.49
CA GLU A 83 18.74 6.02 3.89
C GLU A 83 20.21 5.81 3.51
N ALA A 84 20.51 6.02 2.23
CA ALA A 84 21.87 5.85 1.75
C ALA A 84 22.80 6.92 2.32
N ALA A 85 24.03 6.52 2.62
CA ALA A 85 25.02 7.43 3.18
C ALA A 85 25.70 8.27 2.11
N GLN A 86 26.26 7.60 1.10
CA GLN A 86 26.95 8.29 0.02
C GLN A 86 25.97 8.91 -0.97
N LYS A 87 24.80 8.31 -1.11
CA LYS A 87 23.78 8.81 -2.03
C LYS A 87 22.94 9.89 -1.36
N ALA A 88 23.59 10.93 -0.85
CA ALA A 88 22.90 12.02 -0.18
C ALA A 88 22.51 13.12 -1.17
N VAL A 89 22.02 14.24 -0.64
CA VAL A 89 21.61 15.37 -1.47
C VAL A 89 22.83 16.10 -2.02
N ASN A 90 22.60 17.07 -2.89
CA ASN A 90 23.69 17.84 -3.49
C ASN A 90 24.16 18.95 -2.56
N SER A 91 24.40 18.61 -1.30
CA SER A 91 24.88 19.59 -0.32
C SER A 91 26.41 19.65 -0.31
N ALA A 92 27.04 18.55 -0.72
CA ALA A 92 28.49 18.47 -0.76
C ALA A 92 29.06 19.41 -1.82
N THR A 93 30.36 19.32 -2.05
CA THR A 93 31.02 20.16 -3.04
C THR A 93 31.02 19.49 -4.41
N GLY A 94 30.10 19.92 -5.27
CA GLY A 94 30.02 19.37 -6.61
C GLY A 94 31.07 19.94 -7.54
N VAL A 95 30.70 20.97 -8.30
CA VAL A 95 31.62 21.59 -9.23
C VAL A 95 32.39 22.74 -8.56
N PRO A 96 31.70 23.72 -7.96
CA PRO A 96 32.37 24.85 -7.30
C PRO A 96 33.07 24.45 -6.01
N THR A 97 34.21 25.08 -5.74
CA THR A 97 34.97 24.77 -4.53
C THR A 97 34.68 25.77 -3.43
N VAL A 98 34.85 27.05 -3.74
CA VAL A 98 34.60 28.13 -2.77
C VAL A 98 33.43 29.00 -3.21
N VAL B 1 11.99 4.95 -22.75
CA VAL B 1 11.54 4.01 -21.68
C VAL B 1 10.80 4.75 -20.59
N LEU B 2 9.86 4.06 -19.94
CA LEU B 2 9.07 4.64 -18.87
C LEU B 2 9.90 4.71 -17.58
N MET B 3 9.84 5.85 -16.92
CA MET B 3 10.59 6.05 -15.67
C MET B 3 9.79 5.55 -14.47
N SER B 4 8.85 6.37 -14.00
CA SER B 4 8.02 6.00 -12.86
C SER B 4 6.89 5.08 -13.31
N LYS B 5 6.21 4.46 -12.35
CA LYS B 5 5.13 3.53 -12.66
C LYS B 5 3.77 4.20 -12.47
N LEU B 6 2.70 3.42 -12.66
CA LEU B 6 1.33 3.92 -12.52
C LEU B 6 1.01 4.27 -11.07
N SER B 7 1.44 3.40 -10.15
CA SER B 7 1.20 3.62 -8.73
C SER B 7 2.50 3.99 -8.02
N VAL B 8 2.87 5.28 -8.08
CA VAL B 8 4.09 5.74 -7.44
C VAL B 8 4.05 5.49 -5.94
N ASN B 9 5.14 5.81 -5.26
CA ASN B 9 5.25 5.59 -3.82
C ASN B 9 4.55 6.71 -3.04
N ALA B 10 3.25 6.91 -3.29
CA ALA B 10 2.50 7.96 -2.61
C ALA B 10 2.63 7.89 -1.09
N PRO B 11 1.94 8.80 -0.36
CA PRO B 11 1.98 8.84 1.10
C PRO B 11 1.72 7.48 1.75
N GLU B 12 1.28 7.49 3.01
CA GLU B 12 0.98 6.25 3.73
C GLU B 12 -0.44 5.76 3.41
N PHE B 13 -0.83 4.67 4.08
CA PHE B 13 -2.16 4.10 3.88
C PHE B 13 -3.06 4.46 5.06
N TYR B 14 -4.10 5.23 4.77
CA TYR B 14 -5.08 5.66 5.76
C TYR B 14 -6.47 5.13 5.41
N PRO B 15 -7.47 5.27 6.31
CA PRO B 15 -8.84 4.82 6.05
C PRO B 15 -9.51 5.56 4.90
N SER B 16 -9.48 4.95 3.72
CA SER B 16 -10.07 5.54 2.52
C SER B 16 -11.52 5.91 2.76
N GLY B 17 -12.37 4.90 2.93
CA GLY B 17 -13.77 5.15 3.18
C GLY B 17 -14.06 5.46 4.64
N TYR B 18 -13.35 6.45 5.17
CA TYR B 18 -13.54 6.86 6.56
C TYR B 18 -14.87 7.58 6.73
N SER B 19 -15.96 6.87 6.49
CA SER B 19 -17.30 7.44 6.61
C SER B 19 -17.80 7.34 8.05
N SER B 20 -17.81 8.48 8.74
CA SER B 20 -18.27 8.53 10.12
C SER B 20 -19.66 9.15 10.20
N SER B 21 -20.63 8.49 9.55
CA SER B 21 -22.00 8.98 9.55
C SER B 21 -22.85 8.23 10.57
N TYR B 22 -22.44 7.00 10.89
CA TYR B 22 -23.16 6.19 11.85
C TYR B 22 -22.50 6.25 13.22
N GLY A 1 6.19 -14.12 0.52
CA GLY A 1 5.50 -13.51 1.69
C GLY A 1 4.91 -14.55 2.62
N PRO A 2 4.22 -14.12 3.69
CA PRO A 2 3.60 -15.04 4.66
C PRO A 2 2.39 -15.76 4.07
N LEU A 3 1.90 -16.77 4.79
CA LEU A 3 0.74 -17.53 4.34
C LEU A 3 -0.52 -16.69 4.42
N GLY A 4 -1.50 -17.02 3.59
CA GLY A 4 -2.75 -16.28 3.59
C GLY A 4 -3.67 -16.67 4.73
N SER A 5 -3.31 -16.27 5.94
CA SER A 5 -4.10 -16.58 7.12
C SER A 5 -5.09 -15.45 7.42
N PRO A 6 -4.60 -14.21 7.58
CA PRO A 6 -5.46 -13.05 7.87
C PRO A 6 -6.61 -12.91 6.87
N LEU A 7 -7.81 -12.70 7.40
CA LEU A 7 -8.99 -12.55 6.56
C LEU A 7 -9.32 -11.08 6.36
N THR A 8 -9.63 -10.70 5.12
CA THR A 8 -9.92 -9.31 4.79
C THR A 8 -11.39 -8.99 5.02
N ALA A 9 -12.27 -9.92 4.68
CA ALA A 9 -13.69 -9.69 4.90
C ALA A 9 -13.92 -9.42 6.37
N SER A 10 -13.74 -10.44 7.20
CA SER A 10 -13.94 -10.32 8.64
C SER A 10 -13.06 -9.22 9.24
N MET A 11 -11.95 -8.89 8.59
CA MET A 11 -11.07 -7.86 9.11
C MET A 11 -11.80 -6.53 9.13
N LEU A 12 -12.52 -6.25 8.06
CA LEU A 12 -13.30 -5.02 7.96
C LEU A 12 -14.28 -4.93 9.13
N ALA A 13 -15.11 -5.96 9.27
CA ALA A 13 -16.07 -6.03 10.35
C ALA A 13 -15.39 -6.32 11.70
N SER A 14 -14.07 -6.29 11.70
CA SER A 14 -13.29 -6.51 12.93
C SER A 14 -12.82 -5.19 13.53
N ALA A 15 -13.32 -4.06 13.01
CA ALA A 15 -12.93 -2.76 13.52
C ALA A 15 -14.14 -1.82 13.60
N PRO A 16 -14.12 -0.87 14.57
CA PRO A 16 -15.21 0.08 14.78
C PRO A 16 -15.80 0.62 13.47
N PRO A 17 -16.91 1.39 13.57
CA PRO A 17 -17.58 1.97 12.40
C PRO A 17 -16.61 2.68 11.46
N GLN A 18 -16.11 3.83 11.88
CA GLN A 18 -15.18 4.61 11.06
C GLN A 18 -13.88 3.87 10.83
N GLU A 19 -13.64 2.82 11.61
CA GLU A 19 -12.43 2.03 11.45
C GLU A 19 -12.67 0.92 10.42
N GLN A 20 -13.38 1.27 9.36
CA GLN A 20 -13.64 0.34 8.26
C GLN A 20 -12.36 0.13 7.46
N LYS A 21 -12.15 1.03 6.51
CA LYS A 21 -10.97 1.01 5.63
C LYS A 21 -9.75 1.59 6.35
N GLN A 22 -9.84 1.74 7.66
CA GLN A 22 -8.74 2.28 8.45
C GLN A 22 -7.52 1.37 8.38
N MET A 23 -7.72 0.08 8.65
CA MET A 23 -6.62 -0.88 8.62
C MET A 23 -6.09 -1.07 7.20
N LEU A 24 -6.63 -2.07 6.48
CA LEU A 24 -6.18 -2.36 5.11
C LEU A 24 -6.46 -1.20 4.16
N GLY A 25 -5.88 -0.02 4.41
CA GLY A 25 -6.10 1.11 3.55
C GLY A 25 -7.45 1.05 2.85
N GLU A 26 -7.50 1.42 1.58
CA GLU A 26 -8.74 1.34 0.83
C GLU A 26 -9.03 -0.15 0.51
N ARG A 27 -8.39 -0.63 -0.56
CA ARG A 27 -8.56 -2.02 -0.99
C ARG A 27 -7.29 -2.63 -1.57
N LEU A 28 -6.14 -1.97 -1.37
CA LEU A 28 -4.88 -2.48 -1.90
C LEU A 28 -4.37 -3.66 -1.08
N PHE A 29 -4.47 -3.56 0.25
CA PHE A 29 -4.01 -4.64 1.12
C PHE A 29 -4.53 -5.98 0.63
N PRO A 30 -5.84 -6.12 0.43
CA PRO A 30 -6.44 -7.35 -0.05
C PRO A 30 -5.82 -7.81 -1.37
N LEU A 31 -5.67 -6.87 -2.30
CA LEU A 31 -5.09 -7.18 -3.61
C LEU A 31 -3.60 -7.51 -3.51
N ILE A 32 -2.87 -6.70 -2.77
CA ILE A 32 -1.45 -6.93 -2.59
C ILE A 32 -1.26 -8.20 -1.79
N GLN A 33 -2.04 -8.36 -0.73
CA GLN A 33 -1.96 -9.57 0.10
C GLN A 33 -1.82 -10.79 -0.81
N ALA A 34 -2.62 -10.79 -1.87
CA ALA A 34 -2.63 -11.87 -2.86
C ALA A 34 -1.27 -12.03 -3.53
N MET A 35 -0.58 -10.92 -3.68
CA MET A 35 0.74 -10.91 -4.31
C MET A 35 1.85 -10.90 -3.27
N HIS A 36 1.82 -9.92 -2.37
CA HIS A 36 2.79 -9.82 -1.28
C HIS A 36 4.23 -9.67 -1.76
N PRO A 37 4.50 -8.87 -2.81
CA PRO A 37 5.85 -8.66 -3.28
C PRO A 37 6.76 -8.14 -2.17
N THR A 38 6.60 -6.86 -1.82
CA THR A 38 7.42 -6.24 -0.79
C THR A 38 6.72 -6.22 0.57
N LEU A 39 5.62 -5.47 0.67
CA LEU A 39 4.88 -5.36 1.92
C LEU A 39 3.47 -4.84 1.69
N ALA A 40 2.48 -5.71 1.86
CA ALA A 40 1.07 -5.36 1.67
C ALA A 40 0.66 -4.12 2.44
N GLY A 41 0.98 -4.06 3.72
CA GLY A 41 0.61 -2.90 4.52
C GLY A 41 1.17 -1.60 3.98
N LYS A 42 2.47 -1.58 3.73
CA LYS A 42 3.14 -0.40 3.23
C LYS A 42 2.85 -0.14 1.74
N ILE A 43 2.80 -1.20 0.94
CA ILE A 43 2.53 -1.06 -0.49
C ILE A 43 1.24 -0.27 -0.72
N THR A 44 0.24 -0.56 0.09
CA THR A 44 -1.06 0.10 -0.02
C THR A 44 -0.95 1.61 0.16
N GLY A 45 -0.17 2.05 1.14
CA GLY A 45 -0.01 3.46 1.39
C GLY A 45 0.44 4.21 0.16
N MET A 46 1.25 3.54 -0.64
CA MET A 46 1.77 4.14 -1.87
C MET A 46 0.71 4.15 -2.95
N LEU A 47 0.14 2.99 -3.25
CA LEU A 47 -0.88 2.91 -4.29
C LEU A 47 -2.06 3.81 -3.96
N LEU A 48 -2.20 4.22 -2.69
CA LEU A 48 -3.31 5.08 -2.28
C LEU A 48 -3.34 6.42 -3.03
N GLU A 49 -2.63 6.51 -4.15
CA GLU A 49 -2.60 7.72 -4.96
C GLU A 49 -3.89 7.87 -5.76
N ILE A 50 -4.73 6.83 -5.74
CA ILE A 50 -5.99 6.85 -6.49
C ILE A 50 -7.20 6.93 -5.54
N ASP A 51 -8.38 7.20 -6.10
CA ASP A 51 -9.62 7.28 -5.32
C ASP A 51 -10.10 5.90 -4.87
N ASN A 52 -10.65 5.82 -3.65
CA ASN A 52 -11.17 4.54 -3.14
C ASN A 52 -12.09 3.89 -4.17
N SER A 53 -12.67 4.69 -5.06
CA SER A 53 -13.58 4.18 -6.08
C SER A 53 -12.86 3.39 -7.16
N GLU A 54 -11.59 3.72 -7.39
CA GLU A 54 -10.80 3.03 -8.41
C GLU A 54 -10.40 1.65 -7.90
N LEU A 55 -10.07 1.56 -6.62
CA LEU A 55 -9.67 0.31 -6.01
C LEU A 55 -10.78 -0.73 -6.05
N LEU A 56 -12.01 -0.27 -5.89
CA LEU A 56 -13.16 -1.17 -5.94
C LEU A 56 -13.28 -1.78 -7.33
N HIS A 57 -12.98 -0.95 -8.34
CA HIS A 57 -13.04 -1.39 -9.73
C HIS A 57 -12.00 -2.48 -10.00
N MET A 58 -10.76 -2.22 -9.59
CA MET A 58 -9.68 -3.17 -9.80
C MET A 58 -9.89 -4.45 -9.00
N LEU A 59 -10.31 -4.31 -7.75
CA LEU A 59 -10.53 -5.47 -6.91
C LEU A 59 -11.57 -6.40 -7.52
N GLU A 60 -12.38 -5.85 -8.41
CA GLU A 60 -13.40 -6.64 -9.10
C GLU A 60 -12.91 -7.07 -10.49
N SER A 61 -11.72 -6.62 -10.87
CA SER A 61 -11.13 -6.96 -12.16
C SER A 61 -9.61 -7.13 -12.04
N PRO A 62 -9.12 -8.38 -12.02
CA PRO A 62 -7.68 -8.67 -11.91
C PRO A 62 -6.86 -7.93 -12.97
N GLU A 63 -7.50 -7.63 -14.10
CA GLU A 63 -6.83 -6.94 -15.20
C GLU A 63 -6.33 -5.56 -14.78
N SER A 64 -7.24 -4.67 -14.42
CA SER A 64 -6.87 -3.34 -13.98
C SER A 64 -6.14 -3.43 -12.65
N LEU A 65 -6.56 -4.40 -11.86
CA LEU A 65 -5.98 -4.63 -10.55
C LEU A 65 -4.47 -4.84 -10.67
N ARG A 66 -4.07 -5.86 -11.41
CA ARG A 66 -2.65 -6.14 -11.57
C ARG A 66 -1.91 -4.94 -12.17
N SER A 67 -2.65 -4.09 -12.88
CA SER A 67 -2.06 -2.91 -13.50
C SER A 67 -1.47 -1.95 -12.46
N LYS A 68 -2.24 -1.64 -11.43
CA LYS A 68 -1.80 -0.72 -10.39
C LYS A 68 -0.80 -1.38 -9.43
N VAL A 69 -1.20 -2.52 -8.87
CA VAL A 69 -0.36 -3.24 -7.93
C VAL A 69 0.99 -3.59 -8.54
N ASP A 70 0.97 -4.16 -9.75
CA ASP A 70 2.20 -4.52 -10.43
C ASP A 70 3.15 -3.34 -10.40
N GLU A 71 2.65 -2.18 -10.85
CA GLU A 71 3.43 -0.96 -10.85
C GLU A 71 4.08 -0.78 -9.49
N ALA A 72 3.28 -0.87 -8.43
CA ALA A 72 3.77 -0.72 -7.06
C ALA A 72 5.08 -1.49 -6.86
N VAL A 73 5.04 -2.77 -7.18
CA VAL A 73 6.20 -3.62 -7.03
C VAL A 73 7.41 -3.01 -7.75
N ALA A 74 7.19 -2.47 -8.93
CA ALA A 74 8.26 -1.87 -9.70
C ALA A 74 8.72 -0.55 -9.08
N VAL A 75 7.78 0.39 -8.96
CA VAL A 75 8.08 1.70 -8.40
C VAL A 75 8.53 1.64 -6.95
N LEU A 76 7.63 1.19 -6.10
CA LEU A 76 7.90 1.12 -4.66
C LEU A 76 9.19 0.41 -4.36
N GLN A 77 9.39 -0.77 -4.94
CA GLN A 77 10.64 -1.51 -4.72
C GLN A 77 11.82 -0.58 -4.97
N ALA A 78 11.63 0.34 -5.94
CA ALA A 78 12.65 1.32 -6.29
C ALA A 78 12.63 2.52 -5.33
N HIS A 79 11.51 3.22 -5.28
CA HIS A 79 11.38 4.39 -4.41
C HIS A 79 11.61 4.03 -2.95
N GLN A 80 11.52 2.74 -2.63
CA GLN A 80 11.74 2.27 -1.27
C GLN A 80 13.23 2.06 -1.00
N ALA A 81 14.07 2.47 -1.94
CA ALA A 81 15.52 2.33 -1.79
C ALA A 81 16.14 3.54 -1.11
N LYS A 82 15.33 4.26 -0.34
CA LYS A 82 15.79 5.44 0.37
C LYS A 82 16.74 5.06 1.50
N GLU A 83 18.00 5.43 1.37
CA GLU A 83 19.01 5.12 2.38
C GLU A 83 18.87 6.05 3.58
N ALA A 84 19.24 5.56 4.76
CA ALA A 84 19.16 6.36 5.98
C ALA A 84 20.35 7.32 6.08
N ALA A 85 20.52 8.17 5.07
CA ALA A 85 21.61 9.13 5.06
C ALA A 85 21.41 10.20 6.12
N GLN A 86 22.49 10.56 6.80
CA GLN A 86 22.42 11.58 7.84
C GLN A 86 22.32 12.98 7.25
N LYS A 87 21.12 13.55 7.32
CA LYS A 87 20.88 14.89 6.80
C LYS A 87 21.28 15.95 7.82
N ALA A 88 21.50 17.17 7.36
CA ALA A 88 21.89 18.27 8.23
C ALA A 88 20.74 18.65 9.16
N VAL A 89 21.08 19.37 10.23
CA VAL A 89 20.08 19.79 11.20
C VAL A 89 19.74 21.26 11.01
N ASN A 90 20.68 22.02 10.49
CA ASN A 90 20.48 23.45 10.26
C ASN A 90 19.85 23.68 8.89
N SER A 91 19.08 24.76 8.76
CA SER A 91 18.44 25.09 7.50
C SER A 91 19.37 25.89 6.59
N ALA A 92 20.62 25.45 6.51
CA ALA A 92 21.62 26.11 5.67
C ALA A 92 21.66 25.47 4.28
N THR A 93 21.65 26.32 3.26
CA THR A 93 21.69 25.84 1.87
C THR A 93 23.12 25.88 1.35
N GLY A 94 23.53 24.79 0.70
CA GLY A 94 24.88 24.71 0.15
C GLY A 94 24.92 25.09 -1.31
N VAL A 95 26.11 25.46 -1.79
CA VAL A 95 26.28 25.84 -3.18
C VAL A 95 26.77 24.66 -4.02
N PRO A 96 26.07 24.35 -5.13
CA PRO A 96 26.46 23.23 -6.00
C PRO A 96 27.72 23.52 -6.82
N THR A 97 28.35 24.68 -6.56
CA THR A 97 29.56 25.06 -7.27
C THR A 97 30.77 24.29 -6.73
N VAL A 98 31.25 24.70 -5.56
CA VAL A 98 32.39 24.06 -4.94
C VAL A 98 32.10 23.66 -3.50
N VAL B 1 9.11 8.33 -18.40
CA VAL B 1 7.73 7.80 -18.23
C VAL B 1 7.74 6.32 -17.85
N LEU B 2 8.70 5.58 -18.41
CA LEU B 2 8.81 4.15 -18.13
C LEU B 2 9.38 3.90 -16.74
N MET B 3 10.09 4.90 -16.21
CA MET B 3 10.67 4.77 -14.87
C MET B 3 9.64 5.04 -13.80
N SER B 4 8.70 5.93 -14.09
CA SER B 4 7.63 6.28 -13.16
C SER B 4 6.42 5.38 -13.36
N LYS B 5 6.00 4.69 -12.31
CA LYS B 5 4.87 3.78 -12.39
C LYS B 5 3.54 4.51 -12.17
N LEU B 6 2.45 3.78 -12.35
CA LEU B 6 1.11 4.33 -12.16
C LEU B 6 0.85 4.64 -10.69
N SER B 7 1.31 3.75 -9.83
CA SER B 7 1.15 3.91 -8.39
C SER B 7 2.48 4.23 -7.73
N VAL B 8 2.92 5.49 -7.87
CA VAL B 8 4.18 5.94 -7.28
C VAL B 8 4.21 5.69 -5.78
N ASN B 9 5.30 6.08 -5.13
CA ASN B 9 5.45 5.89 -3.69
C ASN B 9 4.66 6.93 -2.90
N ALA B 10 3.37 7.07 -3.21
CA ALA B 10 2.52 8.05 -2.52
C ALA B 10 2.62 7.93 -1.00
N PRO B 11 1.88 8.79 -0.27
CA PRO B 11 1.89 8.80 1.21
C PRO B 11 1.66 7.42 1.81
N GLU B 12 1.25 7.39 3.09
CA GLU B 12 0.95 6.13 3.76
C GLU B 12 -0.48 5.67 3.43
N PHE B 13 -0.91 4.59 4.07
CA PHE B 13 -2.25 4.06 3.85
C PHE B 13 -3.16 4.45 5.01
N TYR B 14 -4.16 5.26 4.68
CA TYR B 14 -5.15 5.73 5.64
C TYR B 14 -6.55 5.23 5.26
N PRO B 15 -7.55 5.44 6.13
CA PRO B 15 -8.92 5.02 5.86
C PRO B 15 -9.55 5.73 4.67
N SER B 16 -9.46 5.09 3.52
CA SER B 16 -10.03 5.63 2.29
C SER B 16 -11.51 5.92 2.47
N GLY B 17 -12.29 4.88 2.65
CA GLY B 17 -13.72 5.04 2.86
C GLY B 17 -14.05 5.30 4.31
N TYR B 18 -13.40 6.30 4.91
CA TYR B 18 -13.65 6.65 6.30
C TYR B 18 -15.06 7.19 6.48
N SER B 19 -15.64 6.94 7.64
CA SER B 19 -16.99 7.40 7.93
C SER B 19 -16.98 8.81 8.54
N SER B 20 -16.23 8.97 9.62
CA SER B 20 -16.13 10.27 10.29
C SER B 20 -15.13 11.17 9.58
N SER B 21 -15.60 11.85 8.54
CA SER B 21 -14.75 12.75 7.76
C SER B 21 -14.73 14.15 8.38
N TYR B 22 -13.55 14.69 8.60
CA TYR B 22 -13.40 16.01 9.19
C TYR B 22 -12.79 16.98 8.19
N GLY A 1 -2.77 1.60 15.33
CA GLY A 1 -3.34 0.27 15.70
C GLY A 1 -2.34 -0.86 15.53
N PRO A 2 -2.56 -2.00 16.20
CA PRO A 2 -1.67 -3.16 16.12
C PRO A 2 -1.74 -3.84 14.75
N LEU A 3 -1.31 -5.09 14.69
CA LEU A 3 -1.34 -5.84 13.43
C LEU A 3 -2.77 -6.15 13.02
N GLY A 4 -2.93 -6.69 11.81
CA GLY A 4 -4.26 -7.03 11.33
C GLY A 4 -4.54 -8.52 11.41
N SER A 5 -5.79 -8.89 11.18
CA SER A 5 -6.19 -10.29 11.24
C SER A 5 -5.90 -10.98 9.91
N PRO A 6 -5.51 -12.27 9.95
CA PRO A 6 -5.19 -13.04 8.74
C PRO A 6 -6.31 -12.99 7.71
N LEU A 7 -7.53 -12.70 8.17
CA LEU A 7 -8.68 -12.62 7.28
C LEU A 7 -9.09 -11.17 7.04
N THR A 8 -9.39 -10.85 5.79
CA THR A 8 -9.76 -9.49 5.41
C THR A 8 -11.25 -9.28 5.59
N ALA A 9 -12.02 -10.35 5.43
CA ALA A 9 -13.46 -10.25 5.63
C ALA A 9 -13.73 -9.79 7.05
N SER A 10 -13.44 -10.66 8.01
CA SER A 10 -13.66 -10.38 9.42
C SER A 10 -12.94 -9.12 9.88
N MET A 11 -11.85 -8.76 9.21
CA MET A 11 -11.11 -7.56 9.60
C MET A 11 -12.00 -6.35 9.41
N LEU A 12 -12.74 -6.33 8.30
CA LEU A 12 -13.66 -5.24 8.02
C LEU A 12 -14.72 -5.17 9.12
N ALA A 13 -15.41 -6.28 9.34
CA ALA A 13 -16.44 -6.37 10.37
C ALA A 13 -15.84 -6.34 11.79
N SER A 14 -14.54 -6.06 11.87
CA SER A 14 -13.86 -5.97 13.16
C SER A 14 -13.96 -4.55 13.71
N ALA A 15 -13.77 -3.56 12.84
CA ALA A 15 -13.83 -2.16 13.25
C ALA A 15 -14.75 -1.34 12.34
N PRO A 16 -16.06 -1.70 12.33
CA PRO A 16 -17.05 -1.01 11.51
C PRO A 16 -16.91 0.51 11.53
N PRO A 17 -16.76 1.12 12.72
CA PRO A 17 -16.63 2.58 12.85
C PRO A 17 -15.57 3.17 11.92
N GLN A 18 -15.05 4.34 12.28
CA GLN A 18 -14.04 5.02 11.47
C GLN A 18 -12.86 4.11 11.15
N GLU A 19 -12.72 3.02 11.89
CA GLU A 19 -11.63 2.08 11.65
C GLU A 19 -12.04 1.05 10.58
N GLN A 20 -12.84 1.49 9.63
CA GLN A 20 -13.25 0.62 8.53
C GLN A 20 -12.07 0.32 7.63
N LYS A 21 -11.88 1.18 6.64
CA LYS A 21 -10.78 1.07 5.68
C LYS A 21 -9.47 1.59 6.27
N GLN A 22 -9.45 1.74 7.59
CA GLN A 22 -8.25 2.23 8.27
C GLN A 22 -7.09 1.27 8.10
N MET A 23 -7.22 0.06 8.65
CA MET A 23 -6.18 -0.94 8.55
C MET A 23 -5.81 -1.19 7.09
N LEU A 24 -6.46 -2.14 6.45
CA LEU A 24 -6.19 -2.48 5.05
C LEU A 24 -6.42 -1.30 4.10
N GLY A 25 -5.80 -0.15 4.35
CA GLY A 25 -6.00 1.01 3.48
C GLY A 25 -7.37 0.99 2.82
N GLU A 26 -7.44 1.39 1.57
CA GLU A 26 -8.72 1.36 0.86
C GLU A 26 -9.06 -0.10 0.51
N ARG A 27 -8.53 -0.57 -0.61
CA ARG A 27 -8.77 -1.95 -1.07
C ARG A 27 -7.49 -2.60 -1.61
N LEU A 28 -6.35 -1.97 -1.33
CA LEU A 28 -5.05 -2.46 -1.79
C LEU A 28 -4.57 -3.69 -1.02
N PHE A 29 -4.69 -3.65 0.30
CA PHE A 29 -4.24 -4.75 1.15
C PHE A 29 -4.77 -6.08 0.62
N PRO A 30 -6.09 -6.19 0.39
CA PRO A 30 -6.68 -7.42 -0.14
C PRO A 30 -6.03 -7.86 -1.44
N LEU A 31 -5.84 -6.89 -2.34
CA LEU A 31 -5.23 -7.17 -3.65
C LEU A 31 -3.75 -7.50 -3.54
N ILE A 32 -3.03 -6.66 -2.83
CA ILE A 32 -1.62 -6.87 -2.65
C ILE A 32 -1.38 -8.10 -1.80
N GLN A 33 -2.19 -8.26 -0.74
CA GLN A 33 -2.08 -9.42 0.12
C GLN A 33 -1.96 -10.68 -0.74
N ALA A 34 -2.80 -10.73 -1.77
CA ALA A 34 -2.82 -11.86 -2.71
C ALA A 34 -1.46 -12.07 -3.36
N MET A 35 -0.74 -10.99 -3.56
CA MET A 35 0.59 -11.06 -4.18
C MET A 35 1.69 -11.00 -3.13
N HIS A 36 1.62 -10.01 -2.25
CA HIS A 36 2.59 -9.85 -1.16
C HIS A 36 4.03 -9.70 -1.67
N PRO A 37 4.28 -8.88 -2.70
CA PRO A 37 5.63 -8.69 -3.19
C PRO A 37 6.52 -8.10 -2.11
N THR A 38 6.34 -6.81 -1.82
CA THR A 38 7.14 -6.12 -0.81
C THR A 38 6.49 -6.15 0.57
N LEU A 39 5.32 -5.52 0.68
CA LEU A 39 4.61 -5.46 1.96
C LEU A 39 3.19 -4.93 1.77
N ALA A 40 2.21 -5.81 1.89
CA ALA A 40 0.80 -5.46 1.74
C ALA A 40 0.43 -4.18 2.49
N GLY A 41 0.82 -4.08 3.76
CA GLY A 41 0.48 -2.91 4.54
C GLY A 41 1.00 -1.61 3.95
N LYS A 42 2.33 -1.48 3.89
CA LYS A 42 2.97 -0.27 3.37
C LYS A 42 2.75 -0.09 1.88
N ILE A 43 2.80 -1.18 1.12
CA ILE A 43 2.60 -1.12 -0.32
C ILE A 43 1.31 -0.39 -0.68
N THR A 44 0.30 -0.61 0.14
CA THR A 44 -1.00 0.00 -0.07
C THR A 44 -0.93 1.53 0.08
N GLY A 45 -0.16 2.00 1.06
CA GLY A 45 -0.03 3.43 1.27
C GLY A 45 0.47 4.15 0.04
N MET A 46 1.27 3.44 -0.76
CA MET A 46 1.82 4.01 -1.98
C MET A 46 0.77 4.09 -3.08
N LEU A 47 0.21 2.94 -3.44
CA LEU A 47 -0.79 2.90 -4.50
C LEU A 47 -1.97 3.80 -4.14
N LEU A 48 -2.15 4.06 -2.83
CA LEU A 48 -3.25 4.91 -2.35
C LEU A 48 -3.27 6.30 -3.01
N GLU A 49 -2.55 6.47 -4.13
CA GLU A 49 -2.51 7.74 -4.83
C GLU A 49 -3.82 7.97 -5.59
N ILE A 50 -4.69 6.97 -5.60
CA ILE A 50 -5.97 7.07 -6.30
C ILE A 50 -7.15 7.17 -5.31
N ASP A 51 -8.35 7.37 -5.84
CA ASP A 51 -9.56 7.45 -5.04
C ASP A 51 -10.01 6.07 -4.55
N ASN A 52 -10.60 6.02 -3.36
CA ASN A 52 -11.09 4.75 -2.81
C ASN A 52 -11.99 4.04 -3.84
N SER A 53 -12.58 4.83 -4.73
CA SER A 53 -13.49 4.30 -5.75
C SER A 53 -12.75 3.55 -6.85
N GLU A 54 -11.52 3.95 -7.12
CA GLU A 54 -10.75 3.31 -8.18
C GLU A 54 -10.23 1.94 -7.72
N LEU A 55 -9.72 1.87 -6.49
CA LEU A 55 -9.20 0.62 -5.95
C LEU A 55 -10.29 -0.44 -5.94
N LEU A 56 -11.53 -0.01 -5.75
CA LEU A 56 -12.67 -0.92 -5.73
C LEU A 56 -12.83 -1.57 -7.11
N HIS A 57 -12.74 -0.74 -8.14
CA HIS A 57 -12.87 -1.21 -9.53
C HIS A 57 -11.78 -2.21 -9.87
N MET A 58 -10.57 -1.97 -9.36
CA MET A 58 -9.46 -2.87 -9.64
C MET A 58 -9.70 -4.21 -8.96
N LEU A 59 -10.14 -4.14 -7.71
CA LEU A 59 -10.40 -5.34 -6.91
C LEU A 59 -11.46 -6.21 -7.56
N GLU A 60 -12.33 -5.62 -8.37
CA GLU A 60 -13.36 -6.38 -9.04
C GLU A 60 -12.89 -6.81 -10.44
N SER A 61 -11.69 -6.37 -10.83
CA SER A 61 -11.12 -6.72 -12.12
C SER A 61 -9.60 -6.93 -12.02
N PRO A 62 -9.14 -8.20 -11.97
CA PRO A 62 -7.72 -8.53 -11.87
C PRO A 62 -6.87 -7.82 -12.93
N GLU A 63 -7.46 -7.64 -14.11
CA GLU A 63 -6.77 -6.99 -15.22
C GLU A 63 -6.21 -5.62 -14.83
N SER A 64 -7.09 -4.75 -14.35
CA SER A 64 -6.69 -3.41 -13.93
C SER A 64 -5.99 -3.48 -12.58
N LEU A 65 -6.42 -4.44 -11.78
CA LEU A 65 -5.86 -4.63 -10.45
C LEU A 65 -4.37 -4.84 -10.53
N ARG A 66 -3.94 -5.91 -11.20
CA ARG A 66 -2.52 -6.18 -11.33
C ARG A 66 -1.81 -5.00 -11.98
N SER A 67 -2.52 -4.30 -12.84
CA SER A 67 -1.97 -3.14 -13.54
C SER A 67 -1.33 -2.15 -12.56
N LYS A 68 -2.07 -1.80 -11.50
CA LYS A 68 -1.58 -0.85 -10.52
C LYS A 68 -0.59 -1.49 -9.55
N VAL A 69 -0.97 -2.63 -8.96
CA VAL A 69 -0.12 -3.33 -8.02
C VAL A 69 1.23 -3.67 -8.62
N ASP A 70 1.21 -4.30 -9.79
CA ASP A 70 2.46 -4.67 -10.47
C ASP A 70 3.36 -3.44 -10.52
N GLU A 71 2.80 -2.35 -11.02
CA GLU A 71 3.51 -1.08 -11.12
C GLU A 71 4.19 -0.78 -9.80
N ALA A 72 3.43 -0.82 -8.72
CA ALA A 72 3.95 -0.58 -7.38
C ALA A 72 5.26 -1.30 -7.15
N VAL A 73 5.24 -2.59 -7.40
CA VAL A 73 6.42 -3.42 -7.21
C VAL A 73 7.63 -2.80 -7.90
N ALA A 74 7.43 -2.30 -9.10
CA ALA A 74 8.52 -1.68 -9.84
C ALA A 74 8.88 -0.32 -9.25
N VAL A 75 7.90 0.59 -9.21
CA VAL A 75 8.13 1.91 -8.67
C VAL A 75 8.39 1.90 -7.17
N LEU A 76 7.42 1.40 -6.44
CA LEU A 76 7.50 1.34 -4.97
C LEU A 76 8.78 0.66 -4.51
N GLN A 77 8.94 -0.61 -4.87
CA GLN A 77 10.12 -1.36 -4.46
C GLN A 77 11.39 -0.56 -4.78
N ALA A 78 11.29 0.27 -5.82
CA ALA A 78 12.41 1.11 -6.24
C ALA A 78 12.51 2.37 -5.39
N HIS A 79 11.49 3.21 -5.46
CA HIS A 79 11.45 4.47 -4.72
C HIS A 79 11.57 4.25 -3.21
N GLN A 80 10.85 3.24 -2.70
CA GLN A 80 10.89 2.95 -1.27
C GLN A 80 12.10 2.09 -0.90
N ALA A 81 13.19 2.24 -1.65
CA ALA A 81 14.41 1.49 -1.40
C ALA A 81 15.58 2.41 -1.05
N LYS A 82 15.54 3.63 -1.60
CA LYS A 82 16.58 4.60 -1.35
C LYS A 82 16.59 5.03 0.11
N GLU A 83 17.14 4.17 0.96
CA GLU A 83 17.21 4.45 2.39
C GLU A 83 18.52 5.14 2.74
N ALA A 84 18.63 6.40 2.36
CA ALA A 84 19.84 7.18 2.64
C ALA A 84 20.08 7.30 4.14
N ALA A 85 21.30 6.97 4.56
CA ALA A 85 21.65 7.05 5.97
C ALA A 85 21.94 8.48 6.40
N GLN A 86 21.09 9.01 7.27
CA GLN A 86 21.24 10.38 7.76
C GLN A 86 22.03 10.40 9.07
N LYS A 87 21.70 9.49 9.97
CA LYS A 87 22.38 9.41 11.26
C LYS A 87 23.71 8.66 11.13
N ALA A 88 24.72 9.34 10.61
CA ALA A 88 26.03 8.74 10.43
C ALA A 88 26.86 8.85 11.71
N VAL A 89 27.39 7.72 12.17
CA VAL A 89 28.20 7.70 13.38
C VAL A 89 29.69 7.55 13.03
N ASN A 90 30.24 8.58 12.40
CA ASN A 90 31.65 8.57 12.02
C ASN A 90 32.50 9.32 13.05
N SER A 91 32.02 10.48 13.48
CA SER A 91 32.74 11.28 14.46
C SER A 91 32.27 10.96 15.87
N ALA A 92 32.71 11.78 16.83
CA ALA A 92 32.33 11.59 18.23
C ALA A 92 31.10 12.41 18.58
N THR A 93 30.27 12.71 17.58
CA THR A 93 29.07 13.49 17.79
C THR A 93 27.87 12.58 18.02
N GLY A 94 28.02 11.64 18.96
CA GLY A 94 26.95 10.71 19.25
C GLY A 94 26.23 11.03 20.55
N VAL A 95 26.14 10.05 21.43
CA VAL A 95 25.47 10.23 22.72
C VAL A 95 26.45 10.61 23.81
N PRO A 96 25.95 11.13 24.95
CA PRO A 96 26.80 11.54 26.07
C PRO A 96 27.61 10.39 26.64
N THR A 97 28.77 10.13 26.04
CA THR A 97 29.64 9.06 26.49
C THR A 97 30.69 9.57 27.48
N VAL A 98 31.27 8.66 28.24
CA VAL A 98 32.28 9.02 29.23
C VAL A 98 33.65 8.45 28.85
N VAL B 1 13.46 10.56 -11.85
CA VAL B 1 12.63 9.43 -12.33
C VAL B 1 11.42 9.96 -13.11
N LEU B 2 11.55 9.99 -14.43
CA LEU B 2 10.47 10.48 -15.30
C LEU B 2 9.53 9.34 -15.68
N MET B 3 10.07 8.31 -16.32
CA MET B 3 9.26 7.18 -16.74
C MET B 3 8.96 6.25 -15.57
N SER B 4 8.27 6.79 -14.58
CA SER B 4 7.90 6.02 -13.39
C SER B 4 6.73 5.09 -13.70
N LYS B 5 6.15 4.52 -12.65
CA LYS B 5 5.01 3.62 -12.82
C LYS B 5 3.69 4.36 -12.59
N LEU B 6 2.58 3.67 -12.81
CA LEU B 6 1.26 4.28 -12.64
C LEU B 6 0.97 4.57 -11.17
N SER B 7 1.41 3.69 -10.28
CA SER B 7 1.18 3.88 -8.85
C SER B 7 2.48 4.20 -8.14
N VAL B 8 2.87 5.47 -8.16
CA VAL B 8 4.10 5.92 -7.52
C VAL B 8 4.07 5.61 -6.03
N ASN B 9 5.18 5.91 -5.35
CA ASN B 9 5.29 5.66 -3.93
C ASN B 9 4.61 6.76 -3.11
N ALA B 10 3.31 6.99 -3.36
CA ALA B 10 2.56 8.02 -2.64
C ALA B 10 2.71 7.88 -1.12
N PRO B 11 2.00 8.74 -0.35
CA PRO B 11 2.05 8.73 1.12
C PRO B 11 1.82 7.34 1.71
N GLU B 12 1.43 7.29 2.98
CA GLU B 12 1.13 6.03 3.64
C GLU B 12 -0.29 5.57 3.34
N PHE B 13 -0.71 4.49 3.99
CA PHE B 13 -2.05 3.95 3.81
C PHE B 13 -2.93 4.34 5.00
N TYR B 14 -3.95 5.15 4.69
CA TYR B 14 -4.90 5.62 5.70
C TYR B 14 -6.31 5.13 5.35
N PRO B 15 -7.32 5.40 6.21
CA PRO B 15 -8.69 4.97 5.96
C PRO B 15 -9.34 5.73 4.80
N SER B 16 -9.28 5.13 3.62
CA SER B 16 -9.86 5.72 2.42
C SER B 16 -11.33 6.04 2.65
N GLY B 17 -12.11 5.01 2.96
CA GLY B 17 -13.53 5.19 3.21
C GLY B 17 -13.80 5.58 4.65
N TYR B 18 -13.15 6.63 5.13
CA TYR B 18 -13.36 7.10 6.50
C TYR B 18 -14.78 7.59 6.71
N SER B 19 -15.65 6.70 7.18
CA SER B 19 -17.04 7.05 7.43
C SER B 19 -17.26 7.47 8.87
N SER B 20 -18.25 8.32 9.10
CA SER B 20 -18.56 8.81 10.43
C SER B 20 -19.49 7.85 11.17
N SER B 21 -20.77 7.88 10.80
CA SER B 21 -21.77 7.01 11.43
C SER B 21 -22.20 5.91 10.48
N TYR B 22 -23.16 5.09 10.93
CA TYR B 22 -23.68 3.99 10.13
C TYR B 22 -25.00 4.36 9.46
N GLY A 1 0.34 -3.93 12.85
CA GLY A 1 -1.13 -4.16 12.93
C GLY A 1 -1.47 -5.47 13.63
N PRO A 2 -1.34 -5.53 14.97
CA PRO A 2 -1.64 -6.74 15.74
C PRO A 2 -3.14 -7.02 15.83
N LEU A 3 -3.95 -6.07 15.36
CA LEU A 3 -5.40 -6.21 15.40
C LEU A 3 -5.93 -6.80 14.09
N GLY A 4 -5.18 -6.61 13.01
CA GLY A 4 -5.60 -7.13 11.72
C GLY A 4 -5.32 -8.61 11.57
N SER A 5 -6.38 -9.39 11.35
CA SER A 5 -6.25 -10.83 11.19
C SER A 5 -5.93 -11.17 9.73
N PRO A 6 -5.48 -12.42 9.47
CA PRO A 6 -5.13 -12.86 8.12
C PRO A 6 -6.27 -12.64 7.13
N LEU A 7 -7.50 -12.74 7.61
CA LEU A 7 -8.68 -12.54 6.77
C LEU A 7 -8.96 -11.06 6.58
N THR A 8 -9.23 -10.65 5.34
CA THR A 8 -9.48 -9.24 5.02
C THR A 8 -10.95 -8.92 5.22
N ALA A 9 -11.82 -9.86 4.90
CA ALA A 9 -13.25 -9.64 5.07
C ALA A 9 -13.54 -9.36 6.54
N SER A 10 -13.37 -10.38 7.38
CA SER A 10 -13.63 -10.26 8.81
C SER A 10 -12.82 -9.15 9.46
N MET A 11 -11.66 -8.80 8.88
CA MET A 11 -10.83 -7.75 9.46
C MET A 11 -11.61 -6.44 9.42
N LEU A 12 -12.33 -6.25 8.33
CA LEU A 12 -13.16 -5.06 8.18
C LEU A 12 -14.16 -4.97 9.32
N ALA A 13 -14.95 -6.03 9.49
CA ALA A 13 -15.93 -6.10 10.56
C ALA A 13 -15.25 -6.27 11.92
N SER A 14 -13.92 -6.18 11.94
CA SER A 14 -13.15 -6.31 13.17
C SER A 14 -12.70 -4.95 13.70
N ALA A 15 -13.17 -3.87 13.07
CA ALA A 15 -12.79 -2.53 13.50
C ALA A 15 -14.02 -1.61 13.60
N PRO A 16 -14.01 -0.66 14.55
CA PRO A 16 -15.11 0.28 14.76
C PRO A 16 -15.71 0.84 13.47
N PRO A 17 -16.74 1.69 13.59
CA PRO A 17 -17.42 2.30 12.43
C PRO A 17 -16.44 2.90 11.42
N GLN A 18 -15.94 4.11 11.70
CA GLN A 18 -15.02 4.79 10.79
C GLN A 18 -13.73 4.00 10.59
N GLU A 19 -13.48 3.01 11.44
CA GLU A 19 -12.29 2.19 11.32
C GLU A 19 -12.52 1.07 10.32
N GLN A 20 -13.26 1.36 9.25
CA GLN A 20 -13.50 0.37 8.20
C GLN A 20 -12.23 0.13 7.41
N LYS A 21 -12.01 0.98 6.40
CA LYS A 21 -10.84 0.91 5.53
C LYS A 21 -9.61 1.49 6.19
N GLN A 22 -9.67 1.65 7.51
CA GLN A 22 -8.54 2.20 8.25
C GLN A 22 -7.33 1.29 8.17
N MET A 23 -7.45 0.09 8.71
CA MET A 23 -6.35 -0.87 8.70
C MET A 23 -5.88 -1.12 7.26
N LEU A 24 -6.46 -2.12 6.61
CA LEU A 24 -6.12 -2.47 5.24
C LEU A 24 -6.44 -1.36 4.25
N GLY A 25 -5.93 -0.15 4.50
CA GLY A 25 -6.18 0.97 3.60
C GLY A 25 -7.53 0.88 2.92
N GLU A 26 -7.60 1.33 1.66
CA GLU A 26 -8.83 1.27 0.92
C GLU A 26 -9.12 -0.17 0.49
N ARG A 27 -8.53 -0.60 -0.62
CA ARG A 27 -8.74 -1.96 -1.14
C ARG A 27 -7.48 -2.55 -1.75
N LEU A 28 -6.33 -1.91 -1.57
CA LEU A 28 -5.10 -2.43 -2.13
C LEU A 28 -4.55 -3.60 -1.33
N PHE A 29 -4.63 -3.53 0.01
CA PHE A 29 -4.14 -4.61 0.86
C PHE A 29 -4.68 -5.97 0.39
N PRO A 30 -6.00 -6.08 0.17
CA PRO A 30 -6.61 -7.34 -0.29
C PRO A 30 -6.04 -7.77 -1.64
N LEU A 31 -5.88 -6.80 -2.55
CA LEU A 31 -5.34 -7.09 -3.89
C LEU A 31 -3.86 -7.43 -3.83
N ILE A 32 -3.11 -6.61 -3.12
CA ILE A 32 -1.69 -6.84 -3.00
C ILE A 32 -1.47 -8.10 -2.17
N GLN A 33 -2.27 -8.29 -1.14
CA GLN A 33 -2.18 -9.47 -0.31
C GLN A 33 -2.07 -10.71 -1.22
N ALA A 34 -2.88 -10.71 -2.27
CA ALA A 34 -2.90 -11.79 -3.25
C ALA A 34 -1.54 -11.98 -3.91
N MET A 35 -0.82 -10.88 -4.06
CA MET A 35 0.50 -10.91 -4.69
C MET A 35 1.62 -10.92 -3.64
N HIS A 36 1.57 -9.98 -2.71
CA HIS A 36 2.56 -9.90 -1.65
C HIS A 36 3.99 -9.76 -2.16
N PRO A 37 4.24 -8.89 -3.14
CA PRO A 37 5.59 -8.69 -3.65
C PRO A 37 6.50 -8.16 -2.55
N THR A 38 6.33 -6.89 -2.20
CA THR A 38 7.16 -6.26 -1.19
C THR A 38 6.49 -6.25 0.18
N LEU A 39 5.34 -5.59 0.30
CA LEU A 39 4.64 -5.53 1.58
C LEU A 39 3.20 -5.02 1.39
N ALA A 40 2.23 -5.91 1.54
CA ALA A 40 0.82 -5.55 1.41
C ALA A 40 0.45 -4.36 2.28
N GLY A 41 0.77 -4.41 3.57
CA GLY A 41 0.44 -3.30 4.45
C GLY A 41 0.94 -1.96 3.93
N LYS A 42 2.26 -1.80 3.91
CA LYS A 42 2.89 -0.56 3.46
C LYS A 42 2.59 -0.25 1.99
N ILE A 43 2.52 -1.27 1.14
CA ILE A 43 2.23 -1.06 -0.29
C ILE A 43 0.94 -0.28 -0.48
N THR A 44 -0.07 -0.65 0.30
CA THR A 44 -1.38 -0.02 0.22
C THR A 44 -1.29 1.50 0.28
N GLY A 45 -0.51 2.02 1.24
CA GLY A 45 -0.36 3.45 1.39
C GLY A 45 0.18 4.09 0.13
N MET A 46 1.18 3.44 -0.45
CA MET A 46 1.81 3.94 -1.67
C MET A 46 0.82 3.90 -2.82
N LEU A 47 0.29 2.71 -3.12
CA LEU A 47 -0.66 2.57 -4.20
C LEU A 47 -1.87 3.46 -3.97
N LEU A 48 -2.09 3.87 -2.71
CA LEU A 48 -3.23 4.72 -2.36
C LEU A 48 -3.25 6.06 -3.09
N GLU A 49 -2.62 6.12 -4.27
CA GLU A 49 -2.59 7.34 -5.07
C GLU A 49 -3.92 7.57 -5.78
N ILE A 50 -4.79 6.55 -5.76
CA ILE A 50 -6.09 6.66 -6.42
C ILE A 50 -7.24 6.76 -5.43
N ASP A 51 -8.44 7.02 -5.94
CA ASP A 51 -9.65 7.11 -5.13
C ASP A 51 -10.14 5.75 -4.67
N ASN A 52 -10.74 5.69 -3.49
CA ASN A 52 -11.29 4.43 -2.97
C ASN A 52 -12.22 3.79 -4.02
N SER A 53 -12.77 4.61 -4.90
CA SER A 53 -13.68 4.12 -5.94
C SER A 53 -12.95 3.33 -7.02
N GLU A 54 -11.71 3.71 -7.29
CA GLU A 54 -10.92 3.02 -8.31
C GLU A 54 -10.41 1.68 -7.80
N LEU A 55 -9.86 1.70 -6.59
CA LEU A 55 -9.33 0.48 -5.98
C LEU A 55 -10.42 -0.57 -5.84
N LEU A 56 -11.66 -0.13 -5.72
CA LEU A 56 -12.80 -1.04 -5.61
C LEU A 56 -12.97 -1.80 -6.92
N HIS A 57 -12.90 -1.07 -8.03
CA HIS A 57 -13.04 -1.66 -9.35
C HIS A 57 -11.97 -2.73 -9.55
N MET A 58 -10.79 -2.49 -8.98
CA MET A 58 -9.67 -3.43 -9.07
C MET A 58 -10.03 -4.74 -8.37
N LEU A 59 -10.66 -4.61 -7.20
CA LEU A 59 -11.04 -5.76 -6.40
C LEU A 59 -12.01 -6.67 -7.15
N GLU A 60 -12.73 -6.11 -8.12
CA GLU A 60 -13.66 -6.89 -8.91
C GLU A 60 -13.05 -7.23 -10.28
N SER A 61 -11.88 -6.67 -10.56
CA SER A 61 -11.20 -6.91 -11.83
C SER A 61 -9.69 -6.97 -11.64
N PRO A 62 -9.15 -8.16 -11.31
CA PRO A 62 -7.71 -8.34 -11.10
C PRO A 62 -6.88 -7.84 -12.29
N GLU A 63 -7.51 -7.78 -13.45
CA GLU A 63 -6.84 -7.34 -14.68
C GLU A 63 -6.29 -5.92 -14.53
N SER A 64 -7.18 -4.96 -14.30
CA SER A 64 -6.76 -3.57 -14.12
C SER A 64 -6.01 -3.45 -12.81
N LEU A 65 -6.42 -4.25 -11.83
CA LEU A 65 -5.81 -4.24 -10.52
C LEU A 65 -4.32 -4.51 -10.64
N ARG A 66 -3.94 -5.65 -11.21
CA ARG A 66 -2.53 -5.99 -11.36
C ARG A 66 -1.78 -4.88 -12.09
N SER A 67 -2.49 -4.14 -12.93
CA SER A 67 -1.89 -3.05 -13.69
C SER A 67 -1.27 -2.00 -12.76
N LYS A 68 -1.99 -1.65 -11.70
CA LYS A 68 -1.51 -0.65 -10.74
C LYS A 68 -0.49 -1.25 -9.79
N VAL A 69 -0.84 -2.40 -9.21
CA VAL A 69 0.05 -3.09 -8.27
C VAL A 69 1.40 -3.36 -8.91
N ASP A 70 1.38 -3.95 -10.08
CA ASP A 70 2.60 -4.27 -10.81
C ASP A 70 3.53 -3.07 -10.86
N GLU A 71 3.05 -1.99 -11.45
CA GLU A 71 3.83 -0.75 -11.56
C GLU A 71 4.43 -0.36 -10.23
N ALA A 72 3.58 -0.28 -9.21
CA ALA A 72 4.03 0.06 -7.88
C ALA A 72 5.20 -0.82 -7.45
N VAL A 73 5.08 -2.12 -7.68
CA VAL A 73 6.14 -3.06 -7.31
C VAL A 73 7.48 -2.59 -7.86
N ALA A 74 7.47 -2.09 -9.08
CA ALA A 74 8.67 -1.61 -9.73
C ALA A 74 9.12 -0.28 -9.12
N VAL A 75 8.22 0.69 -9.13
CA VAL A 75 8.52 2.01 -8.59
C VAL A 75 8.68 1.99 -7.08
N LEU A 76 7.63 1.59 -6.39
CA LEU A 76 7.64 1.54 -4.92
C LEU A 76 8.87 0.79 -4.40
N GLN A 77 8.96 -0.48 -4.74
CA GLN A 77 10.08 -1.31 -4.29
C GLN A 77 11.40 -0.60 -4.60
N ALA A 78 11.37 0.24 -5.63
CA ALA A 78 12.56 0.99 -6.04
C ALA A 78 12.75 2.22 -5.16
N HIS A 79 11.68 3.00 -4.98
CA HIS A 79 11.76 4.21 -4.17
C HIS A 79 11.91 3.88 -2.68
N GLN A 80 11.77 2.60 -2.35
CA GLN A 80 11.91 2.16 -0.96
C GLN A 80 13.38 1.94 -0.58
N ALA A 81 14.29 2.49 -1.37
CA ALA A 81 15.72 2.35 -1.11
C ALA A 81 16.37 3.69 -0.76
N LYS A 82 15.77 4.78 -1.23
CA LYS A 82 16.30 6.11 -0.96
C LYS A 82 16.06 6.53 0.48
N GLU A 83 15.17 5.80 1.17
CA GLU A 83 14.87 6.11 2.57
C GLU A 83 15.87 5.43 3.50
N ALA A 84 16.05 4.12 3.31
CA ALA A 84 16.97 3.35 4.14
C ALA A 84 18.42 3.63 3.74
N ALA A 85 19.23 4.03 4.71
CA ALA A 85 20.64 4.32 4.46
C ALA A 85 21.49 3.06 4.50
N GLN A 86 22.34 2.89 3.50
CA GLN A 86 23.21 1.73 3.42
C GLN A 86 24.43 1.90 4.32
N LYS A 87 25.35 0.93 4.25
CA LYS A 87 26.57 0.98 5.05
C LYS A 87 27.65 1.78 4.33
N ALA A 88 27.69 3.09 4.61
CA ALA A 88 28.68 3.96 4.00
C ALA A 88 30.04 3.83 4.68
N VAL A 89 30.93 4.78 4.41
CA VAL A 89 32.26 4.75 5.01
C VAL A 89 32.37 5.74 6.17
N ASN A 90 32.21 7.02 5.88
CA ASN A 90 32.28 8.05 6.91
C ASN A 90 30.89 8.59 7.26
N SER A 91 30.18 7.89 8.13
CA SER A 91 28.84 8.31 8.53
C SER A 91 28.91 9.36 9.62
N ALA A 92 29.51 10.50 9.31
CA ALA A 92 29.64 11.59 10.27
C ALA A 92 28.27 12.15 10.63
N THR A 93 27.62 12.79 9.66
CA THR A 93 26.30 13.37 9.87
C THR A 93 25.21 12.41 9.41
N GLY A 94 24.38 11.96 10.35
CA GLY A 94 23.32 11.04 10.00
C GLY A 94 21.98 11.73 9.72
N VAL A 95 21.94 13.03 9.98
CA VAL A 95 20.72 13.80 9.76
C VAL A 95 20.51 14.12 8.28
N PRO A 96 21.51 14.68 7.59
CA PRO A 96 21.40 15.01 6.17
C PRO A 96 21.34 13.78 5.29
N THR A 97 21.27 13.99 3.97
CA THR A 97 21.21 12.90 3.02
C THR A 97 22.55 12.71 2.30
N VAL A 98 23.58 12.40 3.09
CA VAL A 98 24.92 12.19 2.54
C VAL A 98 25.32 10.73 2.63
N VAL B 1 14.78 7.28 -19.48
CA VAL B 1 13.50 6.81 -18.89
C VAL B 1 13.70 6.35 -17.45
N LEU B 2 13.00 6.98 -16.52
CA LEU B 2 13.09 6.64 -15.10
C LEU B 2 12.22 5.44 -14.75
N MET B 3 12.32 4.98 -13.51
CA MET B 3 11.52 3.85 -13.05
C MET B 3 10.20 4.33 -12.43
N SER B 4 9.78 5.54 -12.79
CA SER B 4 8.54 6.10 -12.29
C SER B 4 7.35 5.36 -12.89
N LYS B 5 6.58 4.71 -12.05
CA LYS B 5 5.43 3.94 -12.52
C LYS B 5 4.10 4.62 -12.20
N LEU B 6 3.00 3.90 -12.42
CA LEU B 6 1.66 4.44 -12.20
C LEU B 6 1.37 4.67 -10.71
N SER B 7 1.76 3.71 -9.87
CA SER B 7 1.53 3.85 -8.44
C SER B 7 2.84 4.06 -7.70
N VAL B 8 3.40 5.26 -7.83
CA VAL B 8 4.66 5.59 -7.17
C VAL B 8 4.54 5.41 -5.66
N ASN B 9 5.54 5.86 -4.92
CA ASN B 9 5.54 5.72 -3.48
C ASN B 9 4.66 6.78 -2.80
N ALA B 10 3.39 6.85 -3.20
CA ALA B 10 2.45 7.83 -2.65
C ALA B 10 2.43 7.79 -1.12
N PRO B 11 1.59 8.65 -0.49
CA PRO B 11 1.48 8.73 0.98
C PRO B 11 1.26 7.37 1.62
N GLU B 12 0.83 7.38 2.89
CA GLU B 12 0.53 6.15 3.61
C GLU B 12 -0.87 5.66 3.29
N PHE B 13 -1.26 4.55 3.91
CA PHE B 13 -2.60 4.00 3.71
C PHE B 13 -3.47 4.33 4.92
N TYR B 14 -4.50 5.13 4.67
CA TYR B 14 -5.45 5.52 5.70
C TYR B 14 -6.86 5.03 5.36
N PRO B 15 -7.84 5.27 6.24
CA PRO B 15 -9.22 4.85 5.99
C PRO B 15 -9.86 5.63 4.83
N SER B 16 -9.76 5.05 3.64
CA SER B 16 -10.32 5.64 2.44
C SER B 16 -11.79 5.98 2.64
N GLY B 17 -12.60 4.95 2.87
CA GLY B 17 -14.02 5.15 3.09
C GLY B 17 -14.33 5.44 4.54
N TYR B 18 -13.66 6.46 5.10
CA TYR B 18 -13.87 6.85 6.49
C TYR B 18 -15.29 7.37 6.69
N SER B 19 -15.97 6.86 7.72
CA SER B 19 -17.33 7.30 8.01
C SER B 19 -17.33 8.50 8.95
N SER B 20 -16.48 9.48 8.65
CA SER B 20 -16.39 10.69 9.46
C SER B 20 -17.37 11.74 8.97
N SER B 21 -18.57 11.72 9.54
CA SER B 21 -19.61 12.69 9.16
C SER B 21 -19.96 13.58 10.35
N TYR B 22 -19.70 14.87 10.22
CA TYR B 22 -19.99 15.83 11.27
C TYR B 22 -21.44 16.29 11.19
N GLY A 1 1.08 -21.40 5.69
CA GLY A 1 -0.13 -22.07 5.15
C GLY A 1 -1.13 -21.09 4.55
N PRO A 2 -2.30 -21.58 4.10
CA PRO A 2 -3.33 -20.73 3.51
C PRO A 2 -4.00 -19.83 4.54
N LEU A 3 -4.20 -20.37 5.74
CA LEU A 3 -4.84 -19.61 6.82
C LEU A 3 -3.80 -18.91 7.68
N GLY A 4 -2.56 -18.82 7.18
CA GLY A 4 -1.51 -18.17 7.93
C GLY A 4 -1.60 -16.65 7.85
N SER A 5 -1.85 -16.14 6.66
CA SER A 5 -1.96 -14.70 6.45
C SER A 5 -3.24 -14.16 7.07
N PRO A 6 -3.19 -12.91 7.59
CA PRO A 6 -4.36 -12.27 8.23
C PRO A 6 -5.60 -12.34 7.35
N LEU A 7 -6.77 -12.36 8.00
CA LEU A 7 -8.04 -12.44 7.28
C LEU A 7 -8.55 -11.04 6.93
N THR A 8 -8.97 -10.86 5.68
CA THR A 8 -9.45 -9.57 5.21
C THR A 8 -10.93 -9.39 5.49
N ALA A 9 -11.68 -10.49 5.44
CA ALA A 9 -13.09 -10.41 5.73
C ALA A 9 -13.29 -9.88 7.15
N SER A 10 -12.92 -10.69 8.13
CA SER A 10 -13.08 -10.31 9.53
C SER A 10 -12.36 -9.01 9.85
N MET A 11 -11.31 -8.69 9.10
CA MET A 11 -10.57 -7.45 9.33
C MET A 11 -11.49 -6.27 9.08
N LEU A 12 -12.19 -6.30 7.97
CA LEU A 12 -13.12 -5.23 7.64
C LEU A 12 -14.23 -5.16 8.68
N ALA A 13 -14.97 -6.27 8.82
CA ALA A 13 -16.06 -6.35 9.79
C ALA A 13 -15.56 -6.40 11.24
N SER A 14 -14.29 -6.07 11.44
CA SER A 14 -13.71 -6.05 12.77
C SER A 14 -13.91 -4.69 13.44
N ALA A 15 -13.78 -3.64 12.63
CA ALA A 15 -13.93 -2.28 13.13
C ALA A 15 -14.91 -1.47 12.28
N PRO A 16 -16.20 -1.86 12.28
CA PRO A 16 -17.25 -1.20 11.52
C PRO A 16 -17.16 0.33 11.56
N PRO A 17 -17.00 0.92 12.76
CA PRO A 17 -16.91 2.38 12.92
C PRO A 17 -15.87 3.01 12.00
N GLN A 18 -15.39 4.18 12.37
CA GLN A 18 -14.39 4.90 11.57
C GLN A 18 -13.18 4.04 11.25
N GLU A 19 -12.98 2.97 12.00
CA GLU A 19 -11.87 2.06 11.76
C GLU A 19 -12.25 1.02 10.72
N GLN A 20 -13.04 1.43 9.73
CA GLN A 20 -13.43 0.56 8.65
C GLN A 20 -12.23 0.26 7.76
N LYS A 21 -12.04 1.12 6.76
CA LYS A 21 -10.93 1.00 5.83
C LYS A 21 -9.64 1.54 6.43
N GLN A 22 -9.60 1.70 7.75
CA GLN A 22 -8.42 2.23 8.43
C GLN A 22 -7.22 1.32 8.26
N MET A 23 -7.27 0.15 8.89
CA MET A 23 -6.18 -0.81 8.81
C MET A 23 -5.83 -1.08 7.35
N LEU A 24 -6.48 -2.07 6.75
CA LEU A 24 -6.23 -2.44 5.35
C LEU A 24 -6.56 -1.31 4.38
N GLY A 25 -6.01 -0.10 4.59
CA GLY A 25 -6.30 1.01 3.69
C GLY A 25 -7.67 0.88 3.04
N GLU A 26 -7.76 1.28 1.78
CA GLU A 26 -9.02 1.17 1.06
C GLU A 26 -9.28 -0.29 0.69
N ARG A 27 -8.71 -0.71 -0.44
CA ARG A 27 -8.86 -2.08 -0.95
C ARG A 27 -7.55 -2.62 -1.50
N LEU A 28 -6.45 -1.93 -1.23
CA LEU A 28 -5.14 -2.35 -1.72
C LEU A 28 -4.61 -3.57 -0.97
N PHE A 29 -4.67 -3.53 0.35
CA PHE A 29 -4.18 -4.63 1.18
C PHE A 29 -4.68 -5.98 0.65
N PRO A 30 -5.98 -6.10 0.35
CA PRO A 30 -6.55 -7.35 -0.18
C PRO A 30 -5.91 -7.76 -1.50
N LEU A 31 -5.73 -6.79 -2.39
CA LEU A 31 -5.15 -7.03 -3.70
C LEU A 31 -3.67 -7.37 -3.58
N ILE A 32 -2.97 -6.58 -2.78
CA ILE A 32 -1.56 -6.80 -2.57
C ILE A 32 -1.36 -8.10 -1.81
N GLN A 33 -2.18 -8.35 -0.80
CA GLN A 33 -2.08 -9.59 -0.05
C GLN A 33 -1.96 -10.78 -1.02
N ALA A 34 -2.77 -10.73 -2.08
CA ALA A 34 -2.78 -11.79 -3.09
C ALA A 34 -1.40 -11.99 -3.71
N MET A 35 -0.68 -10.90 -3.86
CA MET A 35 0.66 -10.96 -4.46
C MET A 35 1.75 -10.93 -3.39
N HIS A 36 1.67 -9.96 -2.49
CA HIS A 36 2.62 -9.84 -1.39
C HIS A 36 4.06 -9.73 -1.87
N PRO A 37 4.34 -8.89 -2.86
CA PRO A 37 5.70 -8.71 -3.36
C PRO A 37 6.61 -8.14 -2.27
N THR A 38 6.42 -6.86 -1.96
CA THR A 38 7.24 -6.19 -0.95
C THR A 38 6.56 -6.16 0.41
N LEU A 39 5.38 -5.55 0.47
CA LEU A 39 4.65 -5.46 1.72
C LEU A 39 3.21 -5.01 1.48
N ALA A 40 2.27 -5.91 1.72
CA ALA A 40 0.84 -5.62 1.55
C ALA A 40 0.43 -4.36 2.28
N GLY A 41 0.78 -4.25 3.55
CA GLY A 41 0.40 -3.07 4.32
C GLY A 41 1.04 -1.78 3.82
N LYS A 42 2.28 -1.88 3.36
CA LYS A 42 3.00 -0.71 2.88
C LYS A 42 2.68 -0.36 1.43
N ILE A 43 2.60 -1.36 0.57
CA ILE A 43 2.30 -1.13 -0.84
C ILE A 43 0.99 -0.35 -0.99
N THR A 44 0.04 -0.65 -0.12
CA THR A 44 -1.25 0.02 -0.14
C THR A 44 -1.11 1.53 0.01
N GLY A 45 -0.29 1.95 0.97
CA GLY A 45 -0.09 3.38 1.19
C GLY A 45 0.39 4.07 -0.06
N MET A 46 1.17 3.36 -0.84
CA MET A 46 1.71 3.89 -2.08
C MET A 46 0.64 4.01 -3.15
N LEU A 47 0.05 2.88 -3.51
CA LEU A 47 -0.98 2.86 -4.54
C LEU A 47 -2.13 3.78 -4.16
N LEU A 48 -2.22 4.10 -2.86
CA LEU A 48 -3.30 4.95 -2.37
C LEU A 48 -3.31 6.34 -3.02
N GLU A 49 -2.64 6.46 -4.17
CA GLU A 49 -2.58 7.71 -4.91
C GLU A 49 -3.91 7.97 -5.63
N ILE A 50 -4.78 6.95 -5.64
CA ILE A 50 -6.08 7.04 -6.30
C ILE A 50 -7.22 7.08 -5.27
N ASP A 51 -8.46 7.25 -5.77
CA ASP A 51 -9.65 7.28 -4.92
C ASP A 51 -10.01 5.87 -4.43
N ASN A 52 -10.56 5.79 -3.20
CA ASN A 52 -10.98 4.50 -2.65
C ASN A 52 -11.88 3.76 -3.61
N SER A 53 -12.56 4.50 -4.50
CA SER A 53 -13.48 3.91 -5.45
C SER A 53 -12.77 3.11 -6.54
N GLU A 54 -11.52 3.45 -6.79
CA GLU A 54 -10.76 2.76 -7.83
C GLU A 54 -10.26 1.41 -7.33
N LEU A 55 -9.75 1.39 -6.10
CA LEU A 55 -9.24 0.16 -5.52
C LEU A 55 -10.33 -0.90 -5.44
N LEU A 56 -11.57 -0.47 -5.24
CA LEU A 56 -12.68 -1.41 -5.17
C LEU A 56 -12.89 -2.07 -6.53
N HIS A 57 -12.90 -1.25 -7.57
CA HIS A 57 -13.08 -1.72 -8.93
C HIS A 57 -11.97 -2.71 -9.29
N MET A 58 -10.74 -2.41 -8.88
CA MET A 58 -9.60 -3.27 -9.16
C MET A 58 -9.86 -4.68 -8.63
N LEU A 59 -10.30 -4.74 -7.38
CA LEU A 59 -10.57 -6.02 -6.74
C LEU A 59 -11.62 -6.81 -7.51
N GLU A 60 -12.41 -6.11 -8.31
CA GLU A 60 -13.44 -6.76 -9.12
C GLU A 60 -12.91 -7.08 -10.52
N SER A 61 -11.73 -6.55 -10.85
CA SER A 61 -11.13 -6.78 -12.16
C SER A 61 -9.60 -6.91 -12.05
N PRO A 62 -9.07 -8.13 -11.95
CA PRO A 62 -7.62 -8.37 -11.85
C PRO A 62 -6.84 -7.67 -12.95
N GLU A 63 -7.51 -7.41 -14.07
CA GLU A 63 -6.88 -6.75 -15.23
C GLU A 63 -6.35 -5.37 -14.86
N SER A 64 -7.26 -4.46 -14.54
CA SER A 64 -6.87 -3.10 -14.16
C SER A 64 -6.16 -3.14 -12.81
N LEU A 65 -6.59 -4.07 -11.98
CA LEU A 65 -6.05 -4.24 -10.65
C LEU A 65 -4.54 -4.48 -10.70
N ARG A 66 -4.12 -5.51 -11.41
CA ARG A 66 -2.69 -5.83 -11.50
C ARG A 66 -1.91 -4.68 -12.11
N SER A 67 -2.58 -3.90 -12.94
CA SER A 67 -1.93 -2.76 -13.60
C SER A 67 -1.34 -1.80 -12.56
N LYS A 68 -2.09 -1.53 -11.51
CA LYS A 68 -1.63 -0.63 -10.46
C LYS A 68 -0.68 -1.34 -9.50
N VAL A 69 -1.08 -2.51 -9.03
CA VAL A 69 -0.26 -3.30 -8.12
C VAL A 69 1.10 -3.59 -8.72
N ASP A 70 1.10 -4.15 -9.92
CA ASP A 70 2.33 -4.48 -10.62
C ASP A 70 3.30 -3.30 -10.57
N GLU A 71 2.83 -2.16 -11.06
CA GLU A 71 3.64 -0.94 -11.05
C GLU A 71 4.25 -0.71 -9.67
N ALA A 72 3.42 -0.79 -8.64
CA ALA A 72 3.89 -0.61 -7.27
C ALA A 72 5.20 -1.37 -7.04
N VAL A 73 5.17 -2.65 -7.37
CA VAL A 73 6.33 -3.50 -7.20
C VAL A 73 7.57 -2.90 -7.88
N ALA A 74 7.38 -2.36 -9.07
CA ALA A 74 8.50 -1.75 -9.80
C ALA A 74 8.91 -0.42 -9.16
N VAL A 75 7.95 0.46 -8.98
CA VAL A 75 8.20 1.78 -8.41
C VAL A 75 8.57 1.72 -6.93
N LEU A 76 7.63 1.26 -6.12
CA LEU A 76 7.85 1.19 -4.68
C LEU A 76 9.17 0.50 -4.36
N GLN A 77 9.36 -0.69 -4.91
CA GLN A 77 10.58 -1.44 -4.69
C GLN A 77 11.79 -0.54 -4.99
N ALA A 78 11.61 0.36 -5.95
CA ALA A 78 12.66 1.31 -6.35
C ALA A 78 12.71 2.51 -5.39
N HIS A 79 11.57 3.16 -5.20
CA HIS A 79 11.48 4.32 -4.33
C HIS A 79 11.61 3.92 -2.87
N GLN A 80 10.56 3.31 -2.33
CA GLN A 80 10.56 2.88 -0.93
C GLN A 80 11.52 1.71 -0.74
N ALA A 81 12.81 2.00 -0.83
CA ALA A 81 13.84 0.99 -0.67
C ALA A 81 14.27 0.85 0.78
N LYS A 82 15.18 -0.08 1.05
CA LYS A 82 15.67 -0.30 2.40
C LYS A 82 16.38 0.94 2.93
N GLU A 83 16.89 0.85 4.16
CA GLU A 83 17.59 1.96 4.77
C GLU A 83 19.07 1.93 4.44
N ALA A 84 19.62 3.07 4.05
CA ALA A 84 21.03 3.18 3.70
C ALA A 84 21.90 3.21 4.94
N ALA A 85 22.40 2.04 5.34
CA ALA A 85 23.26 1.93 6.51
C ALA A 85 24.57 2.69 6.30
N GLN A 86 24.89 3.00 5.05
CA GLN A 86 26.11 3.72 4.74
C GLN A 86 25.92 5.23 4.86
N LYS A 87 25.69 5.68 6.10
CA LYS A 87 25.50 7.10 6.36
C LYS A 87 26.84 7.81 6.57
N ALA A 88 26.87 9.10 6.29
CA ALA A 88 28.08 9.89 6.44
C ALA A 88 28.42 10.07 7.92
N VAL A 89 29.70 9.87 8.26
CA VAL A 89 30.14 9.99 9.64
C VAL A 89 30.42 11.45 10.00
N ASN A 90 31.05 12.18 9.09
CA ASN A 90 31.36 13.59 9.32
C ASN A 90 30.44 14.50 8.50
N SER A 91 29.14 14.18 8.51
CA SER A 91 28.16 14.96 7.78
C SER A 91 27.88 16.29 8.46
N ALA A 92 27.74 16.25 9.78
CA ALA A 92 27.47 17.46 10.56
C ALA A 92 28.72 18.32 10.70
N THR A 93 28.64 19.56 10.23
CA THR A 93 29.77 20.48 10.31
C THR A 93 29.57 21.49 11.44
N GLY A 94 30.29 21.28 12.55
CA GLY A 94 30.18 22.17 13.68
C GLY A 94 30.95 23.45 13.48
N VAL A 95 30.27 24.58 13.58
CA VAL A 95 30.91 25.89 13.40
C VAL A 95 31.11 26.58 14.74
N PRO A 96 32.30 27.17 14.96
CA PRO A 96 32.61 27.86 16.21
C PRO A 96 31.81 29.15 16.38
N THR A 97 31.75 29.94 15.31
CA THR A 97 31.02 31.21 15.33
C THR A 97 29.57 31.00 14.89
N VAL A 98 28.64 31.54 15.65
CA VAL A 98 27.22 31.42 15.34
C VAL A 98 26.53 32.77 15.38
N VAL B 1 11.58 4.64 -22.27
CA VAL B 1 11.11 3.72 -21.21
C VAL B 1 10.51 4.49 -20.03
N LEU B 2 9.37 4.03 -19.54
CA LEU B 2 8.70 4.67 -18.42
C LEU B 2 9.41 4.36 -17.10
N MET B 3 10.00 5.38 -16.51
CA MET B 3 10.71 5.22 -15.24
C MET B 3 9.75 5.28 -14.06
N SER B 4 8.78 6.21 -14.14
CA SER B 4 7.80 6.38 -13.09
C SER B 4 6.60 5.46 -13.31
N LYS B 5 6.16 4.79 -12.25
CA LYS B 5 5.02 3.88 -12.33
C LYS B 5 3.69 4.62 -12.13
N LEU B 6 2.59 3.92 -12.36
CA LEU B 6 1.25 4.47 -12.19
C LEU B 6 0.97 4.74 -10.71
N SER B 7 1.42 3.83 -9.87
CA SER B 7 1.22 3.94 -8.43
C SER B 7 2.55 4.19 -7.73
N VAL B 8 3.06 5.41 -7.86
CA VAL B 8 4.33 5.78 -7.23
C VAL B 8 4.29 5.58 -5.72
N ASN B 9 5.36 5.99 -5.07
CA ASN B 9 5.47 5.87 -3.62
C ASN B 9 4.61 6.91 -2.88
N ALA B 10 3.33 7.01 -3.25
CA ALA B 10 2.43 7.99 -2.63
C ALA B 10 2.45 7.93 -1.10
N PRO B 11 1.64 8.77 -0.43
CA PRO B 11 1.58 8.81 1.04
C PRO B 11 1.39 7.44 1.67
N GLU B 12 0.98 7.41 2.93
CA GLU B 12 0.74 6.15 3.63
C GLU B 12 -0.67 5.62 3.32
N PHE B 13 -1.02 4.50 3.94
CA PHE B 13 -2.33 3.91 3.76
C PHE B 13 -3.19 4.20 4.99
N TYR B 14 -4.23 5.00 4.78
CA TYR B 14 -5.18 5.38 5.82
C TYR B 14 -6.59 4.89 5.47
N PRO B 15 -7.60 5.14 6.33
CA PRO B 15 -8.98 4.72 6.06
C PRO B 15 -9.61 5.53 4.94
N SER B 16 -9.48 5.03 3.73
CA SER B 16 -10.03 5.69 2.57
C SER B 16 -11.51 6.01 2.77
N GLY B 17 -12.32 4.96 2.88
CA GLY B 17 -13.74 5.15 3.09
C GLY B 17 -14.08 5.47 4.53
N TYR B 18 -13.43 6.50 5.07
CA TYR B 18 -13.67 6.93 6.43
C TYR B 18 -15.09 7.48 6.57
N SER B 19 -15.69 7.31 7.74
CA SER B 19 -17.04 7.80 7.97
C SER B 19 -17.00 9.24 8.49
N SER B 20 -16.19 10.08 7.83
CA SER B 20 -16.07 11.47 8.23
C SER B 20 -16.78 12.38 7.24
N SER B 21 -17.94 12.89 7.63
CA SER B 21 -18.72 13.78 6.77
C SER B 21 -18.81 15.16 7.41
N TYR B 22 -17.77 15.57 8.09
CA TYR B 22 -17.73 16.88 8.74
C TYR B 22 -16.82 17.84 7.99
#